data_1IML
#
_entry.id   1IML
#
_cell.length_a   1.000
_cell.length_b   1.000
_cell.length_c   1.000
_cell.angle_alpha   90.00
_cell.angle_beta   90.00
_cell.angle_gamma   90.00
#
_symmetry.space_group_name_H-M   'P 1'
#
loop_
_entity.id
_entity.type
_entity.pdbx_description
1 polymer 'CYSTEINE RICH INTESTINAL PROTEIN'
2 non-polymer 'ZINC ION'
#
_entity_poly.entity_id   1
_entity_poly.type   'polypeptide(L)'
_entity_poly.pdbx_seq_one_letter_code
;PKCPKCDKEVYFAERVTSLGKDWHRPCLKCEKCGKTLTSGGHAEHEGKPYCNHPCYSAMFGPKGFGRGGAESHTFK
;
_entity_poly.pdbx_strand_id   A
#
loop_
_chem_comp.id
_chem_comp.type
_chem_comp.name
_chem_comp.formula
ZN non-polymer 'ZINC ION' 'Zn 2'
#
# COMPACT_ATOMS: atom_id res chain seq x y z
N PRO A 1 -0.56 6.16 -16.05
CA PRO A 1 -1.05 4.79 -15.73
C PRO A 1 0.07 3.78 -15.56
N LYS A 2 0.65 3.77 -14.36
CA LYS A 2 1.87 3.03 -14.10
C LYS A 2 1.89 2.52 -12.66
N CYS A 3 2.26 1.24 -12.51
CA CYS A 3 1.99 0.52 -11.26
C CYS A 3 3.10 0.83 -10.24
N PRO A 4 2.72 1.50 -9.15
CA PRO A 4 3.60 1.70 -7.97
C PRO A 4 4.07 0.38 -7.33
N LYS A 5 3.30 -0.67 -7.62
CA LYS A 5 3.55 -1.98 -7.03
C LYS A 5 4.71 -2.67 -7.72
N CYS A 6 4.47 -3.12 -8.95
CA CYS A 6 5.37 -4.07 -9.61
C CYS A 6 6.38 -3.31 -10.47
N ASP A 7 6.01 -2.09 -10.84
CA ASP A 7 6.76 -1.32 -11.81
C ASP A 7 6.55 -1.87 -13.23
N LYS A 8 5.28 -1.93 -13.63
CA LYS A 8 4.93 -2.01 -15.04
C LYS A 8 4.12 -0.77 -15.45
N GLU A 9 3.54 -0.83 -16.65
CA GLU A 9 2.46 0.08 -17.02
C GLU A 9 1.12 -0.67 -16.97
N VAL A 10 0.07 0.09 -16.71
CA VAL A 10 -1.20 -0.52 -16.29
C VAL A 10 -2.23 -0.33 -17.39
N TYR A 11 -2.62 -1.46 -18.00
CA TYR A 11 -3.65 -1.45 -19.01
C TYR A 11 -5.02 -1.14 -18.39
N PHE A 12 -5.91 -0.57 -19.20
CA PHE A 12 -7.05 0.16 -18.66
C PHE A 12 -7.92 -0.76 -17.79
N ALA A 13 -8.47 -1.79 -18.45
CA ALA A 13 -9.44 -2.66 -17.76
C ALA A 13 -8.77 -3.52 -16.69
N GLU A 14 -7.45 -3.36 -16.58
CA GLU A 14 -6.68 -4.09 -15.58
C GLU A 14 -6.34 -3.17 -14.41
N ARG A 15 -7.01 -2.02 -14.35
CA ARG A 15 -6.54 -0.90 -13.56
C ARG A 15 -7.22 -0.89 -12.18
N VAL A 16 -6.54 -0.29 -11.22
CA VAL A 16 -7.19 0.25 -10.02
C VAL A 16 -6.49 1.52 -9.57
N THR A 17 -7.25 2.39 -8.92
CA THR A 17 -6.80 3.75 -8.62
C THR A 17 -6.61 3.93 -7.13
N SER A 18 -5.51 4.58 -6.77
CA SER A 18 -5.20 4.85 -5.37
C SER A 18 -3.94 5.72 -5.27
N LEU A 19 -4.04 6.77 -4.47
CA LEU A 19 -3.02 7.80 -4.40
C LEU A 19 -2.84 8.47 -5.77
N GLY A 20 -3.94 8.58 -6.50
CA GLY A 20 -4.00 9.38 -7.70
C GLY A 20 -3.02 8.84 -8.75
N LYS A 21 -2.61 7.59 -8.56
CA LYS A 21 -1.96 6.83 -9.62
C LYS A 21 -2.50 5.39 -9.63
N ASP A 22 -2.43 4.77 -10.80
CA ASP A 22 -3.15 3.53 -11.07
C ASP A 22 -2.32 2.33 -10.64
N TRP A 23 -2.93 1.15 -10.79
CA TRP A 23 -2.29 -0.10 -10.37
C TRP A 23 -2.77 -1.24 -11.28
N HIS A 24 -2.30 -2.43 -10.95
CA HIS A 24 -2.81 -3.66 -11.55
C HIS A 24 -3.80 -4.33 -10.61
N ARG A 25 -4.84 -4.92 -11.20
CA ARG A 25 -6.01 -5.36 -10.45
C ARG A 25 -5.59 -6.42 -9.40
N PRO A 26 -4.74 -7.38 -9.87
CA PRO A 26 -4.14 -8.40 -8.98
C PRO A 26 -3.20 -7.84 -7.92
N CYS A 27 -2.47 -6.80 -8.31
CA CYS A 27 -1.32 -6.33 -7.54
C CYS A 27 -1.76 -5.85 -6.16
N LEU A 28 -2.82 -5.04 -6.15
CA LEU A 28 -3.20 -4.26 -4.99
C LEU A 28 -3.57 -5.19 -3.83
N LYS A 29 -2.53 -5.64 -3.11
CA LYS A 29 -2.68 -6.74 -2.17
C LYS A 29 -1.82 -6.49 -0.93
N CYS A 30 -2.29 -7.02 0.19
CA CYS A 30 -1.56 -6.95 1.45
C CYS A 30 -0.26 -7.78 1.34
N GLU A 31 0.83 -7.10 1.71
CA GLU A 31 2.12 -7.76 1.85
C GLU A 31 2.35 -8.11 3.33
N LYS A 32 1.26 -8.21 4.06
CA LYS A 32 1.28 -8.76 5.41
C LYS A 32 0.50 -10.07 5.46
N CYS A 33 -0.78 -9.99 5.11
CA CYS A 33 -1.69 -11.11 5.31
C CYS A 33 -1.97 -11.82 4.00
N GLY A 34 -1.73 -11.11 2.89
CA GLY A 34 -1.88 -11.68 1.57
C GLY A 34 -3.35 -11.76 1.19
N LYS A 35 -4.11 -10.75 1.60
CA LYS A 35 -5.47 -10.55 1.11
C LYS A 35 -5.47 -9.55 -0.05
N THR A 36 -6.09 -9.96 -1.16
CA THR A 36 -6.38 -9.05 -2.25
C THR A 36 -7.31 -7.92 -1.78
N LEU A 37 -6.99 -6.71 -2.19
CA LEU A 37 -7.55 -5.51 -1.59
C LEU A 37 -8.71 -4.99 -2.42
N THR A 38 -9.48 -4.07 -1.83
CA THR A 38 -10.79 -3.72 -2.34
C THR A 38 -10.89 -2.21 -2.59
N SER A 39 -12.01 -1.81 -3.18
CA SER A 39 -12.24 -0.41 -3.52
C SER A 39 -12.21 0.46 -2.26
N GLY A 40 -11.03 0.97 -1.95
CA GLY A 40 -10.84 1.86 -0.81
C GLY A 40 -11.04 1.10 0.50
N GLY A 41 -10.25 0.05 0.66
CA GLY A 41 -10.09 -0.62 1.94
C GLY A 41 -8.64 -0.99 2.21
N HIS A 42 -7.75 -0.41 1.39
CA HIS A 42 -6.33 -0.67 1.51
C HIS A 42 -5.60 0.59 1.99
N ALA A 43 -4.27 0.53 1.92
CA ALA A 43 -3.44 1.73 2.05
C ALA A 43 -1.99 1.37 1.71
N GLU A 44 -1.22 2.40 1.35
CA GLU A 44 0.02 2.21 0.60
C GLU A 44 1.22 2.54 1.49
N HIS A 45 2.13 1.58 1.61
CA HIS A 45 3.50 1.87 2.02
C HIS A 45 4.39 1.93 0.78
N GLU A 46 5.57 2.51 0.93
CA GLU A 46 6.34 3.01 -0.21
C GLU A 46 6.67 1.87 -1.16
N GLY A 47 5.80 1.69 -2.15
CA GLY A 47 5.90 0.59 -3.09
C GLY A 47 5.44 -0.72 -2.43
N LYS A 48 4.31 -0.63 -1.75
CA LYS A 48 3.62 -1.81 -1.25
C LYS A 48 2.31 -1.40 -0.54
N PRO A 49 1.18 -1.64 -1.25
CA PRO A 49 -0.17 -1.56 -0.64
C PRO A 49 -0.38 -2.56 0.50
N TYR A 50 -1.53 -2.41 1.17
CA TYR A 50 -1.78 -3.17 2.39
C TYR A 50 -3.25 -3.02 2.80
N CYS A 51 -3.58 -3.72 3.89
CA CYS A 51 -4.76 -3.42 4.68
C CYS A 51 -4.69 -1.98 5.21
N ASN A 52 -5.84 -1.33 5.20
CA ASN A 52 -6.05 -0.10 5.95
C ASN A 52 -5.86 -0.35 7.44
N HIS A 53 -6.33 -1.51 7.89
CA HIS A 53 -5.97 -2.06 9.18
C HIS A 53 -6.07 -3.60 9.14
N PRO A 54 -5.62 -4.21 10.27
CA PRO A 54 -4.63 -3.55 11.16
C PRO A 54 -3.29 -3.29 10.46
N CYS A 55 -3.07 -4.00 9.35
CA CYS A 55 -1.72 -4.29 8.87
C CYS A 55 -0.93 -3.01 8.64
N TYR A 56 -1.61 -2.03 8.05
CA TYR A 56 -1.04 -0.69 7.87
C TYR A 56 -0.70 -0.08 9.24
N SER A 57 -1.66 -0.15 10.14
CA SER A 57 -1.59 0.57 11.41
C SER A 57 -0.54 -0.06 12.31
N ALA A 58 -0.19 -1.31 12.00
CA ALA A 58 0.65 -2.11 12.88
C ALA A 58 2.12 -1.96 12.50
N MET A 59 2.39 -2.07 11.20
CA MET A 59 3.74 -2.17 10.69
C MET A 59 4.28 -0.80 10.32
N PHE A 60 3.39 0.03 9.78
CA PHE A 60 3.75 1.40 9.43
C PHE A 60 2.87 2.39 10.20
N GLY A 61 3.27 2.64 11.44
CA GLY A 61 2.48 3.43 12.36
C GLY A 61 3.05 3.30 13.78
N PRO A 62 3.00 4.43 14.53
CA PRO A 62 3.62 4.53 15.87
C PRO A 62 3.11 3.49 16.87
N LYS A 63 4.00 3.05 17.73
CA LYS A 63 3.73 1.91 18.60
C LYS A 63 4.17 2.22 20.03
N GLY A 64 4.05 1.22 20.90
CA GLY A 64 4.21 1.40 22.33
C GLY A 64 5.67 1.22 22.73
N PHE A 65 5.88 0.39 23.76
CA PHE A 65 7.19 0.29 24.40
C PHE A 65 8.20 -0.33 23.43
N GLY A 66 8.11 -1.64 23.28
CA GLY A 66 9.13 -2.40 22.56
C GLY A 66 8.98 -3.89 22.85
N ARG A 67 7.74 -4.36 22.80
CA ARG A 67 7.40 -5.70 23.26
C ARG A 67 7.19 -6.62 22.07
N GLY A 68 7.93 -6.36 20.99
CA GLY A 68 7.82 -7.13 19.77
C GLY A 68 8.17 -8.59 20.03
N GLY A 69 7.62 -9.46 19.19
CA GLY A 69 7.69 -10.90 19.42
C GLY A 69 9.14 -11.38 19.36
N ALA A 70 9.31 -12.69 19.58
CA ALA A 70 10.64 -13.26 19.78
C ALA A 70 11.16 -13.85 18.47
N GLU A 71 10.24 -14.41 17.69
CA GLU A 71 10.60 -15.22 16.54
C GLU A 71 9.37 -15.43 15.64
N SER A 72 8.29 -15.84 16.27
CA SER A 72 6.98 -15.87 15.61
C SER A 72 6.15 -14.66 16.04
N HIS A 73 5.71 -13.89 15.05
CA HIS A 73 5.08 -12.60 15.30
C HIS A 73 3.71 -12.79 15.94
N THR A 74 3.17 -11.68 16.44
CA THR A 74 1.79 -11.64 16.89
C THR A 74 1.32 -10.20 17.04
N PHE A 75 0.18 -10.03 17.71
CA PHE A 75 -0.51 -8.75 17.76
C PHE A 75 0.31 -7.74 18.55
N LYS A 76 1.25 -7.10 17.86
CA LYS A 76 2.25 -6.26 18.51
C LYS A 76 1.97 -4.78 18.22
ZN ZN B . 1.40 -4.20 -10.81
ZN ZN C . -3.47 -7.40 5.80
N PRO A 1 -0.74 5.22 -17.08
CA PRO A 1 -0.21 4.95 -15.73
C PRO A 1 0.65 3.68 -15.65
N LYS A 2 1.21 3.45 -14.46
CA LYS A 2 2.28 2.47 -14.30
C LYS A 2 2.26 1.91 -12.89
N CYS A 3 2.50 0.60 -12.78
CA CYS A 3 2.18 -0.13 -11.54
C CYS A 3 3.36 -0.03 -10.58
N PRO A 4 3.11 0.61 -9.42
CA PRO A 4 4.08 0.61 -8.28
C PRO A 4 4.39 -0.79 -7.75
N LYS A 5 3.52 -1.73 -8.10
CA LYS A 5 3.57 -3.07 -7.54
C LYS A 5 4.56 -3.93 -8.31
N CYS A 6 4.20 -4.24 -9.55
CA CYS A 6 4.91 -5.23 -10.34
C CYS A 6 5.96 -4.58 -11.22
N ASP A 7 5.75 -3.29 -11.49
CA ASP A 7 6.54 -2.55 -12.45
C ASP A 7 6.19 -2.99 -13.88
N LYS A 8 4.90 -2.94 -14.19
CA LYS A 8 4.44 -2.89 -15.58
C LYS A 8 3.81 -1.52 -15.87
N GLU A 9 3.15 -1.43 -17.02
CA GLU A 9 2.21 -0.35 -17.27
C GLU A 9 0.78 -0.87 -17.18
N VAL A 10 -0.14 0.02 -16.82
CA VAL A 10 -1.45 -0.41 -16.36
C VAL A 10 -2.52 0.00 -17.38
N TYR A 11 -3.08 -1.02 -18.03
CA TYR A 11 -4.13 -0.79 -19.01
C TYR A 11 -5.44 -0.43 -18.32
N PHE A 12 -6.33 0.24 -19.06
CA PHE A 12 -7.38 1.04 -18.43
C PHE A 12 -8.28 0.17 -17.55
N ALA A 13 -8.93 -0.80 -18.21
CA ALA A 13 -9.93 -1.61 -17.51
C ALA A 13 -9.28 -2.56 -16.51
N GLU A 14 -7.96 -2.70 -16.61
CA GLU A 14 -7.20 -3.41 -15.59
C GLU A 14 -6.48 -2.41 -14.68
N ARG A 15 -7.24 -1.38 -14.28
CA ARG A 15 -6.69 -0.35 -13.42
C ARG A 15 -7.32 -0.42 -12.02
N VAL A 16 -6.53 -0.01 -11.02
CA VAL A 16 -7.09 0.50 -9.77
C VAL A 16 -6.26 1.68 -9.28
N THR A 17 -6.94 2.63 -8.63
CA THR A 17 -6.38 3.94 -8.36
C THR A 17 -6.23 4.15 -6.86
N SER A 18 -5.10 4.74 -6.48
CA SER A 18 -4.72 4.86 -5.08
C SER A 18 -3.40 5.62 -4.95
N LEU A 19 -3.39 6.59 -4.03
CA LEU A 19 -2.30 7.53 -3.91
C LEU A 19 -2.10 8.31 -5.20
N GLY A 20 -3.16 8.34 -6.02
CA GLY A 20 -3.21 9.21 -7.18
C GLY A 20 -2.69 8.49 -8.41
N LYS A 21 -1.85 7.48 -8.17
CA LYS A 21 -1.26 6.69 -9.24
C LYS A 21 -1.93 5.33 -9.31
N ASP A 22 -1.90 4.72 -10.50
CA ASP A 22 -2.75 3.58 -10.81
C ASP A 22 -2.03 2.28 -10.50
N TRP A 23 -2.77 1.18 -10.70
CA TRP A 23 -2.24 -0.14 -10.38
C TRP A 23 -2.89 -1.18 -11.32
N HIS A 24 -2.55 -2.43 -11.04
CA HIS A 24 -3.25 -3.56 -11.66
C HIS A 24 -4.27 -4.15 -10.69
N ARG A 25 -5.33 -4.71 -11.25
CA ARG A 25 -6.48 -5.13 -10.46
C ARG A 25 -6.06 -6.21 -9.45
N PRO A 26 -5.48 -7.29 -9.98
CA PRO A 26 -4.96 -8.41 -9.15
C PRO A 26 -3.89 -7.98 -8.14
N CYS A 27 -3.05 -7.04 -8.58
CA CYS A 27 -1.79 -6.75 -7.90
C CYS A 27 -2.07 -6.29 -6.46
N LEU A 28 -3.03 -5.38 -6.33
CA LEU A 28 -3.15 -4.54 -5.14
C LEU A 28 -3.36 -5.41 -3.90
N LYS A 29 -2.25 -5.79 -3.27
CA LYS A 29 -2.23 -6.90 -2.33
C LYS A 29 -1.37 -6.55 -1.11
N CYS A 30 -1.79 -7.06 0.04
CA CYS A 30 -1.00 -6.99 1.25
C CYS A 30 0.29 -7.81 1.11
N GLU A 31 1.41 -7.14 1.31
CA GLU A 31 2.69 -7.81 1.47
C GLU A 31 3.03 -7.99 2.94
N LYS A 32 1.98 -8.27 3.72
CA LYS A 32 2.13 -8.42 5.16
C LYS A 32 1.40 -9.68 5.63
N CYS A 33 0.18 -9.84 5.10
CA CYS A 33 -0.62 -11.03 5.38
C CYS A 33 -0.88 -11.83 4.11
N GLY A 34 -0.76 -11.13 2.97
CA GLY A 34 -1.01 -11.74 1.68
C GLY A 34 -2.51 -11.85 1.42
N LYS A 35 -3.22 -10.78 1.74
CA LYS A 35 -4.62 -10.64 1.37
C LYS A 35 -4.78 -9.66 0.21
N THR A 36 -5.52 -10.08 -0.80
CA THR A 36 -5.94 -9.20 -1.88
C THR A 36 -6.79 -8.06 -1.34
N LEU A 37 -6.66 -6.90 -1.99
CA LEU A 37 -7.21 -5.66 -1.45
C LEU A 37 -8.39 -5.19 -2.30
N THR A 38 -9.05 -4.13 -1.84
CA THR A 38 -10.35 -3.74 -2.36
C THR A 38 -10.29 -2.30 -2.89
N SER A 39 -11.44 -1.81 -3.31
CA SER A 39 -11.51 -0.57 -4.07
C SER A 39 -11.09 0.61 -3.21
N GLY A 40 -11.13 0.40 -1.90
CA GLY A 40 -10.59 1.36 -0.95
C GLY A 40 -10.74 0.84 0.48
N GLY A 41 -10.08 -0.27 0.75
CA GLY A 41 -9.88 -0.75 2.11
C GLY A 41 -8.41 -1.07 2.38
N HIS A 42 -7.56 -0.62 1.46
CA HIS A 42 -6.13 -0.81 1.60
C HIS A 42 -5.46 0.50 2.01
N ALA A 43 -4.13 0.51 1.94
CA ALA A 43 -3.37 1.75 1.90
C ALA A 43 -1.90 1.45 1.59
N GLU A 44 -1.20 2.47 1.10
CA GLU A 44 0.04 2.27 0.36
C GLU A 44 1.22 2.87 1.13
N HIS A 45 2.18 2.02 1.46
CA HIS A 45 3.55 2.48 1.75
C HIS A 45 4.25 2.86 0.45
N GLU A 46 5.18 3.80 0.56
CA GLU A 46 5.89 4.33 -0.58
C GLU A 46 6.68 3.21 -1.28
N GLY A 47 5.96 2.37 -2.00
CA GLY A 47 6.45 1.07 -2.43
C GLY A 47 5.30 0.16 -2.85
N LYS A 48 4.39 -0.08 -1.90
CA LYS A 48 3.47 -1.21 -1.97
C LYS A 48 2.21 -0.90 -1.15
N PRO A 49 1.05 -1.32 -1.71
CA PRO A 49 -0.23 -1.41 -0.95
C PRO A 49 -0.21 -2.47 0.15
N TYR A 50 -1.05 -2.25 1.17
CA TYR A 50 -1.36 -3.29 2.15
C TYR A 50 -2.78 -3.09 2.67
N CYS A 51 -3.06 -3.83 3.76
CA CYS A 51 -4.23 -3.58 4.58
C CYS A 51 -4.23 -2.13 5.11
N ASN A 52 -5.40 -1.51 4.99
CA ASN A 52 -5.72 -0.33 5.80
C ASN A 52 -5.87 -0.73 7.26
N HIS A 53 -6.34 -1.96 7.48
CA HIS A 53 -6.26 -2.61 8.77
C HIS A 53 -6.17 -4.15 8.56
N PRO A 54 -5.75 -4.83 9.65
CA PRO A 54 -5.01 -4.16 10.76
C PRO A 54 -3.60 -3.69 10.34
N CYS A 55 -3.08 -4.31 9.30
CA CYS A 55 -1.63 -4.42 9.11
C CYS A 55 -0.97 -3.05 9.10
N TYR A 56 -1.60 -2.11 8.40
CA TYR A 56 -1.21 -0.71 8.45
C TYR A 56 -1.54 -0.12 9.82
N SER A 57 -2.68 -0.54 10.36
CA SER A 57 -3.12 -0.08 11.67
C SER A 57 -2.10 -0.47 12.74
N ALA A 58 -1.24 -1.42 12.39
CA ALA A 58 -0.39 -2.07 13.37
C ALA A 58 1.02 -1.47 13.35
N MET A 59 1.47 -1.16 12.13
CA MET A 59 2.79 -0.59 11.94
C MET A 59 2.69 0.93 11.82
N PHE A 60 1.51 1.40 11.47
CA PHE A 60 1.32 2.79 11.06
C PHE A 60 -0.11 3.24 11.33
N GLY A 61 -0.70 2.66 12.37
CA GLY A 61 -2.10 2.89 12.68
C GLY A 61 -2.29 4.35 13.17
N PRO A 62 -1.47 4.72 14.18
CA PRO A 62 -1.67 5.99 14.94
C PRO A 62 -1.80 7.22 14.05
N LYS A 63 -3.03 7.72 13.95
CA LYS A 63 -3.29 9.01 13.33
C LYS A 63 -3.43 10.10 14.40
N GLY A 64 -3.21 11.33 13.97
CA GLY A 64 -3.10 12.46 14.90
C GLY A 64 -1.71 12.49 15.53
N PHE A 65 -1.70 12.70 16.85
CA PHE A 65 -0.47 12.96 17.57
C PHE A 65 -0.70 12.82 19.08
N GLY A 66 -0.13 11.75 19.64
CA GLY A 66 -0.06 11.59 21.08
C GLY A 66 1.38 11.31 21.52
N ARG A 67 2.30 12.12 21.00
CA ARG A 67 3.67 12.11 21.46
C ARG A 67 3.75 12.50 22.94
N GLY A 68 2.97 13.51 23.30
CA GLY A 68 2.76 13.87 24.69
C GLY A 68 1.90 15.12 24.80
N GLY A 69 2.49 16.18 25.36
CA GLY A 69 1.90 17.50 25.35
C GLY A 69 2.90 18.55 25.82
N ALA A 70 3.71 19.01 24.87
CA ALA A 70 4.86 19.86 25.19
C ALA A 70 4.67 21.25 24.60
N GLU A 71 5.44 22.19 25.11
CA GLU A 71 5.56 23.52 24.51
C GLU A 71 6.91 23.66 23.82
N SER A 72 7.18 24.87 23.33
CA SER A 72 8.30 25.12 22.45
C SER A 72 9.40 25.87 23.20
N HIS A 73 10.32 26.44 22.44
CA HIS A 73 11.56 26.97 22.99
C HIS A 73 11.51 28.49 23.05
N THR A 74 11.78 29.04 24.23
CA THR A 74 11.90 30.47 24.42
C THR A 74 10.61 31.19 24.02
N PHE A 75 9.73 31.36 25.00
CA PHE A 75 8.54 32.19 24.82
C PHE A 75 8.91 33.67 25.01
N LYS A 76 7.88 34.51 25.04
CA LYS A 76 8.05 35.91 25.41
C LYS A 76 6.86 36.38 26.24
ZN ZN B . 0.91 -4.74 -11.25
ZN ZN C . -2.63 -7.46 5.72
N PRO A 1 -0.53 6.64 -16.07
CA PRO A 1 -0.86 5.78 -14.90
C PRO A 1 -0.10 4.44 -14.90
N LYS A 2 0.97 4.41 -14.11
CA LYS A 2 1.86 3.26 -14.07
C LYS A 2 1.95 2.70 -12.65
N CYS A 3 2.33 1.43 -12.56
CA CYS A 3 2.09 0.66 -11.33
C CYS A 3 3.24 0.92 -10.34
N PRO A 4 2.88 1.46 -9.16
CA PRO A 4 3.81 1.57 -8.01
C PRO A 4 4.32 0.22 -7.51
N LYS A 5 3.51 -0.81 -7.77
CA LYS A 5 3.80 -2.15 -7.30
C LYS A 5 4.92 -2.78 -8.13
N CYS A 6 4.57 -3.17 -9.35
CA CYS A 6 5.43 -4.03 -10.15
C CYS A 6 6.36 -3.19 -11.03
N ASP A 7 5.94 -1.95 -11.28
CA ASP A 7 6.61 -1.08 -12.21
C ASP A 7 6.36 -1.53 -13.65
N LYS A 8 5.08 -1.70 -13.98
CA LYS A 8 4.62 -1.67 -15.36
C LYS A 8 3.82 -0.40 -15.61
N GLU A 9 3.16 -0.34 -16.76
CA GLU A 9 2.04 0.58 -16.96
C GLU A 9 0.73 -0.20 -16.92
N VAL A 10 -0.34 0.51 -16.57
CA VAL A 10 -1.59 -0.15 -16.17
C VAL A 10 -2.66 0.11 -17.22
N TYR A 11 -3.04 -0.96 -17.91
CA TYR A 11 -4.13 -0.88 -18.89
C TYR A 11 -5.47 -0.83 -18.19
N PHE A 12 -6.51 -0.44 -18.93
CA PHE A 12 -7.73 0.06 -18.32
C PHE A 12 -8.37 -0.99 -17.43
N ALA A 13 -8.76 -2.10 -18.06
CA ALA A 13 -9.49 -3.13 -17.34
C ALA A 13 -8.62 -3.86 -16.33
N GLU A 14 -7.31 -3.65 -16.45
CA GLU A 14 -6.38 -4.12 -15.43
C GLU A 14 -5.97 -2.97 -14.52
N ARG A 15 -6.97 -2.17 -14.12
CA ARG A 15 -6.73 -1.03 -13.27
C ARG A 15 -7.32 -1.25 -11.88
N VAL A 16 -6.63 -0.75 -10.86
CA VAL A 16 -7.26 -0.37 -9.60
C VAL A 16 -6.60 0.90 -9.05
N THR A 17 -7.43 1.93 -8.89
CA THR A 17 -6.94 3.29 -8.71
C THR A 17 -6.97 3.68 -7.23
N SER A 18 -5.94 4.42 -6.82
CA SER A 18 -5.63 4.56 -5.40
C SER A 18 -4.57 5.64 -5.20
N LEU A 19 -4.81 6.51 -4.22
CA LEU A 19 -3.77 7.34 -3.64
C LEU A 19 -3.13 8.22 -4.70
N GLY A 20 -3.83 8.38 -5.82
CA GLY A 20 -3.52 9.43 -6.77
C GLY A 20 -3.17 8.84 -8.13
N LYS A 21 -2.72 7.58 -8.10
CA LYS A 21 -2.24 6.90 -9.29
C LYS A 21 -2.70 5.45 -9.28
N ASP A 22 -2.74 4.85 -10.47
CA ASP A 22 -3.44 3.59 -10.68
C ASP A 22 -2.54 2.42 -10.31
N TRP A 23 -3.13 1.22 -10.45
CA TRP A 23 -2.40 -0.02 -10.15
C TRP A 23 -2.90 -1.13 -11.07
N HIS A 24 -2.38 -2.33 -10.81
CA HIS A 24 -2.88 -3.54 -11.43
C HIS A 24 -3.83 -4.28 -10.50
N ARG A 25 -4.68 -5.11 -11.09
CA ARG A 25 -5.69 -5.84 -10.33
C ARG A 25 -5.02 -6.87 -9.40
N PRO A 26 -4.27 -7.79 -10.02
CA PRO A 26 -3.56 -8.86 -9.28
C PRO A 26 -2.54 -8.35 -8.27
N CYS A 27 -2.12 -7.11 -8.48
CA CYS A 27 -0.98 -6.55 -7.76
C CYS A 27 -1.41 -6.12 -6.35
N LEU A 28 -2.44 -5.29 -6.30
CA LEU A 28 -2.75 -4.52 -5.11
C LEU A 28 -3.15 -5.45 -3.96
N LYS A 29 -2.14 -5.95 -3.27
CA LYS A 29 -2.32 -7.01 -2.28
C LYS A 29 -1.61 -6.67 -0.99
N CYS A 30 -2.18 -7.13 0.12
CA CYS A 30 -1.54 -7.04 1.42
C CYS A 30 -0.26 -7.87 1.45
N GLU A 31 0.82 -7.20 1.87
CA GLU A 31 2.09 -7.87 2.14
C GLU A 31 2.21 -8.18 3.63
N LYS A 32 1.06 -8.49 4.22
CA LYS A 32 0.99 -8.97 5.59
C LYS A 32 0.11 -10.21 5.68
N CYS A 33 -1.14 -10.05 5.23
CA CYS A 33 -2.12 -11.12 5.36
C CYS A 33 -2.35 -11.82 4.03
N GLY A 34 -1.95 -11.15 2.96
CA GLY A 34 -1.99 -11.74 1.62
C GLY A 34 -3.42 -11.81 1.12
N LYS A 35 -4.17 -10.75 1.40
CA LYS A 35 -5.54 -10.63 0.93
C LYS A 35 -5.70 -9.41 0.02
N THR A 36 -6.45 -9.60 -1.06
CA THR A 36 -6.51 -8.62 -2.14
C THR A 36 -7.22 -7.36 -1.66
N LEU A 37 -6.98 -6.26 -2.38
CA LEU A 37 -7.42 -4.95 -1.95
C LEU A 37 -8.27 -4.29 -3.03
N THR A 38 -9.48 -3.91 -2.65
CA THR A 38 -10.43 -3.29 -3.56
C THR A 38 -10.18 -1.78 -3.63
N SER A 39 -11.13 -1.08 -4.25
CA SER A 39 -10.94 0.31 -4.62
C SER A 39 -11.05 1.21 -3.39
N GLY A 40 -10.02 1.16 -2.55
CA GLY A 40 -9.85 2.15 -1.48
C GLY A 40 -10.32 1.55 -0.16
N GLY A 41 -9.73 0.42 0.20
CA GLY A 41 -9.77 -0.09 1.56
C GLY A 41 -8.39 -0.48 2.05
N HIS A 42 -7.37 -0.06 1.28
CA HIS A 42 -6.00 -0.42 1.59
C HIS A 42 -5.20 0.84 1.96
N ALA A 43 -3.88 0.68 2.05
CA ALA A 43 -2.96 1.81 1.97
C ALA A 43 -1.54 1.30 1.72
N GLU A 44 -0.71 2.19 1.18
CA GLU A 44 0.52 1.79 0.50
C GLU A 44 1.73 2.25 1.31
N HIS A 45 2.66 1.34 1.53
CA HIS A 45 4.04 1.72 1.89
C HIS A 45 4.91 1.71 0.65
N GLU A 46 6.07 2.35 0.74
CA GLU A 46 6.84 2.75 -0.43
C GLU A 46 7.22 1.51 -1.25
N GLY A 47 6.35 1.19 -2.21
CA GLY A 47 6.45 -0.06 -2.95
C GLY A 47 6.05 -1.24 -2.07
N LYS A 48 4.85 -1.15 -1.51
CA LYS A 48 4.19 -2.28 -0.90
C LYS A 48 2.86 -1.83 -0.25
N PRO A 49 1.76 -2.15 -0.96
CA PRO A 49 0.38 -2.00 -0.41
C PRO A 49 0.09 -2.94 0.76
N TYR A 50 -0.78 -2.48 1.65
CA TYR A 50 -1.34 -3.32 2.70
C TYR A 50 -2.80 -2.94 2.95
N CYS A 51 -3.38 -3.65 3.93
CA CYS A 51 -4.64 -3.28 4.52
C CYS A 51 -4.57 -1.85 5.10
N ASN A 52 -5.65 -1.11 4.88
CA ASN A 52 -5.87 0.16 5.56
C ASN A 52 -5.94 -0.07 7.07
N HIS A 53 -6.43 -1.24 7.45
CA HIS A 53 -6.28 -1.76 8.79
C HIS A 53 -6.54 -3.29 8.79
N PRO A 54 -6.06 -3.93 9.88
CA PRO A 54 -5.13 -3.31 10.84
C PRO A 54 -3.71 -3.17 10.31
N CYS A 55 -3.44 -3.86 9.19
CA CYS A 55 -2.08 -4.25 8.83
C CYS A 55 -1.19 -3.03 8.68
N TYR A 56 -1.74 -2.00 8.04
CA TYR A 56 -1.02 -0.75 7.81
C TYR A 56 -0.74 -0.05 9.14
N SER A 57 -1.81 0.43 9.76
CA SER A 57 -1.72 1.31 10.91
C SER A 57 -1.00 0.60 12.06
N ALA A 58 -0.83 -0.70 11.88
CA ALA A 58 -0.09 -1.51 12.84
C ALA A 58 1.41 -1.39 12.60
N MET A 59 1.83 -1.76 11.39
CA MET A 59 3.23 -1.92 11.08
C MET A 59 3.82 -0.62 10.53
N PHE A 60 3.04 0.02 9.65
CA PHE A 60 3.45 1.27 9.02
C PHE A 60 2.57 2.41 9.49
N GLY A 61 3.16 3.29 10.29
CA GLY A 61 2.50 4.54 10.69
C GLY A 61 3.34 5.23 11.79
N PRO A 62 3.54 4.50 12.90
CA PRO A 62 4.16 5.05 14.13
C PRO A 62 5.49 5.76 13.88
N LYS A 63 6.55 4.96 13.82
CA LYS A 63 7.91 5.48 13.81
C LYS A 63 8.83 4.54 13.06
N GLY A 64 9.20 3.45 13.73
CA GLY A 64 10.24 2.56 13.25
C GLY A 64 11.59 3.27 13.20
N PHE A 65 12.48 2.90 14.12
CA PHE A 65 13.71 3.64 14.35
C PHE A 65 14.57 3.63 13.08
N GLY A 66 14.74 2.43 12.52
CA GLY A 66 15.69 2.22 11.45
C GLY A 66 17.12 2.21 11.99
N ARG A 67 17.70 1.02 12.06
CA ARG A 67 18.96 0.82 12.74
C ARG A 67 20.08 1.59 12.05
N GLY A 68 19.92 1.76 10.74
CA GLY A 68 20.98 2.30 9.90
C GLY A 68 21.99 1.21 9.54
N GLY A 69 21.89 0.73 8.31
CA GLY A 69 22.90 -0.15 7.74
C GLY A 69 22.31 -1.55 7.53
N ALA A 70 23.19 -2.55 7.64
CA ALA A 70 22.84 -3.91 7.25
C ALA A 70 22.52 -3.98 5.76
N GLU A 71 23.47 -4.47 4.99
CA GLU A 71 23.23 -4.82 3.59
C GLU A 71 23.98 -6.10 3.23
N SER A 72 23.20 -7.14 2.94
CA SER A 72 23.74 -8.49 2.80
C SER A 72 23.89 -8.85 1.33
N HIS A 73 22.77 -8.89 0.63
CA HIS A 73 22.72 -9.41 -0.73
C HIS A 73 23.63 -8.61 -1.65
N THR A 74 23.83 -9.13 -2.86
CA THR A 74 24.51 -8.39 -3.92
C THR A 74 23.56 -8.19 -5.09
N PHE A 75 22.78 -7.12 -5.04
CA PHE A 75 21.99 -6.67 -6.17
C PHE A 75 20.87 -7.66 -6.46
N LYS A 76 21.25 -8.75 -7.12
CA LYS A 76 20.31 -9.82 -7.44
C LYS A 76 21.03 -11.15 -7.57
ZN ZN B . 1.42 -4.07 -11.05
ZN ZN C . -3.73 -7.33 5.65
N PRO A 1 -0.84 6.19 -16.58
CA PRO A 1 -1.04 4.97 -15.76
C PRO A 1 0.16 4.02 -15.77
N LYS A 2 0.89 4.02 -14.66
CA LYS A 2 1.96 3.07 -14.43
C LYS A 2 2.00 2.64 -12.97
N CYS A 3 2.47 1.41 -12.74
CA CYS A 3 2.22 0.74 -11.46
C CYS A 3 3.34 1.11 -10.47
N PRO A 4 2.93 1.78 -9.37
CA PRO A 4 3.84 2.02 -8.21
C PRO A 4 4.37 0.73 -7.58
N LYS A 5 3.62 -0.36 -7.81
CA LYS A 5 3.94 -1.65 -7.22
C LYS A 5 5.10 -2.31 -7.98
N CYS A 6 4.79 -2.80 -9.17
CA CYS A 6 5.68 -3.73 -9.87
C CYS A 6 6.61 -2.98 -10.81
N ASP A 7 6.19 -1.77 -11.18
CA ASP A 7 6.84 -1.01 -12.23
C ASP A 7 6.55 -1.60 -13.60
N LYS A 8 5.26 -1.69 -13.92
CA LYS A 8 4.81 -1.83 -15.31
C LYS A 8 3.97 -0.63 -15.71
N GLU A 9 3.32 -0.75 -16.86
CA GLU A 9 2.19 0.12 -17.19
C GLU A 9 0.88 -0.67 -17.05
N VAL A 10 -0.20 0.06 -16.76
CA VAL A 10 -1.41 -0.58 -16.24
C VAL A 10 -2.52 -0.47 -17.27
N TYR A 11 -2.91 -1.64 -17.81
CA TYR A 11 -4.00 -1.70 -18.76
C TYR A 11 -5.34 -1.49 -18.07
N PHE A 12 -6.33 -1.05 -18.83
CA PHE A 12 -7.50 -0.39 -18.25
C PHE A 12 -8.22 -1.33 -17.28
N ALA A 13 -8.72 -2.44 -17.84
CA ALA A 13 -9.56 -3.35 -17.05
C ALA A 13 -8.75 -4.09 -16.00
N GLU A 14 -7.44 -3.82 -16.00
CA GLU A 14 -6.54 -4.41 -15.03
C GLU A 14 -6.20 -3.41 -13.92
N ARG A 15 -6.98 -2.33 -13.86
CA ARG A 15 -6.56 -1.13 -13.15
C ARG A 15 -7.14 -1.13 -11.73
N VAL A 16 -6.42 -0.44 -10.83
CA VAL A 16 -7.03 0.11 -9.62
C VAL A 16 -6.36 1.43 -9.26
N THR A 17 -7.12 2.26 -8.56
CA THR A 17 -6.69 3.62 -8.25
C THR A 17 -6.29 3.74 -6.78
N SER A 18 -5.26 4.53 -6.54
CA SER A 18 -4.86 4.87 -5.18
C SER A 18 -3.68 5.84 -5.20
N LEU A 19 -3.80 6.90 -4.39
CA LEU A 19 -2.84 7.99 -4.40
C LEU A 19 -2.79 8.64 -5.78
N GLY A 20 -3.94 8.64 -6.45
CA GLY A 20 -4.14 9.44 -7.65
C GLY A 20 -3.25 8.94 -8.78
N LYS A 21 -2.77 7.71 -8.64
CA LYS A 21 -2.18 6.96 -9.75
C LYS A 21 -2.61 5.50 -9.69
N ASP A 22 -2.58 4.86 -10.85
CA ASP A 22 -3.26 3.57 -11.03
C ASP A 22 -2.34 2.42 -10.61
N TRP A 23 -2.90 1.22 -10.68
CA TRP A 23 -2.15 0.02 -10.28
C TRP A 23 -2.65 -1.17 -11.13
N HIS A 24 -2.10 -2.34 -10.77
CA HIS A 24 -2.60 -3.60 -11.28
C HIS A 24 -3.49 -4.28 -10.24
N ARG A 25 -4.57 -4.89 -10.73
CA ARG A 25 -5.59 -5.47 -9.88
C ARG A 25 -4.97 -6.59 -9.02
N PRO A 26 -4.20 -7.47 -9.69
CA PRO A 26 -3.36 -8.47 -9.01
C PRO A 26 -2.47 -7.89 -7.91
N CYS A 27 -1.94 -6.70 -8.19
CA CYS A 27 -0.83 -6.15 -7.41
C CYS A 27 -1.32 -5.68 -6.05
N LEU A 28 -2.41 -4.93 -6.08
CA LEU A 28 -2.90 -4.23 -4.89
C LEU A 28 -3.35 -5.22 -3.83
N LYS A 29 -2.37 -5.80 -3.14
CA LYS A 29 -2.62 -6.91 -2.21
C LYS A 29 -1.80 -6.72 -0.94
N CYS A 30 -2.43 -7.07 0.18
CA CYS A 30 -1.73 -7.13 1.46
C CYS A 30 -0.59 -8.14 1.41
N GLU A 31 0.61 -7.64 1.68
CA GLU A 31 1.76 -8.50 1.93
C GLU A 31 1.97 -8.68 3.44
N LYS A 32 0.84 -8.81 4.14
CA LYS A 32 0.85 -8.94 5.59
C LYS A 32 -0.09 -10.05 6.05
N CYS A 33 -1.23 -10.13 5.37
CA CYS A 33 -2.17 -11.22 5.57
C CYS A 33 -2.40 -11.98 4.27
N GLY A 34 -2.23 -11.26 3.16
CA GLY A 34 -2.47 -11.82 1.84
C GLY A 34 -3.95 -11.74 1.48
N LYS A 35 -4.53 -10.56 1.70
CA LYS A 35 -5.84 -10.23 1.18
C LYS A 35 -5.72 -9.29 -0.01
N THR A 36 -6.41 -9.64 -1.09
CA THR A 36 -6.62 -8.73 -2.22
C THR A 36 -7.45 -7.54 -1.79
N LEU A 37 -7.16 -6.39 -2.39
CA LEU A 37 -7.66 -5.11 -1.90
C LEU A 37 -8.61 -4.49 -2.93
N THR A 38 -9.77 -4.07 -2.44
CA THR A 38 -10.69 -3.25 -3.22
C THR A 38 -10.22 -1.80 -3.23
N SER A 39 -11.11 -0.92 -3.70
CA SER A 39 -10.74 0.46 -4.01
C SER A 39 -10.22 1.18 -2.77
N GLY A 40 -11.12 1.35 -1.80
CA GLY A 40 -10.89 2.28 -0.70
C GLY A 40 -11.11 1.56 0.64
N GLY A 41 -10.36 0.48 0.83
CA GLY A 41 -10.23 -0.14 2.13
C GLY A 41 -8.79 -0.56 2.41
N HIS A 42 -7.88 -0.11 1.55
CA HIS A 42 -6.49 -0.51 1.63
C HIS A 42 -5.61 0.64 2.11
N ALA A 43 -4.30 0.42 2.03
CA ALA A 43 -3.34 1.51 2.20
C ALA A 43 -2.12 1.27 1.31
N GLU A 44 -1.04 1.97 1.63
CA GLU A 44 0.23 1.78 0.95
C GLU A 44 1.34 2.55 1.66
N HIS A 45 2.46 1.88 1.90
CA HIS A 45 3.75 2.57 2.05
C HIS A 45 4.48 2.57 0.70
N GLU A 46 5.42 3.50 0.56
CA GLU A 46 5.90 3.91 -0.75
C GLU A 46 6.52 2.72 -1.48
N GLY A 47 5.66 2.03 -2.25
CA GLY A 47 6.05 0.80 -2.91
C GLY A 47 4.96 -0.26 -2.74
N LYS A 48 4.45 -0.36 -1.52
CA LYS A 48 3.76 -1.57 -1.06
C LYS A 48 2.42 -1.18 -0.39
N PRO A 49 1.31 -1.50 -1.10
CA PRO A 49 -0.05 -1.51 -0.51
C PRO A 49 -0.26 -2.62 0.52
N TYR A 50 -1.23 -2.39 1.41
CA TYR A 50 -1.70 -3.43 2.31
C TYR A 50 -3.16 -3.16 2.70
N CYS A 51 -3.58 -3.81 3.78
CA CYS A 51 -4.77 -3.43 4.51
C CYS A 51 -4.65 -1.97 5.00
N ASN A 52 -5.78 -1.26 4.89
CA ASN A 52 -5.98 0.01 5.57
C ASN A 52 -5.88 -0.21 7.09
N HIS A 53 -6.36 -1.36 7.53
CA HIS A 53 -6.06 -1.87 8.86
C HIS A 53 -6.28 -3.40 8.88
N PRO A 54 -5.89 -4.00 10.03
CA PRO A 54 -4.89 -3.35 10.95
C PRO A 54 -3.52 -3.18 10.29
N CYS A 55 -3.28 -3.94 9.22
CA CYS A 55 -1.94 -4.33 8.81
C CYS A 55 -1.08 -3.10 8.56
N TYR A 56 -1.68 -2.09 7.94
CA TYR A 56 -1.02 -0.82 7.72
C TYR A 56 -0.63 -0.17 9.05
N SER A 57 -1.61 -0.14 9.95
CA SER A 57 -1.40 0.39 11.29
C SER A 57 -0.41 -0.48 12.06
N ALA A 58 -0.22 -1.70 11.58
CA ALA A 58 0.45 -2.74 12.35
C ALA A 58 1.97 -2.61 12.22
N MET A 59 2.41 -2.59 10.96
CA MET A 59 3.82 -2.65 10.64
C MET A 59 4.31 -1.32 10.06
N PHE A 60 3.40 -0.64 9.38
CA PHE A 60 3.60 0.76 9.01
C PHE A 60 2.75 1.66 9.91
N GLY A 61 2.76 2.95 9.58
CA GLY A 61 1.91 3.92 10.26
C GLY A 61 2.69 5.22 10.52
N PRO A 62 1.98 6.35 10.33
CA PRO A 62 2.52 7.69 10.69
C PRO A 62 2.91 7.82 12.15
N LYS A 63 4.12 8.34 12.37
CA LYS A 63 4.72 8.35 13.70
C LYS A 63 3.86 9.17 14.66
N GLY A 64 2.98 9.98 14.09
CA GLY A 64 1.94 10.65 14.86
C GLY A 64 0.83 11.15 13.93
N PHE A 65 1.05 12.34 13.36
CA PHE A 65 0.22 12.85 12.28
C PHE A 65 0.85 14.09 11.66
N GLY A 66 1.35 14.96 12.54
CA GLY A 66 2.19 16.08 12.11
C GLY A 66 3.59 15.96 12.70
N ARG A 67 3.68 16.19 14.01
CA ARG A 67 4.89 15.89 14.76
C ARG A 67 4.70 16.23 16.23
N GLY A 68 5.49 15.57 17.06
CA GLY A 68 5.44 15.79 18.51
C GLY A 68 5.86 17.22 18.84
N GLY A 69 7.15 17.49 18.65
CA GLY A 69 7.76 18.72 19.12
C GLY A 69 9.27 18.55 19.28
N ALA A 70 9.90 19.60 19.80
CA ALA A 70 11.36 19.68 19.82
C ALA A 70 11.91 19.04 21.09
N GLU A 71 11.22 19.30 22.20
CA GLU A 71 11.55 18.68 23.47
C GLU A 71 10.54 17.58 23.80
N SER A 72 10.98 16.34 23.68
CA SER A 72 10.22 15.20 24.16
C SER A 72 11.13 13.98 24.33
N HIS A 73 11.55 13.77 25.58
CA HIS A 73 12.24 12.54 25.95
C HIS A 73 11.24 11.51 26.48
N THR A 74 11.79 10.42 27.02
CA THR A 74 10.99 9.46 27.76
C THR A 74 10.40 10.10 29.00
N PHE A 75 11.16 11.02 29.60
CA PHE A 75 10.64 11.87 30.66
C PHE A 75 9.84 13.02 30.06
N LYS A 76 9.49 13.98 30.92
CA LYS A 76 8.91 15.24 30.48
C LYS A 76 9.97 16.12 29.82
ZN ZN B . 1.66 -3.96 -10.81
ZN ZN C . -3.75 -7.45 5.78
N PRO A 1 -1.13 5.96 -14.36
CA PRO A 1 -1.18 4.90 -15.39
C PRO A 1 -0.19 3.77 -15.16
N LYS A 2 0.82 4.06 -14.33
CA LYS A 2 1.98 3.18 -14.18
C LYS A 2 2.08 2.70 -12.73
N CYS A 3 2.49 1.44 -12.58
CA CYS A 3 2.28 0.74 -11.31
C CYS A 3 3.33 1.18 -10.29
N PRO A 4 2.86 1.77 -9.18
CA PRO A 4 3.70 2.08 -8.00
C PRO A 4 4.32 0.85 -7.35
N LYS A 5 3.82 -0.32 -7.76
CA LYS A 5 4.30 -1.59 -7.25
C LYS A 5 5.40 -2.15 -8.15
N CYS A 6 4.98 -2.70 -9.28
CA CYS A 6 5.84 -3.57 -10.07
C CYS A 6 6.65 -2.78 -11.07
N ASP A 7 6.18 -1.55 -11.34
CA ASP A 7 6.80 -0.69 -12.34
C ASP A 7 6.53 -1.22 -13.75
N LYS A 8 5.25 -1.38 -14.06
CA LYS A 8 4.80 -1.49 -15.44
C LYS A 8 3.79 -0.37 -15.75
N GLU A 9 3.19 -0.45 -16.93
CA GLU A 9 2.01 0.35 -17.25
C GLU A 9 0.75 -0.50 -17.04
N VAL A 10 -0.35 0.20 -16.73
CA VAL A 10 -1.51 -0.48 -16.18
C VAL A 10 -2.69 -0.37 -17.14
N TYR A 11 -3.06 -1.51 -17.71
CA TYR A 11 -4.13 -1.56 -18.69
C TYR A 11 -5.47 -1.24 -18.03
N PHE A 12 -6.44 -0.83 -18.84
CA PHE A 12 -7.59 -0.09 -18.32
C PHE A 12 -8.36 -0.92 -17.30
N ALA A 13 -8.95 -2.01 -17.81
CA ALA A 13 -9.76 -2.88 -16.95
C ALA A 13 -8.89 -3.65 -15.96
N GLU A 14 -7.58 -3.62 -16.19
CA GLU A 14 -6.64 -4.12 -15.20
C GLU A 14 -5.98 -2.94 -14.47
N ARG A 15 -6.83 -1.99 -14.07
CA ARG A 15 -6.41 -0.91 -13.19
C ARG A 15 -7.16 -0.94 -11.88
N VAL A 16 -6.51 -0.48 -10.82
CA VAL A 16 -7.19 0.01 -9.62
C VAL A 16 -6.51 1.28 -9.12
N THR A 17 -7.30 2.16 -8.51
CA THR A 17 -6.90 3.54 -8.28
C THR A 17 -6.75 3.81 -6.80
N SER A 18 -5.67 4.52 -6.46
CA SER A 18 -5.26 4.70 -5.07
C SER A 18 -4.03 5.59 -4.99
N LEU A 19 -4.07 6.52 -4.04
CA LEU A 19 -3.02 7.51 -3.88
C LEU A 19 -2.85 8.35 -5.14
N GLY A 20 -3.88 8.32 -5.99
CA GLY A 20 -4.00 9.26 -7.08
C GLY A 20 -3.55 8.62 -8.39
N LYS A 21 -2.70 7.61 -8.27
CA LYS A 21 -2.19 6.89 -9.43
C LYS A 21 -2.68 5.44 -9.39
N ASP A 22 -2.56 4.77 -10.54
CA ASP A 22 -3.24 3.51 -10.75
C ASP A 22 -2.35 2.35 -10.32
N TRP A 23 -2.93 1.15 -10.45
CA TRP A 23 -2.24 -0.07 -10.03
C TRP A 23 -2.76 -1.25 -10.86
N HIS A 24 -2.10 -2.40 -10.65
CA HIS A 24 -2.55 -3.65 -11.26
C HIS A 24 -3.49 -4.39 -10.31
N ARG A 25 -4.51 -5.03 -10.89
CA ARG A 25 -5.57 -5.64 -10.12
C ARG A 25 -4.98 -6.75 -9.22
N PRO A 26 -4.18 -7.63 -9.85
CA PRO A 26 -3.41 -8.67 -9.12
C PRO A 26 -2.46 -8.10 -8.06
N CYS A 27 -1.81 -7.01 -8.43
CA CYS A 27 -0.73 -6.45 -7.63
C CYS A 27 -1.26 -6.04 -6.25
N LEU A 28 -2.38 -5.33 -6.25
CA LEU A 28 -2.86 -4.64 -5.07
C LEU A 28 -3.29 -5.65 -4.01
N LYS A 29 -2.38 -5.97 -3.11
CA LYS A 29 -2.57 -7.05 -2.15
C LYS A 29 -1.77 -6.79 -0.88
N CYS A 30 -2.29 -7.28 0.23
CA CYS A 30 -1.59 -7.26 1.50
C CYS A 30 -0.46 -8.29 1.51
N GLU A 31 0.75 -7.78 1.75
CA GLU A 31 1.89 -8.63 2.05
C GLU A 31 2.11 -8.69 3.57
N LYS A 32 0.98 -8.82 4.28
CA LYS A 32 1.01 -9.06 5.72
C LYS A 32 0.05 -10.19 6.08
N CYS A 33 -1.17 -10.09 5.56
CA CYS A 33 -2.19 -11.11 5.79
C CYS A 33 -2.46 -11.90 4.52
N GLY A 34 -2.32 -11.21 3.39
CA GLY A 34 -2.51 -11.82 2.09
C GLY A 34 -4.00 -11.88 1.74
N LYS A 35 -4.65 -10.73 1.89
CA LYS A 35 -5.95 -10.49 1.25
C LYS A 35 -5.78 -9.56 0.05
N THR A 36 -6.39 -9.96 -1.07
CA THR A 36 -6.57 -9.08 -2.21
C THR A 36 -7.41 -7.86 -1.82
N LEU A 37 -6.97 -6.69 -2.28
CA LEU A 37 -7.42 -5.43 -1.72
C LEU A 37 -8.54 -4.84 -2.57
N THR A 38 -9.18 -3.80 -2.05
CA THR A 38 -10.49 -3.38 -2.51
C THR A 38 -10.39 -2.08 -3.32
N SER A 39 -11.55 -1.56 -3.69
CA SER A 39 -11.65 -0.19 -4.20
C SER A 39 -11.48 0.81 -3.06
N GLY A 40 -10.26 0.84 -2.53
CA GLY A 40 -9.91 1.86 -1.53
C GLY A 40 -10.28 1.39 -0.13
N GLY A 41 -9.79 0.20 0.22
CA GLY A 41 -9.69 -0.21 1.61
C GLY A 41 -8.26 -0.60 1.97
N HIS A 42 -7.34 -0.25 1.07
CA HIS A 42 -5.93 -0.59 1.26
C HIS A 42 -5.11 0.67 1.52
N ALA A 43 -3.79 0.50 1.51
CA ALA A 43 -2.87 1.63 1.43
C ALA A 43 -1.68 1.27 0.54
N GLU A 44 -0.63 2.06 0.66
CA GLU A 44 0.66 1.74 0.06
C GLU A 44 1.78 2.44 0.83
N HIS A 45 2.87 1.70 1.01
CA HIS A 45 4.10 2.24 1.57
C HIS A 45 5.27 1.97 0.63
N GLU A 46 5.67 3.04 -0.07
CA GLU A 46 6.76 2.96 -1.04
C GLU A 46 6.43 1.93 -2.13
N GLY A 47 5.19 1.96 -2.59
CA GLY A 47 4.79 1.25 -3.80
C GLY A 47 4.09 -0.06 -3.42
N LYS A 48 4.32 -0.50 -2.20
CA LYS A 48 3.95 -1.84 -1.77
C LYS A 48 2.67 -1.78 -0.91
N PRO A 49 1.52 -2.08 -1.56
CA PRO A 49 0.19 -1.98 -0.92
C PRO A 49 -0.02 -2.96 0.23
N TYR A 50 -0.90 -2.58 1.15
CA TYR A 50 -1.42 -3.51 2.15
C TYR A 50 -2.82 -3.08 2.58
N CYS A 51 -3.25 -3.68 3.70
CA CYS A 51 -4.41 -3.22 4.44
C CYS A 51 -4.22 -1.75 4.87
N ASN A 52 -5.26 -0.96 4.62
CA ASN A 52 -5.43 0.33 5.26
C ASN A 52 -5.53 0.15 6.78
N HIS A 53 -6.17 -0.94 7.18
CA HIS A 53 -6.05 -1.48 8.52
C HIS A 53 -6.32 -3.01 8.49
N PRO A 54 -5.99 -3.65 9.63
CA PRO A 54 -5.09 -3.05 10.64
C PRO A 54 -3.64 -2.92 10.15
N CYS A 55 -3.29 -3.73 9.15
CA CYS A 55 -1.91 -4.14 8.93
C CYS A 55 -0.99 -2.93 8.75
N TYR A 56 -1.48 -1.94 8.01
CA TYR A 56 -0.78 -0.68 7.86
C TYR A 56 -0.62 0.01 9.21
N SER A 57 -1.75 0.32 9.83
CA SER A 57 -1.79 1.22 10.97
C SER A 57 -1.69 0.43 12.28
N ALA A 58 -1.11 -0.76 12.16
CA ALA A 58 -0.79 -1.58 13.32
C ALA A 58 0.71 -1.88 13.36
N MET A 59 1.24 -2.26 12.20
CA MET A 59 2.59 -2.80 12.12
C MET A 59 3.53 -1.77 11.50
N PHE A 60 2.99 -0.95 10.62
CA PHE A 60 3.79 -0.09 9.75
C PHE A 60 4.13 1.21 10.48
N GLY A 61 5.28 1.22 11.12
CA GLY A 61 5.84 2.43 11.71
C GLY A 61 7.38 2.34 11.71
N PRO A 62 7.90 1.39 12.51
CA PRO A 62 9.34 0.99 12.45
C PRO A 62 9.79 0.54 11.06
N LYS A 63 10.83 -0.28 11.04
CA LYS A 63 11.24 -0.99 9.84
C LYS A 63 12.45 -1.87 10.12
N GLY A 64 12.36 -3.13 9.68
CA GLY A 64 13.50 -4.02 9.66
C GLY A 64 13.12 -5.38 10.25
N PHE A 65 13.38 -6.43 9.47
CA PHE A 65 13.27 -7.79 9.95
C PHE A 65 14.21 -8.70 9.18
N GLY A 66 15.47 -8.72 9.60
CA GLY A 66 16.54 -9.36 8.84
C GLY A 66 17.87 -9.25 9.57
N ARG A 67 18.71 -8.35 9.09
CA ARG A 67 20.09 -8.26 9.55
C ARG A 67 20.67 -6.89 9.22
N GLY A 68 21.71 -6.52 9.96
CA GLY A 68 22.50 -5.34 9.65
C GLY A 68 21.97 -4.13 10.39
N GLY A 69 22.88 -3.40 11.03
CA GLY A 69 22.51 -2.33 11.94
C GLY A 69 21.78 -2.90 13.16
N ALA A 70 22.52 -3.03 14.26
CA ALA A 70 22.03 -3.75 15.43
C ALA A 70 21.64 -2.77 16.53
N GLU A 71 21.14 -1.61 16.11
CA GLU A 71 20.50 -0.67 17.01
C GLU A 71 18.99 -0.85 16.99
N SER A 72 18.32 -0.25 17.96
CA SER A 72 16.92 -0.51 18.22
C SER A 72 16.08 -0.11 17.01
N HIS A 73 15.78 1.19 16.93
CA HIS A 73 14.83 1.71 15.95
C HIS A 73 15.57 2.30 14.76
N THR A 74 15.07 1.98 13.58
CA THR A 74 15.62 2.54 12.34
C THR A 74 17.08 2.16 12.18
N PHE A 75 17.72 2.73 11.17
CA PHE A 75 19.06 2.33 10.77
C PHE A 75 19.94 3.55 10.54
N LYS A 76 19.78 4.16 9.38
CA LYS A 76 20.70 5.21 8.92
C LYS A 76 20.29 5.70 7.55
ZN ZN B . 1.79 -4.00 -10.84
ZN ZN C . -3.56 -7.23 5.85
N PRO A 1 -1.42 5.99 -15.70
CA PRO A 1 -1.58 4.55 -15.38
C PRO A 1 -0.27 3.76 -15.46
N LYS A 2 0.59 3.99 -14.47
CA LYS A 2 1.80 3.19 -14.31
C LYS A 2 1.93 2.71 -12.88
N CYS A 3 2.36 1.46 -12.72
CA CYS A 3 2.18 0.74 -11.46
C CYS A 3 3.31 1.12 -10.49
N PRO A 4 2.92 1.64 -9.32
CA PRO A 4 3.84 1.86 -8.17
C PRO A 4 4.45 0.56 -7.65
N LYS A 5 3.67 -0.51 -7.77
CA LYS A 5 4.05 -1.82 -7.25
C LYS A 5 5.23 -2.37 -8.06
N CYS A 6 4.94 -2.76 -9.29
CA CYS A 6 5.84 -3.60 -10.06
C CYS A 6 6.69 -2.76 -11.01
N ASP A 7 6.18 -1.58 -11.33
CA ASP A 7 6.74 -0.76 -12.40
C ASP A 7 6.40 -1.36 -13.77
N LYS A 8 5.11 -1.32 -14.09
CA LYS A 8 4.66 -1.49 -15.47
C LYS A 8 3.71 -0.35 -15.86
N GLU A 9 3.05 -0.53 -17.00
CA GLU A 9 1.88 0.28 -17.34
C GLU A 9 0.61 -0.54 -17.16
N VAL A 10 -0.48 0.17 -16.85
CA VAL A 10 -1.66 -0.49 -16.30
C VAL A 10 -2.87 -0.26 -17.21
N TYR A 11 -3.30 -1.35 -17.83
CA TYR A 11 -4.44 -1.30 -18.75
C TYR A 11 -5.72 -1.06 -17.99
N PHE A 12 -6.77 -0.66 -18.70
CA PHE A 12 -7.91 0.00 -18.09
C PHE A 12 -8.57 -0.90 -17.04
N ALA A 13 -9.03 -2.06 -17.54
CA ALA A 13 -9.76 -2.98 -16.66
C ALA A 13 -8.81 -3.74 -15.74
N GLU A 14 -7.52 -3.64 -16.01
CA GLU A 14 -6.51 -4.07 -15.05
C GLU A 14 -5.81 -2.86 -14.45
N ARG A 15 -6.58 -1.80 -14.21
CA ARG A 15 -6.15 -0.73 -13.33
C ARG A 15 -7.09 -0.59 -12.13
N VAL A 16 -6.49 -0.51 -10.94
CA VAL A 16 -7.15 0.10 -9.78
C VAL A 16 -6.42 1.40 -9.42
N THR A 17 -7.08 2.18 -8.56
CA THR A 17 -6.66 3.56 -8.32
C THR A 17 -6.45 3.80 -6.82
N SER A 18 -5.37 4.52 -6.51
CA SER A 18 -5.02 4.80 -5.13
C SER A 18 -3.78 5.70 -5.07
N LEU A 19 -3.84 6.67 -4.17
CA LEU A 19 -2.78 7.66 -4.03
C LEU A 19 -2.59 8.44 -5.33
N GLY A 20 -3.60 8.37 -6.18
CA GLY A 20 -3.70 9.28 -7.32
C GLY A 20 -3.27 8.59 -8.60
N LYS A 21 -2.44 7.56 -8.44
CA LYS A 21 -1.94 6.79 -9.56
C LYS A 21 -2.46 5.35 -9.49
N ASP A 22 -2.42 4.66 -10.62
CA ASP A 22 -3.16 3.41 -10.79
C ASP A 22 -2.30 2.23 -10.34
N TRP A 23 -2.92 1.05 -10.39
CA TRP A 23 -2.25 -0.18 -9.99
C TRP A 23 -2.80 -1.36 -10.79
N HIS A 24 -2.04 -2.45 -10.76
CA HIS A 24 -2.49 -3.72 -11.30
C HIS A 24 -3.36 -4.45 -10.29
N ARG A 25 -4.44 -5.04 -10.77
CA ARG A 25 -5.48 -5.59 -9.93
C ARG A 25 -4.90 -6.69 -9.02
N PRO A 26 -4.12 -7.59 -9.66
CA PRO A 26 -3.29 -8.59 -8.93
C PRO A 26 -2.35 -7.96 -7.90
N CYS A 27 -1.70 -6.88 -8.31
CA CYS A 27 -0.60 -6.31 -7.54
C CYS A 27 -1.10 -5.85 -6.17
N LEU A 28 -2.19 -5.10 -6.18
CA LEU A 28 -2.65 -4.40 -4.99
C LEU A 28 -3.13 -5.38 -3.94
N LYS A 29 -2.19 -5.82 -3.11
CA LYS A 29 -2.45 -6.93 -2.18
C LYS A 29 -1.65 -6.73 -0.89
N CYS A 30 -2.27 -7.10 0.21
CA CYS A 30 -1.61 -7.15 1.50
C CYS A 30 -0.43 -8.13 1.46
N GLU A 31 0.75 -7.59 1.77
CA GLU A 31 1.92 -8.40 2.07
C GLU A 31 2.06 -8.57 3.59
N LYS A 32 0.91 -8.72 4.24
CA LYS A 32 0.86 -9.00 5.66
C LYS A 32 -0.03 -10.20 5.93
N CYS A 33 -1.24 -10.14 5.36
CA CYS A 33 -2.22 -11.20 5.54
C CYS A 33 -2.46 -11.95 4.25
N GLY A 34 -2.12 -11.30 3.14
CA GLY A 34 -2.35 -11.85 1.81
C GLY A 34 -3.83 -11.73 1.44
N LYS A 35 -4.40 -10.57 1.72
CA LYS A 35 -5.73 -10.22 1.23
C LYS A 35 -5.62 -9.30 0.02
N THR A 36 -6.29 -9.69 -1.06
CA THR A 36 -6.46 -8.84 -2.22
C THR A 36 -7.22 -7.58 -1.84
N LEU A 37 -6.79 -6.45 -2.41
CA LEU A 37 -7.26 -5.14 -1.98
C LEU A 37 -8.24 -4.58 -3.00
N THR A 38 -9.48 -4.39 -2.55
CA THR A 38 -10.58 -4.03 -3.42
C THR A 38 -11.16 -2.68 -3.02
N SER A 39 -12.28 -2.32 -3.65
CA SER A 39 -13.15 -1.26 -3.14
C SER A 39 -12.39 0.06 -3.02
N GLY A 40 -11.80 0.28 -1.86
CA GLY A 40 -10.73 1.28 -1.71
C GLY A 40 -10.28 1.33 -0.25
N GLY A 41 -10.15 0.14 0.34
CA GLY A 41 -10.01 -0.01 1.78
C GLY A 41 -8.60 -0.49 2.13
N HIS A 42 -7.67 -0.22 1.22
CA HIS A 42 -6.27 -0.54 1.44
C HIS A 42 -5.49 0.70 1.85
N ALA A 43 -4.17 0.58 1.87
CA ALA A 43 -3.28 1.74 1.87
C ALA A 43 -1.84 1.29 1.63
N GLU A 44 -1.02 2.23 1.17
CA GLU A 44 0.23 1.89 0.48
C GLU A 44 1.42 2.37 1.31
N HIS A 45 2.41 1.49 1.46
CA HIS A 45 3.77 1.92 1.78
C HIS A 45 4.62 1.86 0.51
N GLU A 46 5.76 2.55 0.54
CA GLU A 46 6.48 2.91 -0.67
C GLU A 46 6.90 1.66 -1.44
N GLY A 47 6.01 1.24 -2.34
CA GLY A 47 6.27 0.08 -3.18
C GLY A 47 5.25 -1.03 -2.89
N LYS A 48 4.61 -0.94 -1.74
CA LYS A 48 3.91 -2.07 -1.16
C LYS A 48 2.59 -1.58 -0.51
N PRO A 49 1.47 -1.88 -1.21
CA PRO A 49 0.10 -1.79 -0.62
C PRO A 49 -0.16 -2.79 0.49
N TYR A 50 -1.18 -2.50 1.29
CA TYR A 50 -1.66 -3.41 2.32
C TYR A 50 -3.10 -3.05 2.70
N CYS A 51 -3.55 -3.73 3.77
CA CYS A 51 -4.76 -3.35 4.48
C CYS A 51 -4.64 -1.90 5.00
N ASN A 52 -5.76 -1.19 4.87
CA ASN A 52 -5.96 0.07 5.59
C ASN A 52 -5.89 -0.17 7.10
N HIS A 53 -6.40 -1.33 7.51
CA HIS A 53 -6.19 -1.85 8.85
C HIS A 53 -6.36 -3.38 8.85
N PRO A 54 -6.00 -3.98 10.01
CA PRO A 54 -5.03 -3.33 10.94
C PRO A 54 -3.65 -3.15 10.30
N CYS A 55 -3.40 -3.90 9.24
CA CYS A 55 -2.04 -4.27 8.84
C CYS A 55 -1.18 -3.05 8.62
N TYR A 56 -1.75 -2.04 7.97
CA TYR A 56 -1.10 -0.76 7.78
C TYR A 56 -0.79 -0.12 9.14
N SER A 57 -1.85 0.12 9.90
CA SER A 57 -1.78 0.94 11.10
C SER A 57 -1.01 0.20 12.20
N ALA A 58 -0.79 -1.09 11.95
CA ALA A 58 -0.01 -1.93 12.86
C ALA A 58 1.47 -1.74 12.62
N MET A 59 1.87 -1.92 11.36
CA MET A 59 3.28 -2.03 11.01
C MET A 59 3.80 -0.70 10.48
N PHE A 60 2.95 -0.01 9.73
CA PHE A 60 3.33 1.20 9.02
C PHE A 60 2.46 2.38 9.47
N GLY A 61 2.79 2.91 10.64
CA GLY A 61 1.99 3.96 11.25
C GLY A 61 2.29 4.01 12.78
N PRO A 62 3.52 4.45 13.10
CA PRO A 62 3.89 4.79 14.50
C PRO A 62 3.00 5.86 15.13
N LYS A 63 2.28 6.57 14.26
CA LYS A 63 1.55 7.77 14.67
C LYS A 63 0.06 7.47 14.76
N GLY A 64 -0.71 8.53 15.01
CA GLY A 64 -2.16 8.47 14.92
C GLY A 64 -2.69 9.66 14.12
N PHE A 65 -3.73 9.40 13.35
CA PHE A 65 -4.23 10.37 12.36
C PHE A 65 -5.61 10.87 12.75
N GLY A 66 -5.94 10.70 14.02
CA GLY A 66 -7.29 10.96 14.50
C GLY A 66 -7.45 12.43 14.86
N ARG A 67 -8.33 13.11 14.11
CA ARG A 67 -8.75 14.46 14.45
C ARG A 67 -10.27 14.56 14.39
N GLY A 68 -10.87 14.60 15.58
CA GLY A 68 -12.32 14.50 15.71
C GLY A 68 -12.82 15.33 16.89
N GLY A 69 -12.59 14.80 18.09
CA GLY A 69 -13.18 15.36 19.30
C GLY A 69 -14.69 15.18 19.28
N ALA A 70 -15.12 13.98 19.62
CA ALA A 70 -16.54 13.64 19.59
C ALA A 70 -17.06 13.36 21.00
N GLU A 71 -17.36 14.44 21.71
CA GLU A 71 -17.64 14.36 23.14
C GLU A 71 -18.17 15.70 23.65
N SER A 72 -19.11 16.25 22.89
CA SER A 72 -19.76 17.50 23.26
C SER A 72 -20.64 17.31 24.49
N HIS A 73 -21.19 16.12 24.62
CA HIS A 73 -22.22 15.84 25.62
C HIS A 73 -21.66 14.95 26.72
N THR A 74 -22.56 14.46 27.57
CA THR A 74 -22.18 13.78 28.80
C THR A 74 -21.56 14.76 29.79
N PHE A 75 -21.97 14.64 31.05
CA PHE A 75 -21.65 15.62 32.06
C PHE A 75 -20.85 14.98 33.19
N LYS A 76 -20.65 15.75 34.25
CA LYS A 76 -20.09 15.22 35.49
C LYS A 76 -21.11 14.35 36.20
ZN ZN B . 1.82 -4.00 -10.92
ZN ZN C . -3.78 -7.39 5.75
N PRO A 1 -0.63 6.34 -16.12
CA PRO A 1 -1.27 5.20 -15.40
C PRO A 1 -0.34 4.01 -15.20
N LYS A 2 0.61 4.17 -14.29
CA LYS A 2 1.70 3.22 -14.15
C LYS A 2 1.77 2.70 -12.73
N CYS A 3 2.19 1.44 -12.60
CA CYS A 3 2.00 0.70 -11.34
C CYS A 3 3.13 1.05 -10.37
N PRO A 4 2.75 1.65 -9.24
CA PRO A 4 3.67 1.87 -8.08
C PRO A 4 4.19 0.56 -7.49
N LYS A 5 3.44 -0.51 -7.73
CA LYS A 5 3.75 -1.82 -7.18
C LYS A 5 4.92 -2.46 -7.91
N CYS A 6 4.64 -2.92 -9.13
CA CYS A 6 5.56 -3.78 -9.85
C CYS A 6 6.48 -2.95 -10.75
N ASP A 7 6.02 -1.74 -11.07
CA ASP A 7 6.70 -0.88 -12.02
C ASP A 7 6.50 -1.41 -13.44
N LYS A 8 5.25 -1.49 -13.86
CA LYS A 8 4.90 -1.53 -15.28
C LYS A 8 3.94 -0.39 -15.63
N GLU A 9 3.38 -0.45 -16.83
CA GLU A 9 2.22 0.35 -17.17
C GLU A 9 0.94 -0.50 -17.00
N VAL A 10 -0.16 0.19 -16.73
CA VAL A 10 -1.38 -0.49 -16.29
C VAL A 10 -2.45 -0.36 -17.37
N TYR A 11 -2.78 -1.50 -17.97
CA TYR A 11 -3.86 -1.56 -18.94
C TYR A 11 -5.20 -1.34 -18.26
N PHE A 12 -6.17 -0.82 -19.01
CA PHE A 12 -7.31 -0.14 -18.41
C PHE A 12 -8.10 -1.09 -17.52
N ALA A 13 -8.58 -2.17 -18.14
CA ALA A 13 -9.50 -3.08 -17.43
C ALA A 13 -8.75 -3.89 -16.36
N GLU A 14 -7.44 -3.66 -16.28
CA GLU A 14 -6.61 -4.32 -15.29
C GLU A 14 -6.27 -3.36 -14.15
N ARG A 15 -7.01 -2.24 -14.09
CA ARG A 15 -6.55 -1.08 -13.34
C ARG A 15 -7.19 -1.08 -11.94
N VAL A 16 -6.48 -0.44 -11.01
CA VAL A 16 -7.10 0.09 -9.79
C VAL A 16 -6.40 1.37 -9.37
N THR A 17 -7.17 2.26 -8.74
CA THR A 17 -6.72 3.62 -8.49
C THR A 17 -6.48 3.83 -6.99
N SER A 18 -5.37 4.51 -6.69
CA SER A 18 -4.99 4.78 -5.32
C SER A 18 -3.71 5.62 -5.28
N LEU A 19 -3.71 6.59 -4.38
CA LEU A 19 -2.61 7.54 -4.25
C LEU A 19 -2.42 8.32 -5.55
N GLY A 20 -3.50 8.39 -6.33
CA GLY A 20 -3.59 9.32 -7.44
C GLY A 20 -3.22 8.62 -8.75
N LYS A 21 -2.43 7.56 -8.61
CA LYS A 21 -1.95 6.80 -9.76
C LYS A 21 -2.52 5.38 -9.74
N ASP A 22 -2.44 4.72 -10.88
CA ASP A 22 -3.15 3.46 -11.09
C ASP A 22 -2.27 2.29 -10.67
N TRP A 23 -2.88 1.10 -10.75
CA TRP A 23 -2.20 -0.13 -10.33
C TRP A 23 -2.69 -1.29 -11.22
N HIS A 24 -2.16 -2.48 -10.89
CA HIS A 24 -2.66 -3.72 -11.44
C HIS A 24 -3.54 -4.43 -10.44
N ARG A 25 -4.62 -5.03 -10.94
CA ARG A 25 -5.65 -5.62 -10.09
C ARG A 25 -5.05 -6.73 -9.23
N PRO A 26 -4.33 -7.66 -9.90
CA PRO A 26 -3.53 -8.70 -9.21
C PRO A 26 -2.59 -8.14 -8.14
N CYS A 27 -2.03 -6.96 -8.43
CA CYS A 27 -0.95 -6.41 -7.64
C CYS A 27 -1.46 -5.97 -6.26
N LEU A 28 -2.51 -5.17 -6.28
CA LEU A 28 -2.96 -4.45 -5.09
C LEU A 28 -3.42 -5.43 -4.02
N LYS A 29 -2.48 -5.79 -3.15
CA LYS A 29 -2.70 -6.87 -2.19
C LYS A 29 -1.88 -6.62 -0.92
N CYS A 30 -2.43 -7.07 0.20
CA CYS A 30 -1.71 -7.10 1.46
C CYS A 30 -0.52 -8.06 1.38
N GLU A 31 0.67 -7.50 1.60
CA GLU A 31 1.84 -8.30 1.91
C GLU A 31 2.04 -8.40 3.43
N LYS A 32 0.91 -8.66 4.11
CA LYS A 32 0.93 -8.87 5.54
C LYS A 32 0.03 -10.05 5.92
N CYS A 33 -1.16 -10.05 5.31
CA CYS A 33 -2.10 -11.16 5.48
C CYS A 33 -2.33 -11.88 4.16
N GLY A 34 -2.28 -11.11 3.08
CA GLY A 34 -2.45 -11.66 1.75
C GLY A 34 -3.93 -11.86 1.42
N LYS A 35 -4.72 -10.81 1.65
CA LYS A 35 -6.01 -10.65 0.99
C LYS A 35 -5.97 -9.50 -0.01
N THR A 36 -6.41 -9.81 -1.23
CA THR A 36 -6.43 -8.83 -2.31
C THR A 36 -7.32 -7.66 -1.94
N LEU A 37 -6.85 -6.45 -2.23
CA LEU A 37 -7.37 -5.24 -1.61
C LEU A 37 -8.48 -4.64 -2.48
N THR A 38 -9.57 -4.26 -1.80
CA THR A 38 -10.67 -3.58 -2.47
C THR A 38 -10.55 -2.08 -2.28
N SER A 39 -10.98 -1.34 -3.31
CA SER A 39 -11.34 0.07 -3.12
C SER A 39 -10.13 0.86 -2.64
N GLY A 40 -10.38 2.00 -1.98
CA GLY A 40 -9.41 2.58 -1.05
C GLY A 40 -9.64 2.02 0.35
N GLY A 41 -9.63 0.69 0.44
CA GLY A 41 -9.61 -0.01 1.71
C GLY A 41 -8.22 -0.59 2.00
N HIS A 42 -7.26 -0.11 1.22
CA HIS A 42 -5.86 -0.46 1.44
C HIS A 42 -5.07 0.78 1.87
N ALA A 43 -3.74 0.65 1.84
CA ALA A 43 -2.85 1.81 1.80
C ALA A 43 -1.43 1.35 1.50
N GLU A 44 -0.62 2.31 1.03
CA GLU A 44 0.66 1.97 0.42
C GLU A 44 1.79 2.73 1.10
N HIS A 45 2.77 1.99 1.61
CA HIS A 45 4.09 2.54 1.92
C HIS A 45 5.01 2.36 0.73
N GLU A 46 5.29 3.46 0.05
CA GLU A 46 6.31 3.51 -0.98
C GLU A 46 6.02 2.50 -2.08
N GLY A 47 4.74 2.42 -2.45
CA GLY A 47 4.31 1.51 -3.51
C GLY A 47 4.15 0.09 -2.96
N LYS A 48 3.96 0.01 -1.65
CA LYS A 48 3.71 -1.25 -0.99
C LYS A 48 2.34 -1.23 -0.30
N PRO A 49 1.30 -1.55 -1.09
CA PRO A 49 -0.10 -1.61 -0.59
C PRO A 49 -0.33 -2.69 0.47
N TYR A 50 -1.26 -2.40 1.38
CA TYR A 50 -1.72 -3.37 2.34
C TYR A 50 -3.15 -3.03 2.79
N CYS A 51 -3.55 -3.72 3.88
CA CYS A 51 -4.69 -3.33 4.68
C CYS A 51 -4.50 -1.89 5.21
N ASN A 52 -5.56 -1.11 5.07
CA ASN A 52 -5.72 0.13 5.82
C ASN A 52 -5.76 -0.17 7.32
N HIS A 53 -6.17 -1.39 7.64
CA HIS A 53 -6.04 -1.93 8.98
C HIS A 53 -6.29 -3.46 8.94
N PRO A 54 -5.84 -4.11 10.04
CA PRO A 54 -4.91 -3.51 11.01
C PRO A 54 -3.48 -3.36 10.46
N CYS A 55 -3.22 -4.05 9.34
CA CYS A 55 -1.87 -4.43 8.96
C CYS A 55 -0.99 -3.20 8.80
N TYR A 56 -1.54 -2.18 8.15
CA TYR A 56 -0.84 -0.92 7.96
C TYR A 56 -0.51 -0.28 9.30
N SER A 57 -1.54 -0.11 10.12
CA SER A 57 -1.45 0.72 11.31
C SER A 57 -0.73 -0.03 12.42
N ALA A 58 -0.62 -1.35 12.24
CA ALA A 58 0.00 -2.22 13.24
C ALA A 58 1.51 -2.26 13.04
N MET A 59 1.91 -2.44 11.77
CA MET A 59 3.29 -2.74 11.45
C MET A 59 3.96 -1.53 10.80
N PHE A 60 3.17 -0.78 10.04
CA PHE A 60 3.70 0.25 9.15
C PHE A 60 3.32 1.64 9.67
N GLY A 61 4.28 2.29 10.32
CA GLY A 61 4.14 3.68 10.72
C GLY A 61 5.14 4.00 11.86
N PRO A 62 6.42 4.17 11.46
CA PRO A 62 7.46 4.70 12.37
C PRO A 62 7.11 6.05 12.99
N LYS A 63 6.06 6.66 12.45
CA LYS A 63 5.58 7.94 12.94
C LYS A 63 6.63 9.02 12.72
N GLY A 64 6.45 9.78 11.64
CA GLY A 64 7.47 10.71 11.17
C GLY A 64 7.21 11.09 9.71
N PHE A 65 6.94 12.36 9.49
CA PHE A 65 6.88 12.92 8.15
C PHE A 65 8.25 12.84 7.48
N GLY A 66 8.36 13.49 6.33
CA GLY A 66 9.53 13.33 5.47
C GLY A 66 10.79 13.76 6.19
N ARG A 67 11.79 12.88 6.15
CA ARG A 67 12.99 13.03 6.97
C ARG A 67 13.71 14.33 6.63
N GLY A 68 14.70 14.67 7.45
CA GLY A 68 15.34 15.98 7.39
C GLY A 68 14.97 16.82 8.61
N GLY A 69 13.69 17.13 8.72
CA GLY A 69 13.14 17.74 9.92
C GLY A 69 13.81 19.08 10.19
N ALA A 70 13.30 20.11 9.51
CA ALA A 70 13.97 21.41 9.48
C ALA A 70 12.94 22.52 9.34
N GLU A 71 13.42 23.70 8.94
CA GLU A 71 12.64 24.92 9.00
C GLU A 71 12.22 25.22 10.45
N SER A 72 11.11 24.61 10.85
CA SER A 72 10.45 24.97 12.09
C SER A 72 9.89 26.38 12.01
N HIS A 73 10.79 27.36 12.10
CA HIS A 73 10.41 28.75 12.25
C HIS A 73 9.59 29.21 11.04
N THR A 74 8.45 29.84 11.34
CA THR A 74 7.67 30.51 10.32
C THR A 74 7.03 29.50 9.37
N PHE A 75 5.83 29.05 9.75
CA PHE A 75 5.07 28.12 8.94
C PHE A 75 3.64 28.61 8.76
N LYS A 76 3.27 28.88 7.52
CA LYS A 76 2.01 29.55 7.21
C LYS A 76 1.01 28.57 6.62
ZN ZN B . 1.58 -4.05 -10.90
ZN ZN C . -3.68 -7.40 5.80
N PRO A 1 -1.40 5.55 -16.04
CA PRO A 1 0.02 5.52 -15.58
C PRO A 1 0.55 4.12 -15.33
N LYS A 2 1.56 4.03 -14.46
CA LYS A 2 2.35 2.83 -14.30
C LYS A 2 2.30 2.35 -12.86
N CYS A 3 2.62 1.07 -12.66
CA CYS A 3 2.29 0.40 -11.39
C CYS A 3 3.41 0.65 -10.38
N PRO A 4 3.05 1.26 -9.25
CA PRO A 4 3.95 1.37 -8.06
C PRO A 4 4.37 0.02 -7.49
N LYS A 5 3.49 -0.96 -7.67
CA LYS A 5 3.67 -2.27 -7.09
C LYS A 5 4.79 -3.02 -7.80
N CYS A 6 4.53 -3.41 -9.04
CA CYS A 6 5.37 -4.36 -9.74
C CYS A 6 6.39 -3.64 -10.63
N ASP A 7 6.06 -2.40 -10.97
CA ASP A 7 6.81 -1.63 -11.95
C ASP A 7 6.54 -2.17 -13.36
N LYS A 8 5.26 -2.24 -13.72
CA LYS A 8 4.85 -2.29 -15.11
C LYS A 8 4.12 -1.01 -15.49
N GLU A 9 3.49 -1.03 -16.67
CA GLU A 9 2.44 -0.06 -17.00
C GLU A 9 1.08 -0.74 -16.95
N VAL A 10 0.05 0.05 -16.67
CA VAL A 10 -1.23 -0.51 -16.23
C VAL A 10 -2.29 -0.27 -17.30
N TYR A 11 -2.72 -1.36 -17.91
CA TYR A 11 -3.76 -1.30 -18.94
C TYR A 11 -5.12 -1.09 -18.29
N PHE A 12 -6.08 -0.60 -19.08
CA PHE A 12 -7.26 0.06 -18.53
C PHE A 12 -8.04 -0.90 -17.63
N ALA A 13 -8.53 -1.98 -18.26
CA ALA A 13 -9.42 -2.90 -17.55
C ALA A 13 -8.67 -3.69 -16.49
N GLU A 14 -7.37 -3.46 -16.40
CA GLU A 14 -6.52 -4.11 -15.42
C GLU A 14 -6.22 -3.16 -14.26
N ARG A 15 -6.98 -2.07 -14.20
CA ARG A 15 -6.56 -0.90 -13.43
C ARG A 15 -7.21 -0.90 -12.04
N VAL A 16 -6.52 -0.31 -11.08
CA VAL A 16 -7.15 0.22 -9.88
C VAL A 16 -6.44 1.50 -9.44
N THR A 17 -7.17 2.33 -8.70
CA THR A 17 -6.74 3.68 -8.39
C THR A 17 -6.51 3.84 -6.89
N SER A 18 -5.41 4.50 -6.55
CA SER A 18 -5.08 4.77 -5.15
C SER A 18 -3.85 5.66 -5.06
N LEU A 19 -3.94 6.64 -4.16
CA LEU A 19 -2.93 7.69 -4.05
C LEU A 19 -2.82 8.47 -5.35
N GLY A 20 -3.86 8.36 -6.17
CA GLY A 20 -4.01 9.20 -7.34
C GLY A 20 -3.46 8.51 -8.59
N LYS A 21 -2.53 7.59 -8.35
CA LYS A 21 -1.92 6.83 -9.44
C LYS A 21 -2.47 5.41 -9.46
N ASP A 22 -2.42 4.79 -10.64
CA ASP A 22 -3.14 3.56 -10.89
C ASP A 22 -2.30 2.35 -10.50
N TRP A 23 -2.92 1.17 -10.65
CA TRP A 23 -2.26 -0.08 -10.28
C TRP A 23 -2.77 -1.20 -11.19
N HIS A 24 -2.29 -2.41 -10.87
CA HIS A 24 -2.84 -3.63 -11.45
C HIS A 24 -3.84 -4.28 -10.50
N ARG A 25 -4.87 -4.88 -11.07
CA ARG A 25 -6.04 -5.30 -10.31
C ARG A 25 -5.63 -6.31 -9.22
N PRO A 26 -4.78 -7.28 -9.63
CA PRO A 26 -4.18 -8.27 -8.71
C PRO A 26 -3.23 -7.63 -7.68
N CYS A 27 -2.52 -6.60 -8.12
CA CYS A 27 -1.34 -6.11 -7.40
C CYS A 27 -1.76 -5.52 -6.05
N LEU A 28 -2.82 -4.74 -6.08
CA LEU A 28 -3.27 -4.01 -4.91
C LEU A 28 -3.62 -4.97 -3.78
N LYS A 29 -2.59 -5.39 -3.05
CA LYS A 29 -2.67 -6.57 -2.19
C LYS A 29 -1.76 -6.41 -0.98
N CYS A 30 -2.23 -6.95 0.14
CA CYS A 30 -1.46 -6.99 1.37
C CYS A 30 -0.22 -7.87 1.19
N GLU A 31 0.93 -7.29 1.50
CA GLU A 31 2.17 -8.05 1.65
C GLU A 31 2.41 -8.35 3.13
N LYS A 32 1.31 -8.40 3.89
CA LYS A 32 1.39 -8.59 5.33
C LYS A 32 0.54 -9.78 5.76
N CYS A 33 -0.58 -9.94 5.07
CA CYS A 33 -1.44 -11.09 5.28
C CYS A 33 -1.72 -11.82 3.97
N GLY A 34 -1.62 -11.06 2.88
CA GLY A 34 -1.96 -11.58 1.56
C GLY A 34 -3.47 -11.61 1.36
N LYS A 35 -4.11 -10.48 1.67
CA LYS A 35 -5.48 -10.22 1.24
C LYS A 35 -5.49 -9.31 0.02
N THR A 36 -6.13 -9.80 -1.05
CA THR A 36 -6.46 -8.95 -2.19
C THR A 36 -7.38 -7.82 -1.76
N LEU A 37 -7.05 -6.61 -2.24
CA LEU A 37 -7.61 -5.38 -1.69
C LEU A 37 -8.74 -4.86 -2.56
N THR A 38 -9.79 -4.39 -1.90
CA THR A 38 -10.80 -3.54 -2.55
C THR A 38 -10.15 -2.27 -3.09
N SER A 39 -10.78 -1.69 -4.11
CA SER A 39 -10.54 -0.29 -4.45
C SER A 39 -11.08 0.60 -3.33
N GLY A 40 -10.47 0.43 -2.15
CA GLY A 40 -11.06 0.89 -0.90
C GLY A 40 -10.68 -0.04 0.24
N GLY A 41 -10.49 0.57 1.43
CA GLY A 41 -10.29 -0.22 2.63
C GLY A 41 -8.88 -0.78 2.70
N HIS A 42 -8.02 -0.24 1.83
CA HIS A 42 -6.61 -0.60 1.84
C HIS A 42 -5.75 0.58 2.28
N ALA A 43 -4.44 0.43 2.12
CA ALA A 43 -3.51 1.54 2.20
C ALA A 43 -2.29 1.25 1.33
N GLU A 44 -1.21 2.01 1.59
CA GLU A 44 0.01 1.86 0.83
C GLU A 44 1.14 2.65 1.49
N HIS A 45 2.33 2.05 1.53
CA HIS A 45 3.58 2.81 1.65
C HIS A 45 4.19 3.02 0.27
N GLU A 46 5.25 3.82 0.25
CA GLU A 46 5.91 4.15 -1.00
C GLU A 46 6.59 2.91 -1.59
N GLY A 47 5.83 2.18 -2.39
CA GLY A 47 6.23 0.84 -2.83
C GLY A 47 5.00 -0.01 -3.15
N LYS A 48 4.22 -0.30 -2.11
CA LYS A 48 3.24 -1.37 -2.14
C LYS A 48 2.08 -1.06 -1.16
N PRO A 49 0.87 -1.47 -1.58
CA PRO A 49 -0.34 -1.38 -0.73
C PRO A 49 -0.36 -2.40 0.41
N TYR A 50 -1.34 -2.24 1.29
CA TYR A 50 -1.70 -3.28 2.26
C TYR A 50 -3.15 -3.11 2.71
N CYS A 51 -3.46 -3.80 3.82
CA CYS A 51 -4.63 -3.49 4.62
C CYS A 51 -4.58 -2.04 5.11
N ASN A 52 -5.72 -1.37 5.00
CA ASN A 52 -5.99 -0.14 5.74
C ASN A 52 -5.92 -0.41 7.25
N HIS A 53 -6.36 -1.61 7.62
CA HIS A 53 -6.11 -2.16 8.94
C HIS A 53 -6.23 -3.70 8.89
N PRO A 54 -5.70 -4.34 9.96
CA PRO A 54 -4.80 -3.66 10.91
C PRO A 54 -3.40 -3.40 10.34
N CYS A 55 -3.09 -4.06 9.24
CA CYS A 55 -1.70 -4.32 8.85
C CYS A 55 -0.95 -3.02 8.67
N TYR A 56 -1.60 -2.06 8.03
CA TYR A 56 -1.06 -0.70 7.91
C TYR A 56 -0.87 -0.09 9.30
N SER A 57 -1.96 -0.04 10.05
CA SER A 57 -1.97 0.69 11.32
C SER A 57 -0.98 0.07 12.30
N ALA A 58 -0.63 -1.19 12.04
CA ALA A 58 0.06 -2.02 13.01
C ALA A 58 1.55 -2.06 12.71
N MET A 59 1.87 -2.30 11.43
CA MET A 59 3.22 -2.72 11.05
C MET A 59 4.01 -1.53 10.54
N PHE A 60 3.30 -0.48 10.15
CA PHE A 60 3.88 0.59 9.33
C PHE A 60 5.04 1.26 10.08
N GLY A 61 6.26 0.84 9.73
CA GLY A 61 7.46 1.55 10.13
C GLY A 61 8.56 1.35 9.05
N PRO A 62 9.79 1.10 9.54
CA PRO A 62 10.90 0.59 8.69
C PRO A 62 10.57 -0.74 8.01
N LYS A 63 10.30 -1.74 8.84
CA LYS A 63 9.71 -2.98 8.37
C LYS A 63 9.21 -3.81 9.56
N GLY A 64 10.08 -3.97 10.54
CA GLY A 64 9.68 -4.49 11.85
C GLY A 64 9.10 -5.89 11.71
N PHE A 65 8.57 -6.40 12.82
CA PHE A 65 8.16 -7.80 12.91
C PHE A 65 6.86 -7.92 13.69
N GLY A 66 6.84 -7.33 14.88
CA GLY A 66 5.76 -7.51 15.83
C GLY A 66 4.87 -6.28 15.87
N ARG A 67 3.79 -6.37 16.64
CA ARG A 67 2.73 -5.37 16.63
C ARG A 67 3.08 -4.21 17.55
N GLY A 68 2.70 -3.01 17.15
CA GLY A 68 2.76 -1.84 18.01
C GLY A 68 1.36 -1.26 18.22
N GLY A 69 0.80 -0.72 17.14
CA GLY A 69 -0.59 -0.32 17.12
C GLY A 69 -0.85 0.78 18.15
N ALA A 70 -0.84 2.02 17.69
CA ALA A 70 -1.28 3.16 18.49
C ALA A 70 -1.26 4.43 17.65
N GLU A 71 -2.24 5.29 17.91
CA GLU A 71 -2.24 6.66 17.41
C GLU A 71 -2.17 6.67 15.89
N SER A 72 -3.32 6.90 15.26
CA SER A 72 -3.39 7.18 13.83
C SER A 72 -4.82 7.49 13.42
N HIS A 73 -5.12 8.78 13.29
CA HIS A 73 -6.38 9.22 12.75
C HIS A 73 -7.57 8.69 13.54
N THR A 74 -8.05 9.50 14.47
CA THR A 74 -9.30 9.23 15.17
C THR A 74 -10.47 9.23 14.19
N PHE A 75 -11.68 9.39 14.73
CA PHE A 75 -12.90 9.18 13.97
C PHE A 75 -12.97 10.16 12.80
N LYS A 76 -13.37 11.38 13.12
CA LYS A 76 -13.69 12.37 12.09
C LYS A 76 -14.88 11.92 11.26
ZN ZN B . 1.40 -4.27 -10.83
ZN ZN C . -3.30 -7.45 5.75
N PRO A 1 -0.61 5.93 -16.55
CA PRO A 1 -0.50 5.40 -15.17
C PRO A 1 0.39 4.17 -15.06
N LYS A 2 1.07 4.06 -13.94
CA LYS A 2 2.12 3.05 -13.76
C LYS A 2 2.06 2.45 -12.37
N CYS A 3 2.42 1.18 -12.28
CA CYS A 3 2.09 0.39 -11.08
C CYS A 3 3.18 0.60 -10.01
N PRO A 4 2.76 1.14 -8.86
CA PRO A 4 3.64 1.20 -7.65
C PRO A 4 4.09 -0.18 -7.16
N LYS A 5 3.27 -1.17 -7.47
CA LYS A 5 3.48 -2.53 -6.98
C LYS A 5 4.66 -3.17 -7.71
N CYS A 6 4.44 -3.47 -8.99
CA CYS A 6 5.33 -4.36 -9.73
C CYS A 6 6.34 -3.55 -10.54
N ASP A 7 5.99 -2.30 -10.80
CA ASP A 7 6.76 -1.44 -11.68
C ASP A 7 6.60 -1.87 -13.14
N LYS A 8 5.35 -1.99 -13.56
CA LYS A 8 5.01 -1.95 -14.98
C LYS A 8 4.22 -0.68 -15.30
N GLU A 9 3.66 -0.64 -16.51
CA GLU A 9 2.60 0.31 -16.83
C GLU A 9 1.24 -0.41 -16.80
N VAL A 10 0.22 0.37 -16.47
CA VAL A 10 -1.08 -0.23 -16.15
C VAL A 10 -2.09 0.11 -17.25
N TYR A 11 -2.46 -0.95 -17.99
CA TYR A 11 -3.39 -0.80 -19.10
C TYR A 11 -4.82 -0.62 -18.58
N PHE A 12 -5.69 -0.10 -19.45
CA PHE A 12 -6.92 0.55 -18.98
C PHE A 12 -7.78 -0.43 -18.18
N ALA A 13 -8.21 -1.48 -18.88
CA ALA A 13 -9.13 -2.45 -18.26
C ALA A 13 -8.42 -3.31 -17.23
N GLU A 14 -7.10 -3.27 -17.23
CA GLU A 14 -6.32 -3.83 -16.13
C GLU A 14 -5.79 -2.70 -15.24
N ARG A 15 -6.71 -1.80 -14.88
CA ARG A 15 -6.43 -0.78 -13.89
C ARG A 15 -7.31 -0.97 -12.64
N VAL A 16 -6.73 -0.71 -11.48
CA VAL A 16 -7.50 -0.27 -10.31
C VAL A 16 -6.82 0.94 -9.67
N THR A 17 -7.57 2.05 -9.68
CA THR A 17 -7.04 3.34 -9.24
C THR A 17 -7.43 3.61 -7.79
N SER A 18 -6.50 4.21 -7.06
CA SER A 18 -6.61 4.35 -5.61
C SER A 18 -5.42 5.13 -5.06
N LEU A 19 -5.73 6.03 -4.14
CA LEU A 19 -4.75 6.97 -3.62
C LEU A 19 -4.19 7.85 -4.74
N GLY A 20 -4.90 7.87 -5.86
CA GLY A 20 -4.69 8.88 -6.89
C GLY A 20 -3.93 8.29 -8.07
N LYS A 21 -3.18 7.24 -7.79
CA LYS A 21 -2.38 6.57 -8.81
C LYS A 21 -2.85 5.12 -8.98
N ASP A 22 -2.70 4.62 -10.20
CA ASP A 22 -3.37 3.40 -10.62
C ASP A 22 -2.54 2.17 -10.22
N TRP A 23 -3.12 1.00 -10.52
CA TRP A 23 -2.46 -0.25 -10.22
C TRP A 23 -2.90 -1.32 -11.22
N HIS A 24 -2.41 -2.54 -10.99
CA HIS A 24 -2.88 -3.71 -11.71
C HIS A 24 -3.93 -4.46 -10.89
N ARG A 25 -4.84 -5.12 -11.60
CA ARG A 25 -5.98 -5.77 -10.98
C ARG A 25 -5.49 -6.85 -10.00
N PRO A 26 -4.58 -7.70 -10.51
CA PRO A 26 -3.99 -8.81 -9.71
C PRO A 26 -3.12 -8.33 -8.56
N CYS A 27 -2.55 -7.13 -8.71
CA CYS A 27 -1.44 -6.68 -7.89
C CYS A 27 -1.95 -6.26 -6.51
N LEU A 28 -2.96 -5.40 -6.52
CA LEU A 28 -3.28 -4.58 -5.35
C LEU A 28 -3.69 -5.47 -4.18
N LYS A 29 -2.69 -5.83 -3.37
CA LYS A 29 -2.87 -6.81 -2.30
C LYS A 29 -2.01 -6.44 -1.10
N CYS A 30 -2.46 -6.88 0.08
CA CYS A 30 -1.61 -6.94 1.26
C CYS A 30 -0.50 -7.97 1.05
N GLU A 31 0.73 -7.49 1.18
CA GLU A 31 1.90 -8.36 1.25
C GLU A 31 2.29 -8.61 2.71
N LYS A 32 1.28 -8.55 3.57
CA LYS A 32 1.46 -8.83 4.99
C LYS A 32 0.59 -10.03 5.40
N CYS A 33 -0.68 -9.93 5.03
CA CYS A 33 -1.63 -10.98 5.38
C CYS A 33 -2.10 -11.74 4.16
N GLY A 34 -1.93 -11.11 3.00
CA GLY A 34 -2.31 -11.72 1.73
C GLY A 34 -3.83 -11.60 1.53
N LYS A 35 -4.37 -10.45 1.90
CA LYS A 35 -5.73 -10.09 1.54
C LYS A 35 -5.73 -9.19 0.30
N THR A 36 -6.49 -9.60 -0.70
CA THR A 36 -6.80 -8.74 -1.83
C THR A 36 -7.55 -7.49 -1.37
N LEU A 37 -7.15 -6.35 -1.92
CA LEU A 37 -7.52 -5.05 -1.36
C LEU A 37 -8.70 -4.45 -2.12
N THR A 38 -9.36 -3.50 -1.48
CA THR A 38 -10.66 -3.02 -1.92
C THR A 38 -10.51 -1.75 -2.74
N SER A 39 -11.64 -1.04 -2.89
CA SER A 39 -11.67 0.17 -3.68
C SER A 39 -11.46 1.39 -2.79
N GLY A 40 -10.88 1.15 -1.62
CA GLY A 40 -10.37 2.22 -0.77
C GLY A 40 -10.42 1.79 0.70
N GLY A 41 -9.79 0.65 0.98
CA GLY A 41 -9.57 0.22 2.35
C GLY A 41 -8.14 -0.29 2.55
N HIS A 42 -7.31 0.00 1.56
CA HIS A 42 -5.89 -0.32 1.64
C HIS A 42 -5.05 0.95 1.87
N ALA A 43 -3.75 0.80 1.72
CA ALA A 43 -2.84 1.93 1.60
C ALA A 43 -1.63 1.55 0.76
N GLU A 44 -0.64 2.44 0.74
CA GLU A 44 0.66 2.14 0.16
C GLU A 44 1.77 2.55 1.13
N HIS A 45 2.81 1.71 1.17
CA HIS A 45 4.01 1.99 1.94
C HIS A 45 5.25 1.57 1.17
N GLU A 46 5.90 2.56 0.57
CA GLU A 46 6.98 2.32 -0.38
C GLU A 46 6.47 1.49 -1.56
N GLY A 47 5.32 1.89 -2.08
CA GLY A 47 4.78 1.33 -3.30
C GLY A 47 4.47 -0.16 -3.12
N LYS A 48 4.36 -0.56 -1.85
CA LYS A 48 3.84 -1.87 -1.51
C LYS A 48 2.47 -1.74 -0.81
N PRO A 49 1.41 -1.94 -1.62
CA PRO A 49 0.01 -1.91 -1.11
C PRO A 49 -0.23 -2.86 0.05
N TYR A 50 -1.03 -2.40 1.01
CA TYR A 50 -1.35 -3.19 2.19
C TYR A 50 -2.74 -2.81 2.72
N CYS A 51 -3.09 -3.50 3.82
CA CYS A 51 -4.20 -3.10 4.66
C CYS A 51 -4.00 -1.65 5.16
N ASN A 52 -5.06 -0.86 5.00
CA ASN A 52 -5.22 0.38 5.74
C ASN A 52 -5.25 0.10 7.25
N HIS A 53 -5.82 -1.06 7.60
CA HIS A 53 -5.65 -1.66 8.90
C HIS A 53 -5.90 -3.19 8.80
N PRO A 54 -5.46 -3.89 9.86
CA PRO A 54 -4.54 -3.31 10.88
C PRO A 54 -3.11 -3.13 10.39
N CYS A 55 -2.79 -3.81 9.29
CA CYS A 55 -1.41 -4.16 8.97
C CYS A 55 -0.54 -2.92 8.84
N TYR A 56 -1.08 -1.92 8.16
CA TYR A 56 -0.40 -0.64 8.00
C TYR A 56 -0.17 0.01 9.36
N SER A 57 -1.25 0.18 10.10
CA SER A 57 -1.26 1.05 11.27
C SER A 57 -0.66 0.34 12.47
N ALA A 58 -0.58 -0.99 12.36
CA ALA A 58 -0.07 -1.81 13.44
C ALA A 58 1.47 -1.88 13.38
N MET A 59 1.97 -1.99 12.16
CA MET A 59 3.40 -2.09 11.94
C MET A 59 4.06 -0.72 12.05
N PHE A 60 3.46 0.25 11.35
CA PHE A 60 4.09 1.55 11.16
C PHE A 60 3.55 2.56 12.18
N GLY A 61 4.19 2.58 13.34
CA GLY A 61 3.72 3.37 14.47
C GLY A 61 4.64 3.16 15.68
N PRO A 62 5.82 3.81 15.63
CA PRO A 62 6.92 3.56 16.59
C PRO A 62 6.55 3.88 18.04
N LYS A 63 6.73 5.15 18.40
CA LYS A 63 6.69 5.57 19.80
C LYS A 63 5.25 5.75 20.26
N GLY A 64 4.89 4.97 21.28
CA GLY A 64 3.65 5.19 22.01
C GLY A 64 2.45 5.05 21.07
N PHE A 65 1.27 5.37 21.60
CA PHE A 65 0.07 5.50 20.78
C PHE A 65 -1.15 5.71 21.67
N GLY A 66 -1.46 4.69 22.45
CA GLY A 66 -2.66 4.70 23.28
C GLY A 66 -3.83 4.03 22.56
N ARG A 67 -4.64 4.85 21.91
CA ARG A 67 -5.90 4.40 21.34
C ARG A 67 -5.69 3.86 19.93
N GLY A 68 -5.95 2.57 19.76
CA GLY A 68 -5.59 1.85 18.54
C GLY A 68 -5.28 0.40 18.85
N GLY A 69 -6.27 -0.28 19.43
CA GLY A 69 -6.14 -1.70 19.74
C GLY A 69 -7.51 -2.37 19.75
N ALA A 70 -7.76 -3.13 20.82
CA ALA A 70 -9.02 -3.86 20.96
C ALA A 70 -9.16 -4.88 19.83
N GLU A 71 -9.54 -6.09 20.20
CA GLU A 71 -9.50 -7.22 19.29
C GLU A 71 -10.80 -8.02 19.38
N SER A 72 -10.94 -8.76 20.47
CA SER A 72 -12.00 -9.75 20.60
C SER A 72 -12.98 -9.33 21.69
N HIS A 73 -13.79 -10.29 22.12
CA HIS A 73 -14.77 -10.06 23.17
C HIS A 73 -15.91 -9.17 22.66
N THR A 74 -16.11 -9.22 21.35
CA THR A 74 -17.30 -8.60 20.74
C THR A 74 -18.18 -9.68 20.12
N PHE A 75 -18.79 -10.48 21.01
CA PHE A 75 -19.71 -11.53 20.57
C PHE A 75 -18.96 -12.61 19.80
N LYS A 76 -19.70 -13.65 19.43
CA LYS A 76 -19.18 -14.66 18.50
C LYS A 76 -17.97 -15.35 19.10
ZN ZN B . 1.37 -4.34 -10.94
ZN ZN C . -3.11 -7.14 5.78
N PRO A 1 -1.52 5.48 -14.28
CA PRO A 1 -1.29 4.62 -15.45
C PRO A 1 0.04 3.87 -15.41
N LYS A 2 0.70 3.95 -14.27
CA LYS A 2 1.88 3.14 -14.00
C LYS A 2 1.85 2.61 -12.57
N CYS A 3 2.27 1.36 -12.42
CA CYS A 3 1.98 0.61 -11.19
C CYS A 3 3.06 0.91 -10.14
N PRO A 4 2.64 1.54 -9.03
CA PRO A 4 3.50 1.72 -7.84
C PRO A 4 3.97 0.41 -7.22
N LYS A 5 3.28 -0.67 -7.60
CA LYS A 5 3.47 -1.97 -6.98
C LYS A 5 4.64 -2.71 -7.64
N CYS A 6 4.42 -3.11 -8.89
CA CYS A 6 5.35 -4.00 -9.58
C CYS A 6 6.35 -3.21 -10.39
N ASP A 7 5.98 -1.97 -10.71
CA ASP A 7 6.74 -1.13 -11.63
C ASP A 7 6.58 -1.64 -13.06
N LYS A 8 5.32 -1.81 -13.48
CA LYS A 8 4.97 -1.87 -14.90
C LYS A 8 4.22 -0.60 -15.29
N GLU A 9 3.64 -0.63 -16.48
CA GLU A 9 2.57 0.31 -16.84
C GLU A 9 1.22 -0.44 -16.85
N VAL A 10 0.16 0.32 -16.58
CA VAL A 10 -1.12 -0.30 -16.24
C VAL A 10 -2.13 -0.05 -17.35
N TYR A 11 -2.49 -1.14 -18.03
CA TYR A 11 -3.48 -1.08 -19.09
C TYR A 11 -4.88 -0.96 -18.50
N PHE A 12 -5.82 -0.44 -19.30
CA PHE A 12 -7.01 0.19 -18.75
C PHE A 12 -7.81 -0.80 -17.91
N ALA A 13 -8.27 -1.87 -18.59
CA ALA A 13 -9.19 -2.80 -17.93
C ALA A 13 -8.47 -3.63 -16.85
N GLU A 14 -7.15 -3.54 -16.84
CA GLU A 14 -6.36 -4.12 -15.77
C GLU A 14 -5.89 -3.01 -14.81
N ARG A 15 -6.82 -2.10 -14.51
CA ARG A 15 -6.50 -0.96 -13.66
C ARG A 15 -7.20 -1.10 -12.30
N VAL A 16 -6.55 -0.55 -11.28
CA VAL A 16 -7.25 -0.11 -10.07
C VAL A 16 -6.64 1.19 -9.57
N THR A 17 -7.48 2.02 -8.95
CA THR A 17 -7.11 3.40 -8.62
C THR A 17 -7.01 3.58 -7.11
N SER A 18 -5.97 4.29 -6.70
CA SER A 18 -5.67 4.48 -5.29
C SER A 18 -4.49 5.43 -5.11
N LEU A 19 -4.69 6.44 -4.28
CA LEU A 19 -3.74 7.54 -4.15
C LEU A 19 -3.56 8.25 -5.49
N GLY A 20 -4.65 8.33 -6.24
CA GLY A 20 -4.70 9.17 -7.44
C GLY A 20 -3.65 8.72 -8.45
N LYS A 21 -3.16 7.50 -8.28
CA LYS A 21 -2.42 6.82 -9.32
C LYS A 21 -2.85 5.35 -9.41
N ASP A 22 -2.70 4.77 -10.58
CA ASP A 22 -3.35 3.52 -10.92
C ASP A 22 -2.47 2.33 -10.52
N TRP A 23 -3.02 1.14 -10.73
CA TRP A 23 -2.33 -0.09 -10.36
C TRP A 23 -2.78 -1.21 -11.29
N HIS A 24 -2.31 -2.42 -10.95
CA HIS A 24 -2.80 -3.64 -11.59
C HIS A 24 -3.78 -4.37 -10.67
N ARG A 25 -4.76 -5.01 -11.28
CA ARG A 25 -5.91 -5.55 -10.57
C ARG A 25 -5.42 -6.61 -9.55
N PRO A 26 -4.60 -7.55 -10.06
CA PRO A 26 -3.98 -8.61 -9.22
C PRO A 26 -3.06 -8.06 -8.14
N CYS A 27 -2.37 -6.97 -8.47
CA CYS A 27 -1.24 -6.49 -7.67
C CYS A 27 -1.72 -6.07 -6.29
N LEU A 28 -2.74 -5.21 -6.28
CA LEU A 28 -3.11 -4.46 -5.09
C LEU A 28 -3.51 -5.41 -3.97
N LYS A 29 -2.54 -5.74 -3.12
CA LYS A 29 -2.64 -6.85 -2.20
C LYS A 29 -1.86 -6.58 -0.92
N CYS A 30 -2.46 -6.96 0.20
CA CYS A 30 -1.74 -7.03 1.47
C CYS A 30 -0.67 -8.12 1.41
N GLU A 31 0.57 -7.70 1.62
CA GLU A 31 1.67 -8.63 1.87
C GLU A 31 1.93 -8.73 3.37
N LYS A 32 0.83 -8.74 4.13
CA LYS A 32 0.90 -8.85 5.57
C LYS A 32 -0.08 -9.91 6.07
N CYS A 33 -1.26 -9.94 5.44
CA CYS A 33 -2.25 -10.97 5.71
C CYS A 33 -2.57 -11.76 4.45
N GLY A 34 -2.29 -11.13 3.31
CA GLY A 34 -2.58 -11.75 2.02
C GLY A 34 -4.05 -11.61 1.66
N LYS A 35 -4.60 -10.43 1.94
CA LYS A 35 -5.91 -10.05 1.43
C LYS A 35 -5.76 -9.24 0.15
N THR A 36 -6.38 -9.73 -0.92
CA THR A 36 -6.51 -8.99 -2.15
C THR A 36 -7.30 -7.69 -1.92
N LEU A 37 -6.80 -6.60 -2.49
CA LEU A 37 -7.26 -5.27 -2.13
C LEU A 37 -8.21 -4.74 -3.20
N THR A 38 -9.50 -4.88 -2.93
CA THR A 38 -10.54 -4.11 -3.62
C THR A 38 -10.32 -2.62 -3.41
N SER A 39 -11.39 -1.86 -3.65
CA SER A 39 -11.44 -0.45 -3.31
C SER A 39 -11.19 -0.24 -1.81
N GLY A 40 -12.16 -0.68 -1.00
CA GLY A 40 -11.90 -1.08 0.38
C GLY A 40 -11.29 0.07 1.17
N GLY A 41 -10.68 -0.30 2.30
CA GLY A 41 -9.78 0.60 3.02
C GLY A 41 -8.38 -0.02 3.11
N HIS A 42 -7.72 -0.08 1.96
CA HIS A 42 -6.32 -0.42 1.90
C HIS A 42 -5.44 0.82 1.96
N ALA A 43 -4.15 0.62 1.72
CA ALA A 43 -3.22 1.73 1.59
C ALA A 43 -1.91 1.23 0.96
N GLU A 44 -0.90 2.10 1.00
CA GLU A 44 0.33 1.87 0.24
C GLU A 44 1.50 2.56 0.93
N HIS A 45 2.63 1.86 0.93
CA HIS A 45 3.85 2.37 1.55
C HIS A 45 5.06 2.09 0.66
N GLU A 46 5.54 3.15 0.02
CA GLU A 46 6.68 3.06 -0.88
C GLU A 46 6.40 2.08 -2.02
N GLY A 47 5.13 2.03 -2.42
CA GLY A 47 4.75 1.38 -3.67
C GLY A 47 3.95 0.12 -3.40
N LYS A 48 4.21 -0.48 -2.24
CA LYS A 48 3.69 -1.79 -1.90
C LYS A 48 2.47 -1.65 -0.98
N PRO A 49 1.28 -1.82 -1.58
CA PRO A 49 -0.01 -1.71 -0.85
C PRO A 49 -0.19 -2.75 0.25
N TYR A 50 -0.89 -2.36 1.30
CA TYR A 50 -1.42 -3.32 2.27
C TYR A 50 -2.83 -2.90 2.71
N CYS A 51 -3.27 -3.52 3.80
CA CYS A 51 -4.34 -3.00 4.63
C CYS A 51 -3.98 -1.58 5.13
N ASN A 52 -4.95 -0.69 5.05
CA ASN A 52 -4.94 0.55 5.80
C ASN A 52 -4.97 0.26 7.30
N HIS A 53 -5.66 -0.84 7.64
CA HIS A 53 -5.63 -1.40 8.96
C HIS A 53 -6.03 -2.90 8.90
N PRO A 54 -5.68 -3.62 10.00
CA PRO A 54 -4.71 -3.11 10.99
C PRO A 54 -3.26 -3.09 10.49
N CYS A 55 -3.04 -3.78 9.38
CA CYS A 55 -1.70 -4.28 9.04
C CYS A 55 -0.71 -3.13 8.89
N TYR A 56 -1.15 -2.08 8.18
CA TYR A 56 -0.36 -0.88 8.05
C TYR A 56 -0.12 -0.24 9.41
N SER A 57 -1.21 -0.01 10.14
CA SER A 57 -1.16 0.77 11.37
C SER A 57 -0.37 0.02 12.44
N ALA A 58 -0.39 -1.31 12.34
CA ALA A 58 0.12 -2.16 13.39
C ALA A 58 1.65 -2.25 13.31
N MET A 59 2.13 -2.48 12.09
CA MET A 59 3.53 -2.81 11.89
C MET A 59 4.37 -1.55 11.74
N PHE A 60 3.80 -0.58 11.02
CA PHE A 60 4.55 0.60 10.60
C PHE A 60 4.64 1.62 11.74
N GLY A 61 5.71 1.51 12.51
CA GLY A 61 6.05 2.52 13.50
C GLY A 61 5.66 2.03 14.91
N PRO A 62 6.60 1.29 15.55
CA PRO A 62 6.51 0.97 16.99
C PRO A 62 6.41 2.21 17.88
N LYS A 63 5.23 2.42 18.44
CA LYS A 63 4.86 3.71 19.02
C LYS A 63 5.64 3.96 20.30
N GLY A 64 6.88 4.41 20.15
CA GLY A 64 7.66 4.90 21.27
C GLY A 64 7.87 3.79 22.30
N PHE A 65 8.29 4.19 23.50
CA PHE A 65 8.27 3.31 24.66
C PHE A 65 8.56 4.10 25.93
N GLY A 66 7.51 4.77 26.43
CA GLY A 66 7.67 5.80 27.45
C GLY A 66 8.26 5.21 28.72
N ARG A 67 8.91 6.06 29.50
CA ARG A 67 9.31 5.72 30.86
C ARG A 67 8.25 6.18 31.86
N GLY A 68 7.69 7.35 31.60
CA GLY A 68 6.53 7.83 32.33
C GLY A 68 6.56 9.35 32.44
N GLY A 69 5.84 10.00 31.53
CA GLY A 69 5.60 11.43 31.62
C GLY A 69 4.15 11.75 31.25
N ALA A 70 3.34 12.00 32.27
CA ALA A 70 1.90 12.10 32.09
C ALA A 70 1.24 12.55 33.40
N GLU A 71 1.25 13.87 33.63
CA GLU A 71 0.88 14.43 34.92
C GLU A 71 0.46 15.88 34.76
N SER A 72 -0.81 16.06 34.41
CA SER A 72 -1.32 17.36 33.99
C SER A 72 -1.80 18.16 35.20
N HIS A 73 -1.85 19.47 35.04
CA HIS A 73 -2.49 20.35 36.01
C HIS A 73 -3.87 20.75 35.53
N THR A 74 -4.85 20.65 36.43
CA THR A 74 -6.25 20.81 36.08
C THR A 74 -6.92 21.85 36.96
N PHE A 75 -6.92 23.09 36.48
CA PHE A 75 -7.71 24.16 37.09
C PHE A 75 -8.79 24.65 36.14
N LYS A 76 -9.10 23.81 35.15
CA LYS A 76 -9.97 24.21 34.06
C LYS A 76 -11.16 23.25 33.95
ZN ZN B . 1.42 -4.13 -10.84
ZN ZN C . -3.67 -7.10 5.84
N PRO A 1 -1.66 5.99 -14.53
CA PRO A 1 -1.71 4.55 -14.93
C PRO A 1 -0.34 3.88 -14.92
N LYS A 2 0.38 4.06 -13.82
CA LYS A 2 1.61 3.33 -13.55
C LYS A 2 1.57 2.71 -12.17
N CYS A 3 2.06 1.47 -12.07
CA CYS A 3 1.81 0.65 -10.89
C CYS A 3 2.86 0.96 -9.82
N PRO A 4 2.41 1.49 -8.68
CA PRO A 4 3.25 1.64 -7.46
C PRO A 4 3.77 0.30 -6.93
N LYS A 5 3.06 -0.76 -7.28
CA LYS A 5 3.35 -2.09 -6.75
C LYS A 5 4.59 -2.67 -7.44
N CYS A 6 4.42 -3.02 -8.71
CA CYS A 6 5.41 -3.83 -9.42
C CYS A 6 6.39 -2.94 -10.18
N ASP A 7 5.94 -1.72 -10.47
CA ASP A 7 6.66 -0.82 -11.35
C ASP A 7 6.55 -1.27 -12.79
N LYS A 8 5.30 -1.40 -13.27
CA LYS A 8 5.01 -1.41 -14.71
C LYS A 8 4.15 -0.21 -15.07
N GLU A 9 3.63 -0.23 -16.28
CA GLU A 9 2.49 0.62 -16.64
C GLU A 9 1.22 -0.23 -16.71
N VAL A 10 0.08 0.43 -16.49
CA VAL A 10 -1.14 -0.30 -16.16
C VAL A 10 -2.15 -0.13 -17.30
N TYR A 11 -2.44 -1.25 -17.96
CA TYR A 11 -3.45 -1.26 -19.02
C TYR A 11 -4.85 -1.14 -18.43
N PHE A 12 -5.78 -0.66 -19.24
CA PHE A 12 -7.02 -0.09 -18.72
C PHE A 12 -7.79 -1.12 -17.90
N ALA A 13 -8.20 -2.18 -18.60
CA ALA A 13 -9.07 -3.18 -17.97
C ALA A 13 -8.33 -3.98 -16.91
N GLU A 14 -7.06 -3.68 -16.75
CA GLU A 14 -6.23 -4.33 -15.75
C GLU A 14 -6.02 -3.41 -14.55
N ARG A 15 -6.85 -2.37 -14.47
CA ARG A 15 -6.53 -1.21 -13.64
C ARG A 15 -7.24 -1.32 -12.29
N VAL A 16 -6.63 -0.72 -11.27
CA VAL A 16 -7.36 -0.25 -10.09
C VAL A 16 -6.75 1.05 -9.57
N THR A 17 -7.60 1.87 -8.97
CA THR A 17 -7.23 3.24 -8.63
C THR A 17 -7.17 3.44 -7.13
N SER A 18 -6.11 4.11 -6.69
CA SER A 18 -5.87 4.36 -5.28
C SER A 18 -4.61 5.20 -5.09
N LEU A 19 -4.70 6.13 -4.14
CA LEU A 19 -3.61 7.05 -3.85
C LEU A 19 -3.26 7.87 -5.08
N GLY A 20 -4.27 8.12 -5.91
CA GLY A 20 -4.18 9.13 -6.96
C GLY A 20 -3.28 8.64 -8.10
N LYS A 21 -3.08 7.32 -8.14
CA LYS A 21 -2.50 6.66 -9.31
C LYS A 21 -2.99 5.22 -9.39
N ASP A 22 -2.79 4.61 -10.55
CA ASP A 22 -3.44 3.35 -10.88
C ASP A 22 -2.56 2.17 -10.47
N TRP A 23 -3.12 0.97 -10.66
CA TRP A 23 -2.44 -0.25 -10.28
C TRP A 23 -2.80 -1.38 -11.26
N HIS A 24 -2.27 -2.56 -10.95
CA HIS A 24 -2.70 -3.78 -11.60
C HIS A 24 -3.67 -4.56 -10.71
N ARG A 25 -4.66 -5.18 -11.35
CA ARG A 25 -5.80 -5.74 -10.65
C ARG A 25 -5.32 -6.84 -9.67
N PRO A 26 -4.42 -7.70 -10.18
CA PRO A 26 -3.76 -8.75 -9.37
C PRO A 26 -2.89 -8.19 -8.24
N CYS A 27 -2.27 -7.04 -8.52
CA CYS A 27 -1.19 -6.53 -7.68
C CYS A 27 -1.73 -6.13 -6.31
N LEU A 28 -2.72 -5.25 -6.33
CA LEU A 28 -3.12 -4.50 -5.14
C LEU A 28 -3.59 -5.48 -4.05
N LYS A 29 -2.64 -5.89 -3.23
CA LYS A 29 -2.88 -6.89 -2.21
C LYS A 29 -2.01 -6.63 -0.97
N CYS A 30 -2.56 -6.96 0.18
CA CYS A 30 -1.80 -6.98 1.43
C CYS A 30 -0.65 -7.99 1.33
N GLU A 31 0.55 -7.47 1.58
CA GLU A 31 1.74 -8.31 1.77
C GLU A 31 1.97 -8.55 3.26
N LYS A 32 0.93 -8.36 4.05
CA LYS A 32 0.90 -8.82 5.43
C LYS A 32 0.01 -10.05 5.55
N CYS A 33 -1.26 -9.87 5.21
CA CYS A 33 -2.27 -10.89 5.53
C CYS A 33 -2.67 -11.67 4.29
N GLY A 34 -2.43 -11.04 3.13
CA GLY A 34 -2.75 -11.67 1.85
C GLY A 34 -4.24 -11.56 1.56
N LYS A 35 -4.81 -10.41 1.90
CA LYS A 35 -6.14 -10.05 1.42
C LYS A 35 -6.04 -9.18 0.18
N THR A 36 -6.65 -9.66 -0.90
CA THR A 36 -6.78 -8.88 -2.13
C THR A 36 -7.58 -7.61 -1.86
N LEU A 37 -7.05 -6.49 -2.34
CA LEU A 37 -7.55 -5.17 -1.98
C LEU A 37 -8.52 -4.67 -3.06
N THR A 38 -9.73 -4.36 -2.61
CA THR A 38 -10.69 -3.63 -3.43
C THR A 38 -10.14 -2.26 -3.83
N SER A 39 -11.06 -1.39 -4.26
CA SER A 39 -10.70 -0.03 -4.63
C SER A 39 -10.93 0.92 -3.45
N GLY A 40 -10.73 0.40 -2.25
CA GLY A 40 -11.10 1.12 -1.04
C GLY A 40 -10.51 0.44 0.19
N GLY A 41 -10.11 1.28 1.17
CA GLY A 41 -9.86 0.76 2.51
C GLY A 41 -8.53 0.03 2.59
N HIS A 42 -7.72 0.23 1.55
CA HIS A 42 -6.34 -0.20 1.55
C HIS A 42 -5.40 0.99 1.72
N ALA A 43 -4.11 0.74 1.49
CA ALA A 43 -3.07 1.72 1.76
C ALA A 43 -1.82 1.39 0.93
N GLU A 44 -0.79 2.19 1.13
CA GLU A 44 0.36 2.21 0.22
C GLU A 44 1.50 3.01 0.85
N HIS A 45 2.65 2.33 0.93
CA HIS A 45 3.84 2.95 1.53
C HIS A 45 5.10 2.29 0.98
N GLU A 46 5.95 3.09 0.36
CA GLU A 46 7.16 2.60 -0.28
C GLU A 46 6.83 1.58 -1.36
N GLY A 47 5.74 1.85 -2.09
CA GLY A 47 5.41 1.08 -3.28
C GLY A 47 4.47 -0.07 -2.92
N LYS A 48 4.49 -0.45 -1.65
CA LYS A 48 3.87 -1.68 -1.19
C LYS A 48 2.47 -1.37 -0.60
N PRO A 49 1.44 -1.67 -1.40
CA PRO A 49 0.03 -1.67 -0.90
C PRO A 49 -0.19 -2.67 0.24
N TYR A 50 -1.11 -2.30 1.14
CA TYR A 50 -1.59 -3.22 2.16
C TYR A 50 -3.00 -2.80 2.61
N CYS A 51 -3.40 -3.41 3.73
CA CYS A 51 -4.52 -2.94 4.54
C CYS A 51 -4.26 -1.48 4.99
N ASN A 52 -5.31 -0.67 4.86
CA ASN A 52 -5.38 0.60 5.56
C ASN A 52 -5.35 0.37 7.08
N HIS A 53 -5.88 -0.78 7.48
CA HIS A 53 -5.70 -1.29 8.83
C HIS A 53 -6.05 -2.81 8.85
N PRO A 54 -5.61 -3.46 9.95
CA PRO A 54 -4.61 -2.88 10.87
C PRO A 54 -3.19 -2.82 10.30
N CYS A 55 -2.99 -3.56 9.20
CA CYS A 55 -1.67 -4.02 8.81
C CYS A 55 -0.73 -2.84 8.58
N TYR A 56 -1.26 -1.81 7.92
CA TYR A 56 -0.51 -0.59 7.69
C TYR A 56 -0.14 0.06 9.02
N SER A 57 -1.08 0.00 9.96
CA SER A 57 -0.88 0.59 11.28
C SER A 57 0.02 -0.30 12.12
N ALA A 58 0.15 -1.56 11.69
CA ALA A 58 0.77 -2.59 12.50
C ALA A 58 2.22 -2.81 12.08
N MET A 59 2.42 -2.84 10.77
CA MET A 59 3.76 -2.84 10.19
C MET A 59 4.52 -1.58 10.59
N PHE A 60 3.83 -0.45 10.48
CA PHE A 60 4.42 0.85 10.76
C PHE A 60 4.72 0.99 12.25
N GLY A 61 5.89 0.48 12.64
CA GLY A 61 6.24 0.36 14.04
C GLY A 61 7.37 -0.68 14.20
N PRO A 62 8.51 -0.40 13.52
CA PRO A 62 9.62 -1.38 13.38
C PRO A 62 10.19 -1.85 14.72
N LYS A 63 10.99 -0.97 15.32
CA LYS A 63 11.82 -1.35 16.46
C LYS A 63 12.86 -2.39 16.03
N GLY A 64 13.97 -1.89 15.51
CA GLY A 64 14.95 -2.73 14.83
C GLY A 64 15.52 -3.78 15.79
N PHE A 65 14.98 -5.00 15.67
CA PHE A 65 15.56 -6.16 16.34
C PHE A 65 15.55 -5.95 17.85
N GLY A 66 16.24 -6.85 18.55
CA GLY A 66 16.51 -6.69 19.97
C GLY A 66 16.85 -8.03 20.61
N ARG A 67 16.86 -8.03 21.94
CA ARG A 67 16.96 -9.28 22.70
C ARG A 67 15.86 -9.34 23.76
N GLY A 68 14.99 -10.33 23.62
CA GLY A 68 14.02 -10.65 24.65
C GLY A 68 13.04 -11.72 24.16
N GLY A 69 12.90 -11.78 22.84
CA GLY A 69 12.18 -12.86 22.19
C GLY A 69 11.42 -12.36 20.97
N ALA A 70 10.26 -11.77 21.22
CA ALA A 70 9.52 -11.03 20.19
C ALA A 70 9.14 -11.97 19.04
N GLU A 71 8.55 -11.39 18.02
CA GLU A 71 7.90 -12.15 16.96
C GLU A 71 6.78 -13.03 17.54
N SER A 72 7.16 -14.21 17.99
CA SER A 72 6.21 -15.25 18.34
C SER A 72 6.91 -16.41 19.03
N HIS A 73 7.92 -16.94 18.35
CA HIS A 73 8.83 -17.91 18.95
C HIS A 73 8.08 -19.20 19.28
N THR A 74 8.86 -20.24 19.55
CA THR A 74 8.31 -21.52 19.99
C THR A 74 7.37 -22.09 18.93
N PHE A 75 7.63 -21.74 17.67
CA PHE A 75 6.96 -22.35 16.54
C PHE A 75 7.97 -23.05 15.62
N LYS A 76 7.51 -24.11 14.98
CA LYS A 76 8.26 -24.75 13.91
C LYS A 76 7.53 -24.62 12.58
ZN ZN B . 1.51 -4.12 -10.76
ZN ZN C . -3.70 -7.00 5.80
N PRO A 1 -0.16 6.59 -16.00
CA PRO A 1 -0.43 5.47 -15.06
C PRO A 1 0.54 4.30 -15.23
N LYS A 2 1.42 4.15 -14.24
CA LYS A 2 2.27 2.98 -14.14
C LYS A 2 2.29 2.45 -12.70
N CYS A 3 2.61 1.17 -12.57
CA CYS A 3 2.30 0.43 -11.34
C CYS A 3 3.37 0.74 -10.27
N PRO A 4 2.94 1.32 -9.15
CA PRO A 4 3.76 1.44 -7.92
C PRO A 4 4.19 0.09 -7.35
N LYS A 5 3.46 -0.95 -7.75
CA LYS A 5 3.73 -2.30 -7.29
C LYS A 5 4.85 -2.93 -8.11
N CYS A 6 4.51 -3.36 -9.32
CA CYS A 6 5.36 -4.27 -10.08
C CYS A 6 6.31 -3.50 -10.98
N ASP A 7 5.97 -2.23 -11.23
CA ASP A 7 6.69 -1.40 -12.18
C ASP A 7 6.41 -1.86 -13.62
N LYS A 8 5.12 -1.91 -13.96
CA LYS A 8 4.70 -1.90 -15.35
C LYS A 8 3.91 -0.63 -15.65
N GLU A 9 3.26 -0.62 -16.81
CA GLU A 9 2.18 0.33 -17.07
C GLU A 9 0.84 -0.40 -17.00
N VAL A 10 -0.20 0.36 -16.66
CA VAL A 10 -1.45 -0.26 -16.20
C VAL A 10 -2.55 0.00 -17.22
N TYR A 11 -3.00 -1.09 -17.85
CA TYR A 11 -4.08 -1.02 -18.82
C TYR A 11 -5.42 -0.80 -18.12
N PHE A 12 -6.38 -0.25 -18.85
CA PHE A 12 -7.52 0.40 -18.22
C PHE A 12 -8.30 -0.57 -17.35
N ALA A 13 -8.84 -1.61 -18.00
CA ALA A 13 -9.72 -2.54 -17.30
C ALA A 13 -8.95 -3.41 -16.31
N GLU A 14 -7.65 -3.19 -16.25
CA GLU A 14 -6.78 -3.90 -15.32
C GLU A 14 -6.41 -3.00 -14.14
N ARG A 15 -7.14 -1.91 -14.01
CA ARG A 15 -6.67 -0.78 -13.21
C ARG A 15 -7.26 -0.84 -11.79
N VAL A 16 -6.53 -0.27 -10.85
CA VAL A 16 -7.12 0.22 -9.59
C VAL A 16 -6.39 1.47 -9.14
N THR A 17 -7.14 2.36 -8.49
CA THR A 17 -6.67 3.72 -8.21
C THR A 17 -6.54 3.93 -6.71
N SER A 18 -5.44 4.57 -6.32
CA SER A 18 -5.08 4.71 -4.92
C SER A 18 -3.80 5.54 -4.78
N LEU A 19 -3.86 6.54 -3.91
CA LEU A 19 -2.81 7.53 -3.78
C LEU A 19 -2.62 8.27 -5.10
N GLY A 20 -3.70 8.37 -5.87
CA GLY A 20 -3.76 9.25 -7.02
C GLY A 20 -2.82 8.76 -8.12
N LYS A 21 -2.43 7.49 -8.02
CA LYS A 21 -1.82 6.78 -9.14
C LYS A 21 -2.37 5.36 -9.20
N ASP A 22 -2.33 4.78 -10.41
CA ASP A 22 -3.07 3.57 -10.70
C ASP A 22 -2.24 2.33 -10.37
N TRP A 23 -2.88 1.17 -10.55
CA TRP A 23 -2.24 -0.10 -10.23
C TRP A 23 -2.79 -1.19 -11.15
N HIS A 24 -2.31 -2.41 -10.89
CA HIS A 24 -2.88 -3.60 -11.51
C HIS A 24 -3.82 -4.31 -10.53
N ARG A 25 -4.91 -4.85 -11.07
CA ARG A 25 -6.00 -5.37 -10.26
C ARG A 25 -5.49 -6.52 -9.38
N PRO A 26 -4.73 -7.43 -10.02
CA PRO A 26 -4.05 -8.55 -9.31
C PRO A 26 -3.06 -8.09 -8.25
N CYS A 27 -2.37 -6.99 -8.55
CA CYS A 27 -1.22 -6.56 -7.78
C CYS A 27 -1.64 -6.16 -6.37
N LEU A 28 -2.70 -5.35 -6.30
CA LEU A 28 -3.07 -4.65 -5.08
C LEU A 28 -3.41 -5.65 -3.98
N LYS A 29 -2.40 -5.97 -3.18
CA LYS A 29 -2.50 -7.04 -2.21
C LYS A 29 -1.63 -6.75 -0.98
N CYS A 30 -2.15 -7.13 0.18
CA CYS A 30 -1.40 -7.03 1.42
C CYS A 30 -0.14 -7.89 1.35
N GLU A 31 0.99 -7.24 1.60
CA GLU A 31 2.27 -7.92 1.76
C GLU A 31 2.55 -8.17 3.25
N LYS A 32 1.48 -8.20 4.03
CA LYS A 32 1.52 -8.66 5.41
C LYS A 32 0.75 -9.97 5.57
N CYS A 33 -0.54 -9.90 5.25
CA CYS A 33 -1.44 -11.00 5.57
C CYS A 33 -1.77 -11.83 4.34
N GLY A 34 -1.48 -11.24 3.17
CA GLY A 34 -1.90 -11.82 1.90
C GLY A 34 -3.43 -11.78 1.77
N LYS A 35 -4.00 -10.61 2.05
CA LYS A 35 -5.38 -10.35 1.72
C LYS A 35 -5.48 -9.44 0.50
N THR A 36 -6.05 -9.99 -0.56
CA THR A 36 -6.21 -9.26 -1.82
C THR A 36 -7.10 -8.03 -1.60
N LEU A 37 -6.66 -6.91 -2.15
CA LEU A 37 -7.23 -5.62 -1.84
C LEU A 37 -8.25 -5.22 -2.91
N THR A 38 -9.46 -4.91 -2.45
CA THR A 38 -10.54 -4.51 -3.33
C THR A 38 -10.29 -3.12 -3.90
N SER A 39 -11.37 -2.53 -4.41
CA SER A 39 -11.29 -1.20 -5.02
C SER A 39 -10.81 -0.17 -4.02
N GLY A 40 -10.87 -0.54 -2.74
CA GLY A 40 -10.68 0.42 -1.66
C GLY A 40 -10.29 -0.31 -0.37
N GLY A 41 -10.10 0.50 0.68
CA GLY A 41 -9.91 -0.08 2.02
C GLY A 41 -8.52 -0.66 2.18
N HIS A 42 -7.64 -0.27 1.24
CA HIS A 42 -6.24 -0.62 1.33
C HIS A 42 -5.39 0.61 1.65
N ALA A 43 -4.08 0.45 1.51
CA ALA A 43 -3.15 1.57 1.58
C ALA A 43 -1.83 1.21 0.89
N GLU A 44 -0.83 2.06 1.08
CA GLU A 44 0.40 1.99 0.31
C GLU A 44 1.57 2.52 1.13
N HIS A 45 2.64 1.72 1.14
CA HIS A 45 3.88 2.11 1.81
C HIS A 45 5.08 1.82 0.92
N GLU A 46 5.58 2.87 0.27
CA GLU A 46 6.72 2.75 -0.62
C GLU A 46 6.43 1.77 -1.75
N GLY A 47 5.23 1.89 -2.31
CA GLY A 47 4.87 1.18 -3.53
C GLY A 47 4.13 -0.12 -3.19
N LYS A 48 4.34 -0.59 -1.97
CA LYS A 48 3.85 -1.89 -1.55
C LYS A 48 2.54 -1.73 -0.77
N PRO A 49 1.42 -2.01 -1.48
CA PRO A 49 0.06 -1.89 -0.91
C PRO A 49 -0.20 -2.83 0.26
N TYR A 50 -1.26 -2.55 1.00
CA TYR A 50 -1.55 -3.24 2.26
C TYR A 50 -3.02 -3.04 2.64
N CYS A 51 -3.38 -3.70 3.74
CA CYS A 51 -4.55 -3.36 4.52
C CYS A 51 -4.46 -1.89 4.99
N ASN A 52 -5.54 -1.16 4.71
CA ASN A 52 -5.81 0.11 5.38
C ASN A 52 -5.96 -0.12 6.89
N HIS A 53 -6.50 -1.28 7.22
CA HIS A 53 -6.41 -1.84 8.56
C HIS A 53 -6.54 -3.39 8.49
N PRO A 54 -6.07 -4.02 9.59
CA PRO A 54 -5.28 -3.36 10.64
C PRO A 54 -3.83 -3.08 10.21
N CYS A 55 -3.38 -3.79 9.18
CA CYS A 55 -1.96 -4.08 8.98
C CYS A 55 -1.15 -2.79 8.89
N TYR A 56 -1.67 -1.86 8.09
CA TYR A 56 -0.96 -0.64 7.77
C TYR A 56 -0.64 0.17 9.02
N SER A 57 -1.72 0.58 9.70
CA SER A 57 -1.62 1.47 10.83
C SER A 57 -1.05 0.74 12.05
N ALA A 58 -1.00 -0.59 11.92
CA ALA A 58 -0.47 -1.44 12.97
C ALA A 58 1.06 -1.51 12.88
N MET A 59 1.49 -1.95 11.69
CA MET A 59 2.89 -2.29 11.45
C MET A 59 3.68 -1.03 11.10
N PHE A 60 3.05 -0.17 10.30
CA PHE A 60 3.45 1.24 10.22
C PHE A 60 2.72 2.04 11.30
N GLY A 61 2.78 3.37 11.17
CA GLY A 61 2.56 4.27 12.29
C GLY A 61 1.21 4.99 12.12
N PRO A 62 1.09 5.74 11.01
CA PRO A 62 0.07 6.82 10.86
C PRO A 62 -1.33 6.38 11.26
N LYS A 63 -2.05 5.80 10.31
CA LYS A 63 -3.46 5.50 10.47
C LYS A 63 -4.03 4.89 9.18
N GLY A 64 -5.30 4.51 9.25
CA GLY A 64 -6.06 4.16 8.06
C GLY A 64 -6.36 5.41 7.23
N PHE A 65 -5.30 6.07 6.78
CA PHE A 65 -5.40 7.40 6.21
C PHE A 65 -4.61 7.47 4.90
N GLY A 66 -3.29 7.50 5.03
CA GLY A 66 -2.39 7.38 3.90
C GLY A 66 -2.32 8.69 3.12
N ARG A 67 -1.66 9.67 3.73
CA ARG A 67 -1.41 10.95 3.08
C ARG A 67 -2.73 11.68 2.84
N GLY A 68 -2.64 12.73 2.02
CA GLY A 68 -3.82 13.51 1.64
C GLY A 68 -3.42 14.88 1.15
N GLY A 69 -2.36 15.42 1.75
CA GLY A 69 -1.93 16.79 1.47
C GLY A 69 -0.61 16.79 0.71
N ALA A 70 0.19 15.77 0.97
CA ALA A 70 1.57 15.75 0.50
C ALA A 70 1.63 15.22 -0.94
N GLU A 71 2.83 15.22 -1.49
CA GLU A 71 3.12 14.54 -2.74
C GLU A 71 2.22 15.06 -3.87
N SER A 72 2.59 16.24 -4.37
CA SER A 72 1.72 16.99 -5.28
C SER A 72 2.55 17.61 -6.39
N HIS A 73 3.46 18.50 -6.00
CA HIS A 73 4.18 19.35 -6.95
C HIS A 73 5.64 19.47 -6.54
N THR A 74 5.89 20.34 -5.57
CA THR A 74 7.23 20.55 -5.05
C THR A 74 7.18 20.86 -3.56
N PHE A 75 6.40 21.87 -3.21
CA PHE A 75 6.40 22.43 -1.86
C PHE A 75 4.99 22.79 -1.44
N LYS A 76 4.50 22.06 -0.43
CA LYS A 76 3.26 22.41 0.24
C LYS A 76 2.97 21.43 1.37
ZN ZN B . 1.36 -4.24 -11.04
ZN ZN C . -3.24 -7.27 5.82
N PRO A 1 -0.17 6.59 -16.43
CA PRO A 1 -0.94 5.58 -15.64
C PRO A 1 -0.17 4.29 -15.39
N LYS A 2 0.82 4.39 -14.51
CA LYS A 2 1.80 3.32 -14.33
C LYS A 2 1.88 2.91 -12.86
N CYS A 3 2.32 1.68 -12.64
CA CYS A 3 2.11 1.04 -11.33
C CYS A 3 3.23 1.45 -10.37
N PRO A 4 2.83 2.14 -9.28
CA PRO A 4 3.75 2.44 -8.15
C PRO A 4 4.30 1.18 -7.47
N LYS A 5 3.57 0.08 -7.68
CA LYS A 5 3.86 -1.18 -7.00
C LYS A 5 5.02 -1.88 -7.68
N CYS A 6 4.75 -2.43 -8.87
CA CYS A 6 5.69 -3.33 -9.52
C CYS A 6 6.61 -2.56 -10.45
N ASP A 7 6.16 -1.36 -10.84
CA ASP A 7 6.83 -0.57 -11.85
C ASP A 7 6.61 -1.17 -13.23
N LYS A 8 5.35 -1.41 -13.56
CA LYS A 8 4.90 -1.53 -14.95
C LYS A 8 4.09 -0.31 -15.35
N GLU A 9 3.45 -0.40 -16.51
CA GLU A 9 2.31 0.48 -16.82
C GLU A 9 1.02 -0.32 -16.76
N VAL A 10 -0.06 0.38 -16.45
CA VAL A 10 -1.32 -0.27 -16.06
C VAL A 10 -2.38 -0.03 -17.13
N TYR A 11 -2.93 -1.14 -17.62
CA TYR A 11 -4.07 -1.09 -18.52
C TYR A 11 -5.36 -1.41 -17.78
N PHE A 12 -6.49 -1.02 -18.36
CA PHE A 12 -7.72 -0.82 -17.60
C PHE A 12 -8.14 -2.10 -16.90
N ALA A 13 -8.00 -3.21 -17.62
CA ALA A 13 -8.70 -4.44 -17.19
C ALA A 13 -7.92 -5.16 -16.09
N GLU A 14 -6.79 -4.57 -15.72
CA GLU A 14 -6.08 -4.93 -14.50
C GLU A 14 -6.12 -3.79 -13.50
N ARG A 15 -6.92 -2.77 -13.79
CA ARG A 15 -6.72 -1.45 -13.20
C ARG A 15 -7.32 -1.41 -11.79
N VAL A 16 -6.62 -0.73 -10.89
CA VAL A 16 -7.22 -0.25 -9.65
C VAL A 16 -6.56 1.07 -9.23
N THR A 17 -7.40 2.08 -9.04
CA THR A 17 -6.92 3.45 -8.88
C THR A 17 -6.87 3.83 -7.41
N SER A 18 -5.83 4.58 -7.06
CA SER A 18 -5.49 4.84 -5.67
C SER A 18 -4.30 5.78 -5.57
N LEU A 19 -4.39 6.71 -4.62
CA LEU A 19 -3.35 7.70 -4.40
C LEU A 19 -3.13 8.54 -5.65
N GLY A 20 -4.22 8.75 -6.38
CA GLY A 20 -4.24 9.73 -7.46
C GLY A 20 -3.86 9.09 -8.79
N LYS A 21 -3.12 7.99 -8.68
CA LYS A 21 -2.73 7.23 -9.87
C LYS A 21 -3.32 5.82 -9.80
N ASP A 22 -2.93 5.00 -10.77
CA ASP A 22 -3.52 3.68 -10.93
C ASP A 22 -2.54 2.60 -10.47
N TRP A 23 -3.05 1.36 -10.52
CA TRP A 23 -2.24 0.21 -10.14
C TRP A 23 -2.68 -1.02 -10.95
N HIS A 24 -2.12 -2.17 -10.57
CA HIS A 24 -2.56 -3.45 -11.10
C HIS A 24 -3.46 -4.15 -10.09
N ARG A 25 -4.25 -5.10 -10.59
CA ARG A 25 -5.23 -5.80 -9.78
C ARG A 25 -4.51 -6.81 -8.86
N PRO A 26 -3.75 -7.72 -9.50
CA PRO A 26 -2.86 -8.67 -8.76
C PRO A 26 -1.98 -7.99 -7.73
N CYS A 27 -1.76 -6.70 -7.92
CA CYS A 27 -0.73 -5.97 -7.18
C CYS A 27 -1.31 -5.44 -5.86
N LEU A 28 -2.36 -4.65 -5.99
CA LEU A 28 -2.95 -3.96 -4.84
C LEU A 28 -3.49 -4.98 -3.84
N LYS A 29 -2.60 -5.47 -3.00
CA LYS A 29 -2.86 -6.66 -2.20
C LYS A 29 -1.98 -6.68 -0.96
N CYS A 30 -2.57 -7.10 0.15
CA CYS A 30 -1.85 -7.25 1.41
C CYS A 30 -0.76 -8.31 1.28
N GLU A 31 0.48 -7.90 1.56
CA GLU A 31 1.57 -8.84 1.81
C GLU A 31 1.75 -9.03 3.32
N LYS A 32 0.65 -8.84 4.05
CA LYS A 32 0.59 -9.18 5.46
C LYS A 32 -0.36 -10.36 5.67
N CYS A 33 -1.57 -10.23 5.12
CA CYS A 33 -2.60 -11.23 5.33
C CYS A 33 -2.95 -11.93 4.03
N GLY A 34 -2.64 -11.28 2.92
CA GLY A 34 -2.93 -11.81 1.60
C GLY A 34 -4.41 -11.62 1.27
N LYS A 35 -4.92 -10.43 1.59
CA LYS A 35 -6.23 -10.01 1.13
C LYS A 35 -6.10 -9.08 -0.07
N THR A 36 -6.73 -9.47 -1.17
CA THR A 36 -6.90 -8.59 -2.31
C THR A 36 -7.71 -7.35 -1.92
N LEU A 37 -7.26 -6.20 -2.40
CA LEU A 37 -7.67 -4.92 -1.85
C LEU A 37 -8.74 -4.27 -2.72
N THR A 38 -9.63 -3.52 -2.08
CA THR A 38 -10.82 -2.99 -2.73
C THR A 38 -10.62 -1.51 -3.06
N SER A 39 -11.55 -0.99 -3.86
CA SER A 39 -11.52 0.41 -4.26
C SER A 39 -11.67 1.32 -3.04
N GLY A 40 -10.57 1.47 -2.30
CA GLY A 40 -10.49 2.47 -1.24
C GLY A 40 -10.77 1.82 0.11
N GLY A 41 -9.93 0.82 0.43
CA GLY A 41 -9.86 0.26 1.76
C GLY A 41 -8.45 -0.17 2.13
N HIS A 42 -7.49 0.22 1.29
CA HIS A 42 -6.13 -0.28 1.42
C HIS A 42 -5.18 0.82 1.86
N ALA A 43 -3.88 0.50 1.83
CA ALA A 43 -2.84 1.52 1.93
C ALA A 43 -1.68 1.16 0.99
N GLU A 44 -0.55 1.80 1.23
CA GLU A 44 0.73 1.33 0.70
C GLU A 44 1.88 2.16 1.28
N HIS A 45 3.02 1.51 1.47
CA HIS A 45 4.31 2.20 1.52
C HIS A 45 4.86 2.34 0.11
N GLU A 46 6.14 2.69 0.02
CA GLU A 46 6.80 2.90 -1.27
C GLU A 46 6.77 1.60 -2.08
N GLY A 47 5.72 1.46 -2.87
CA GLY A 47 5.62 0.36 -3.83
C GLY A 47 5.32 -0.95 -3.12
N LYS A 48 4.45 -0.86 -2.11
CA LYS A 48 3.83 -2.03 -1.52
C LYS A 48 2.53 -1.63 -0.79
N PRO A 49 1.39 -2.02 -1.40
CA PRO A 49 0.06 -1.93 -0.77
C PRO A 49 -0.15 -2.93 0.36
N TYR A 50 -1.05 -2.57 1.28
CA TYR A 50 -1.60 -3.52 2.23
C TYR A 50 -3.06 -3.15 2.57
N CYS A 51 -3.54 -3.75 3.65
CA CYS A 51 -4.71 -3.27 4.37
C CYS A 51 -4.49 -1.83 4.84
N ASN A 52 -5.54 -1.03 4.68
CA ASN A 52 -5.65 0.24 5.37
C ASN A 52 -5.64 0.04 6.89
N HIS A 53 -6.16 -1.12 7.29
CA HIS A 53 -6.02 -1.60 8.65
C HIS A 53 -6.37 -3.11 8.71
N PRO A 54 -5.97 -3.73 9.84
CA PRO A 54 -4.98 -3.13 10.76
C PRO A 54 -3.56 -3.10 10.21
N CYS A 55 -3.35 -3.84 9.13
CA CYS A 55 -2.02 -4.32 8.75
C CYS A 55 -1.08 -3.15 8.52
N TYR A 56 -1.58 -2.12 7.86
CA TYR A 56 -0.82 -0.90 7.64
C TYR A 56 -0.47 -0.24 8.96
N SER A 57 -1.45 -0.18 9.86
CA SER A 57 -1.30 0.54 11.11
C SER A 57 -0.45 -0.24 12.09
N ALA A 58 -0.44 -1.56 11.91
CA ALA A 58 0.23 -2.46 12.84
C ALA A 58 1.73 -2.51 12.53
N MET A 59 2.04 -2.66 11.25
CA MET A 59 3.41 -2.96 10.81
C MET A 59 4.23 -1.68 10.75
N PHE A 60 3.63 -0.63 10.20
CA PHE A 60 4.35 0.58 9.85
C PHE A 60 4.29 1.59 10.98
N GLY A 61 5.33 1.59 11.80
CA GLY A 61 5.43 2.52 12.91
C GLY A 61 6.54 3.55 12.63
N PRO A 62 6.93 4.28 13.70
CA PRO A 62 7.85 5.44 13.58
C PRO A 62 9.22 5.09 12.99
N LYS A 63 10.05 4.48 13.83
CA LYS A 63 11.46 4.32 13.55
C LYS A 63 11.66 3.51 12.27
N GLY A 64 12.72 3.85 11.54
CA GLY A 64 13.03 3.17 10.28
C GLY A 64 14.27 3.79 9.65
N PHE A 65 15.44 3.38 10.15
CA PHE A 65 16.71 3.71 9.52
C PHE A 65 16.83 3.02 8.17
N GLY A 66 16.33 1.79 8.11
CA GLY A 66 16.55 0.91 6.98
C GLY A 66 16.92 -0.50 7.46
N ARG A 67 17.77 -0.55 8.48
CA ARG A 67 18.07 -1.78 9.17
C ARG A 67 18.81 -2.74 8.24
N GLY A 68 20.07 -3.01 8.57
CA GLY A 68 20.96 -3.74 7.69
C GLY A 68 20.42 -5.13 7.41
N GLY A 69 20.44 -5.52 6.14
CA GLY A 69 20.14 -6.87 5.74
C GLY A 69 18.89 -6.92 4.87
N ALA A 70 18.97 -6.29 3.70
CA ALA A 70 17.94 -6.42 2.69
C ALA A 70 18.56 -6.83 1.35
N GLU A 71 19.49 -6.01 0.89
CA GLU A 71 20.21 -6.30 -0.34
C GLU A 71 21.72 -6.28 -0.08
N SER A 72 22.17 -5.18 0.51
CA SER A 72 23.53 -5.07 1.02
C SER A 72 24.52 -5.11 -0.13
N HIS A 73 24.78 -6.31 -0.63
CA HIS A 73 25.86 -6.54 -1.60
C HIS A 73 25.31 -6.59 -3.01
N THR A 74 24.07 -6.11 -3.17
CA THR A 74 23.52 -5.85 -4.49
C THR A 74 23.49 -7.10 -5.34
N PHE A 75 23.33 -6.91 -6.64
CA PHE A 75 23.10 -8.02 -7.56
C PHE A 75 21.75 -8.66 -7.29
N LYS A 76 21.66 -9.34 -6.14
CA LYS A 76 20.39 -9.83 -5.63
C LYS A 76 20.39 -9.81 -4.10
ZN ZN B . 1.71 -3.67 -10.56
ZN ZN C . -3.96 -7.33 5.69
N PRO A 1 -1.52 6.46 -15.74
CA PRO A 1 -1.69 5.03 -15.34
C PRO A 1 -0.43 4.19 -15.58
N LYS A 2 0.43 4.17 -14.57
CA LYS A 2 1.55 3.24 -14.54
C LYS A 2 1.79 2.73 -13.13
N CYS A 3 2.18 1.47 -13.02
CA CYS A 3 2.07 0.74 -11.74
C CYS A 3 3.29 1.08 -10.87
N PRO A 4 3.02 1.70 -9.70
CA PRO A 4 4.04 1.90 -8.64
C PRO A 4 4.62 0.59 -8.11
N LYS A 5 3.85 -0.48 -8.30
CA LYS A 5 4.20 -1.79 -7.77
C LYS A 5 5.27 -2.43 -8.65
N CYS A 6 4.85 -2.87 -9.83
CA CYS A 6 5.66 -3.79 -10.65
C CYS A 6 6.50 -3.01 -11.66
N ASP A 7 6.06 -1.78 -11.93
CA ASP A 7 6.64 -0.98 -12.99
C ASP A 7 6.23 -1.51 -14.37
N LYS A 8 4.92 -1.60 -14.58
CA LYS A 8 4.36 -1.67 -15.92
C LYS A 8 3.48 -0.44 -16.19
N GLU A 9 2.73 -0.50 -17.27
CA GLU A 9 1.57 0.38 -17.46
C GLU A 9 0.29 -0.41 -17.23
N VAL A 10 -0.75 0.31 -16.80
CA VAL A 10 -1.92 -0.36 -16.20
C VAL A 10 -3.12 -0.21 -17.13
N TYR A 11 -3.54 -1.34 -17.68
CA TYR A 11 -4.68 -1.37 -18.59
C TYR A 11 -5.98 -1.25 -17.81
N PHE A 12 -7.05 -0.84 -18.49
CA PHE A 12 -8.21 -0.26 -17.82
C PHE A 12 -8.82 -1.25 -16.84
N ALA A 13 -9.30 -2.38 -17.41
CA ALA A 13 -10.03 -3.35 -16.59
C ALA A 13 -9.12 -4.08 -15.61
N GLU A 14 -7.83 -3.75 -15.69
CA GLU A 14 -6.84 -4.33 -14.80
C GLU A 14 -6.47 -3.34 -13.68
N ARG A 15 -7.29 -2.31 -13.54
CA ARG A 15 -6.88 -1.10 -12.83
C ARG A 15 -7.40 -1.12 -11.39
N VAL A 16 -6.61 -0.55 -10.49
CA VAL A 16 -7.14 0.04 -9.25
C VAL A 16 -6.36 1.32 -8.93
N THR A 17 -7.12 2.40 -8.74
CA THR A 17 -6.52 3.71 -8.53
C THR A 17 -6.41 4.01 -7.03
N SER A 18 -5.23 4.47 -6.63
CA SER A 18 -4.81 4.41 -5.24
C SER A 18 -3.64 5.37 -5.00
N LEU A 19 -3.84 6.27 -4.05
CA LEU A 19 -2.87 7.31 -3.75
C LEU A 19 -2.60 8.18 -4.98
N GLY A 20 -3.57 8.21 -5.88
CA GLY A 20 -3.63 9.21 -6.93
C GLY A 20 -2.76 8.80 -8.11
N LYS A 21 -2.40 7.52 -8.16
CA LYS A 21 -1.91 6.89 -9.38
C LYS A 21 -2.25 5.40 -9.38
N ASP A 22 -2.43 4.86 -10.58
CA ASP A 22 -3.15 3.60 -10.76
C ASP A 22 -2.25 2.42 -10.41
N TRP A 23 -2.84 1.23 -10.53
CA TRP A 23 -2.13 0.00 -10.20
C TRP A 23 -2.72 -1.15 -11.02
N HIS A 24 -2.17 -2.34 -10.77
CA HIS A 24 -2.73 -3.58 -11.29
C HIS A 24 -3.54 -4.30 -10.22
N ARG A 25 -4.63 -4.91 -10.66
CA ARG A 25 -5.59 -5.52 -9.76
C ARG A 25 -4.90 -6.65 -8.94
N PRO A 26 -4.14 -7.49 -9.67
CA PRO A 26 -3.30 -8.54 -9.05
C PRO A 26 -2.26 -7.99 -8.07
N CYS A 27 -1.85 -6.76 -8.30
CA CYS A 27 -0.68 -6.20 -7.64
C CYS A 27 -1.04 -5.71 -6.24
N LEU A 28 -2.15 -4.98 -6.17
CA LEU A 28 -2.56 -4.33 -4.94
C LEU A 28 -2.81 -5.37 -3.84
N LYS A 29 -1.74 -5.69 -3.11
CA LYS A 29 -1.72 -6.88 -2.27
C LYS A 29 -1.10 -6.57 -0.91
N CYS A 30 -1.83 -6.92 0.13
CA CYS A 30 -1.31 -6.94 1.49
C CYS A 30 -0.14 -7.93 1.59
N GLU A 31 0.98 -7.41 2.08
CA GLU A 31 2.11 -8.24 2.48
C GLU A 31 2.05 -8.52 3.99
N LYS A 32 0.82 -8.54 4.51
CA LYS A 32 0.61 -8.73 5.94
C LYS A 32 -0.40 -9.85 6.18
N CYS A 33 -1.46 -9.84 5.37
CA CYS A 33 -2.49 -10.88 5.44
C CYS A 33 -2.61 -11.62 4.13
N GLY A 34 -1.94 -11.10 3.10
CA GLY A 34 -2.00 -11.67 1.77
C GLY A 34 -3.41 -11.59 1.21
N LYS A 35 -4.06 -10.47 1.51
CA LYS A 35 -5.37 -10.17 0.92
C LYS A 35 -5.20 -9.29 -0.31
N THR A 36 -5.69 -9.78 -1.45
CA THR A 36 -5.86 -8.96 -2.64
C THR A 36 -6.85 -7.83 -2.35
N LEU A 37 -6.50 -6.64 -2.81
CA LEU A 37 -7.14 -5.41 -2.37
C LEU A 37 -8.14 -4.92 -3.42
N THR A 38 -9.39 -4.76 -2.99
CA THR A 38 -10.40 -4.09 -3.79
C THR A 38 -10.31 -2.58 -3.59
N SER A 39 -11.27 -1.88 -4.22
CA SER A 39 -11.31 -0.44 -4.19
C SER A 39 -11.46 0.07 -2.75
N GLY A 40 -11.72 -0.88 -1.85
CA GLY A 40 -11.87 -0.58 -0.45
C GLY A 40 -10.55 -0.05 0.13
N GLY A 41 -10.51 0.06 1.46
CA GLY A 41 -9.57 0.94 2.13
C GLY A 41 -8.23 0.22 2.37
N HIS A 42 -7.48 0.13 1.27
CA HIS A 42 -6.09 -0.30 1.33
C HIS A 42 -5.15 0.90 1.32
N ALA A 43 -3.87 0.61 1.10
CA ALA A 43 -2.82 1.60 1.27
C ALA A 43 -1.55 1.16 0.53
N GLU A 44 -0.45 1.83 0.83
CA GLU A 44 0.88 1.34 0.47
C GLU A 44 1.95 2.21 1.12
N HIS A 45 3.12 1.61 1.33
CA HIS A 45 4.36 2.38 1.46
C HIS A 45 5.03 2.51 0.10
N GLU A 46 6.28 2.96 0.11
CA GLU A 46 7.02 3.19 -1.11
C GLU A 46 7.19 1.89 -1.89
N GLY A 47 6.23 1.63 -2.78
CA GLY A 47 6.26 0.44 -3.62
C GLY A 47 5.96 -0.80 -2.80
N LYS A 48 4.83 -0.76 -2.10
CA LYS A 48 4.23 -1.94 -1.51
C LYS A 48 2.92 -1.57 -0.78
N PRO A 49 1.79 -1.94 -1.40
CA PRO A 49 0.44 -1.80 -0.77
C PRO A 49 0.19 -2.76 0.38
N TYR A 50 -0.61 -2.31 1.34
CA TYR A 50 -1.24 -3.20 2.30
C TYR A 50 -2.64 -2.69 2.63
N CYS A 51 -3.24 -3.35 3.65
CA CYS A 51 -4.42 -2.85 4.32
C CYS A 51 -4.13 -1.47 4.93
N ASN A 52 -5.11 -0.58 4.77
CA ASN A 52 -5.17 0.64 5.56
C ASN A 52 -5.47 0.30 7.03
N HIS A 53 -6.26 -0.74 7.21
CA HIS A 53 -6.39 -1.39 8.51
C HIS A 53 -6.72 -2.89 8.29
N PRO A 54 -6.61 -3.65 9.41
CA PRO A 54 -5.79 -3.21 10.57
C PRO A 54 -4.30 -3.12 10.25
N CYS A 55 -3.90 -3.83 9.19
CA CYS A 55 -2.52 -4.32 9.05
C CYS A 55 -1.52 -3.18 9.12
N TYR A 56 -1.79 -2.12 8.36
CA TYR A 56 -0.99 -0.92 8.39
C TYR A 56 -1.02 -0.30 9.79
N SER A 57 -2.24 -0.04 10.26
CA SER A 57 -2.45 0.66 11.52
C SER A 57 -1.85 -0.13 12.67
N ALA A 58 -1.59 -1.42 12.41
CA ALA A 58 -1.25 -2.36 13.47
C ALA A 58 0.26 -2.40 13.68
N MET A 59 0.97 -2.63 12.58
CA MET A 59 2.42 -2.74 12.61
C MET A 59 3.05 -1.39 12.25
N PHE A 60 2.43 -0.70 11.30
CA PHE A 60 2.71 0.71 11.05
C PHE A 60 1.77 1.58 11.87
N GLY A 61 1.80 2.87 11.56
CA GLY A 61 1.02 3.86 12.30
C GLY A 61 1.46 5.28 11.90
N PRO A 62 2.77 5.54 12.06
CA PRO A 62 3.38 6.84 11.70
C PRO A 62 3.04 7.29 10.28
N LYS A 63 2.27 8.37 10.18
CA LYS A 63 1.67 8.80 8.93
C LYS A 63 1.28 10.27 8.99
N GLY A 64 1.83 11.04 8.05
CA GLY A 64 1.41 12.41 7.84
C GLY A 64 -0.06 12.45 7.40
N PHE A 65 -0.46 11.43 6.66
CA PHE A 65 -1.86 11.21 6.35
C PHE A 65 -2.38 12.28 5.40
N GLY A 66 -2.71 13.44 5.98
CA GLY A 66 -3.42 14.49 5.26
C GLY A 66 -2.54 15.72 5.10
N ARG A 67 -3.07 16.71 4.40
CA ARG A 67 -2.28 17.86 3.98
C ARG A 67 -3.03 19.15 4.28
N GLY A 68 -2.90 19.61 5.52
CA GLY A 68 -3.71 20.70 6.04
C GLY A 68 -3.82 20.62 7.55
N GLY A 69 -3.62 21.77 8.20
CA GLY A 69 -3.66 21.85 9.65
C GLY A 69 -3.90 23.29 10.10
N ALA A 70 -4.28 23.44 11.37
CA ALA A 70 -4.33 24.74 12.01
C ALA A 70 -5.33 25.65 11.28
N GLU A 71 -5.21 26.95 11.54
CA GLU A 71 -5.91 27.95 10.75
C GLU A 71 -4.91 28.81 9.98
N SER A 72 -4.92 28.66 8.66
CA SER A 72 -4.20 29.55 7.77
C SER A 72 -4.45 29.15 6.31
N HIS A 73 -4.09 30.06 5.41
CA HIS A 73 -4.06 29.76 3.99
C HIS A 73 -5.48 29.64 3.45
N THR A 74 -6.17 28.60 3.88
CA THR A 74 -7.45 28.22 3.30
C THR A 74 -8.46 29.34 3.46
N PHE A 75 -9.14 29.34 4.61
CA PHE A 75 -10.28 30.21 4.83
C PHE A 75 -9.93 31.32 5.81
N LYS A 76 -10.09 32.56 5.36
CA LYS A 76 -10.00 33.72 6.23
C LYS A 76 -10.49 34.96 5.51
ZN ZN B . 1.57 -3.99 -11.20
ZN ZN C . -3.93 -7.01 5.47
N PRO A 1 -0.44 6.66 -14.82
CA PRO A 1 -0.99 5.28 -14.85
C PRO A 1 0.10 4.20 -14.85
N LYS A 2 0.76 4.08 -13.70
CA LYS A 2 1.96 3.26 -13.59
C LYS A 2 2.02 2.58 -12.22
N CYS A 3 2.38 1.31 -12.21
CA CYS A 3 2.13 0.45 -11.06
C CYS A 3 3.28 0.61 -10.05
N PRO A 4 2.92 1.06 -8.83
CA PRO A 4 3.86 1.11 -7.68
C PRO A 4 4.36 -0.27 -7.24
N LYS A 5 3.62 -1.30 -7.65
CA LYS A 5 3.86 -2.64 -7.16
C LYS A 5 4.94 -3.34 -7.99
N CYS A 6 4.62 -3.55 -9.27
CA CYS A 6 5.46 -4.36 -10.13
C CYS A 6 6.42 -3.49 -10.94
N ASP A 7 6.02 -2.24 -11.11
CA ASP A 7 6.70 -1.33 -12.02
C ASP A 7 6.42 -1.71 -13.48
N LYS A 8 5.14 -1.59 -13.85
CA LYS A 8 4.75 -1.53 -15.25
C LYS A 8 3.87 -0.31 -15.50
N GLU A 9 3.29 -0.24 -16.70
CA GLU A 9 2.17 0.65 -16.96
C GLU A 9 0.85 -0.12 -16.90
N VAL A 10 -0.20 0.60 -16.53
CA VAL A 10 -1.43 -0.08 -16.06
C VAL A 10 -2.55 0.18 -17.07
N TYR A 11 -2.97 -0.91 -17.72
CA TYR A 11 -4.04 -0.84 -18.70
C TYR A 11 -5.37 -0.54 -18.01
N PHE A 12 -6.27 0.12 -18.72
CA PHE A 12 -7.36 0.86 -18.09
C PHE A 12 -8.23 -0.07 -17.26
N ALA A 13 -8.86 -1.02 -17.97
CA ALA A 13 -9.82 -1.91 -17.31
C ALA A 13 -9.15 -2.88 -16.35
N GLU A 14 -7.82 -2.80 -16.31
CA GLU A 14 -7.02 -3.64 -15.43
C GLU A 14 -6.59 -2.86 -14.19
N ARG A 15 -7.21 -1.69 -14.00
CA ARG A 15 -6.65 -0.66 -13.13
C ARG A 15 -7.29 -0.75 -11.74
N VAL A 16 -6.56 -0.24 -10.76
CA VAL A 16 -7.15 0.25 -9.52
C VAL A 16 -6.38 1.47 -9.02
N THR A 17 -7.11 2.39 -8.42
CA THR A 17 -6.59 3.72 -8.09
C THR A 17 -6.54 3.92 -6.58
N SER A 18 -5.43 4.51 -6.12
CA SER A 18 -5.13 4.58 -4.71
C SER A 18 -3.83 5.35 -4.48
N LEU A 19 -3.91 6.34 -3.61
CA LEU A 19 -2.83 7.29 -3.39
C LEU A 19 -2.51 8.04 -4.69
N GLY A 20 -3.53 8.19 -5.53
CA GLY A 20 -3.47 9.09 -6.66
C GLY A 20 -2.49 8.57 -7.72
N LYS A 21 -2.17 7.29 -7.61
CA LYS A 21 -1.55 6.56 -8.71
C LYS A 21 -2.18 5.18 -8.86
N ASP A 22 -2.13 4.64 -10.07
CA ASP A 22 -2.92 3.48 -10.43
C ASP A 22 -2.15 2.19 -10.12
N TRP A 23 -2.84 1.08 -10.36
CA TRP A 23 -2.27 -0.23 -10.06
C TRP A 23 -2.79 -1.27 -11.07
N HIS A 24 -2.26 -2.48 -10.94
CA HIS A 24 -2.81 -3.64 -11.62
C HIS A 24 -3.73 -4.42 -10.68
N ARG A 25 -4.85 -4.88 -11.23
CA ARG A 25 -5.96 -5.36 -10.43
C ARG A 25 -5.51 -6.57 -9.58
N PRO A 26 -4.82 -7.50 -10.24
CA PRO A 26 -4.18 -8.66 -9.57
C PRO A 26 -3.12 -8.28 -8.55
N CYS A 27 -2.39 -7.22 -8.87
CA CYS A 27 -1.21 -6.83 -8.10
C CYS A 27 -1.61 -6.50 -6.66
N LEU A 28 -2.74 -5.81 -6.52
CA LEU A 28 -3.09 -5.14 -5.27
C LEU A 28 -3.38 -6.16 -4.19
N LYS A 29 -2.41 -6.33 -3.29
CA LYS A 29 -2.52 -7.30 -2.21
C LYS A 29 -1.80 -6.77 -0.97
N CYS A 30 -2.21 -7.30 0.19
CA CYS A 30 -1.53 -7.06 1.44
C CYS A 30 -0.19 -7.81 1.47
N GLU A 31 0.86 -7.05 1.77
CA GLU A 31 2.18 -7.63 2.02
C GLU A 31 2.40 -7.82 3.52
N LYS A 32 1.31 -8.16 4.20
CA LYS A 32 1.34 -8.29 5.65
C LYS A 32 0.57 -9.53 6.09
N CYS A 33 -0.62 -9.68 5.51
CA CYS A 33 -1.47 -10.83 5.80
C CYS A 33 -1.67 -11.68 4.55
N GLY A 34 -1.42 -11.06 3.40
CA GLY A 34 -1.45 -11.78 2.13
C GLY A 34 -2.90 -12.00 1.68
N LYS A 35 -3.72 -10.99 1.92
CA LYS A 35 -5.09 -10.98 1.43
C LYS A 35 -5.25 -9.99 0.28
N THR A 36 -5.98 -10.42 -0.74
CA THR A 36 -6.28 -9.57 -1.88
C THR A 36 -7.09 -8.35 -1.43
N LEU A 37 -6.92 -7.25 -2.15
CA LEU A 37 -7.41 -5.95 -1.71
C LEU A 37 -8.51 -5.47 -2.63
N THR A 38 -9.37 -4.60 -2.08
CA THR A 38 -10.54 -4.13 -2.81
C THR A 38 -10.19 -2.88 -3.62
N SER A 39 -11.24 -2.26 -4.15
CA SER A 39 -11.06 -1.09 -5.02
C SER A 39 -10.39 0.04 -4.25
N GLY A 40 -10.84 0.22 -3.01
CA GLY A 40 -10.30 1.26 -2.14
C GLY A 40 -10.42 0.84 -0.68
N GLY A 41 -9.81 -0.29 -0.35
CA GLY A 41 -9.73 -0.74 1.02
C GLY A 41 -8.29 -1.07 1.42
N HIS A 42 -7.36 -0.62 0.59
CA HIS A 42 -5.94 -0.90 0.82
C HIS A 42 -5.20 0.40 1.12
N ALA A 43 -3.86 0.32 1.10
CA ALA A 43 -3.00 1.48 1.05
C ALA A 43 -1.55 1.06 0.89
N GLU A 44 -0.73 1.99 0.41
CA GLU A 44 0.59 1.66 -0.13
C GLU A 44 1.68 2.18 0.80
N HIS A 45 2.66 1.32 1.04
CA HIS A 45 3.82 1.68 1.83
C HIS A 45 5.11 1.34 1.07
N GLU A 46 5.67 2.37 0.44
CA GLU A 46 6.81 2.21 -0.45
C GLU A 46 6.46 1.26 -1.60
N GLY A 47 5.26 1.42 -2.13
CA GLY A 47 4.87 0.77 -3.37
C GLY A 47 4.11 -0.53 -3.08
N LYS A 48 4.35 -1.07 -1.89
CA LYS A 48 3.79 -2.34 -1.50
C LYS A 48 2.46 -2.13 -0.76
N PRO A 49 1.36 -2.37 -1.50
CA PRO A 49 -0.02 -2.21 -0.96
C PRO A 49 -0.29 -3.06 0.27
N TYR A 50 -1.42 -2.76 0.92
CA TYR A 50 -1.70 -3.29 2.26
C TYR A 50 -3.18 -3.10 2.59
N CYS A 51 -3.57 -3.73 3.70
CA CYS A 51 -4.77 -3.38 4.43
C CYS A 51 -4.71 -1.90 4.86
N ASN A 52 -5.82 -1.21 4.63
CA ASN A 52 -6.08 0.07 5.27
C ASN A 52 -6.11 -0.08 6.79
N HIS A 53 -6.49 -1.29 7.22
CA HIS A 53 -6.30 -1.72 8.59
C HIS A 53 -6.46 -3.26 8.67
N PRO A 54 -5.97 -3.81 9.80
CA PRO A 54 -5.09 -3.07 10.73
C PRO A 54 -3.67 -2.84 10.19
N CYS A 55 -3.34 -3.56 9.13
CA CYS A 55 -1.95 -3.85 8.78
C CYS A 55 -1.17 -2.56 8.56
N TYR A 56 -1.78 -1.65 7.78
CA TYR A 56 -1.13 -0.41 7.42
C TYR A 56 -0.86 0.43 8.66
N SER A 57 -1.88 0.56 9.50
CA SER A 57 -1.77 1.31 10.74
C SER A 57 -0.93 0.53 11.75
N ALA A 58 -0.72 -0.75 11.44
CA ALA A 58 0.11 -1.61 12.26
C ALA A 58 1.59 -1.20 12.13
N MET A 59 2.05 -1.21 10.87
CA MET A 59 3.44 -0.89 10.58
C MET A 59 3.59 0.61 10.30
N PHE A 60 2.46 1.26 10.04
CA PHE A 60 2.46 2.59 9.45
C PHE A 60 1.27 3.39 9.97
N GLY A 61 1.03 4.54 9.33
CA GLY A 61 -0.02 5.45 9.75
C GLY A 61 -0.28 6.49 8.64
N PRO A 62 -1.56 6.89 8.53
CA PRO A 62 -1.99 7.90 7.53
C PRO A 62 -1.35 9.27 7.73
N LYS A 63 -1.99 10.30 7.20
CA LYS A 63 -1.64 11.68 7.49
C LYS A 63 -2.53 12.23 8.61
N GLY A 64 -1.96 13.12 9.41
CA GLY A 64 -2.72 13.87 10.40
C GLY A 64 -2.72 15.35 10.07
N PHE A 65 -3.89 15.83 9.64
CA PHE A 65 -4.12 17.26 9.50
C PHE A 65 -3.25 17.85 8.40
N GLY A 66 -1.98 18.10 8.76
CA GLY A 66 -1.08 18.86 7.90
C GLY A 66 -0.78 18.07 6.62
N ARG A 67 -1.16 18.65 5.49
CA ARG A 67 -0.75 18.14 4.19
C ARG A 67 0.09 19.18 3.45
N GLY A 68 1.12 18.69 2.76
CA GLY A 68 1.89 19.51 1.84
C GLY A 68 2.61 20.63 2.60
N GLY A 69 2.06 21.83 2.49
CA GLY A 69 2.48 22.96 3.31
C GLY A 69 3.71 23.62 2.68
N ALA A 70 3.52 24.18 1.50
CA ALA A 70 4.51 25.04 0.88
C ALA A 70 3.92 25.76 -0.34
N GLU A 71 4.00 27.08 -0.32
CA GLU A 71 3.28 27.91 -1.26
C GLU A 71 4.19 29.01 -1.81
N SER A 72 4.42 30.02 -0.97
CA SER A 72 5.30 31.12 -1.31
C SER A 72 5.95 31.70 -0.05
N HIS A 73 7.23 32.02 -0.17
CA HIS A 73 7.92 32.78 0.86
C HIS A 73 7.85 34.28 0.55
N THR A 74 8.23 34.62 -0.68
CA THR A 74 8.42 36.01 -1.07
C THR A 74 9.65 36.59 -0.39
N PHE A 75 10.02 37.79 -0.82
CA PHE A 75 11.19 38.47 -0.29
C PHE A 75 12.47 37.79 -0.80
N LYS A 76 12.77 36.64 -0.21
CA LYS A 76 13.82 35.77 -0.71
C LYS A 76 15.17 36.47 -0.64
ZN ZN B . 1.44 -4.29 -11.14
ZN ZN C . -3.40 -7.21 5.84
N PRO A 1 0.02 6.51 -14.71
CA PRO A 1 -0.44 5.38 -15.56
C PRO A 1 0.26 4.06 -15.26
N LYS A 2 1.33 4.15 -14.46
CA LYS A 2 2.25 3.04 -14.27
C LYS A 2 2.28 2.63 -12.80
N CYS A 3 2.72 1.40 -12.56
CA CYS A 3 2.44 0.73 -11.28
C CYS A 3 3.46 1.21 -10.23
N PRO A 4 2.96 1.84 -9.16
CA PRO A 4 3.75 2.12 -7.94
C PRO A 4 4.31 0.86 -7.28
N LYS A 5 3.70 -0.27 -7.62
CA LYS A 5 4.12 -1.55 -7.08
C LYS A 5 5.30 -2.11 -7.87
N CYS A 6 4.99 -2.66 -9.04
CA CYS A 6 5.91 -3.54 -9.74
C CYS A 6 6.79 -2.77 -10.71
N ASP A 7 6.33 -1.56 -11.05
CA ASP A 7 6.99 -0.75 -12.04
C ASP A 7 6.78 -1.31 -13.44
N LYS A 8 5.52 -1.57 -13.77
CA LYS A 8 5.10 -1.73 -15.15
C LYS A 8 4.20 -0.57 -15.57
N GLU A 9 3.56 -0.72 -16.73
CA GLU A 9 2.40 0.10 -17.07
C GLU A 9 1.12 -0.73 -16.93
N VAL A 10 0.02 -0.04 -16.66
CA VAL A 10 -1.17 -0.71 -16.16
C VAL A 10 -2.27 -0.66 -17.20
N TYR A 11 -2.61 -1.84 -17.73
CA TYR A 11 -3.68 -1.96 -18.72
C TYR A 11 -5.03 -1.74 -18.05
N PHE A 12 -6.01 -1.30 -18.84
CA PHE A 12 -7.19 -0.66 -18.30
C PHE A 12 -7.94 -1.59 -17.35
N ALA A 13 -8.41 -2.70 -17.93
CA ALA A 13 -9.27 -3.62 -17.16
C ALA A 13 -8.47 -4.35 -16.09
N GLU A 14 -7.17 -4.07 -16.05
CA GLU A 14 -6.29 -4.66 -15.05
C GLU A 14 -5.99 -3.65 -13.93
N ARG A 15 -6.78 -2.58 -13.90
CA ARG A 15 -6.38 -1.37 -13.18
C ARG A 15 -6.99 -1.35 -11.78
N VAL A 16 -6.33 -0.63 -10.88
CA VAL A 16 -6.98 -0.11 -9.68
C VAL A 16 -6.36 1.23 -9.29
N THR A 17 -7.17 2.06 -8.64
CA THR A 17 -6.81 3.44 -8.39
C THR A 17 -6.55 3.66 -6.90
N SER A 18 -5.50 4.43 -6.62
CA SER A 18 -5.14 4.76 -5.25
C SER A 18 -3.94 5.72 -5.23
N LEU A 19 -4.05 6.72 -4.36
CA LEU A 19 -3.10 7.82 -4.33
C LEU A 19 -3.10 8.57 -5.66
N GLY A 20 -4.16 8.36 -6.43
CA GLY A 20 -4.43 9.17 -7.62
C GLY A 20 -3.90 8.47 -8.87
N LYS A 21 -2.91 7.61 -8.65
CA LYS A 21 -2.29 6.86 -9.74
C LYS A 21 -2.72 5.39 -9.69
N ASP A 22 -2.63 4.73 -10.83
CA ASP A 22 -3.26 3.43 -11.02
C ASP A 22 -2.32 2.31 -10.58
N TRP A 23 -2.85 1.09 -10.65
CA TRP A 23 -2.09 -0.09 -10.22
C TRP A 23 -2.52 -1.29 -11.06
N HIS A 24 -1.94 -2.45 -10.69
CA HIS A 24 -2.39 -3.73 -11.21
C HIS A 24 -3.29 -4.43 -10.19
N ARG A 25 -4.36 -5.04 -10.70
CA ARG A 25 -5.36 -5.67 -9.86
C ARG A 25 -4.71 -6.81 -9.04
N PRO A 26 -3.93 -7.64 -9.75
CA PRO A 26 -3.06 -8.67 -9.11
C PRO A 26 -2.15 -8.11 -8.02
N CYS A 27 -1.71 -6.87 -8.23
CA CYS A 27 -0.68 -6.27 -7.40
C CYS A 27 -1.28 -5.81 -6.07
N LEU A 28 -2.31 -4.98 -6.19
CA LEU A 28 -2.92 -4.36 -5.02
C LEU A 28 -3.51 -5.43 -4.10
N LYS A 29 -2.62 -6.06 -3.33
CA LYS A 29 -3.01 -6.95 -2.25
C LYS A 29 -2.16 -6.71 -1.02
N CYS A 30 -2.73 -7.07 0.14
CA CYS A 30 -1.99 -7.09 1.39
C CYS A 30 -0.81 -8.04 1.30
N GLU A 31 0.37 -7.51 1.63
CA GLU A 31 1.57 -8.32 1.79
C GLU A 31 1.74 -8.71 3.25
N LYS A 32 0.63 -8.68 3.98
CA LYS A 32 0.55 -9.28 5.31
C LYS A 32 -0.40 -10.47 5.29
N CYS A 33 -1.65 -10.20 4.94
CA CYS A 33 -2.71 -11.19 5.14
C CYS A 33 -3.13 -11.83 3.82
N GLY A 34 -2.84 -11.12 2.74
CA GLY A 34 -3.16 -11.59 1.40
C GLY A 34 -4.65 -11.38 1.11
N LYS A 35 -5.15 -10.23 1.53
CA LYS A 35 -6.45 -9.73 1.08
C LYS A 35 -6.29 -8.91 -0.20
N THR A 36 -7.00 -9.31 -1.24
CA THR A 36 -7.18 -8.48 -2.42
C THR A 36 -7.90 -7.18 -2.04
N LEU A 37 -7.38 -6.07 -2.58
CA LEU A 37 -7.68 -4.75 -2.04
C LEU A 37 -8.71 -4.03 -2.90
N THR A 38 -9.90 -3.88 -2.35
CA THR A 38 -10.93 -3.06 -2.96
C THR A 38 -10.98 -1.67 -2.33
N SER A 39 -12.05 -0.94 -2.61
CA SER A 39 -12.49 0.17 -1.77
C SER A 39 -11.39 1.22 -1.63
N GLY A 40 -11.53 2.07 -0.63
CA GLY A 40 -10.38 2.79 -0.06
C GLY A 40 -10.27 2.49 1.43
N GLY A 41 -10.34 1.21 1.76
CA GLY A 41 -10.02 0.75 3.10
C GLY A 41 -8.65 0.09 3.16
N HIS A 42 -7.86 0.33 2.10
CA HIS A 42 -6.50 -0.15 2.04
C HIS A 42 -5.50 0.99 2.29
N ALA A 43 -4.23 0.67 2.06
CA ALA A 43 -3.16 1.65 2.16
C ALA A 43 -2.01 1.27 1.23
N GLU A 44 -0.87 1.92 1.45
CA GLU A 44 0.40 1.46 0.88
C GLU A 44 1.55 2.26 1.48
N HIS A 45 2.77 1.73 1.30
CA HIS A 45 3.97 2.52 1.49
C HIS A 45 4.67 2.76 0.16
N GLU A 46 4.57 4.00 -0.33
CA GLU A 46 5.42 4.47 -1.41
C GLU A 46 5.28 3.59 -2.65
N GLY A 47 4.22 2.78 -2.65
CA GLY A 47 3.89 1.96 -3.80
C GLY A 47 3.73 0.50 -3.40
N LYS A 48 3.58 0.28 -2.10
CA LYS A 48 3.55 -1.06 -1.54
C LYS A 48 2.30 -1.22 -0.63
N PRO A 49 1.18 -1.59 -1.27
CA PRO A 49 -0.16 -1.55 -0.63
C PRO A 49 -0.35 -2.62 0.45
N TYR A 50 -1.27 -2.34 1.37
CA TYR A 50 -1.77 -3.34 2.29
C TYR A 50 -3.19 -2.97 2.75
N CYS A 51 -3.62 -3.63 3.84
CA CYS A 51 -4.69 -3.14 4.67
C CYS A 51 -4.36 -1.74 5.21
N ASN A 52 -5.37 -0.88 5.19
CA ASN A 52 -5.36 0.34 5.98
C ASN A 52 -5.28 0.01 7.46
N HIS A 53 -5.88 -1.13 7.81
CA HIS A 53 -5.73 -1.72 9.14
C HIS A 53 -6.12 -3.21 9.09
N PRO A 54 -5.73 -3.92 10.16
CA PRO A 54 -4.69 -3.43 11.11
C PRO A 54 -3.29 -3.39 10.51
N CYS A 55 -3.14 -4.02 9.35
CA CYS A 55 -1.84 -4.52 8.90
C CYS A 55 -0.87 -3.36 8.71
N TYR A 56 -1.35 -2.29 8.08
CA TYR A 56 -0.56 -1.08 7.89
C TYR A 56 -0.19 -0.49 9.25
N SER A 57 -1.19 -0.39 10.12
CA SER A 57 -1.01 0.24 11.42
C SER A 57 -0.17 -0.66 12.33
N ALA A 58 -0.05 -1.91 11.93
CA ALA A 58 0.60 -2.92 12.77
C ALA A 58 2.11 -2.93 12.52
N MET A 59 2.47 -2.95 11.24
CA MET A 59 3.85 -3.18 10.84
C MET A 59 4.61 -1.86 10.75
N PHE A 60 3.93 -0.85 10.22
CA PHE A 60 4.59 0.39 9.80
C PHE A 60 4.80 1.31 10.99
N GLY A 61 6.01 1.23 11.56
CA GLY A 61 6.46 2.21 12.54
C GLY A 61 7.80 2.81 12.08
N PRO A 62 7.74 3.58 10.98
CA PRO A 62 8.96 4.04 10.26
C PRO A 62 9.99 4.71 11.16
N LYS A 63 11.14 4.06 11.29
CA LYS A 63 12.31 4.65 11.93
C LYS A 63 11.98 5.01 13.38
N GLY A 64 12.18 4.04 14.26
CA GLY A 64 11.72 4.13 15.64
C GLY A 64 10.40 3.38 15.81
N PHE A 65 10.42 2.42 16.73
CA PHE A 65 9.20 1.75 17.16
C PHE A 65 9.45 0.95 18.44
N GLY A 66 10.04 -0.23 18.25
CA GLY A 66 10.16 -1.21 19.33
C GLY A 66 11.55 -1.14 19.95
N ARG A 67 12.47 -1.94 19.42
CA ARG A 67 13.77 -2.15 20.02
C ARG A 67 14.85 -1.44 19.21
N GLY A 68 15.26 -2.08 18.13
CA GLY A 68 16.43 -1.65 17.37
C GLY A 68 17.67 -2.40 17.84
N GLY A 69 18.42 -2.92 16.87
CA GLY A 69 19.74 -3.49 17.13
C GLY A 69 20.72 -2.38 17.53
N ALA A 70 21.99 -2.76 17.63
CA ALA A 70 23.06 -1.79 17.79
C ALA A 70 22.89 -1.00 19.09
N GLU A 71 23.68 0.06 19.22
CA GLU A 71 23.79 0.77 20.49
C GLU A 71 23.36 2.22 20.32
N SER A 72 23.09 2.87 21.44
CA SER A 72 22.89 4.31 21.47
C SER A 72 21.62 4.69 20.71
N HIS A 73 21.77 4.83 19.39
CA HIS A 73 20.73 5.41 18.55
C HIS A 73 21.04 5.15 17.08
N THR A 74 20.27 4.25 16.48
CA THR A 74 20.47 3.87 15.09
C THR A 74 19.19 3.25 14.52
N PHE A 75 18.76 2.17 15.16
CA PHE A 75 17.45 1.57 14.87
C PHE A 75 17.44 0.99 13.46
N LYS A 76 17.27 1.86 12.48
CA LYS A 76 17.34 1.47 11.08
C LYS A 76 18.79 1.17 10.69
ZN ZN B . 1.91 -3.98 -10.65
ZN ZN C . -3.97 -7.28 5.73
N PRO A 1 -0.51 6.53 -13.89
CA PRO A 1 -0.76 5.65 -15.06
C PRO A 1 -0.10 4.28 -14.95
N LYS A 2 1.01 4.25 -14.23
CA LYS A 2 1.91 3.09 -14.23
C LYS A 2 2.02 2.51 -12.83
N CYS A 3 2.35 1.22 -12.77
CA CYS A 3 2.16 0.45 -11.54
C CYS A 3 3.31 0.75 -10.55
N PRO A 4 2.93 1.32 -9.39
CA PRO A 4 3.86 1.47 -8.23
C PRO A 4 4.35 0.13 -7.67
N LYS A 5 3.77 -0.94 -8.20
CA LYS A 5 4.10 -2.28 -7.74
C LYS A 5 5.12 -2.92 -8.67
N CYS A 6 4.64 -3.35 -9.84
CA CYS A 6 5.41 -4.20 -10.73
C CYS A 6 6.24 -3.38 -11.72
N ASP A 7 5.93 -2.08 -11.77
CA ASP A 7 6.52 -1.19 -12.76
C ASP A 7 6.18 -1.66 -14.18
N LYS A 8 4.88 -1.85 -14.42
CA LYS A 8 4.34 -1.82 -15.78
C LYS A 8 3.56 -0.52 -16.00
N GLU A 9 2.83 -0.47 -17.11
CA GLU A 9 1.71 0.48 -17.24
C GLU A 9 0.39 -0.28 -17.22
N VAL A 10 -0.67 0.42 -16.83
CA VAL A 10 -1.86 -0.26 -16.30
C VAL A 10 -3.03 -0.07 -17.26
N TYR A 11 -3.46 -1.19 -17.84
CA TYR A 11 -4.60 -1.18 -18.74
C TYR A 11 -5.89 -1.00 -17.96
N PHE A 12 -6.93 -0.49 -18.63
CA PHE A 12 -8.04 0.16 -17.93
C PHE A 12 -8.72 -0.81 -16.99
N ALA A 13 -9.23 -1.91 -17.58
CA ALA A 13 -10.08 -2.82 -16.80
C ALA A 13 -9.27 -3.63 -15.80
N GLU A 14 -7.96 -3.39 -15.80
CA GLU A 14 -7.05 -4.03 -14.87
C GLU A 14 -6.66 -3.08 -13.75
N ARG A 15 -7.37 -1.95 -13.67
CA ARG A 15 -6.87 -0.78 -12.96
C ARG A 15 -7.38 -0.78 -11.51
N VAL A 16 -6.59 -0.17 -10.64
CA VAL A 16 -7.11 0.38 -9.38
C VAL A 16 -6.33 1.65 -9.02
N THR A 17 -7.04 2.60 -8.42
CA THR A 17 -6.54 3.95 -8.24
C THR A 17 -6.36 4.27 -6.76
N SER A 18 -5.22 4.87 -6.44
CA SER A 18 -4.77 5.04 -5.07
C SER A 18 -3.46 5.81 -5.03
N LEU A 19 -3.41 6.78 -4.11
CA LEU A 19 -2.31 7.72 -4.04
C LEU A 19 -2.19 8.51 -5.34
N GLY A 20 -3.27 8.50 -6.11
CA GLY A 20 -3.41 9.40 -7.26
C GLY A 20 -3.01 8.70 -8.54
N LYS A 21 -2.16 7.68 -8.40
CA LYS A 21 -1.69 6.92 -9.54
C LYS A 21 -2.28 5.51 -9.51
N ASP A 22 -2.30 4.87 -10.67
CA ASP A 22 -3.07 3.65 -10.87
C ASP A 22 -2.24 2.42 -10.54
N TRP A 23 -2.90 1.26 -10.62
CA TRP A 23 -2.26 0.00 -10.27
C TRP A 23 -2.84 -1.12 -11.15
N HIS A 24 -2.33 -2.32 -10.91
CA HIS A 24 -2.95 -3.54 -11.42
C HIS A 24 -3.76 -4.22 -10.32
N ARG A 25 -4.91 -4.77 -10.72
CA ARG A 25 -5.86 -5.31 -9.76
C ARG A 25 -5.22 -6.46 -8.97
N PRO A 26 -4.60 -7.41 -9.72
CA PRO A 26 -3.87 -8.55 -9.12
C PRO A 26 -2.72 -8.14 -8.20
N CYS A 27 -2.13 -6.99 -8.52
CA CYS A 27 -0.96 -6.50 -7.82
C CYS A 27 -1.34 -6.07 -6.40
N LEU A 28 -2.43 -5.34 -6.31
CA LEU A 28 -2.79 -4.62 -5.09
C LEU A 28 -3.09 -5.62 -3.96
N LYS A 29 -2.02 -6.05 -3.30
CA LYS A 29 -2.11 -7.15 -2.34
C LYS A 29 -1.32 -6.83 -1.08
N CYS A 30 -1.89 -7.23 0.05
CA CYS A 30 -1.20 -7.17 1.33
C CYS A 30 -0.02 -8.14 1.37
N GLU A 31 1.14 -7.58 1.65
CA GLU A 31 2.33 -8.37 1.96
C GLU A 31 2.56 -8.40 3.47
N LYS A 32 1.45 -8.58 4.20
CA LYS A 32 1.51 -8.62 5.66
C LYS A 32 0.58 -9.68 6.21
N CYS A 33 -0.57 -9.83 5.55
CA CYS A 33 -1.47 -10.95 5.81
C CYS A 33 -1.62 -11.82 4.57
N GLY A 34 -1.53 -11.16 3.41
CA GLY A 34 -1.78 -11.81 2.14
C GLY A 34 -3.28 -11.87 1.85
N LYS A 35 -3.93 -10.71 1.97
CA LYS A 35 -5.27 -10.52 1.41
C LYS A 35 -5.19 -9.64 0.16
N THR A 36 -5.77 -10.15 -0.93
CA THR A 36 -5.98 -9.36 -2.13
C THR A 36 -6.90 -8.18 -1.82
N LEU A 37 -6.49 -7.01 -2.31
CA LEU A 37 -7.03 -5.73 -1.83
C LEU A 37 -8.18 -5.28 -2.71
N THR A 38 -9.19 -4.66 -2.09
CA THR A 38 -10.15 -3.84 -2.81
C THR A 38 -9.44 -2.66 -3.46
N SER A 39 -10.04 -2.13 -4.52
CA SER A 39 -9.50 -0.98 -5.23
C SER A 39 -9.42 0.22 -4.28
N GLY A 40 -10.20 0.14 -3.21
CA GLY A 40 -10.01 0.97 -2.03
C GLY A 40 -9.81 0.10 -0.79
N GLY A 41 -9.62 0.79 0.34
CA GLY A 41 -9.58 0.09 1.63
C GLY A 41 -8.23 -0.59 1.84
N HIS A 42 -7.27 -0.18 0.99
CA HIS A 42 -5.87 -0.53 1.18
C HIS A 42 -5.06 0.72 1.56
N ALA A 43 -3.74 0.58 1.50
CA ALA A 43 -2.85 1.73 1.41
C ALA A 43 -1.42 1.27 1.11
N GLU A 44 -0.62 2.20 0.61
CA GLU A 44 0.65 1.83 -0.03
C GLU A 44 1.83 2.37 0.78
N HIS A 45 2.70 1.46 1.20
CA HIS A 45 4.05 1.82 1.61
C HIS A 45 4.91 2.10 0.38
N GLU A 46 6.21 2.21 0.59
CA GLU A 46 7.13 2.67 -0.44
C GLU A 46 7.16 1.67 -1.60
N GLY A 47 6.20 1.83 -2.51
CA GLY A 47 5.99 0.86 -3.58
C GLY A 47 5.64 -0.51 -2.99
N LYS A 48 4.61 -0.51 -2.15
CA LYS A 48 4.01 -1.74 -1.66
C LYS A 48 2.68 -1.43 -0.95
N PRO A 49 1.57 -1.76 -1.64
CA PRO A 49 0.21 -1.76 -1.04
C PRO A 49 0.03 -2.81 0.05
N TYR A 50 -0.78 -2.45 1.04
CA TYR A 50 -1.25 -3.42 2.03
C TYR A 50 -2.69 -3.09 2.42
N CYS A 51 -3.12 -3.73 3.53
CA CYS A 51 -4.31 -3.34 4.25
C CYS A 51 -4.20 -1.87 4.70
N ASN A 52 -5.26 -1.12 4.39
CA ASN A 52 -5.55 0.14 5.07
C ASN A 52 -5.79 -0.13 6.57
N HIS A 53 -6.39 -1.29 6.85
CA HIS A 53 -6.40 -1.86 8.18
C HIS A 53 -6.59 -3.39 8.07
N PRO A 54 -6.27 -4.07 9.20
CA PRO A 54 -5.55 -3.44 10.34
C PRO A 54 -4.07 -3.18 10.06
N CYS A 55 -3.54 -3.87 9.05
CA CYS A 55 -2.10 -4.15 8.98
C CYS A 55 -1.30 -2.85 8.96
N TYR A 56 -1.76 -1.91 8.14
CA TYR A 56 -1.10 -0.61 8.02
C TYR A 56 -1.14 0.12 9.36
N SER A 57 -2.32 0.15 9.97
CA SER A 57 -2.56 0.95 11.17
C SER A 57 -2.47 0.09 12.42
N ALA A 58 -1.74 -1.02 12.28
CA ALA A 58 -1.45 -1.90 13.40
C ALA A 58 0.06 -1.87 13.71
N MET A 59 0.85 -2.12 12.67
CA MET A 59 2.30 -2.01 12.78
C MET A 59 2.72 -0.55 12.61
N PHE A 60 2.14 0.10 11.61
CA PHE A 60 2.11 1.55 11.53
C PHE A 60 0.78 2.08 12.05
N GLY A 61 0.54 3.37 11.81
CA GLY A 61 -0.76 3.96 12.09
C GLY A 61 -0.56 5.27 12.90
N PRO A 62 0.06 6.26 12.24
CA PRO A 62 0.14 7.65 12.76
C PRO A 62 -1.24 8.28 12.99
N LYS A 63 -1.22 9.48 13.57
CA LYS A 63 -2.41 10.33 13.64
C LYS A 63 -2.22 11.58 12.79
N GLY A 64 -0.97 12.01 12.69
CA GLY A 64 -0.59 13.04 11.73
C GLY A 64 -0.09 12.41 10.44
N PHE A 65 -0.79 12.71 9.34
CA PHE A 65 -0.60 12.02 8.08
C PHE A 65 0.83 12.22 7.58
N GLY A 66 1.45 11.11 7.17
CA GLY A 66 2.87 11.10 6.86
C GLY A 66 3.69 11.39 8.12
N ARG A 67 5.01 11.43 7.94
CA ARG A 67 5.91 11.90 8.98
C ARG A 67 6.85 12.97 8.42
N GLY A 68 6.61 14.22 8.82
CA GLY A 68 7.27 15.36 8.22
C GLY A 68 7.42 16.49 9.24
N GLY A 69 8.64 17.02 9.32
CA GLY A 69 9.00 17.95 10.38
C GLY A 69 9.68 19.18 9.80
N ALA A 70 8.95 20.29 9.80
CA ALA A 70 9.52 21.59 9.48
C ALA A 70 9.98 22.30 10.75
N GLU A 71 9.00 22.74 11.54
CA GLU A 71 9.23 23.21 12.89
C GLU A 71 10.22 24.38 12.89
N SER A 72 9.69 25.55 13.24
CA SER A 72 10.52 26.76 13.35
C SER A 72 9.71 27.89 13.96
N HIS A 73 8.82 27.52 14.88
CA HIS A 73 7.94 28.49 15.54
C HIS A 73 7.12 27.80 16.62
N THR A 74 7.46 28.10 17.87
CA THR A 74 6.64 27.71 19.01
C THR A 74 6.14 28.95 19.75
N PHE A 75 7.10 29.72 20.25
CA PHE A 75 6.81 31.05 20.80
C PHE A 75 8.06 31.64 21.44
N LYS A 76 8.76 32.47 20.67
CA LYS A 76 9.85 33.27 21.18
C LYS A 76 9.76 34.70 20.67
ZN ZN B . 1.34 -4.26 -11.31
ZN ZN C . -3.17 -7.25 5.68
N PRO A 1 -1.76 5.38 -16.16
CA PRO A 1 -0.37 5.52 -15.68
C PRO A 1 0.30 4.19 -15.36
N LYS A 2 1.29 4.24 -14.46
CA LYS A 2 2.21 3.12 -14.26
C LYS A 2 2.17 2.65 -12.82
N CYS A 3 2.60 1.42 -12.61
CA CYS A 3 2.28 0.70 -11.37
C CYS A 3 3.33 1.03 -10.29
N PRO A 4 2.87 1.63 -9.19
CA PRO A 4 3.71 1.82 -7.97
C PRO A 4 4.22 0.51 -7.39
N LYS A 5 3.49 -0.56 -7.70
CA LYS A 5 3.79 -1.89 -7.16
C LYS A 5 4.97 -2.50 -7.90
N CYS A 6 4.71 -2.94 -9.13
CA CYS A 6 5.62 -3.84 -9.83
C CYS A 6 6.58 -3.07 -10.71
N ASP A 7 6.17 -1.85 -11.06
CA ASP A 7 6.86 -1.06 -12.07
C ASP A 7 6.61 -1.64 -13.46
N LYS A 8 5.34 -1.65 -13.85
CA LYS A 8 4.95 -1.81 -15.25
C LYS A 8 4.10 -0.63 -15.70
N GLU A 9 3.48 -0.77 -16.86
CA GLU A 9 2.37 0.09 -17.26
C GLU A 9 1.04 -0.66 -17.11
N VAL A 10 0.01 0.11 -16.77
CA VAL A 10 -1.24 -0.49 -16.31
C VAL A 10 -2.31 -0.32 -17.39
N TYR A 11 -2.72 -1.44 -17.98
CA TYR A 11 -3.77 -1.45 -18.98
C TYR A 11 -5.13 -1.26 -18.33
N PHE A 12 -6.11 -0.86 -19.13
CA PHE A 12 -7.33 -0.25 -18.58
C PHE A 12 -8.05 -1.21 -17.66
N ALA A 13 -8.49 -2.34 -18.25
CA ALA A 13 -9.31 -3.29 -17.50
C ALA A 13 -8.49 -4.02 -16.45
N GLU A 14 -7.18 -3.86 -16.52
CA GLU A 14 -6.29 -4.36 -15.48
C GLU A 14 -5.85 -3.22 -14.57
N ARG A 15 -6.79 -2.33 -14.27
CA ARG A 15 -6.49 -1.15 -13.48
C ARG A 15 -7.11 -1.27 -12.08
N VAL A 16 -6.45 -0.65 -11.11
CA VAL A 16 -7.10 -0.21 -9.87
C VAL A 16 -6.49 1.11 -9.42
N THR A 17 -7.35 1.96 -8.83
CA THR A 17 -7.02 3.35 -8.60
C THR A 17 -6.91 3.64 -7.11
N SER A 18 -5.90 4.45 -6.75
CA SER A 18 -5.55 4.67 -5.36
C SER A 18 -4.39 5.67 -5.27
N LEU A 19 -4.58 6.66 -4.39
CA LEU A 19 -3.67 7.78 -4.29
C LEU A 19 -3.63 8.55 -5.61
N GLY A 20 -4.64 8.32 -6.44
CA GLY A 20 -4.84 9.13 -7.63
C GLY A 20 -4.19 8.47 -8.84
N LYS A 21 -3.18 7.66 -8.57
CA LYS A 21 -2.46 6.94 -9.61
C LYS A 21 -2.86 5.47 -9.61
N ASP A 22 -2.66 4.82 -10.75
CA ASP A 22 -3.30 3.54 -11.03
C ASP A 22 -2.40 2.39 -10.60
N TRP A 23 -2.93 1.18 -10.78
CA TRP A 23 -2.21 -0.03 -10.39
C TRP A 23 -2.67 -1.20 -11.28
N HIS A 24 -2.14 -2.37 -10.95
CA HIS A 24 -2.62 -3.63 -11.52
C HIS A 24 -3.54 -4.34 -10.53
N ARG A 25 -4.55 -5.01 -11.10
CA ARG A 25 -5.64 -5.57 -10.31
C ARG A 25 -5.07 -6.63 -9.34
N PRO A 26 -4.25 -7.53 -9.89
CA PRO A 26 -3.53 -8.56 -9.09
C PRO A 26 -2.60 -7.97 -8.04
N CYS A 27 -2.04 -6.81 -8.35
CA CYS A 27 -0.94 -6.25 -7.59
C CYS A 27 -1.42 -5.76 -6.23
N LEU A 28 -2.55 -5.06 -6.25
CA LEU A 28 -3.02 -4.31 -5.09
C LEU A 28 -3.40 -5.25 -3.95
N LYS A 29 -2.37 -5.76 -3.28
CA LYS A 29 -2.55 -6.79 -2.26
C LYS A 29 -1.76 -6.43 -1.01
N CYS A 30 -2.33 -6.83 0.14
CA CYS A 30 -1.62 -6.78 1.41
C CYS A 30 -0.36 -7.66 1.35
N GLU A 31 0.76 -7.05 1.74
CA GLU A 31 2.01 -7.77 1.90
C GLU A 31 2.25 -8.09 3.38
N LYS A 32 1.15 -8.18 4.12
CA LYS A 32 1.17 -8.79 5.45
C LYS A 32 0.31 -10.05 5.44
N CYS A 33 -0.97 -9.87 5.14
CA CYS A 33 -1.94 -10.96 5.31
C CYS A 33 -2.21 -11.65 3.99
N GLY A 34 -1.93 -10.94 2.90
CA GLY A 34 -2.05 -11.50 1.55
C GLY A 34 -3.51 -11.56 1.14
N LYS A 35 -4.23 -10.47 1.45
CA LYS A 35 -5.64 -10.37 1.09
C LYS A 35 -5.86 -9.17 0.16
N THR A 36 -6.55 -9.44 -0.94
CA THR A 36 -6.73 -8.46 -1.99
C THR A 36 -7.47 -7.24 -1.47
N LEU A 37 -7.17 -6.08 -2.06
CA LEU A 37 -7.56 -4.80 -1.49
C LEU A 37 -8.64 -4.14 -2.35
N THR A 38 -9.74 -3.80 -1.70
CA THR A 38 -10.89 -3.24 -2.38
C THR A 38 -10.72 -1.73 -2.59
N SER A 39 -11.83 -1.09 -2.95
CA SER A 39 -11.77 0.28 -3.48
C SER A 39 -12.01 1.29 -2.36
N GLY A 40 -11.52 0.97 -1.17
CA GLY A 40 -11.30 1.96 -0.13
C GLY A 40 -11.41 1.32 1.26
N GLY A 41 -10.56 0.32 1.48
CA GLY A 41 -10.27 -0.19 2.81
C GLY A 41 -8.79 -0.50 2.99
N HIS A 42 -8.00 -0.05 2.02
CA HIS A 42 -6.56 -0.35 2.02
C HIS A 42 -5.75 0.93 2.22
N ALA A 43 -4.44 0.80 2.03
CA ALA A 43 -3.55 1.94 1.93
C ALA A 43 -2.41 1.64 0.96
N GLU A 44 -1.40 2.50 0.99
CA GLU A 44 -0.14 2.23 0.31
C GLU A 44 1.04 2.67 1.19
N HIS A 45 2.04 1.81 1.28
CA HIS A 45 3.37 2.23 1.74
C HIS A 45 4.36 2.09 0.58
N GLU A 46 5.50 2.76 0.71
CA GLU A 46 6.35 3.07 -0.44
C GLU A 46 6.79 1.80 -1.14
N GLY A 47 5.99 1.37 -2.12
CA GLY A 47 6.36 0.25 -2.96
C GLY A 47 5.56 -1.00 -2.56
N LYS A 48 4.38 -0.77 -1.99
CA LYS A 48 3.34 -1.78 -1.92
C LYS A 48 2.15 -1.24 -1.11
N PRO A 49 0.93 -1.58 -1.59
CA PRO A 49 -0.32 -1.46 -0.80
C PRO A 49 -0.39 -2.41 0.39
N TYR A 50 -1.27 -2.08 1.33
CA TYR A 50 -1.62 -3.01 2.41
C TYR A 50 -3.07 -2.73 2.86
N CYS A 51 -3.44 -3.44 3.94
CA CYS A 51 -4.57 -3.09 4.75
C CYS A 51 -4.40 -1.67 5.32
N ASN A 52 -5.48 -0.89 5.18
CA ASN A 52 -5.61 0.36 5.94
C ASN A 52 -5.62 0.07 7.43
N HIS A 53 -6.17 -1.08 7.78
CA HIS A 53 -5.95 -1.69 9.09
C HIS A 53 -6.25 -3.21 9.00
N PRO A 54 -5.75 -3.94 10.01
CA PRO A 54 -4.78 -3.39 10.99
C PRO A 54 -3.37 -3.21 10.42
N CYS A 55 -3.10 -3.89 9.31
CA CYS A 55 -1.74 -4.28 8.94
C CYS A 55 -0.85 -3.05 8.79
N TYR A 56 -1.40 -2.02 8.15
CA TYR A 56 -0.67 -0.78 7.94
C TYR A 56 -0.30 -0.15 9.27
N SER A 57 -1.33 0.18 10.05
CA SER A 57 -1.15 0.92 11.29
C SER A 57 -0.35 0.08 12.29
N ALA A 58 -0.59 -1.23 12.25
CA ALA A 58 -0.12 -2.13 13.29
C ALA A 58 1.35 -2.49 13.07
N MET A 59 1.66 -2.87 11.84
CA MET A 59 2.89 -3.59 11.55
C MET A 59 3.99 -2.62 11.13
N PHE A 60 3.60 -1.59 10.37
CA PHE A 60 4.55 -0.78 9.62
C PHE A 60 5.54 -0.11 10.57
N GLY A 61 6.65 -0.80 10.83
CA GLY A 61 7.58 -0.44 11.89
C GLY A 61 8.68 -1.50 12.00
N PRO A 62 9.74 -1.14 12.75
CA PRO A 62 11.02 -1.90 12.74
C PRO A 62 10.92 -3.29 13.36
N LYS A 63 10.01 -4.10 12.83
CA LYS A 63 10.02 -5.54 13.07
C LYS A 63 9.85 -5.83 14.56
N GLY A 64 9.20 -4.90 15.25
CA GLY A 64 9.15 -4.94 16.72
C GLY A 64 8.45 -6.23 17.18
N PHE A 65 9.26 -7.24 17.43
CA PHE A 65 8.80 -8.46 18.09
C PHE A 65 9.92 -9.49 18.15
N GLY A 66 10.15 -10.15 17.03
CA GLY A 66 11.34 -10.96 16.83
C GLY A 66 11.39 -12.10 17.84
N ARG A 67 12.39 -12.97 17.68
CA ARG A 67 12.71 -13.95 18.69
C ARG A 67 13.18 -13.28 19.98
N GLY A 68 12.35 -13.37 21.00
CA GLY A 68 12.63 -12.75 22.29
C GLY A 68 13.91 -13.35 22.89
N GLY A 69 14.34 -14.46 22.30
CA GLY A 69 15.53 -15.16 22.78
C GLY A 69 15.14 -16.23 23.80
N ALA A 70 15.85 -16.22 24.92
CA ALA A 70 15.46 -17.02 26.08
C ALA A 70 15.46 -18.50 25.73
N GLU A 71 16.48 -19.20 26.23
CA GLU A 71 16.67 -20.60 25.89
C GLU A 71 15.69 -21.46 26.69
N SER A 72 15.77 -21.33 28.01
CA SER A 72 14.92 -22.08 28.91
C SER A 72 15.19 -23.58 28.76
N HIS A 73 14.25 -24.38 29.27
CA HIS A 73 14.25 -25.81 29.02
C HIS A 73 12.85 -26.28 28.61
N THR A 74 12.82 -27.31 27.78
CA THR A 74 11.58 -27.73 27.13
C THR A 74 10.54 -28.14 28.16
N PHE A 75 9.35 -28.48 27.67
CA PHE A 75 8.20 -28.68 28.53
C PHE A 75 8.33 -29.98 29.32
N LYS A 76 7.27 -30.32 30.04
CA LYS A 76 7.16 -31.63 30.68
C LYS A 76 5.70 -32.10 30.66
ZN ZN B . 1.63 -4.02 -10.92
ZN ZN C . -3.55 -7.19 5.75
N PRO A 1 -0.70 6.36 -13.83
CA PRO A 1 -1.00 5.23 -14.74
C PRO A 1 0.15 4.21 -14.86
N LYS A 2 0.99 4.19 -13.83
CA LYS A 2 2.02 3.17 -13.69
C LYS A 2 1.97 2.54 -12.31
N CYS A 3 2.33 1.27 -12.24
CA CYS A 3 2.05 0.47 -11.04
C CYS A 3 3.19 0.67 -10.03
N PRO A 4 2.83 1.16 -8.83
CA PRO A 4 3.75 1.18 -7.65
C PRO A 4 4.20 -0.22 -7.22
N LYS A 5 3.30 -1.18 -7.40
CA LYS A 5 3.46 -2.50 -6.83
C LYS A 5 4.61 -3.24 -7.53
N CYS A 6 4.41 -3.48 -8.83
CA CYS A 6 5.32 -4.31 -9.60
C CYS A 6 6.33 -3.46 -10.36
N ASP A 7 5.94 -2.22 -10.61
CA ASP A 7 6.69 -1.33 -11.48
C ASP A 7 6.54 -1.75 -12.94
N LYS A 8 5.28 -1.81 -13.39
CA LYS A 8 4.98 -1.77 -14.82
C LYS A 8 4.20 -0.51 -15.16
N GLU A 9 3.64 -0.46 -16.37
CA GLU A 9 2.57 0.46 -16.69
C GLU A 9 1.24 -0.30 -16.74
N VAL A 10 0.16 0.43 -16.49
CA VAL A 10 -1.11 -0.21 -16.14
C VAL A 10 -2.12 0.03 -17.25
N TYR A 11 -2.46 -1.06 -17.95
CA TYR A 11 -3.46 -0.99 -19.02
C TYR A 11 -4.86 -0.83 -18.42
N PHE A 12 -5.76 -0.26 -19.21
CA PHE A 12 -6.96 0.36 -18.67
C PHE A 12 -7.79 -0.65 -17.89
N ALA A 13 -8.21 -1.70 -18.62
CA ALA A 13 -9.15 -2.66 -18.03
C ALA A 13 -8.48 -3.54 -16.98
N GLU A 14 -7.19 -3.30 -16.79
CA GLU A 14 -6.42 -4.02 -15.78
C GLU A 14 -6.14 -3.10 -14.58
N ARG A 15 -6.92 -2.02 -14.49
CA ARG A 15 -6.56 -0.91 -13.63
C ARG A 15 -7.26 -1.02 -12.27
N VAL A 16 -6.63 -0.47 -11.25
CA VAL A 16 -7.33 -0.03 -10.05
C VAL A 16 -6.67 1.23 -9.50
N THR A 17 -7.51 2.11 -8.93
CA THR A 17 -7.11 3.48 -8.63
C THR A 17 -7.12 3.72 -7.13
N SER A 18 -6.08 4.42 -6.67
CA SER A 18 -5.82 4.57 -5.25
C SER A 18 -4.57 5.44 -5.02
N LEU A 19 -4.76 6.46 -4.19
CA LEU A 19 -3.76 7.49 -4.00
C LEU A 19 -3.47 8.21 -5.32
N GLY A 20 -4.52 8.38 -6.11
CA GLY A 20 -4.47 9.25 -7.28
C GLY A 20 -3.41 8.75 -8.27
N LYS A 21 -3.01 7.49 -8.11
CA LYS A 21 -2.27 6.77 -9.14
C LYS A 21 -2.78 5.34 -9.25
N ASP A 22 -2.57 4.74 -10.42
CA ASP A 22 -3.25 3.52 -10.80
C ASP A 22 -2.44 2.30 -10.36
N TRP A 23 -3.03 1.13 -10.60
CA TRP A 23 -2.39 -0.13 -10.23
C TRP A 23 -2.83 -1.22 -11.22
N HIS A 24 -2.36 -2.44 -10.93
CA HIS A 24 -2.86 -3.64 -11.60
C HIS A 24 -3.87 -4.36 -10.71
N ARG A 25 -4.85 -4.98 -11.35
CA ARG A 25 -6.02 -5.50 -10.66
C ARG A 25 -5.59 -6.56 -9.63
N PRO A 26 -4.75 -7.50 -10.10
CA PRO A 26 -4.15 -8.55 -9.24
C PRO A 26 -3.24 -8.00 -8.14
N CYS A 27 -2.53 -6.93 -8.48
CA CYS A 27 -1.40 -6.49 -7.68
C CYS A 27 -1.86 -6.03 -6.30
N LEU A 28 -2.87 -5.16 -6.29
CA LEU A 28 -3.21 -4.37 -5.12
C LEU A 28 -3.57 -5.28 -3.95
N LYS A 29 -2.55 -5.65 -3.17
CA LYS A 29 -2.66 -6.75 -2.22
C LYS A 29 -1.77 -6.50 -1.01
N CYS A 30 -2.21 -7.01 0.13
CA CYS A 30 -1.43 -6.95 1.35
C CYS A 30 -0.19 -7.86 1.25
N GLU A 31 0.96 -7.24 1.51
CA GLU A 31 2.21 -7.98 1.68
C GLU A 31 2.47 -8.25 3.16
N LYS A 32 1.37 -8.42 3.90
CA LYS A 32 1.44 -8.70 5.32
C LYS A 32 0.58 -9.92 5.67
N CYS A 33 -0.66 -9.88 5.19
CA CYS A 33 -1.60 -10.95 5.44
C CYS A 33 -1.96 -11.70 4.17
N GLY A 34 -1.68 -11.06 3.03
CA GLY A 34 -1.94 -11.64 1.73
C GLY A 34 -3.43 -11.68 1.44
N LYS A 35 -4.12 -10.60 1.83
CA LYS A 35 -5.50 -10.39 1.42
C LYS A 35 -5.56 -9.41 0.25
N THR A 36 -6.32 -9.80 -0.77
CA THR A 36 -6.63 -8.92 -1.88
C THR A 36 -7.39 -7.69 -1.38
N LEU A 37 -7.03 -6.53 -1.95
CA LEU A 37 -7.49 -5.26 -1.43
C LEU A 37 -8.61 -4.69 -2.30
N THR A 38 -9.75 -4.45 -1.67
CA THR A 38 -10.96 -4.04 -2.37
C THR A 38 -10.94 -2.53 -2.62
N SER A 39 -12.09 -2.02 -3.05
CA SER A 39 -12.18 -0.66 -3.58
C SER A 39 -12.09 0.36 -2.44
N GLY A 40 -10.88 0.57 -1.97
CA GLY A 40 -10.60 1.69 -1.07
C GLY A 40 -10.76 1.26 0.39
N GLY A 41 -10.02 0.22 0.75
CA GLY A 41 -9.82 -0.15 2.14
C GLY A 41 -8.36 -0.48 2.44
N HIS A 42 -7.50 -0.16 1.47
CA HIS A 42 -6.08 -0.43 1.60
C HIS A 42 -5.30 0.86 1.85
N ALA A 43 -3.97 0.75 1.79
CA ALA A 43 -3.12 1.93 1.64
C ALA A 43 -1.70 1.48 1.30
N GLU A 44 -0.93 2.41 0.72
CA GLU A 44 0.26 2.04 -0.03
C GLU A 44 1.52 2.54 0.69
N HIS A 45 2.46 1.63 0.90
CA HIS A 45 3.86 2.01 1.11
C HIS A 45 4.55 2.16 -0.25
N GLU A 46 5.57 3.01 -0.26
CA GLU A 46 6.24 3.39 -1.50
C GLU A 46 6.90 2.16 -2.14
N GLY A 47 6.06 1.33 -2.74
CA GLY A 47 6.46 0.00 -3.16
C GLY A 47 5.24 -0.88 -3.41
N LYS A 48 4.38 -0.95 -2.40
CA LYS A 48 3.36 -1.99 -2.32
C LYS A 48 2.18 -1.50 -1.46
N PRO A 49 0.95 -1.86 -1.91
CA PRO A 49 -0.28 -1.74 -1.09
C PRO A 49 -0.33 -2.70 0.08
N TYR A 50 -1.00 -2.27 1.15
CA TYR A 50 -1.37 -3.16 2.24
C TYR A 50 -2.79 -2.83 2.72
N CYS A 51 -3.17 -3.51 3.81
CA CYS A 51 -4.32 -3.14 4.60
C CYS A 51 -4.18 -1.69 5.10
N ASN A 52 -5.28 -0.95 4.97
CA ASN A 52 -5.47 0.30 5.70
C ASN A 52 -5.45 0.02 7.21
N HIS A 53 -6.03 -1.11 7.59
CA HIS A 53 -5.80 -1.70 8.90
C HIS A 53 -5.99 -3.24 8.81
N PRO A 54 -5.60 -3.90 9.92
CA PRO A 54 -4.66 -3.30 10.92
C PRO A 54 -3.26 -3.06 10.35
N CYS A 55 -2.94 -3.79 9.28
CA CYS A 55 -1.55 -4.12 8.95
C CYS A 55 -0.72 -2.87 8.79
N TYR A 56 -1.28 -1.87 8.12
CA TYR A 56 -0.63 -0.57 7.97
C TYR A 56 -0.42 0.07 9.33
N SER A 57 -1.52 0.23 10.08
CA SER A 57 -1.53 1.06 11.26
C SER A 57 -1.32 0.22 12.51
N ALA A 58 -0.69 -0.93 12.31
CA ALA A 58 -0.30 -1.79 13.42
C ALA A 58 1.22 -2.02 13.39
N MET A 59 1.72 -2.37 12.21
CA MET A 59 3.12 -2.71 12.03
C MET A 59 3.87 -1.53 11.42
N PHE A 60 3.11 -0.62 10.81
CA PHE A 60 3.68 0.38 9.91
C PHE A 60 3.11 1.76 10.24
N GLY A 61 2.48 1.86 11.40
CA GLY A 61 1.73 3.05 11.77
C GLY A 61 2.70 4.14 12.29
N PRO A 62 2.20 5.39 12.28
CA PRO A 62 2.90 6.53 12.93
C PRO A 62 3.18 6.31 14.41
N LYS A 63 2.45 5.35 14.99
CA LYS A 63 2.72 4.90 16.35
C LYS A 63 2.60 6.06 17.34
N GLY A 64 3.02 5.80 18.57
CA GLY A 64 2.76 6.70 19.69
C GLY A 64 3.66 7.93 19.58
N PHE A 65 3.03 9.10 19.72
CA PHE A 65 3.76 10.36 19.89
C PHE A 65 4.51 10.71 18.60
N GLY A 66 4.91 11.96 18.51
CA GLY A 66 5.81 12.41 17.45
C GLY A 66 5.95 13.94 17.47
N ARG A 67 6.39 14.44 18.62
CA ARG A 67 6.77 15.84 18.75
C ARG A 67 8.21 15.96 19.24
N GLY A 68 8.81 17.12 18.97
CA GLY A 68 10.24 17.31 19.17
C GLY A 68 10.59 18.80 19.10
N GLY A 69 11.60 19.11 18.31
CA GLY A 69 12.19 20.44 18.28
C GLY A 69 12.64 20.80 16.87
N ALA A 70 13.86 20.38 16.54
CA ALA A 70 14.53 20.83 15.33
C ALA A 70 15.87 20.12 15.17
N GLU A 71 16.25 19.92 13.90
CA GLU A 71 17.45 19.16 13.58
C GLU A 71 18.68 19.87 14.16
N SER A 72 19.60 19.07 14.70
CA SER A 72 20.70 19.58 15.50
C SER A 72 21.57 20.51 14.65
N HIS A 73 21.75 21.73 15.15
CA HIS A 73 22.56 22.73 14.47
C HIS A 73 23.74 23.15 15.35
N THR A 74 23.42 23.81 16.46
CA THR A 74 24.39 24.10 17.50
C THR A 74 24.35 23.02 18.58
N PHE A 75 25.53 22.65 19.05
CA PHE A 75 25.67 21.49 19.93
C PHE A 75 25.67 21.93 21.40
N LYS A 76 25.09 21.08 22.24
CA LYS A 76 24.81 21.45 23.62
C LYS A 76 26.10 21.73 24.38
ZN ZN B . 1.39 -4.26 -10.84
ZN ZN C . -3.20 -7.16 5.78
N PRO A 1 -1.18 5.68 -15.79
CA PRO A 1 0.26 5.56 -15.43
C PRO A 1 0.71 4.12 -15.21
N LYS A 2 1.77 3.97 -14.42
CA LYS A 2 2.49 2.71 -14.32
C LYS A 2 2.50 2.21 -12.88
N CYS A 3 2.73 0.91 -12.73
CA CYS A 3 2.38 0.23 -11.47
C CYS A 3 3.49 0.48 -10.43
N PRO A 4 3.10 1.11 -9.31
CA PRO A 4 3.97 1.20 -8.10
C PRO A 4 4.31 -0.15 -7.50
N LYS A 5 3.52 -1.16 -7.88
CA LYS A 5 3.70 -2.52 -7.39
C LYS A 5 4.77 -3.23 -8.22
N CYS A 6 4.37 -3.67 -9.41
CA CYS A 6 5.15 -4.65 -10.16
C CYS A 6 6.14 -3.95 -11.09
N ASP A 7 5.87 -2.68 -11.36
CA ASP A 7 6.63 -1.92 -12.34
C ASP A 7 6.31 -2.39 -13.77
N LYS A 8 5.02 -2.42 -14.08
CA LYS A 8 4.57 -2.41 -15.47
C LYS A 8 3.79 -1.13 -15.75
N GLU A 9 3.12 -1.12 -16.90
CA GLU A 9 2.12 -0.10 -17.19
C GLU A 9 0.71 -0.69 -17.10
N VAL A 10 -0.23 0.17 -16.72
CA VAL A 10 -1.52 -0.33 -16.21
C VAL A 10 -2.62 -0.01 -17.21
N TYR A 11 -3.17 -1.07 -17.80
CA TYR A 11 -4.26 -0.92 -18.77
C TYR A 11 -5.58 -0.65 -18.05
N PHE A 12 -6.53 -0.07 -18.79
CA PHE A 12 -7.63 0.66 -18.16
C PHE A 12 -8.43 -0.25 -17.23
N ALA A 13 -9.04 -1.28 -17.85
CA ALA A 13 -9.95 -2.14 -17.09
C ALA A 13 -9.21 -3.02 -16.10
N GLU A 14 -7.89 -3.08 -16.26
CA GLU A 14 -7.04 -3.67 -15.21
C GLU A 14 -6.36 -2.55 -14.42
N ARG A 15 -7.19 -1.62 -13.95
CA ARG A 15 -6.69 -0.52 -13.15
C ARG A 15 -7.27 -0.58 -11.73
N VAL A 16 -6.49 -0.10 -10.76
CA VAL A 16 -7.04 0.46 -9.53
C VAL A 16 -6.27 1.73 -9.16
N THR A 17 -7.02 2.72 -8.67
CA THR A 17 -6.44 4.01 -8.34
C THR A 17 -6.31 4.17 -6.83
N SER A 18 -5.11 4.58 -6.41
CA SER A 18 -4.68 4.48 -5.02
C SER A 18 -3.40 5.28 -4.82
N LEU A 19 -3.48 6.22 -3.86
CA LEU A 19 -2.36 7.09 -3.55
C LEU A 19 -1.93 7.90 -4.77
N GLY A 20 -2.92 8.24 -5.59
CA GLY A 20 -2.76 9.29 -6.60
C GLY A 20 -1.95 8.78 -7.78
N LYS A 21 -1.87 7.45 -7.90
CA LYS A 21 -1.44 6.81 -9.13
C LYS A 21 -2.03 5.40 -9.21
N ASP A 22 -2.06 4.87 -10.43
CA ASP A 22 -2.86 3.68 -10.74
C ASP A 22 -2.07 2.41 -10.41
N TRP A 23 -2.75 1.28 -10.60
CA TRP A 23 -2.17 -0.01 -10.26
C TRP A 23 -2.80 -1.09 -11.14
N HIS A 24 -2.38 -2.33 -10.86
CA HIS A 24 -3.04 -3.51 -11.41
C HIS A 24 -3.96 -4.14 -10.36
N ARG A 25 -5.10 -4.63 -10.83
CA ARG A 25 -6.18 -5.07 -9.96
C ARG A 25 -5.69 -6.22 -9.07
N PRO A 26 -5.08 -7.24 -9.72
CA PRO A 26 -4.45 -8.38 -9.02
C PRO A 26 -3.36 -7.96 -8.03
N CYS A 27 -2.64 -6.91 -8.39
CA CYS A 27 -1.43 -6.52 -7.68
C CYS A 27 -1.78 -6.07 -6.27
N LEU A 28 -2.80 -5.24 -6.17
CA LEU A 28 -3.08 -4.47 -4.96
C LEU A 28 -3.35 -5.42 -3.80
N LYS A 29 -2.28 -5.82 -3.12
CA LYS A 29 -2.32 -6.96 -2.21
C LYS A 29 -1.51 -6.67 -0.94
N CYS A 30 -1.98 -7.22 0.17
CA CYS A 30 -1.21 -7.27 1.39
C CYS A 30 -0.05 -8.25 1.26
N GLU A 31 1.17 -7.73 1.41
CA GLU A 31 2.35 -8.56 1.62
C GLU A 31 2.67 -8.63 3.12
N LYS A 32 1.63 -8.53 3.92
CA LYS A 32 1.73 -8.77 5.36
C LYS A 32 0.98 -10.05 5.72
N CYS A 33 -0.29 -10.09 5.29
CA CYS A 33 -1.13 -11.24 5.60
C CYS A 33 -1.41 -12.07 4.36
N GLY A 34 -1.30 -11.42 3.20
CA GLY A 34 -1.57 -12.06 1.93
C GLY A 34 -3.07 -12.05 1.64
N LYS A 35 -3.69 -10.91 1.88
CA LYS A 35 -5.06 -10.65 1.43
C LYS A 35 -5.06 -9.59 0.34
N THR A 36 -5.55 -9.98 -0.84
CA THR A 36 -5.84 -9.03 -1.91
C THR A 36 -6.90 -8.03 -1.45
N LEU A 37 -6.97 -6.92 -2.17
CA LEU A 37 -7.70 -5.75 -1.70
C LEU A 37 -8.62 -5.22 -2.78
N THR A 38 -9.75 -4.66 -2.36
CA THR A 38 -10.68 -4.01 -3.26
C THR A 38 -10.25 -2.57 -3.53
N SER A 39 -11.17 -1.79 -4.10
CA SER A 39 -10.86 -0.48 -4.62
C SER A 39 -11.18 0.60 -3.59
N GLY A 40 -11.04 0.23 -2.32
CA GLY A 40 -10.97 1.22 -1.24
C GLY A 40 -11.12 0.52 0.12
N GLY A 41 -10.21 -0.43 0.35
CA GLY A 41 -10.08 -1.05 1.65
C GLY A 41 -8.61 -1.34 1.99
N HIS A 42 -7.72 -0.78 1.17
CA HIS A 42 -6.30 -1.05 1.31
C HIS A 42 -5.56 0.19 1.78
N ALA A 43 -4.23 0.08 1.84
CA ALA A 43 -3.36 1.26 1.93
C ALA A 43 -2.00 0.95 1.32
N GLU A 44 -1.09 1.91 1.40
CA GLU A 44 0.12 1.90 0.59
C GLU A 44 1.31 2.39 1.42
N HIS A 45 2.25 1.50 1.65
CA HIS A 45 3.63 1.89 1.97
C HIS A 45 4.34 2.38 0.72
N GLU A 46 5.65 2.54 0.82
CA GLU A 46 6.45 3.14 -0.24
C GLU A 46 6.35 2.30 -1.51
N GLY A 47 5.32 2.57 -2.29
CA GLY A 47 5.02 1.80 -3.50
C GLY A 47 4.76 0.34 -3.15
N LYS A 48 3.92 0.14 -2.13
CA LYS A 48 3.66 -1.19 -1.63
C LYS A 48 2.30 -1.22 -0.90
N PRO A 49 1.28 -1.78 -1.60
CA PRO A 49 -0.08 -1.93 -1.04
C PRO A 49 -0.17 -2.91 0.12
N TYR A 50 -1.04 -2.60 1.07
CA TYR A 50 -1.37 -3.52 2.15
C TYR A 50 -2.86 -3.40 2.51
N CYS A 51 -3.19 -4.02 3.65
CA CYS A 51 -4.41 -3.73 4.37
C CYS A 51 -4.47 -2.24 4.74
N ASN A 52 -5.63 -1.65 4.51
CA ASN A 52 -6.01 -0.39 5.16
C ASN A 52 -6.06 -0.59 6.68
N HIS A 53 -6.45 -1.80 7.08
CA HIS A 53 -6.25 -2.28 8.44
C HIS A 53 -6.26 -3.82 8.44
N PRO A 54 -5.75 -4.38 9.56
CA PRO A 54 -4.95 -3.61 10.54
C PRO A 54 -3.53 -3.28 10.04
N CYS A 55 -3.10 -4.01 9.02
CA CYS A 55 -1.68 -4.21 8.76
C CYS A 55 -0.97 -2.87 8.53
N TYR A 56 -1.67 -1.96 7.85
CA TYR A 56 -1.25 -0.58 7.76
C TYR A 56 -1.23 0.07 9.15
N SER A 57 -2.38 -0.02 9.82
CA SER A 57 -2.58 0.65 11.09
C SER A 57 -1.59 0.13 12.13
N ALA A 58 -0.95 -0.98 11.79
CA ALA A 58 0.01 -1.62 12.67
C ALA A 58 1.41 -1.04 12.44
N MET A 59 1.73 -0.84 11.17
CA MET A 59 3.03 -0.31 10.78
C MET A 59 3.03 1.21 10.87
N PHE A 60 1.93 1.82 10.48
CA PHE A 60 1.85 3.25 10.28
C PHE A 60 1.24 3.93 11.49
N GLY A 61 2.10 4.35 12.42
CA GLY A 61 1.70 5.20 13.52
C GLY A 61 1.99 4.50 14.86
N PRO A 62 3.30 4.37 15.17
CA PRO A 62 3.77 3.91 16.51
C PRO A 62 3.27 4.78 17.66
N LYS A 63 2.93 6.01 17.32
CA LYS A 63 2.29 6.93 18.28
C LYS A 63 0.79 6.67 18.33
N GLY A 64 0.10 7.09 17.28
CA GLY A 64 -1.30 6.75 17.09
C GLY A 64 -2.14 7.29 18.24
N PHE A 65 -1.69 8.42 18.79
CA PHE A 65 -2.38 9.06 19.89
C PHE A 65 -3.03 10.36 19.42
N GLY A 66 -3.84 10.95 20.31
CA GLY A 66 -4.68 12.07 19.95
C GLY A 66 -6.12 11.62 19.74
N ARG A 67 -6.90 11.65 20.81
CA ARG A 67 -8.22 11.06 20.82
C ARG A 67 -8.13 9.55 20.66
N GLY A 68 -9.00 8.84 21.36
CA GLY A 68 -8.91 7.38 21.48
C GLY A 68 -8.58 6.98 22.91
N GLY A 69 -9.62 6.78 23.70
CA GLY A 69 -9.47 6.34 25.07
C GLY A 69 -10.25 7.25 26.02
N ALA A 70 -11.47 7.58 25.62
CA ALA A 70 -12.41 8.25 26.50
C ALA A 70 -11.86 9.62 26.92
N GLU A 71 -12.34 10.65 26.23
CA GLU A 71 -12.09 12.02 26.65
C GLU A 71 -13.26 12.52 27.51
N SER A 72 -12.95 12.85 28.76
CA SER A 72 -13.88 13.56 29.62
C SER A 72 -14.18 14.95 29.08
N HIS A 73 -14.74 15.79 29.93
CA HIS A 73 -15.27 17.08 29.52
C HIS A 73 -16.51 16.88 28.65
N THR A 74 -17.18 15.75 28.85
CA THR A 74 -18.48 15.52 28.26
C THR A 74 -19.58 15.64 29.32
N PHE A 75 -20.81 15.84 28.86
CA PHE A 75 -21.91 16.20 29.74
C PHE A 75 -22.69 14.94 30.12
N LYS A 76 -22.01 13.81 30.10
CA LYS A 76 -22.55 12.56 30.64
C LYS A 76 -22.83 12.71 32.13
ZN ZN B . 1.14 -4.38 -11.06
ZN ZN C . -3.01 -7.55 5.81
N PRO A 1 -0.05 6.34 -16.08
CA PRO A 1 -0.47 5.11 -15.36
C PRO A 1 0.54 3.98 -15.46
N LYS A 2 1.44 3.93 -14.48
CA LYS A 2 2.35 2.81 -14.32
C LYS A 2 2.35 2.32 -12.87
N CYS A 3 2.73 1.06 -12.69
CA CYS A 3 2.42 0.35 -11.44
C CYS A 3 3.48 0.70 -10.38
N PRO A 4 3.02 1.31 -9.27
CA PRO A 4 3.86 1.49 -8.05
C PRO A 4 4.32 0.16 -7.44
N LYS A 5 3.62 -0.90 -7.82
CA LYS A 5 3.94 -2.24 -7.34
C LYS A 5 5.08 -2.84 -8.16
N CYS A 6 4.73 -3.30 -9.37
CA CYS A 6 5.59 -4.22 -10.11
C CYS A 6 6.51 -3.44 -11.04
N ASP A 7 6.11 -2.20 -11.33
CA ASP A 7 6.76 -1.40 -12.36
C ASP A 7 6.42 -1.93 -13.75
N LYS A 8 5.14 -1.85 -14.09
CA LYS A 8 4.69 -1.97 -15.47
C LYS A 8 3.84 -0.76 -15.85
N GLU A 9 3.18 -0.86 -17.00
CA GLU A 9 2.07 0.04 -17.32
C GLU A 9 0.74 -0.69 -17.15
N VAL A 10 -0.29 0.09 -16.78
CA VAL A 10 -1.51 -0.50 -16.25
C VAL A 10 -2.68 -0.20 -17.18
N TYR A 11 -3.16 -1.27 -17.83
CA TYR A 11 -4.25 -1.16 -18.77
C TYR A 11 -5.57 -0.92 -18.03
N PHE A 12 -6.53 -0.30 -18.73
CA PHE A 12 -7.62 0.39 -18.04
C PHE A 12 -8.41 -0.56 -17.17
N ALA A 13 -9.00 -1.56 -17.83
CA ALA A 13 -9.93 -2.46 -17.14
C ALA A 13 -9.19 -3.39 -16.18
N GLU A 14 -7.86 -3.26 -16.16
CA GLU A 14 -7.03 -4.04 -15.28
C GLU A 14 -6.57 -3.21 -14.08
N ARG A 15 -7.20 -2.04 -13.92
CA ARG A 15 -6.63 -0.97 -13.12
C ARG A 15 -7.21 -1.00 -11.70
N VAL A 16 -6.48 -0.40 -10.77
CA VAL A 16 -7.06 0.11 -9.54
C VAL A 16 -6.30 1.38 -9.10
N THR A 17 -7.05 2.30 -8.50
CA THR A 17 -6.57 3.66 -8.29
C THR A 17 -6.41 3.95 -6.81
N SER A 18 -5.31 4.62 -6.48
CA SER A 18 -4.91 4.81 -5.09
C SER A 18 -3.63 5.64 -5.02
N LEU A 19 -3.70 6.71 -4.23
CA LEU A 19 -2.66 7.72 -4.20
C LEU A 19 -2.50 8.37 -5.57
N GLY A 20 -3.61 8.50 -6.28
CA GLY A 20 -3.68 9.29 -7.50
C GLY A 20 -2.73 8.73 -8.55
N LYS A 21 -2.32 7.48 -8.34
CA LYS A 21 -1.68 6.68 -9.40
C LYS A 21 -2.26 5.26 -9.40
N ASP A 22 -2.21 4.64 -10.56
CA ASP A 22 -2.98 3.42 -10.82
C ASP A 22 -2.16 2.20 -10.43
N TRP A 23 -2.81 1.04 -10.57
CA TRP A 23 -2.18 -0.23 -10.20
C TRP A 23 -2.74 -1.35 -11.08
N HIS A 24 -2.17 -2.54 -10.90
CA HIS A 24 -2.69 -3.76 -11.50
C HIS A 24 -3.64 -4.45 -10.54
N ARG A 25 -4.76 -4.94 -11.09
CA ARG A 25 -5.85 -5.45 -10.30
C ARG A 25 -5.37 -6.66 -9.46
N PRO A 26 -4.64 -7.57 -10.15
CA PRO A 26 -3.86 -8.64 -9.47
C PRO A 26 -2.96 -8.12 -8.36
N CYS A 27 -2.20 -7.06 -8.68
CA CYS A 27 -1.09 -6.63 -7.85
C CYS A 27 -1.59 -6.22 -6.46
N LEU A 28 -2.60 -5.35 -6.45
CA LEU A 28 -2.95 -4.57 -5.27
C LEU A 28 -3.31 -5.50 -4.12
N LYS A 29 -2.30 -5.84 -3.32
CA LYS A 29 -2.44 -6.89 -2.32
C LYS A 29 -1.69 -6.51 -1.04
N CYS A 30 -2.15 -7.07 0.08
CA CYS A 30 -1.52 -6.85 1.36
C CYS A 30 -0.15 -7.56 1.40
N GLU A 31 0.84 -6.79 1.86
CA GLU A 31 2.17 -7.33 2.10
C GLU A 31 2.33 -7.73 3.56
N LYS A 32 1.20 -8.14 4.16
CA LYS A 32 1.17 -8.44 5.59
C LYS A 32 0.36 -9.71 5.85
N CYS A 33 -0.82 -9.75 5.23
CA CYS A 33 -1.70 -10.90 5.35
C CYS A 33 -1.87 -11.61 4.02
N GLY A 34 -1.40 -10.96 2.96
CA GLY A 34 -1.35 -11.56 1.64
C GLY A 34 -2.75 -11.73 1.07
N LYS A 35 -3.66 -10.90 1.59
CA LYS A 35 -5.06 -10.95 1.19
C LYS A 35 -5.39 -9.81 0.23
N THR A 36 -6.12 -10.13 -0.82
CA THR A 36 -6.34 -9.21 -1.93
C THR A 36 -7.06 -7.96 -1.45
N LEU A 37 -6.67 -6.82 -2.03
CA LEU A 37 -7.15 -5.52 -1.58
C LEU A 37 -8.25 -5.02 -2.49
N THR A 38 -9.07 -4.12 -1.96
CA THR A 38 -10.33 -3.74 -2.59
C THR A 38 -10.17 -2.40 -3.30
N SER A 39 -11.29 -1.87 -3.79
CA SER A 39 -11.28 -0.74 -4.71
C SER A 39 -10.63 0.47 -4.05
N GLY A 40 -10.62 0.47 -2.73
CA GLY A 40 -9.86 1.45 -1.96
C GLY A 40 -10.15 1.29 -0.46
N GLY A 41 -9.82 0.11 0.04
CA GLY A 41 -9.74 -0.13 1.48
C GLY A 41 -8.33 -0.43 1.94
N HIS A 42 -7.37 -0.21 1.03
CA HIS A 42 -5.97 -0.47 1.32
C HIS A 42 -5.24 0.84 1.63
N ALA A 43 -3.91 0.75 1.68
CA ALA A 43 -3.06 1.93 1.58
C ALA A 43 -1.61 1.50 1.34
N GLU A 44 -0.82 2.43 0.80
CA GLU A 44 0.46 2.09 0.21
C GLU A 44 1.58 2.85 0.91
N HIS A 45 2.68 2.13 1.12
CA HIS A 45 3.90 2.73 1.65
C HIS A 45 5.09 2.32 0.78
N GLU A 46 5.61 3.30 0.05
CA GLU A 46 6.61 3.06 -0.98
C GLU A 46 6.08 2.08 -2.03
N GLY A 47 4.83 2.29 -2.42
CA GLY A 47 4.25 1.58 -3.55
C GLY A 47 4.07 0.11 -3.22
N LYS A 48 4.02 -0.18 -1.92
CA LYS A 48 3.72 -1.52 -1.44
C LYS A 48 2.42 -1.49 -0.62
N PRO A 49 1.31 -1.88 -1.29
CA PRO A 49 -0.05 -1.80 -0.70
C PRO A 49 -0.25 -2.70 0.51
N TYR A 50 -1.21 -2.30 1.35
CA TYR A 50 -1.60 -3.10 2.50
C TYR A 50 -3.06 -2.83 2.85
N CYS A 51 -3.51 -3.56 3.87
CA CYS A 51 -4.71 -3.23 4.62
C CYS A 51 -4.61 -1.81 5.20
N ASN A 52 -5.68 -1.05 4.99
CA ASN A 52 -5.93 0.17 5.74
C ASN A 52 -6.05 -0.15 7.23
N HIS A 53 -6.53 -1.36 7.50
CA HIS A 53 -6.41 -1.97 8.82
C HIS A 53 -6.62 -3.50 8.69
N PRO A 54 -6.22 -4.21 9.76
CA PRO A 54 -5.38 -3.63 10.83
C PRO A 54 -3.92 -3.41 10.42
N CYS A 55 -3.54 -4.04 9.30
CA CYS A 55 -2.14 -4.34 9.04
C CYS A 55 -1.30 -3.08 8.99
N TYR A 56 -1.84 -2.06 8.32
CA TYR A 56 -1.16 -0.78 8.19
C TYR A 56 -0.95 -0.14 9.56
N SER A 57 -2.05 -0.06 10.31
CA SER A 57 -2.03 0.60 11.61
C SER A 57 -1.30 -0.27 12.63
N ALA A 58 -1.11 -1.54 12.27
CA ALA A 58 -0.32 -2.46 13.07
C ALA A 58 1.17 -2.31 12.72
N MET A 59 1.46 -2.48 11.43
CA MET A 59 2.84 -2.57 10.98
C MET A 59 3.51 -1.21 11.05
N PHE A 60 2.81 -0.19 10.55
CA PHE A 60 3.37 1.14 10.40
C PHE A 60 2.92 2.05 11.52
N GLY A 61 3.74 2.12 12.57
CA GLY A 61 3.50 3.04 13.68
C GLY A 61 4.83 3.68 14.10
N PRO A 62 4.75 4.98 14.44
CA PRO A 62 5.95 5.79 14.82
C PRO A 62 6.79 5.14 15.91
N LYS A 63 8.06 5.53 15.95
CA LYS A 63 8.95 5.19 17.05
C LYS A 63 9.10 6.38 17.99
N GLY A 64 9.51 7.51 17.41
CA GLY A 64 9.70 8.74 18.17
C GLY A 64 10.54 9.73 17.37
N PHE A 65 11.07 10.71 18.08
CA PHE A 65 11.85 11.78 17.45
C PHE A 65 12.98 12.22 18.38
N GLY A 66 12.62 13.06 19.35
CA GLY A 66 13.53 13.42 20.44
C GLY A 66 14.78 14.09 19.89
N ARG A 67 14.58 15.02 18.97
CA ARG A 67 15.67 15.69 18.29
C ARG A 67 16.07 16.97 19.03
N GLY A 68 15.30 18.02 18.81
CA GLY A 68 15.41 19.24 19.59
C GLY A 68 16.15 20.32 18.78
N GLY A 69 17.47 20.32 18.92
CA GLY A 69 18.29 21.40 18.39
C GLY A 69 19.75 20.97 18.31
N ALA A 70 20.56 21.79 17.65
CA ALA A 70 21.99 21.56 17.56
C ALA A 70 22.74 22.51 18.49
N GLU A 71 22.03 23.53 18.94
CA GLU A 71 22.49 24.39 20.02
C GLU A 71 23.82 25.05 19.65
N SER A 72 24.53 25.51 20.66
CA SER A 72 25.70 26.36 20.48
C SER A 72 25.27 27.70 19.90
N HIS A 73 25.00 28.64 20.80
CA HIS A 73 24.79 30.04 20.42
C HIS A 73 25.05 30.96 21.60
N THR A 74 26.33 31.22 21.85
CA THR A 74 26.75 32.04 22.97
C THR A 74 26.97 33.48 22.52
N PHE A 75 27.13 33.65 21.21
CA PHE A 75 27.13 34.97 20.60
C PHE A 75 25.88 35.16 19.75
N LYS A 76 25.66 34.22 18.84
CA LYS A 76 24.63 34.36 17.82
C LYS A 76 23.24 34.44 18.44
ZN ZN B . 1.58 -4.34 -11.03
ZN ZN C . -3.55 -7.26 5.65
N PRO A 1 0.89 6.08 -16.40
CA PRO A 1 0.13 5.28 -15.41
C PRO A 1 0.74 3.92 -15.11
N LYS A 2 1.72 3.91 -14.22
CA LYS A 2 2.58 2.76 -14.02
C LYS A 2 2.46 2.23 -12.59
N CYS A 3 2.77 0.96 -12.42
CA CYS A 3 2.39 0.24 -11.20
C CYS A 3 3.43 0.52 -10.10
N PRO A 4 2.97 1.12 -8.98
CA PRO A 4 3.76 1.22 -7.73
C PRO A 4 4.10 -0.14 -7.13
N LYS A 5 3.36 -1.16 -7.56
CA LYS A 5 3.57 -2.51 -7.09
C LYS A 5 4.70 -3.18 -7.87
N CYS A 6 4.40 -3.60 -9.10
CA CYS A 6 5.23 -4.55 -9.81
C CYS A 6 6.25 -3.83 -10.69
N ASP A 7 5.95 -2.57 -10.98
CA ASP A 7 6.72 -1.80 -11.95
C ASP A 7 6.42 -2.28 -13.37
N LYS A 8 5.15 -2.20 -13.75
CA LYS A 8 4.76 -2.22 -15.16
C LYS A 8 3.83 -1.05 -15.46
N GLU A 9 3.35 -1.01 -16.70
CA GLU A 9 2.33 -0.04 -17.08
C GLU A 9 0.96 -0.70 -17.04
N VAL A 10 -0.05 0.10 -16.71
CA VAL A 10 -1.31 -0.47 -16.18
C VAL A 10 -2.42 -0.27 -17.20
N TYR A 11 -2.89 -1.38 -17.75
CA TYR A 11 -3.95 -1.36 -18.74
C TYR A 11 -5.29 -1.04 -18.09
N PHE A 12 -6.18 -0.43 -18.86
CA PHE A 12 -7.29 0.33 -18.28
C PHE A 12 -8.17 -0.58 -17.42
N ALA A 13 -8.64 -1.66 -18.05
CA ALA A 13 -9.67 -2.49 -17.40
C ALA A 13 -9.07 -3.37 -16.31
N GLU A 14 -7.75 -3.27 -16.15
CA GLU A 14 -7.05 -3.98 -15.10
C GLU A 14 -6.62 -3.01 -14.00
N ARG A 15 -7.19 -1.79 -14.06
CA ARG A 15 -6.68 -0.67 -13.28
C ARG A 15 -7.28 -0.68 -11.88
N VAL A 16 -6.54 -0.10 -10.94
CA VAL A 16 -7.11 0.42 -9.70
C VAL A 16 -6.31 1.64 -9.23
N THR A 17 -7.03 2.58 -8.61
CA THR A 17 -6.49 3.90 -8.32
C THR A 17 -6.34 4.11 -6.82
N SER A 18 -5.20 4.67 -6.44
CA SER A 18 -4.83 4.82 -5.05
C SER A 18 -3.50 5.56 -4.92
N LEU A 19 -3.51 6.56 -4.04
CA LEU A 19 -2.35 7.43 -3.85
C LEU A 19 -2.00 8.14 -5.16
N GLY A 20 -3.03 8.49 -5.90
CA GLY A 20 -2.89 9.42 -7.02
C GLY A 20 -2.04 8.80 -8.12
N LYS A 21 -1.91 7.48 -8.07
CA LYS A 21 -1.39 6.71 -9.20
C LYS A 21 -2.07 5.35 -9.27
N ASP A 22 -2.04 4.75 -10.45
CA ASP A 22 -2.85 3.58 -10.75
C ASP A 22 -2.09 2.31 -10.41
N TRP A 23 -2.79 1.19 -10.58
CA TRP A 23 -2.23 -0.12 -10.23
C TRP A 23 -2.81 -1.19 -11.17
N HIS A 24 -2.36 -2.41 -10.95
CA HIS A 24 -2.93 -3.59 -11.59
C HIS A 24 -3.96 -4.25 -10.67
N ARG A 25 -5.03 -4.75 -11.26
CA ARG A 25 -6.21 -5.15 -10.52
C ARG A 25 -5.85 -6.28 -9.53
N PRO A 26 -5.08 -7.26 -10.05
CA PRO A 26 -4.54 -8.38 -9.23
C PRO A 26 -3.54 -7.92 -8.17
N CYS A 27 -2.73 -6.93 -8.53
CA CYS A 27 -1.55 -6.58 -7.77
C CYS A 27 -1.94 -6.15 -6.35
N LEU A 28 -2.93 -5.26 -6.28
CA LEU A 28 -3.20 -4.49 -5.07
C LEU A 28 -3.53 -5.42 -3.91
N LYS A 29 -2.49 -5.83 -3.19
CA LYS A 29 -2.58 -6.94 -2.25
C LYS A 29 -1.72 -6.66 -1.02
N CYS A 30 -2.21 -7.10 0.13
CA CYS A 30 -1.42 -7.17 1.34
C CYS A 30 -0.26 -8.15 1.18
N GLU A 31 0.95 -7.62 1.31
CA GLU A 31 2.14 -8.45 1.52
C GLU A 31 2.47 -8.52 3.01
N LYS A 32 1.40 -8.53 3.81
CA LYS A 32 1.53 -8.74 5.25
C LYS A 32 0.75 -9.99 5.67
N CYS A 33 -0.50 -10.04 5.20
CA CYS A 33 -1.37 -11.18 5.50
C CYS A 33 -1.67 -11.99 4.24
N GLY A 34 -1.52 -11.32 3.09
CA GLY A 34 -1.80 -11.94 1.80
C GLY A 34 -3.30 -11.91 1.52
N LYS A 35 -3.92 -10.77 1.81
CA LYS A 35 -5.29 -10.50 1.40
C LYS A 35 -5.31 -9.67 0.13
N THR A 36 -6.14 -10.09 -0.82
CA THR A 36 -6.47 -9.27 -1.98
C THR A 36 -7.31 -8.07 -1.55
N LEU A 37 -7.06 -6.94 -2.20
CA LEU A 37 -7.57 -5.65 -1.75
C LEU A 37 -8.67 -5.16 -2.70
N THR A 38 -9.49 -4.25 -2.18
CA THR A 38 -10.75 -3.89 -2.82
C THR A 38 -10.74 -2.42 -3.24
N SER A 39 -11.91 -1.94 -3.63
CA SER A 39 -12.03 -0.68 -4.33
C SER A 39 -11.49 0.47 -3.48
N GLY A 40 -11.48 0.24 -2.17
CA GLY A 40 -10.90 1.19 -1.24
C GLY A 40 -11.09 0.71 0.21
N GLY A 41 -10.38 -0.35 0.56
CA GLY A 41 -10.17 -0.72 1.95
C GLY A 41 -8.73 -1.10 2.22
N HIS A 42 -7.84 -0.59 1.34
CA HIS A 42 -6.42 -0.90 1.44
C HIS A 42 -5.63 0.34 1.86
N ALA A 43 -4.31 0.23 1.74
CA ALA A 43 -3.43 1.39 1.79
C ALA A 43 -2.20 1.14 0.90
N GLU A 44 -1.20 2.00 1.08
CA GLU A 44 0.15 1.70 0.60
C GLU A 44 1.15 2.63 1.28
N HIS A 45 2.29 2.05 1.67
CA HIS A 45 3.46 2.83 2.06
C HIS A 45 4.48 2.81 0.93
N GLU A 46 4.70 3.97 0.33
CA GLU A 46 5.83 4.21 -0.55
C GLU A 46 5.84 3.21 -1.70
N GLY A 47 4.65 2.81 -2.11
CA GLY A 47 4.47 2.04 -3.33
C GLY A 47 3.91 0.65 -3.02
N LYS A 48 4.08 0.25 -1.77
CA LYS A 48 3.83 -1.12 -1.35
C LYS A 48 2.50 -1.19 -0.57
N PRO A 49 1.41 -1.50 -1.31
CA PRO A 49 0.04 -1.54 -0.72
C PRO A 49 -0.13 -2.63 0.33
N TYR A 50 -1.14 -2.44 1.18
CA TYR A 50 -1.51 -3.44 2.17
C TYR A 50 -2.99 -3.26 2.56
N CYS A 51 -3.33 -3.92 3.69
CA CYS A 51 -4.53 -3.59 4.44
C CYS A 51 -4.51 -2.11 4.86
N ASN A 52 -5.66 -1.47 4.69
CA ASN A 52 -5.96 -0.21 5.37
C ASN A 52 -5.95 -0.43 6.88
N HIS A 53 -6.30 -1.64 7.28
CA HIS A 53 -6.06 -2.11 8.64
C HIS A 53 -6.17 -3.66 8.65
N PRO A 54 -5.66 -4.23 9.77
CA PRO A 54 -4.78 -3.50 10.71
C PRO A 54 -3.37 -3.24 10.16
N CYS A 55 -3.03 -3.95 9.10
CA CYS A 55 -1.63 -4.21 8.75
C CYS A 55 -0.88 -2.91 8.52
N TYR A 56 -1.56 -1.97 7.86
CA TYR A 56 -1.05 -0.62 7.69
C TYR A 56 -0.85 0.04 9.05
N SER A 57 -1.75 -0.27 9.97
CA SER A 57 -1.77 0.38 11.28
C SER A 57 -0.80 -0.31 12.23
N ALA A 58 -0.35 -1.50 11.81
CA ALA A 58 0.54 -2.31 12.64
C ALA A 58 2.00 -1.93 12.37
N MET A 59 2.29 -1.70 11.09
CA MET A 59 3.62 -1.30 10.67
C MET A 59 3.75 0.22 10.65
N PHE A 60 2.75 0.87 10.05
CA PHE A 60 2.82 2.28 9.75
C PHE A 60 1.68 3.03 10.44
N GLY A 61 2.04 3.67 11.56
CA GLY A 61 1.08 4.46 12.33
C GLY A 61 1.81 5.65 12.99
N PRO A 62 1.47 5.89 14.27
CA PRO A 62 2.19 6.86 15.11
C PRO A 62 3.71 6.68 15.10
N LYS A 63 4.13 5.49 14.71
CA LYS A 63 5.53 5.23 14.41
C LYS A 63 5.68 3.88 13.69
N GLY A 64 6.87 3.65 13.16
CA GLY A 64 7.11 2.52 12.27
C GLY A 64 8.60 2.22 12.19
N PHE A 65 9.05 1.84 11.00
CA PHE A 65 10.46 1.72 10.70
C PHE A 65 11.17 3.06 10.88
N GLY A 66 10.99 3.93 9.90
CA GLY A 66 11.41 5.33 10.02
C GLY A 66 12.85 5.48 9.50
N ARG A 67 13.80 5.22 10.39
CA ARG A 67 15.20 5.11 9.99
C ARG A 67 15.72 6.45 9.50
N GLY A 68 16.36 7.19 10.40
CA GLY A 68 16.94 8.48 10.06
C GLY A 68 16.56 9.52 11.11
N GLY A 69 17.35 9.58 12.18
CA GLY A 69 17.24 10.65 13.16
C GLY A 69 17.36 10.08 14.57
N ALA A 70 16.38 9.27 14.95
CA ALA A 70 16.24 8.83 16.33
C ALA A 70 15.98 10.03 17.24
N GLU A 71 17.07 10.69 17.62
CA GLU A 71 16.99 11.99 18.29
C GLU A 71 16.32 13.01 17.36
N SER A 72 15.78 14.05 17.98
CA SER A 72 14.91 15.00 17.29
C SER A 72 15.74 16.16 16.73
N HIS A 73 16.25 16.98 17.64
CA HIS A 73 16.86 18.25 17.29
C HIS A 73 18.25 18.36 17.91
N THR A 74 18.84 19.53 17.76
CA THR A 74 20.25 19.74 18.10
C THR A 74 21.15 18.95 17.17
N PHE A 75 21.49 19.58 16.05
CA PHE A 75 22.52 19.05 15.15
C PHE A 75 23.67 20.03 15.03
N LYS A 76 24.75 19.74 15.78
CA LYS A 76 25.84 20.67 15.94
C LYS A 76 27.16 19.91 16.09
ZN ZN B . 1.27 -4.40 -10.92
ZN ZN C . -3.18 -7.48 5.77
N PRO A 1 -2.11 4.59 -17.15
CA PRO A 1 -1.54 4.64 -15.77
C PRO A 1 -0.32 3.73 -15.60
N LYS A 2 0.23 3.76 -14.39
CA LYS A 2 1.54 3.18 -14.13
C LYS A 2 1.61 2.62 -12.72
N CYS A 3 2.21 1.42 -12.61
CA CYS A 3 2.10 0.64 -11.37
C CYS A 3 3.31 0.95 -10.48
N PRO A 4 3.03 1.50 -9.29
CA PRO A 4 4.05 1.63 -8.20
C PRO A 4 4.62 0.29 -7.74
N LYS A 5 3.80 -0.75 -7.90
CA LYS A 5 4.15 -2.08 -7.45
C LYS A 5 5.26 -2.67 -8.33
N CYS A 6 4.87 -3.05 -9.55
CA CYS A 6 5.70 -3.89 -10.40
C CYS A 6 6.53 -3.04 -11.36
N ASP A 7 6.13 -1.78 -11.51
CA ASP A 7 6.66 -0.91 -12.55
C ASP A 7 6.38 -1.50 -13.93
N LYS A 8 5.11 -1.76 -14.20
CA LYS A 8 4.61 -1.87 -15.57
C LYS A 8 3.73 -0.67 -15.91
N GLU A 9 3.03 -0.77 -17.03
CA GLU A 9 1.93 0.13 -17.33
C GLU A 9 0.59 -0.56 -17.10
N VAL A 10 -0.38 0.24 -16.66
CA VAL A 10 -1.61 -0.32 -16.09
C VAL A 10 -2.77 -0.11 -17.06
N TYR A 11 -3.21 -1.22 -17.64
CA TYR A 11 -4.31 -1.20 -18.61
C TYR A 11 -5.64 -0.96 -17.89
N PHE A 12 -6.62 -0.45 -18.63
CA PHE A 12 -7.76 0.22 -18.02
C PHE A 12 -8.52 -0.74 -17.10
N ALA A 13 -9.06 -1.80 -17.72
CA ALA A 13 -9.92 -2.73 -16.98
C ALA A 13 -9.11 -3.57 -15.99
N GLU A 14 -7.79 -3.38 -16.02
CA GLU A 14 -6.90 -4.09 -15.12
C GLU A 14 -6.48 -3.18 -13.97
N ARG A 15 -7.22 -2.08 -13.80
CA ARG A 15 -6.76 -0.96 -13.00
C ARG A 15 -7.34 -1.04 -11.58
N VAL A 16 -6.58 -0.52 -10.62
CA VAL A 16 -7.15 -0.02 -9.37
C VAL A 16 -6.39 1.23 -8.93
N THR A 17 -7.14 2.33 -8.85
CA THR A 17 -6.55 3.63 -8.52
C THR A 17 -6.52 3.82 -6.99
N SER A 18 -5.37 4.27 -6.51
CA SER A 18 -5.00 4.13 -5.10
C SER A 18 -3.90 5.11 -4.74
N LEU A 19 -4.21 5.97 -3.77
CA LEU A 19 -3.29 7.01 -3.34
C LEU A 19 -2.94 7.94 -4.50
N GLY A 20 -3.77 7.91 -5.54
CA GLY A 20 -3.79 8.97 -6.54
C GLY A 20 -3.26 8.46 -7.87
N LYS A 21 -2.42 7.42 -7.79
CA LYS A 21 -1.85 6.81 -8.97
C LYS A 21 -2.27 5.34 -9.05
N ASP A 22 -2.43 4.86 -10.27
CA ASP A 22 -3.15 3.62 -10.54
C ASP A 22 -2.27 2.41 -10.22
N TRP A 23 -2.88 1.24 -10.39
CA TRP A 23 -2.17 -0.02 -10.08
C TRP A 23 -2.74 -1.14 -10.95
N HIS A 24 -2.19 -2.34 -10.72
CA HIS A 24 -2.71 -3.54 -11.34
C HIS A 24 -3.62 -4.29 -10.37
N ARG A 25 -4.66 -4.91 -10.92
CA ARG A 25 -5.69 -5.56 -10.14
C ARG A 25 -5.09 -6.69 -9.30
N PRO A 26 -4.31 -7.56 -9.98
CA PRO A 26 -3.59 -8.68 -9.33
C PRO A 26 -2.55 -8.21 -8.30
N CYS A 27 -1.97 -7.05 -8.57
CA CYS A 27 -0.81 -6.57 -7.83
C CYS A 27 -1.21 -6.19 -6.40
N LEU A 28 -2.27 -5.40 -6.31
CA LEU A 28 -2.58 -4.64 -5.10
C LEU A 28 -2.90 -5.59 -3.95
N LYS A 29 -1.84 -6.09 -3.32
CA LYS A 29 -1.96 -7.17 -2.35
C LYS A 29 -1.35 -6.75 -1.01
N CYS A 30 -1.99 -7.17 0.07
CA CYS A 30 -1.45 -7.04 1.41
C CYS A 30 -0.16 -7.85 1.55
N GLU A 31 0.87 -7.16 2.03
CA GLU A 31 2.11 -7.81 2.43
C GLU A 31 2.10 -8.08 3.94
N LYS A 32 0.91 -8.44 4.43
CA LYS A 32 0.73 -8.75 5.84
C LYS A 32 -0.16 -9.98 6.01
N CYS A 33 -1.31 -9.93 5.33
CA CYS A 33 -2.27 -11.02 5.38
C CYS A 33 -2.36 -11.74 4.05
N GLY A 34 -1.90 -11.06 3.00
CA GLY A 34 -1.83 -11.65 1.67
C GLY A 34 -3.23 -11.83 1.08
N LYS A 35 -4.06 -10.83 1.31
CA LYS A 35 -5.37 -10.75 0.67
C LYS A 35 -5.41 -9.60 -0.32
N THR A 36 -5.96 -9.88 -1.50
CA THR A 36 -6.14 -8.86 -2.53
C THR A 36 -7.08 -7.76 -2.01
N LEU A 37 -6.81 -6.54 -2.47
CA LEU A 37 -7.40 -5.35 -1.88
C LEU A 37 -8.44 -4.74 -2.84
N THR A 38 -9.19 -3.78 -2.32
CA THR A 38 -10.41 -3.31 -2.98
C THR A 38 -10.20 -1.94 -3.58
N SER A 39 -11.21 -1.46 -4.30
CA SER A 39 -11.24 -0.08 -4.78
C SER A 39 -11.31 0.88 -3.61
N GLY A 40 -10.21 0.96 -2.86
CA GLY A 40 -10.07 1.97 -1.83
C GLY A 40 -10.55 1.42 -0.48
N GLY A 41 -9.96 0.30 -0.08
CA GLY A 41 -9.98 -0.15 1.29
C GLY A 41 -8.59 -0.52 1.79
N HIS A 42 -7.59 -0.11 1.00
CA HIS A 42 -6.20 -0.45 1.32
C HIS A 42 -5.42 0.82 1.63
N ALA A 43 -4.10 0.68 1.71
CA ALA A 43 -3.18 1.81 1.60
C ALA A 43 -1.76 1.31 1.41
N GLU A 44 -0.92 2.18 0.85
CA GLU A 44 0.36 1.76 0.28
C GLU A 44 1.51 2.34 1.11
N HIS A 45 2.42 1.45 1.50
CA HIS A 45 3.76 1.88 1.93
C HIS A 45 4.69 1.91 0.71
N GLU A 46 5.82 2.59 0.87
CA GLU A 46 6.62 3.04 -0.27
C GLU A 46 7.07 1.83 -1.09
N GLY A 47 6.26 1.49 -2.09
CA GLY A 47 6.42 0.25 -2.83
C GLY A 47 6.06 -0.95 -1.95
N LYS A 48 4.85 -0.90 -1.39
CA LYS A 48 4.24 -2.06 -0.77
C LYS A 48 2.84 -1.68 -0.23
N PRO A 49 1.81 -2.09 -0.99
CA PRO A 49 0.40 -2.00 -0.55
C PRO A 49 0.07 -2.89 0.65
N TYR A 50 -0.88 -2.44 1.45
CA TYR A 50 -1.47 -3.27 2.51
C TYR A 50 -2.94 -2.90 2.70
N CYS A 51 -3.54 -3.61 3.67
CA CYS A 51 -4.81 -3.23 4.25
C CYS A 51 -4.74 -1.79 4.82
N ASN A 52 -5.83 -1.07 4.62
CA ASN A 52 -6.05 0.20 5.29
C ASN A 52 -6.08 0.00 6.81
N HIS A 53 -6.59 -1.16 7.20
CA HIS A 53 -6.45 -1.65 8.56
C HIS A 53 -6.75 -3.18 8.59
N PRO A 54 -6.35 -3.80 9.72
CA PRO A 54 -5.42 -3.17 10.69
C PRO A 54 -3.98 -3.09 10.19
N CYS A 55 -3.72 -3.76 9.07
CA CYS A 55 -2.37 -4.18 8.73
C CYS A 55 -1.46 -2.97 8.58
N TYR A 56 -1.96 -1.96 7.87
CA TYR A 56 -1.22 -0.74 7.61
C TYR A 56 -0.86 -0.05 8.92
N SER A 57 -1.90 0.42 9.61
CA SER A 57 -1.74 1.28 10.76
C SER A 57 -1.03 0.54 11.90
N ALA A 58 -0.95 -0.78 11.73
CA ALA A 58 -0.17 -1.62 12.62
C ALA A 58 1.31 -1.56 12.23
N MET A 59 1.58 -1.87 10.96
CA MET A 59 2.94 -2.09 10.50
C MET A 59 3.70 -0.76 10.44
N PHE A 60 3.10 0.20 9.72
CA PHE A 60 3.72 1.50 9.52
C PHE A 60 2.89 2.59 10.22
N GLY A 61 3.35 2.97 11.40
CA GLY A 61 2.78 4.10 12.12
C GLY A 61 3.32 4.13 13.56
N PRO A 62 3.02 3.06 14.31
CA PRO A 62 3.27 3.01 15.77
C PRO A 62 4.74 3.17 16.15
N LYS A 63 5.59 3.19 15.12
CA LYS A 63 7.02 3.33 15.32
C LYS A 63 7.34 4.66 15.99
N GLY A 64 6.37 5.57 15.93
CA GLY A 64 6.43 6.81 16.71
C GLY A 64 7.52 7.72 16.16
N PHE A 65 7.24 9.02 16.19
CA PHE A 65 8.26 10.03 15.91
C PHE A 65 7.83 11.38 16.49
N GLY A 66 6.62 11.79 16.15
CA GLY A 66 5.98 12.95 16.77
C GLY A 66 4.63 13.22 16.14
N ARG A 67 3.94 14.22 16.67
CA ARG A 67 2.55 14.47 16.32
C ARG A 67 2.42 15.83 15.63
N GLY A 68 1.29 16.01 14.95
CA GLY A 68 1.10 17.16 14.07
C GLY A 68 0.64 18.38 14.87
N GLY A 69 0.55 19.50 14.17
CA GLY A 69 0.33 20.79 14.82
C GLY A 69 0.99 21.90 14.02
N ALA A 70 2.00 21.52 13.23
CA ALA A 70 2.58 22.42 12.25
C ALA A 70 1.62 22.65 11.09
N GLU A 71 2.14 23.27 10.03
CA GLU A 71 1.30 23.77 8.95
C GLU A 71 1.61 23.01 7.66
N SER A 72 1.06 21.80 7.57
CA SER A 72 1.43 20.86 6.52
C SER A 72 0.59 19.59 6.62
N HIS A 73 -0.46 19.55 5.81
CA HIS A 73 -1.36 18.40 5.76
C HIS A 73 -0.66 17.22 5.10
N THR A 74 0.16 17.52 4.10
CA THR A 74 0.73 16.51 3.22
C THR A 74 1.71 15.63 4.00
N PHE A 75 2.94 16.10 4.09
CA PHE A 75 4.04 15.29 4.60
C PHE A 75 5.17 16.18 5.09
N LYS A 76 5.89 16.75 4.13
CA LYS A 76 6.99 17.67 4.43
C LYS A 76 6.57 19.11 4.16
ZN ZN B . 1.63 -4.11 -11.08
ZN ZN C . -3.92 -7.26 5.49
N PRO A 1 -0.48 6.38 -16.26
CA PRO A 1 -1.10 5.28 -15.49
C PRO A 1 -0.17 4.08 -15.29
N LYS A 2 0.80 4.26 -14.39
CA LYS A 2 1.87 3.29 -14.22
C LYS A 2 1.97 2.87 -12.75
N CYS A 3 2.37 1.62 -12.55
CA CYS A 3 2.17 0.95 -11.26
C CYS A 3 3.20 1.49 -10.25
N PRO A 4 2.69 2.11 -9.17
CA PRO A 4 3.50 2.45 -7.96
C PRO A 4 4.11 1.21 -7.28
N LYS A 5 3.53 0.06 -7.60
CA LYS A 5 3.96 -1.20 -7.02
C LYS A 5 5.14 -1.78 -7.80
N CYS A 6 4.83 -2.36 -8.94
CA CYS A 6 5.77 -3.20 -9.67
C CYS A 6 6.60 -2.37 -10.65
N ASP A 7 6.15 -1.14 -10.89
CA ASP A 7 6.73 -0.29 -11.90
C ASP A 7 6.61 -0.93 -13.28
N LYS A 8 5.39 -1.28 -13.64
CA LYS A 8 5.00 -1.44 -15.05
C LYS A 8 4.08 -0.30 -15.46
N GLU A 9 3.47 -0.44 -16.64
CA GLU A 9 2.28 0.34 -16.99
C GLU A 9 1.04 -0.54 -16.87
N VAL A 10 -0.09 0.12 -16.66
CA VAL A 10 -1.29 -0.59 -16.16
C VAL A 10 -2.37 -0.55 -17.23
N TYR A 11 -2.66 -1.74 -17.77
CA TYR A 11 -3.72 -1.88 -18.76
C TYR A 11 -5.10 -1.75 -18.10
N PHE A 12 -6.10 -1.41 -18.90
CA PHE A 12 -7.33 -0.84 -18.36
C PHE A 12 -8.00 -1.81 -17.39
N ALA A 13 -8.38 -2.97 -17.95
CA ALA A 13 -9.17 -3.93 -17.16
C ALA A 13 -8.34 -4.57 -16.06
N GLU A 14 -7.06 -4.19 -16.01
CA GLU A 14 -6.15 -4.69 -14.99
C GLU A 14 -5.95 -3.64 -13.90
N ARG A 15 -6.81 -2.62 -13.90
CA ARG A 15 -6.50 -1.36 -13.23
C ARG A 15 -7.12 -1.36 -11.82
N VAL A 16 -6.48 -0.61 -10.93
CA VAL A 16 -7.14 -0.08 -9.74
C VAL A 16 -6.57 1.28 -9.39
N THR A 17 -7.41 2.12 -8.80
CA THR A 17 -7.09 3.52 -8.58
C THR A 17 -6.84 3.80 -7.10
N SER A 18 -5.81 4.60 -6.84
CA SER A 18 -5.47 5.00 -5.49
C SER A 18 -4.30 5.98 -5.50
N LEU A 19 -4.47 7.06 -4.73
CA LEU A 19 -3.50 8.15 -4.70
C LEU A 19 -3.34 8.77 -6.09
N GLY A 20 -4.45 8.86 -6.81
CA GLY A 20 -4.52 9.67 -8.02
C GLY A 20 -3.60 9.10 -9.09
N LYS A 21 -3.22 7.85 -8.91
CA LYS A 21 -2.59 7.06 -9.97
C LYS A 21 -3.02 5.61 -9.89
N ASP A 22 -2.88 4.91 -11.00
CA ASP A 22 -3.48 3.59 -11.16
C ASP A 22 -2.52 2.50 -10.68
N TRP A 23 -3.02 1.27 -10.74
CA TRP A 23 -2.26 0.11 -10.27
C TRP A 23 -2.66 -1.12 -11.08
N HIS A 24 -2.09 -2.26 -10.66
CA HIS A 24 -2.51 -3.55 -11.16
C HIS A 24 -3.43 -4.25 -10.15
N ARG A 25 -4.43 -4.94 -10.70
CA ARG A 25 -5.46 -5.55 -9.86
C ARG A 25 -4.83 -6.58 -8.91
N PRO A 26 -3.93 -7.41 -9.48
CA PRO A 26 -3.15 -8.40 -8.70
C PRO A 26 -2.23 -7.77 -7.66
N CYS A 27 -1.79 -6.55 -7.95
CA CYS A 27 -0.73 -5.91 -7.19
C CYS A 27 -1.28 -5.38 -5.86
N LEU A 28 -2.37 -4.62 -5.96
CA LEU A 28 -2.98 -4.00 -4.80
C LEU A 28 -3.53 -5.06 -3.85
N LYS A 29 -2.60 -5.70 -3.13
CA LYS A 29 -2.94 -6.81 -2.26
C LYS A 29 -2.02 -6.83 -1.04
N CYS A 30 -2.62 -7.13 0.12
CA CYS A 30 -1.88 -7.22 1.36
C CYS A 30 -0.82 -8.32 1.27
N GLU A 31 0.42 -7.92 1.56
CA GLU A 31 1.53 -8.86 1.67
C GLU A 31 1.81 -9.16 3.15
N LYS A 32 0.81 -8.92 3.98
CA LYS A 32 0.81 -9.42 5.35
C LYS A 32 -0.12 -10.61 5.48
N CYS A 33 -1.40 -10.37 5.15
CA CYS A 33 -2.43 -11.38 5.38
C CYS A 33 -2.78 -12.08 4.07
N GLY A 34 -2.71 -11.30 2.98
CA GLY A 34 -2.99 -11.82 1.65
C GLY A 34 -4.49 -11.80 1.37
N LYS A 35 -5.10 -10.64 1.62
CA LYS A 35 -6.40 -10.32 1.04
C LYS A 35 -6.26 -9.28 -0.06
N THR A 36 -6.81 -9.60 -1.22
CA THR A 36 -6.89 -8.64 -2.32
C THR A 36 -7.75 -7.45 -1.91
N LEU A 37 -7.27 -6.26 -2.24
CA LEU A 37 -7.72 -5.03 -1.59
C LEU A 37 -8.81 -4.36 -2.42
N THR A 38 -9.50 -3.41 -1.80
CA THR A 38 -10.78 -2.91 -2.30
C THR A 38 -10.63 -1.48 -2.77
N SER A 39 -11.74 -0.94 -3.29
CA SER A 39 -11.83 0.47 -3.60
C SER A 39 -11.66 1.31 -2.33
N GLY A 40 -10.40 1.56 -1.99
CA GLY A 40 -10.06 2.47 -0.91
C GLY A 40 -10.42 1.83 0.44
N GLY A 41 -9.86 0.64 0.67
CA GLY A 41 -9.77 0.07 2.00
C GLY A 41 -8.37 -0.46 2.29
N HIS A 42 -7.44 -0.08 1.42
CA HIS A 42 -6.04 -0.45 1.59
C HIS A 42 -5.23 0.76 2.06
N ALA A 43 -3.90 0.60 2.02
CA ALA A 43 -2.99 1.75 2.03
C ALA A 43 -1.57 1.28 1.70
N GLU A 44 -0.77 2.21 1.22
CA GLU A 44 0.46 1.87 0.50
C GLU A 44 1.68 2.47 1.20
N HIS A 45 2.64 1.60 1.52
CA HIS A 45 4.02 2.06 1.76
C HIS A 45 4.80 1.97 0.45
N GLU A 46 5.95 2.63 0.39
CA GLU A 46 6.55 3.03 -0.88
C GLU A 46 6.79 1.81 -1.78
N GLY A 47 5.81 1.55 -2.63
CA GLY A 47 5.79 0.34 -3.45
C GLY A 47 5.46 -0.88 -2.59
N LYS A 48 4.31 -0.81 -1.91
CA LYS A 48 3.66 -1.97 -1.35
C LYS A 48 2.37 -1.55 -0.61
N PRO A 49 1.23 -1.72 -1.33
CA PRO A 49 -0.12 -1.68 -0.71
C PRO A 49 -0.41 -2.85 0.23
N TYR A 50 -1.03 -2.52 1.36
CA TYR A 50 -1.54 -3.53 2.27
C TYR A 50 -2.97 -3.16 2.71
N CYS A 51 -3.40 -3.81 3.79
CA CYS A 51 -4.54 -3.39 4.57
C CYS A 51 -4.35 -1.93 5.06
N ASN A 52 -5.41 -1.15 4.89
CA ASN A 52 -5.56 0.11 5.59
C ASN A 52 -5.56 -0.12 7.11
N HIS A 53 -6.08 -1.28 7.49
CA HIS A 53 -5.90 -1.81 8.83
C HIS A 53 -6.14 -3.35 8.79
N PRO A 54 -5.71 -3.98 9.92
CA PRO A 54 -4.70 -3.39 10.83
C PRO A 54 -3.32 -3.24 10.18
N CYS A 55 -3.08 -4.03 9.13
CA CYS A 55 -1.74 -4.47 8.77
C CYS A 55 -0.82 -3.28 8.53
N TYR A 56 -1.37 -2.25 7.90
CA TYR A 56 -0.66 -1.00 7.71
C TYR A 56 -0.38 -0.33 9.06
N SER A 57 -1.45 0.18 9.67
CA SER A 57 -1.34 1.08 10.81
C SER A 57 -0.67 0.38 11.98
N ALA A 58 -0.59 -0.95 11.88
CA ALA A 58 -0.10 -1.77 12.98
C ALA A 58 1.41 -1.96 12.86
N MET A 59 1.84 -2.39 11.68
CA MET A 59 3.15 -3.01 11.51
C MET A 59 4.16 -2.00 10.98
N PHE A 60 3.67 -1.08 10.14
CA PHE A 60 4.55 -0.24 9.34
C PHE A 60 5.20 0.83 10.21
N GLY A 61 6.35 0.46 10.78
CA GLY A 61 7.18 1.40 11.51
C GLY A 61 8.46 0.69 11.99
N PRO A 62 9.10 -0.03 11.04
CA PRO A 62 10.20 -0.98 11.36
C PRO A 62 11.44 -0.30 11.95
N LYS A 63 12.31 0.17 11.07
CA LYS A 63 13.66 0.57 11.46
C LYS A 63 14.45 -0.65 11.95
N GLY A 64 14.13 -1.08 13.17
CA GLY A 64 14.84 -2.18 13.80
C GLY A 64 16.31 -1.82 14.00
N PHE A 65 16.74 -1.82 15.25
CA PHE A 65 18.04 -1.27 15.63
C PHE A 65 18.97 -2.40 16.07
N GLY A 66 18.70 -3.59 15.57
CA GLY A 66 19.61 -4.72 15.71
C GLY A 66 19.12 -5.66 16.82
N ARG A 67 19.12 -5.14 18.04
CA ARG A 67 18.87 -5.97 19.22
C ARG A 67 17.38 -6.19 19.42
N GLY A 68 16.59 -5.27 18.86
CA GLY A 68 15.14 -5.34 18.94
C GLY A 68 14.52 -3.98 18.63
N GLY A 69 13.48 -3.65 19.38
CA GLY A 69 12.66 -2.48 19.09
C GLY A 69 11.33 -2.91 18.48
N ALA A 70 11.28 -2.92 17.15
CA ALA A 70 10.16 -3.48 16.42
C ALA A 70 8.87 -2.74 16.75
N GLU A 71 8.31 -2.11 15.72
CA GLU A 71 7.05 -1.39 15.85
C GLU A 71 7.19 -0.26 16.89
N SER A 72 6.75 0.93 16.49
CA SER A 72 7.01 2.14 17.25
C SER A 72 5.73 2.63 17.92
N HIS A 73 5.75 2.67 19.24
CA HIS A 73 4.71 3.32 20.01
C HIS A 73 5.26 4.57 20.70
N THR A 74 4.41 5.58 20.80
CA THR A 74 4.84 6.91 21.23
C THR A 74 5.41 6.85 22.64
N PHE A 75 4.50 6.87 23.61
CA PHE A 75 4.88 6.78 25.01
C PHE A 75 3.76 6.14 25.83
N LYS A 76 4.15 5.30 26.78
CA LYS A 76 3.21 4.46 27.50
C LYS A 76 2.39 5.29 28.48
ZN ZN B . 1.81 -3.77 -10.58
ZN ZN C . -3.72 -7.47 5.76
N PRO A 1 -0.42 6.49 -14.44
CA PRO A 1 -0.91 5.14 -14.83
C PRO A 1 0.22 4.11 -14.97
N LYS A 2 1.16 4.17 -14.04
CA LYS A 2 2.17 3.13 -13.90
C LYS A 2 2.17 2.58 -12.47
N CYS A 3 2.50 1.29 -12.35
CA CYS A 3 2.19 0.54 -11.14
C CYS A 3 3.26 0.80 -10.07
N PRO A 4 2.83 1.40 -8.95
CA PRO A 4 3.68 1.53 -7.73
C PRO A 4 4.14 0.18 -7.18
N LYS A 5 3.38 -0.85 -7.52
CA LYS A 5 3.61 -2.19 -7.00
C LYS A 5 4.77 -2.85 -7.73
N CYS A 6 4.53 -3.23 -8.97
CA CYS A 6 5.42 -4.13 -9.69
C CYS A 6 6.41 -3.36 -10.54
N ASP A 7 6.06 -2.11 -10.83
CA ASP A 7 6.81 -1.27 -11.75
C ASP A 7 6.61 -1.74 -13.19
N LYS A 8 5.35 -1.75 -13.61
CA LYS A 8 4.99 -1.75 -15.03
C LYS A 8 4.19 -0.49 -15.36
N GLU A 9 3.61 -0.48 -16.56
CA GLU A 9 2.51 0.43 -16.86
C GLU A 9 1.20 -0.37 -16.87
N VAL A 10 0.10 0.34 -16.60
CA VAL A 10 -1.14 -0.34 -16.20
C VAL A 10 -2.18 -0.17 -17.29
N TYR A 11 -2.50 -1.30 -17.94
CA TYR A 11 -3.49 -1.31 -19.01
C TYR A 11 -4.90 -1.27 -18.43
N PHE A 12 -5.84 -0.72 -19.21
CA PHE A 12 -7.06 -0.17 -18.63
C PHE A 12 -7.84 -1.22 -17.87
N ALA A 13 -8.08 -2.35 -18.54
CA ALA A 13 -9.04 -3.33 -18.00
C ALA A 13 -8.41 -4.15 -16.87
N GLU A 14 -7.15 -3.87 -16.59
CA GLU A 14 -6.46 -4.45 -15.45
C GLU A 14 -6.18 -3.38 -14.39
N ARG A 15 -6.95 -2.30 -14.46
CA ARG A 15 -6.66 -1.11 -13.66
C ARG A 15 -7.33 -1.22 -12.28
N VAL A 16 -6.68 -0.63 -11.29
CA VAL A 16 -7.36 -0.14 -10.09
C VAL A 16 -6.65 1.10 -9.55
N THR A 17 -7.40 2.20 -9.56
CA THR A 17 -6.84 3.50 -9.23
C THR A 17 -7.12 3.85 -7.77
N SER A 18 -6.14 4.49 -7.14
CA SER A 18 -6.14 4.69 -5.70
C SER A 18 -4.92 5.52 -5.28
N LEU A 19 -5.18 6.46 -4.36
CA LEU A 19 -4.19 7.43 -3.96
C LEU A 19 -3.73 8.26 -5.15
N GLY A 20 -4.52 8.21 -6.22
CA GLY A 20 -4.38 9.18 -7.32
C GLY A 20 -3.72 8.52 -8.53
N LYS A 21 -2.94 7.49 -8.24
CA LYS A 21 -2.20 6.79 -9.28
C LYS A 21 -2.63 5.33 -9.34
N ASP A 22 -2.55 4.75 -10.53
CA ASP A 22 -3.26 3.51 -10.84
C ASP A 22 -2.42 2.31 -10.42
N TRP A 23 -3.02 1.13 -10.61
CA TRP A 23 -2.36 -0.12 -10.28
C TRP A 23 -2.83 -1.22 -11.24
N HIS A 24 -2.35 -2.43 -10.97
CA HIS A 24 -2.80 -3.62 -11.68
C HIS A 24 -3.86 -4.35 -10.87
N ARG A 25 -4.79 -5.00 -11.58
CA ARG A 25 -5.99 -5.54 -10.97
C ARG A 25 -5.60 -6.61 -9.91
N PRO A 26 -4.66 -7.49 -10.33
CA PRO A 26 -4.08 -8.51 -9.43
C PRO A 26 -3.24 -7.92 -8.29
N CYS A 27 -2.47 -6.90 -8.62
CA CYS A 27 -1.38 -6.44 -7.78
C CYS A 27 -1.90 -6.01 -6.41
N LEU A 28 -2.88 -5.11 -6.45
CA LEU A 28 -3.26 -4.33 -5.26
C LEU A 28 -3.70 -5.24 -4.13
N LYS A 29 -2.73 -5.63 -3.31
CA LYS A 29 -2.95 -6.66 -2.29
C LYS A 29 -2.03 -6.43 -1.10
N CYS A 30 -2.51 -6.82 0.07
CA CYS A 30 -1.72 -6.81 1.28
C CYS A 30 -0.52 -7.76 1.15
N GLU A 31 0.65 -7.19 1.42
CA GLU A 31 1.88 -7.97 1.42
C GLU A 31 2.26 -8.36 2.85
N LYS A 32 1.27 -8.34 3.73
CA LYS A 32 1.37 -8.95 5.04
C LYS A 32 0.50 -10.20 5.11
N CYS A 33 -0.80 -10.00 4.94
CA CYS A 33 -1.76 -11.06 5.25
C CYS A 33 -2.20 -11.78 3.98
N GLY A 34 -2.06 -11.08 2.85
CA GLY A 34 -2.51 -11.59 1.57
C GLY A 34 -4.02 -11.44 1.44
N LYS A 35 -4.52 -10.27 1.82
CA LYS A 35 -5.88 -9.86 1.48
C LYS A 35 -5.87 -8.92 0.29
N THR A 36 -6.55 -9.32 -0.77
CA THR A 36 -6.71 -8.49 -1.95
C THR A 36 -7.43 -7.18 -1.59
N LEU A 37 -6.84 -6.08 -2.04
CA LEU A 37 -7.33 -4.75 -1.68
C LEU A 37 -8.27 -4.23 -2.75
N THR A 38 -9.52 -3.99 -2.34
CA THR A 38 -10.48 -3.29 -3.17
C THR A 38 -9.98 -1.88 -3.49
N SER A 39 -10.90 -1.07 -4.03
CA SER A 39 -10.68 0.37 -4.13
C SER A 39 -11.16 1.05 -2.85
N GLY A 40 -10.41 0.80 -1.77
CA GLY A 40 -10.68 1.45 -0.50
C GLY A 40 -10.15 0.62 0.66
N GLY A 41 -9.81 1.31 1.75
CA GLY A 41 -9.55 0.62 3.02
C GLY A 41 -8.21 -0.08 2.99
N HIS A 42 -7.39 0.30 2.01
CA HIS A 42 -6.00 -0.15 1.94
C HIS A 42 -5.04 0.99 2.22
N ALA A 43 -3.77 0.77 1.91
CA ALA A 43 -2.69 1.67 2.29
C ALA A 43 -1.40 1.30 1.57
N GLU A 44 -0.50 2.26 1.50
CA GLU A 44 0.64 2.17 0.59
C GLU A 44 1.92 2.60 1.30
N HIS A 45 2.88 1.68 1.30
CA HIS A 45 4.19 1.95 1.88
C HIS A 45 5.29 1.59 0.89
N GLU A 46 5.84 2.62 0.25
CA GLU A 46 6.77 2.47 -0.85
C GLU A 46 6.12 1.68 -1.99
N GLY A 47 4.91 2.09 -2.33
CA GLY A 47 4.21 1.56 -3.48
C GLY A 47 3.99 0.06 -3.32
N LYS A 48 4.06 -0.40 -2.07
CA LYS A 48 3.68 -1.76 -1.71
C LYS A 48 2.39 -1.72 -0.86
N PRO A 49 1.25 -1.96 -1.55
CA PRO A 49 -0.09 -1.84 -0.92
C PRO A 49 -0.32 -2.78 0.24
N TYR A 50 -1.27 -2.41 1.09
CA TYR A 50 -1.49 -3.09 2.36
C TYR A 50 -2.91 -2.84 2.86
N CYS A 51 -3.24 -3.53 3.96
CA CYS A 51 -4.34 -3.16 4.83
C CYS A 51 -4.11 -1.73 5.36
N ASN A 52 -5.16 -0.93 5.25
CA ASN A 52 -5.30 0.29 6.05
C ASN A 52 -5.35 -0.06 7.54
N HIS A 53 -5.91 -1.24 7.81
CA HIS A 53 -5.77 -1.89 9.10
C HIS A 53 -6.01 -3.41 8.94
N PRO A 54 -5.57 -4.17 9.96
CA PRO A 54 -4.66 -3.63 11.01
C PRO A 54 -3.22 -3.43 10.53
N CYS A 55 -2.90 -4.08 9.40
CA CYS A 55 -1.52 -4.42 9.08
C CYS A 55 -0.65 -3.17 9.01
N TYR A 56 -1.17 -2.14 8.34
CA TYR A 56 -0.52 -0.85 8.28
C TYR A 56 -0.38 -0.26 9.68
N SER A 57 -1.49 -0.20 10.40
CA SER A 57 -1.54 0.45 11.69
C SER A 57 -0.62 -0.26 12.69
N ALA A 58 -0.46 -1.56 12.47
CA ALA A 58 0.21 -2.42 13.44
C ALA A 58 1.73 -2.25 13.34
N MET A 59 2.22 -2.25 12.11
CA MET A 59 3.65 -2.29 11.85
C MET A 59 4.16 -0.91 11.47
N PHE A 60 3.35 -0.19 10.69
CA PHE A 60 3.68 1.16 10.29
C PHE A 60 2.69 2.15 10.91
N GLY A 61 2.97 2.50 12.16
CA GLY A 61 2.06 3.31 12.96
C GLY A 61 2.85 4.38 13.73
N PRO A 62 2.17 4.99 14.72
CA PRO A 62 2.75 6.09 15.53
C PRO A 62 3.99 5.68 16.32
N LYS A 63 5.09 5.50 15.59
CA LYS A 63 6.35 5.12 16.20
C LYS A 63 7.52 5.72 15.42
N GLY A 64 7.85 6.96 15.75
CA GLY A 64 9.01 7.62 15.17
C GLY A 64 10.05 7.91 16.25
N PHE A 65 10.28 6.92 17.11
CA PHE A 65 11.05 7.11 18.32
C PHE A 65 11.07 5.83 19.15
N GLY A 66 11.57 5.95 20.38
CA GLY A 66 11.47 4.88 21.36
C GLY A 66 12.79 4.70 22.10
N ARG A 67 12.79 5.11 23.36
CA ARG A 67 14.01 5.20 24.15
C ARG A 67 13.71 5.69 25.56
N GLY A 68 13.62 4.74 26.49
CA GLY A 68 13.54 5.05 27.90
C GLY A 68 13.21 3.80 28.71
N GLY A 69 12.14 3.89 29.48
CA GLY A 69 11.80 2.87 30.46
C GLY A 69 12.69 2.99 31.69
N ALA A 70 12.05 3.23 32.83
CA ALA A 70 12.75 3.59 34.06
C ALA A 70 13.70 2.47 34.46
N GLU A 71 13.16 1.26 34.56
CA GLU A 71 13.87 0.13 35.16
C GLU A 71 14.07 -0.97 34.12
N SER A 72 14.29 -2.18 34.61
CA SER A 72 14.76 -3.28 33.79
C SER A 72 13.67 -4.34 33.63
N HIS A 73 14.05 -5.47 33.05
CA HIS A 73 13.09 -6.49 32.64
C HIS A 73 12.16 -5.93 31.58
N THR A 74 12.66 -5.87 30.35
CA THR A 74 11.84 -5.48 29.21
C THR A 74 12.36 -6.16 27.94
N PHE A 75 13.33 -5.50 27.30
CA PHE A 75 14.14 -6.15 26.27
C PHE A 75 15.62 -5.92 26.56
N LYS A 76 16.09 -4.73 26.21
CA LYS A 76 17.38 -4.23 26.69
C LYS A 76 17.68 -2.87 26.10
ZN ZN B . 1.45 -4.19 -10.87
ZN ZN C . -3.26 -7.24 5.79
N PRO A 1 0.03 6.40 -15.92
CA PRO A 1 -0.91 5.26 -15.74
C PRO A 1 -0.20 3.93 -15.47
N LYS A 2 0.95 4.02 -14.81
CA LYS A 2 1.86 2.89 -14.68
C LYS A 2 1.99 2.46 -13.23
N CYS A 3 2.40 1.22 -13.02
CA CYS A 3 2.19 0.54 -11.73
C CYS A 3 3.38 0.88 -10.80
N PRO A 4 3.05 1.47 -9.63
CA PRO A 4 4.03 1.65 -8.52
C PRO A 4 4.57 0.33 -7.98
N LYS A 5 3.73 -0.70 -8.06
CA LYS A 5 4.04 -2.01 -7.51
C LYS A 5 5.13 -2.68 -8.34
N CYS A 6 4.75 -3.10 -9.55
CA CYS A 6 5.56 -4.00 -10.34
C CYS A 6 6.43 -3.25 -11.34
N ASP A 7 6.10 -1.98 -11.54
CA ASP A 7 6.66 -1.19 -12.61
C ASP A 7 6.35 -1.82 -13.98
N LYS A 8 5.06 -1.99 -14.23
CA LYS A 8 4.55 -2.15 -15.60
C LYS A 8 3.73 -0.92 -15.98
N GLU A 9 3.01 -1.04 -17.10
CA GLU A 9 1.90 -0.14 -17.39
C GLU A 9 0.58 -0.88 -17.22
N VAL A 10 -0.46 -0.12 -16.90
CA VAL A 10 -1.69 -0.72 -16.35
C VAL A 10 -2.81 -0.58 -17.37
N TYR A 11 -3.23 -1.73 -17.90
CA TYR A 11 -4.37 -1.76 -18.82
C TYR A 11 -5.65 -1.44 -18.08
N PHE A 12 -6.63 -0.90 -18.81
CA PHE A 12 -7.71 -0.13 -18.18
C PHE A 12 -8.48 -0.99 -17.19
N ALA A 13 -9.08 -2.07 -17.73
CA ALA A 13 -9.98 -2.89 -16.91
C ALA A 13 -9.22 -3.69 -15.87
N GLU A 14 -7.90 -3.73 -16.01
CA GLU A 14 -7.05 -4.29 -14.97
C GLU A 14 -6.37 -3.18 -14.17
N ARG A 15 -7.18 -2.16 -13.86
CA ARG A 15 -6.68 -1.00 -13.12
C ARG A 15 -7.23 -1.01 -11.68
N VAL A 16 -6.46 -0.40 -10.78
CA VAL A 16 -7.01 0.15 -9.54
C VAL A 16 -6.26 1.44 -9.18
N THR A 17 -7.00 2.38 -8.59
CA THR A 17 -6.54 3.75 -8.46
C THR A 17 -6.27 4.08 -7.00
N SER A 18 -5.16 4.77 -6.77
CA SER A 18 -4.68 5.04 -5.43
C SER A 18 -3.40 5.87 -5.48
N LEU A 19 -3.36 6.88 -4.61
CA LEU A 19 -2.23 7.80 -4.56
C LEU A 19 -2.07 8.54 -5.89
N GLY A 20 -3.18 8.63 -6.63
CA GLY A 20 -3.27 9.53 -7.77
C GLY A 20 -2.96 8.78 -9.07
N LYS A 21 -2.21 7.70 -8.92
CA LYS A 21 -1.79 6.89 -10.06
C LYS A 21 -2.36 5.48 -9.94
N ASP A 22 -2.29 4.75 -11.05
CA ASP A 22 -3.04 3.50 -11.19
C ASP A 22 -2.17 2.32 -10.75
N TRP A 23 -2.81 1.14 -10.78
CA TRP A 23 -2.15 -0.08 -10.37
C TRP A 23 -2.71 -1.26 -11.18
N HIS A 24 -2.21 -2.45 -10.83
CA HIS A 24 -2.78 -3.70 -11.33
C HIS A 24 -3.63 -4.36 -10.23
N ARG A 25 -4.74 -4.94 -10.66
CA ARG A 25 -5.71 -5.52 -9.75
C ARG A 25 -5.06 -6.64 -8.93
N PRO A 26 -4.34 -7.54 -9.64
CA PRO A 26 -3.52 -8.59 -9.01
C PRO A 26 -2.50 -8.05 -8.01
N CYS A 27 -2.09 -6.80 -8.23
CA CYS A 27 -0.94 -6.23 -7.53
C CYS A 27 -1.35 -5.70 -6.16
N LEU A 28 -2.35 -4.82 -6.18
CA LEU A 28 -2.75 -4.08 -5.01
C LEU A 28 -3.20 -5.03 -3.90
N LYS A 29 -2.23 -5.56 -3.17
CA LYS A 29 -2.44 -6.72 -2.31
C LYS A 29 -1.59 -6.62 -1.06
N CYS A 30 -2.13 -7.11 0.05
CA CYS A 30 -1.53 -6.92 1.36
C CYS A 30 -0.17 -7.65 1.42
N GLU A 31 0.81 -6.93 1.95
CA GLU A 31 2.13 -7.49 2.19
C GLU A 31 2.27 -7.91 3.65
N LYS A 32 1.12 -8.19 4.27
CA LYS A 32 1.10 -8.59 5.67
C LYS A 32 0.26 -9.85 5.85
N CYS A 33 -0.94 -9.83 5.28
CA CYS A 33 -1.85 -10.95 5.36
C CYS A 33 -1.99 -11.65 4.02
N GLY A 34 -1.62 -10.93 2.96
CA GLY A 34 -1.63 -11.48 1.61
C GLY A 34 -3.06 -11.71 1.14
N LYS A 35 -3.92 -10.76 1.47
CA LYS A 35 -5.27 -10.72 0.92
C LYS A 35 -5.40 -9.57 -0.09
N THR A 36 -6.02 -9.88 -1.22
CA THR A 36 -6.23 -8.90 -2.28
C THR A 36 -7.09 -7.75 -1.76
N LEU A 37 -6.80 -6.56 -2.26
CA LEU A 37 -7.40 -5.34 -1.75
C LEU A 37 -8.42 -4.79 -2.75
N THR A 38 -9.50 -4.24 -2.21
CA THR A 38 -10.65 -3.85 -3.01
C THR A 38 -10.78 -2.34 -3.07
N SER A 39 -11.92 -1.89 -3.59
CA SER A 39 -12.09 -0.49 -3.98
C SER A 39 -12.04 0.41 -2.75
N GLY A 40 -10.82 0.76 -2.36
CA GLY A 40 -10.60 1.82 -1.38
C GLY A 40 -10.88 1.31 0.03
N GLY A 41 -10.18 0.24 0.39
CA GLY A 41 -10.13 -0.24 1.76
C GLY A 41 -8.71 -0.59 2.19
N HIS A 42 -7.75 -0.18 1.35
CA HIS A 42 -6.35 -0.46 1.61
C HIS A 42 -5.61 0.81 2.01
N ALA A 43 -4.29 0.71 2.08
CA ALA A 43 -3.42 1.88 2.07
C ALA A 43 -1.95 1.43 2.10
N GLU A 44 -1.08 2.31 1.63
CA GLU A 44 0.24 1.88 1.16
C GLU A 44 1.32 2.86 1.66
N HIS A 45 2.54 2.35 1.80
CA HIS A 45 3.73 3.20 1.78
C HIS A 45 4.36 3.18 0.39
N GLU A 46 5.28 4.10 0.17
CA GLU A 46 5.83 4.34 -1.16
C GLU A 46 6.52 3.08 -1.68
N GLY A 47 5.74 2.22 -2.30
CA GLY A 47 6.24 0.95 -2.82
C GLY A 47 5.18 -0.14 -2.67
N LYS A 48 4.62 -0.24 -1.47
CA LYS A 48 3.94 -1.45 -1.03
C LYS A 48 2.62 -1.07 -0.31
N PRO A 49 1.49 -1.42 -0.96
CA PRO A 49 0.15 -1.38 -0.34
C PRO A 49 -0.04 -2.45 0.75
N TYR A 50 -0.94 -2.16 1.68
CA TYR A 50 -1.50 -3.17 2.57
C TYR A 50 -2.99 -2.87 2.83
N CYS A 51 -3.51 -3.60 3.83
CA CYS A 51 -4.76 -3.26 4.48
C CYS A 51 -4.71 -1.83 5.04
N ASN A 52 -5.83 -1.14 4.89
CA ASN A 52 -6.09 0.09 5.61
C ASN A 52 -6.09 -0.19 7.12
N HIS A 53 -6.58 -1.37 7.48
CA HIS A 53 -6.39 -1.94 8.79
C HIS A 53 -6.67 -3.47 8.74
N PRO A 54 -6.24 -4.14 9.83
CA PRO A 54 -5.34 -3.54 10.85
C PRO A 54 -3.90 -3.35 10.36
N CYS A 55 -3.59 -3.99 9.24
CA CYS A 55 -2.21 -4.32 8.89
C CYS A 55 -1.36 -3.06 8.80
N TYR A 56 -1.94 -2.02 8.20
CA TYR A 56 -1.28 -0.73 8.08
C TYR A 56 -1.00 -0.16 9.47
N SER A 57 -1.94 -0.41 10.39
CA SER A 57 -1.82 0.07 11.75
C SER A 57 -0.84 -0.81 12.54
N ALA A 58 -0.75 -2.06 12.13
CA ALA A 58 -0.07 -3.08 12.92
C ALA A 58 1.39 -3.22 12.47
N MET A 59 1.57 -3.26 11.15
CA MET A 59 2.89 -3.20 10.56
C MET A 59 3.57 -1.88 10.92
N PHE A 60 2.75 -0.83 11.01
CA PHE A 60 3.20 0.46 11.48
C PHE A 60 2.89 0.63 12.97
N GLY A 61 2.86 -0.51 13.66
CA GLY A 61 2.76 -0.53 15.11
C GLY A 61 3.01 -1.96 15.64
N PRO A 62 4.20 -2.51 15.27
CA PRO A 62 4.48 -3.95 15.43
C PRO A 62 4.39 -4.45 16.88
N LYS A 63 3.70 -5.57 17.05
CA LYS A 63 3.76 -6.33 18.29
C LYS A 63 3.26 -5.48 19.46
N GLY A 64 2.38 -4.55 19.14
CA GLY A 64 1.64 -3.81 20.16
C GLY A 64 0.70 -2.79 19.51
N PHE A 65 -0.51 -2.72 20.04
CA PHE A 65 -1.44 -1.64 19.70
C PHE A 65 -1.93 -1.81 18.26
N GLY A 66 -3.23 -1.58 18.08
CA GLY A 66 -3.81 -1.49 16.75
C GLY A 66 -5.30 -1.83 16.80
N ARG A 67 -6.12 -0.79 16.94
CA ARG A 67 -7.56 -0.93 16.80
C ARG A 67 -8.19 0.43 16.50
N GLY A 68 -8.37 1.22 17.54
CA GLY A 68 -8.75 2.62 17.40
C GLY A 68 -10.24 2.73 17.07
N GLY A 69 -10.64 3.94 16.70
CA GLY A 69 -12.05 4.27 16.56
C GLY A 69 -12.35 4.73 15.13
N ALA A 70 -12.84 3.78 14.32
CA ALA A 70 -13.38 4.10 13.01
C ALA A 70 -14.25 2.96 12.51
N GLU A 71 -13.79 1.74 12.76
CA GLU A 71 -14.58 0.55 12.47
C GLU A 71 -14.93 0.46 10.99
N SER A 72 -14.04 0.99 10.16
CA SER A 72 -14.11 0.78 8.73
C SER A 72 -15.41 1.36 8.18
N HIS A 73 -15.75 0.95 6.96
CA HIS A 73 -16.84 1.57 6.21
C HIS A 73 -16.44 2.96 5.73
N THR A 74 -16.63 3.20 4.44
CA THR A 74 -16.27 4.46 3.82
C THR A 74 -17.47 5.39 3.77
N PHE A 75 -17.20 6.65 3.40
CA PHE A 75 -18.26 7.60 3.09
C PHE A 75 -19.15 7.82 4.31
N LYS A 76 -18.66 8.65 5.23
CA LYS A 76 -19.37 8.94 6.46
C LYS A 76 -19.24 10.43 6.80
ZN ZN B . 1.51 -4.13 -11.04
ZN ZN C . -3.71 -7.30 5.57
N PRO A 1 0.21 6.66 -15.72
CA PRO A 1 -0.60 5.60 -15.06
C PRO A 1 0.09 4.25 -14.98
N LYS A 2 1.11 4.18 -14.13
CA LYS A 2 2.03 3.05 -14.11
C LYS A 2 2.11 2.46 -12.71
N CYS A 3 2.43 1.17 -12.64
CA CYS A 3 2.21 0.39 -11.42
C CYS A 3 3.30 0.71 -10.39
N PRO A 4 2.87 1.27 -9.25
CA PRO A 4 3.74 1.42 -8.05
C PRO A 4 4.23 0.10 -7.48
N LYS A 5 3.65 -0.99 -7.99
CA LYS A 5 3.95 -2.32 -7.52
C LYS A 5 5.05 -2.96 -8.37
N CYS A 6 4.67 -3.36 -9.58
CA CYS A 6 5.52 -4.20 -10.41
C CYS A 6 6.39 -3.36 -11.33
N ASP A 7 5.98 -2.11 -11.52
CA ASP A 7 6.67 -1.19 -12.42
C ASP A 7 6.42 -1.59 -13.88
N LYS A 8 5.15 -1.80 -14.21
CA LYS A 8 4.69 -1.74 -15.59
C LYS A 8 3.89 -0.46 -15.82
N GLU A 9 3.21 -0.40 -16.96
CA GLU A 9 2.07 0.51 -17.13
C GLU A 9 0.77 -0.31 -17.14
N VAL A 10 -0.33 0.37 -16.80
CA VAL A 10 -1.53 -0.34 -16.34
C VAL A 10 -2.64 -0.16 -17.36
N TYR A 11 -3.00 -1.27 -18.01
CA TYR A 11 -4.04 -1.26 -19.02
C TYR A 11 -5.41 -1.12 -18.37
N PHE A 12 -6.40 -0.68 -19.15
CA PHE A 12 -7.60 -0.09 -18.59
C PHE A 12 -8.33 -1.08 -17.68
N ALA A 13 -8.78 -2.17 -18.31
CA ALA A 13 -9.60 -3.15 -17.58
C ALA A 13 -8.78 -3.92 -16.54
N GLU A 14 -7.48 -3.63 -16.52
CA GLU A 14 -6.59 -4.26 -15.57
C GLU A 14 -6.27 -3.31 -14.40
N ARG A 15 -7.10 -2.27 -14.29
CA ARG A 15 -6.75 -1.09 -13.50
C ARG A 15 -7.45 -1.15 -12.14
N VAL A 16 -6.71 -0.77 -11.10
CA VAL A 16 -7.31 -0.23 -9.87
C VAL A 16 -6.58 1.04 -9.46
N THR A 17 -7.33 2.14 -9.44
CA THR A 17 -6.77 3.45 -9.16
C THR A 17 -6.83 3.72 -7.65
N SER A 18 -5.70 4.18 -7.11
CA SER A 18 -5.43 4.10 -5.69
C SER A 18 -4.33 5.08 -5.29
N LEU A 19 -4.63 5.93 -4.31
CA LEU A 19 -3.61 6.72 -3.65
C LEU A 19 -2.90 7.64 -4.65
N GLY A 20 -3.56 7.87 -5.79
CA GLY A 20 -3.22 8.98 -6.66
C GLY A 20 -2.91 8.49 -8.07
N LYS A 21 -2.37 7.27 -8.12
CA LYS A 21 -1.96 6.67 -9.38
C LYS A 21 -2.42 5.21 -9.45
N ASP A 22 -2.50 4.69 -10.67
CA ASP A 22 -3.23 3.46 -10.94
C ASP A 22 -2.38 2.25 -10.55
N TRP A 23 -2.99 1.08 -10.73
CA TRP A 23 -2.32 -0.17 -10.38
C TRP A 23 -2.84 -1.30 -11.28
N HIS A 24 -2.33 -2.50 -11.01
CA HIS A 24 -2.84 -3.71 -11.64
C HIS A 24 -3.80 -4.44 -10.69
N ARG A 25 -4.79 -5.10 -11.29
CA ARG A 25 -5.91 -5.64 -10.54
C ARG A 25 -5.41 -6.69 -9.52
N PRO A 26 -4.56 -7.60 -10.03
CA PRO A 26 -3.90 -8.63 -9.18
C PRO A 26 -2.93 -8.04 -8.15
N CYS A 27 -2.25 -6.97 -8.56
CA CYS A 27 -1.07 -6.49 -7.84
C CYS A 27 -1.47 -6.00 -6.45
N LEU A 28 -2.45 -5.10 -6.43
CA LEU A 28 -2.75 -4.31 -5.24
C LEU A 28 -3.19 -5.21 -4.10
N LYS A 29 -2.22 -5.65 -3.30
CA LYS A 29 -2.45 -6.67 -2.29
C LYS A 29 -1.66 -6.33 -1.03
N CYS A 30 -2.19 -6.80 0.10
CA CYS A 30 -1.49 -6.74 1.37
C CYS A 30 -0.23 -7.59 1.34
N GLU A 31 0.87 -6.94 1.73
CA GLU A 31 2.15 -7.64 1.92
C GLU A 31 2.32 -8.01 3.40
N LYS A 32 1.19 -8.34 4.02
CA LYS A 32 1.19 -8.73 5.42
C LYS A 32 0.29 -9.95 5.62
N CYS A 33 -0.94 -9.83 5.13
CA CYS A 33 -1.92 -10.90 5.29
C CYS A 33 -2.21 -11.57 3.96
N GLY A 34 -1.85 -10.89 2.88
CA GLY A 34 -1.95 -11.46 1.54
C GLY A 34 -3.39 -11.42 1.06
N LYS A 35 -4.11 -10.38 1.48
CA LYS A 35 -5.44 -10.10 0.97
C LYS A 35 -5.37 -9.15 -0.22
N THR A 36 -6.15 -9.47 -1.25
CA THR A 36 -6.40 -8.53 -2.34
C THR A 36 -7.18 -7.32 -1.84
N LEU A 37 -6.76 -6.15 -2.31
CA LEU A 37 -7.21 -4.89 -1.73
C LEU A 37 -8.31 -4.27 -2.59
N THR A 38 -9.19 -3.53 -1.92
CA THR A 38 -10.38 -3.00 -2.56
C THR A 38 -10.10 -1.62 -3.15
N SER A 39 -11.19 -0.90 -3.42
CA SER A 39 -11.08 0.39 -4.10
C SER A 39 -11.06 1.53 -3.09
N GLY A 40 -10.41 1.27 -1.95
CA GLY A 40 -10.01 2.33 -1.03
C GLY A 40 -10.26 1.89 0.41
N GLY A 41 -9.65 0.78 0.78
CA GLY A 41 -9.53 0.38 2.17
C GLY A 41 -8.12 -0.08 2.52
N HIS A 42 -7.20 0.21 1.60
CA HIS A 42 -5.80 -0.14 1.78
C HIS A 42 -4.95 1.11 1.98
N ALA A 43 -3.63 0.92 1.93
CA ALA A 43 -2.70 2.03 1.77
C ALA A 43 -1.30 1.49 1.49
N GLU A 44 -0.46 2.34 0.91
CA GLU A 44 0.76 1.88 0.23
C GLU A 44 2.00 2.38 0.99
N HIS A 45 2.92 1.44 1.20
CA HIS A 45 4.22 1.75 1.78
C HIS A 45 5.22 2.09 0.69
N GLU A 46 5.06 3.30 0.13
CA GLU A 46 5.89 3.76 -0.97
C GLU A 46 5.76 2.82 -2.18
N GLY A 47 4.54 2.37 -2.42
CA GLY A 47 4.24 1.53 -3.56
C GLY A 47 4.35 0.05 -3.16
N LYS A 48 4.26 -0.21 -1.87
CA LYS A 48 4.09 -1.55 -1.35
C LYS A 48 2.80 -1.64 -0.50
N PRO A 49 1.72 -2.09 -1.17
CA PRO A 49 0.35 -2.00 -0.61
C PRO A 49 0.13 -2.80 0.66
N TYR A 50 -0.81 -2.33 1.47
CA TYR A 50 -1.23 -3.05 2.66
C TYR A 50 -2.68 -2.67 3.01
N CYS A 51 -3.20 -3.41 4.01
CA CYS A 51 -4.39 -3.01 4.74
C CYS A 51 -4.19 -1.61 5.37
N ASN A 52 -5.20 -0.78 5.17
CA ASN A 52 -5.36 0.44 5.96
C ASN A 52 -5.52 0.09 7.45
N HIS A 53 -6.20 -1.03 7.69
CA HIS A 53 -6.15 -1.71 8.98
C HIS A 53 -6.42 -3.22 8.77
N PRO A 54 -6.14 -3.98 9.84
CA PRO A 54 -5.28 -3.50 10.96
C PRO A 54 -3.81 -3.29 10.53
N CYS A 55 -3.42 -3.95 9.44
CA CYS A 55 -2.04 -4.32 9.22
C CYS A 55 -1.13 -3.10 9.24
N TYR A 56 -1.53 -2.08 8.50
CA TYR A 56 -0.75 -0.85 8.40
C TYR A 56 -0.60 -0.20 9.77
N SER A 57 -1.74 -0.05 10.45
CA SER A 57 -1.77 0.62 11.74
C SER A 57 -1.12 -0.24 12.82
N ALA A 58 -1.01 -1.53 12.53
CA ALA A 58 -0.66 -2.52 13.54
C ALA A 58 0.85 -2.58 13.72
N MET A 59 1.54 -2.80 12.61
CA MET A 59 2.99 -2.88 12.61
C MET A 59 3.59 -1.53 12.22
N PHE A 60 2.78 -0.70 11.57
CA PHE A 60 3.29 0.37 10.71
C PHE A 60 2.59 1.68 11.04
N GLY A 61 2.76 2.66 10.17
CA GLY A 61 2.37 4.03 10.46
C GLY A 61 0.84 4.10 10.71
N PRO A 62 0.50 4.17 12.01
CA PRO A 62 -0.92 4.17 12.46
C PRO A 62 -1.74 5.32 11.87
N LYS A 63 -1.06 6.44 11.64
CA LYS A 63 -1.74 7.70 11.35
C LYS A 63 -2.55 7.58 10.06
N GLY A 64 -1.86 7.62 8.94
CA GLY A 64 -2.46 7.32 7.65
C GLY A 64 -2.04 8.37 6.61
N PHE A 65 -3.02 9.10 6.11
CA PHE A 65 -2.83 9.98 4.97
C PHE A 65 -2.61 9.16 3.71
N GLY A 66 -2.25 9.85 2.62
CA GLY A 66 -2.20 9.24 1.30
C GLY A 66 -2.68 10.23 0.25
N ARG A 67 -3.86 9.94 -0.31
CA ARG A 67 -4.35 10.65 -1.48
C ARG A 67 -4.53 12.14 -1.18
N GLY A 68 -4.75 12.91 -2.23
CA GLY A 68 -4.73 14.36 -2.13
C GLY A 68 -4.37 14.98 -3.48
N GLY A 69 -3.67 14.19 -4.30
CA GLY A 69 -3.07 14.70 -5.52
C GLY A 69 -4.15 15.25 -6.46
N ALA A 70 -3.79 16.30 -7.18
CA ALA A 70 -4.76 17.06 -7.96
C ALA A 70 -4.10 17.66 -9.20
N GLU A 71 -4.77 18.65 -9.78
CA GLU A 71 -4.41 19.17 -11.08
C GLU A 71 -4.46 18.07 -12.14
N SER A 72 -4.41 18.49 -13.41
CA SER A 72 -4.67 17.59 -14.52
C SER A 72 -3.79 17.96 -15.71
N HIS A 73 -4.16 17.44 -16.88
CA HIS A 73 -3.32 17.51 -18.06
C HIS A 73 -3.78 18.64 -18.98
N THR A 74 -2.80 19.36 -19.52
CA THR A 74 -3.08 20.41 -20.49
C THR A 74 -3.99 21.48 -19.91
N PHE A 75 -3.79 21.75 -18.63
CA PHE A 75 -4.45 22.88 -17.97
C PHE A 75 -5.94 22.62 -17.82
N LYS A 76 -6.49 23.07 -16.70
CA LYS A 76 -7.93 23.09 -16.49
C LYS A 76 -8.45 24.52 -16.50
ZN ZN B . 1.48 -4.34 -11.23
ZN ZN C . -3.46 -7.11 5.70
N PRO A 1 -1.11 5.36 -14.65
CA PRO A 1 -0.70 4.59 -15.85
C PRO A 1 0.36 3.53 -15.57
N LYS A 2 1.08 3.72 -14.48
CA LYS A 2 2.28 2.95 -14.19
C LYS A 2 2.27 2.44 -12.76
N CYS A 3 2.60 1.16 -12.60
CA CYS A 3 2.32 0.47 -11.34
C CYS A 3 3.43 0.80 -10.32
N PRO A 4 3.00 1.35 -9.16
CA PRO A 4 3.89 1.54 -7.98
C PRO A 4 4.41 0.23 -7.41
N LYS A 5 3.61 -0.83 -7.59
CA LYS A 5 3.94 -2.14 -7.07
C LYS A 5 5.11 -2.74 -7.83
N CYS A 6 4.85 -3.11 -9.08
CA CYS A 6 5.73 -4.01 -9.80
C CYS A 6 6.66 -3.23 -10.74
N ASP A 7 6.19 -2.05 -11.14
CA ASP A 7 6.81 -1.31 -12.23
C ASP A 7 6.52 -1.97 -13.57
N LYS A 8 5.25 -1.93 -13.96
CA LYS A 8 4.85 -2.13 -15.35
C LYS A 8 4.00 -0.95 -15.82
N GLU A 9 3.38 -1.12 -16.98
CA GLU A 9 2.30 -0.24 -17.42
C GLU A 9 0.95 -0.93 -17.18
N VAL A 10 -0.06 -0.11 -16.93
CA VAL A 10 -1.30 -0.63 -16.34
C VAL A 10 -2.47 -0.39 -17.30
N TYR A 11 -3.12 -1.48 -17.68
CA TYR A 11 -4.16 -1.45 -18.69
C TYR A 11 -5.51 -1.15 -18.07
N PHE A 12 -6.40 -0.54 -18.84
CA PHE A 12 -7.47 0.29 -18.29
C PHE A 12 -8.34 -0.50 -17.33
N ALA A 13 -8.95 -1.56 -17.88
CA ALA A 13 -9.92 -2.34 -17.09
C ALA A 13 -9.23 -3.28 -16.11
N GLU A 14 -7.93 -3.47 -16.30
CA GLU A 14 -7.11 -4.08 -15.25
C GLU A 14 -6.22 -3.01 -14.62
N ARG A 15 -6.80 -1.83 -14.38
CA ARG A 15 -6.24 -0.88 -13.44
C ARG A 15 -6.96 -0.97 -12.08
N VAL A 16 -6.38 -0.29 -11.11
CA VAL A 16 -7.14 0.22 -9.96
C VAL A 16 -6.48 1.51 -9.46
N THR A 17 -7.30 2.40 -8.91
CA THR A 17 -6.87 3.76 -8.64
C THR A 17 -6.87 4.04 -7.13
N SER A 18 -5.81 4.71 -6.69
CA SER A 18 -5.50 4.79 -5.26
C SER A 18 -4.25 5.64 -5.05
N LEU A 19 -4.41 6.65 -4.19
CA LEU A 19 -3.41 7.69 -4.00
C LEU A 19 -3.16 8.43 -5.31
N GLY A 20 -4.11 8.31 -6.23
CA GLY A 20 -4.17 9.18 -7.40
C GLY A 20 -3.53 8.49 -8.60
N LYS A 21 -2.63 7.55 -8.30
CA LYS A 21 -1.96 6.78 -9.34
C LYS A 21 -2.54 5.37 -9.40
N ASP A 22 -2.35 4.72 -10.54
CA ASP A 22 -3.08 3.50 -10.86
C ASP A 22 -2.27 2.28 -10.40
N TRP A 23 -2.89 1.11 -10.60
CA TRP A 23 -2.29 -0.14 -10.14
C TRP A 23 -2.79 -1.29 -11.02
N HIS A 24 -2.10 -2.42 -10.89
CA HIS A 24 -2.58 -3.69 -11.44
C HIS A 24 -3.56 -4.35 -10.49
N ARG A 25 -4.65 -4.87 -11.06
CA ARG A 25 -5.76 -5.39 -10.28
C ARG A 25 -5.26 -6.55 -9.38
N PRO A 26 -4.45 -7.44 -9.99
CA PRO A 26 -3.75 -8.52 -9.27
C PRO A 26 -2.81 -8.02 -8.16
N CYS A 27 -2.17 -6.90 -8.44
CA CYS A 27 -1.04 -6.45 -7.63
C CYS A 27 -1.53 -6.00 -6.26
N LEU A 28 -2.59 -5.19 -6.27
CA LEU A 28 -3.02 -4.43 -5.10
C LEU A 28 -3.37 -5.39 -3.96
N LYS A 29 -2.35 -5.76 -3.19
CA LYS A 29 -2.45 -6.86 -2.24
C LYS A 29 -1.61 -6.56 -1.00
N CYS A 30 -2.15 -6.96 0.15
CA CYS A 30 -1.42 -6.90 1.41
C CYS A 30 -0.16 -7.79 1.34
N GLU A 31 0.95 -7.18 1.72
CA GLU A 31 2.20 -7.92 1.88
C GLU A 31 2.38 -8.32 3.35
N LYS A 32 1.26 -8.38 4.07
CA LYS A 32 1.30 -8.48 5.52
C LYS A 32 0.39 -9.60 6.00
N CYS A 33 -0.72 -9.76 5.29
CA CYS A 33 -1.61 -10.90 5.49
C CYS A 33 -1.83 -11.67 4.20
N GLY A 34 -1.53 -11.01 3.08
CA GLY A 34 -1.65 -11.63 1.77
C GLY A 34 -3.11 -11.78 1.38
N LYS A 35 -3.89 -10.74 1.68
CA LYS A 35 -5.28 -10.65 1.23
C LYS A 35 -5.42 -9.58 0.15
N THR A 36 -6.18 -9.93 -0.89
CA THR A 36 -6.46 -9.00 -1.98
C THR A 36 -7.18 -7.77 -1.46
N LEU A 37 -6.93 -6.64 -2.12
CA LEU A 37 -7.33 -5.35 -1.60
C LEU A 37 -8.44 -4.76 -2.46
N THR A 38 -9.46 -4.22 -1.78
CA THR A 38 -10.71 -3.87 -2.42
C THR A 38 -10.70 -2.40 -2.85
N SER A 39 -11.88 -1.92 -3.23
CA SER A 39 -12.01 -0.66 -3.97
C SER A 39 -11.43 0.49 -3.16
N GLY A 40 -11.50 0.36 -1.84
CA GLY A 40 -11.12 1.43 -0.93
C GLY A 40 -11.22 0.97 0.52
N GLY A 41 -10.41 -0.04 0.84
CA GLY A 41 -10.17 -0.42 2.21
C GLY A 41 -8.70 -0.76 2.45
N HIS A 42 -7.87 -0.41 1.46
CA HIS A 42 -6.44 -0.64 1.55
C HIS A 42 -5.69 0.68 1.77
N ALA A 43 -4.38 0.60 1.65
CA ALA A 43 -3.54 1.79 1.51
C ALA A 43 -2.30 1.46 0.68
N GLU A 44 -1.34 2.39 0.70
CA GLU A 44 0.00 2.11 0.20
C GLU A 44 1.05 2.59 1.20
N HIS A 45 2.05 1.76 1.44
CA HIS A 45 3.34 2.25 1.96
C HIS A 45 4.35 2.31 0.82
N GLU A 46 5.41 3.06 1.02
CA GLU A 46 6.23 3.57 -0.08
C GLU A 46 6.82 2.41 -0.89
N GLY A 47 6.07 2.01 -1.92
CA GLY A 47 6.43 0.85 -2.71
C GLY A 47 5.19 -0.01 -2.99
N LYS A 48 4.47 -0.34 -1.93
CA LYS A 48 3.52 -1.46 -1.95
C LYS A 48 2.26 -1.08 -1.15
N PRO A 49 1.11 -1.58 -1.65
CA PRO A 49 -0.18 -1.54 -0.91
C PRO A 49 -0.22 -2.45 0.31
N TYR A 50 -1.18 -2.19 1.18
CA TYR A 50 -1.55 -3.13 2.24
C TYR A 50 -2.99 -2.86 2.69
N CYS A 51 -3.35 -3.55 3.79
CA CYS A 51 -4.52 -3.20 4.58
C CYS A 51 -4.41 -1.74 5.07
N ASN A 52 -5.49 -1.01 4.85
CA ASN A 52 -5.73 0.25 5.54
C ASN A 52 -5.81 0.02 7.05
N HIS A 53 -6.32 -1.16 7.42
CA HIS A 53 -6.16 -1.71 8.74
C HIS A 53 -6.38 -3.25 8.69
N PRO A 54 -5.89 -3.92 9.76
CA PRO A 54 -5.00 -3.29 10.76
C PRO A 54 -3.58 -3.06 10.27
N CYS A 55 -3.21 -3.77 9.20
CA CYS A 55 -1.81 -4.09 8.93
C CYS A 55 -0.97 -2.82 8.79
N TYR A 56 -1.54 -1.85 8.07
CA TYR A 56 -0.87 -0.58 7.85
C TYR A 56 -0.62 0.12 9.19
N SER A 57 -1.71 0.40 9.88
CA SER A 57 -1.64 1.19 11.11
C SER A 57 -0.85 0.45 12.18
N ALA A 58 -0.82 -0.87 12.06
CA ALA A 58 -0.37 -1.75 13.13
C ALA A 58 1.08 -2.19 12.87
N MET A 59 1.32 -2.66 11.65
CA MET A 59 2.48 -3.48 11.35
C MET A 59 3.54 -2.66 10.62
N PHE A 60 3.14 -1.49 10.15
CA PHE A 60 4.09 -0.46 9.74
C PHE A 60 4.55 0.34 10.97
N GLY A 61 5.49 -0.26 11.71
CA GLY A 61 5.83 0.20 13.04
C GLY A 61 6.40 -0.97 13.88
N PRO A 62 7.70 -1.25 13.66
CA PRO A 62 8.34 -2.50 14.13
C PRO A 62 8.11 -2.78 15.62
N LYS A 63 8.71 -3.87 16.09
CA LYS A 63 8.56 -4.29 17.47
C LYS A 63 7.10 -4.65 17.77
N GLY A 64 6.87 -5.93 18.04
CA GLY A 64 5.60 -6.40 18.56
C GLY A 64 4.78 -7.07 17.46
N PHE A 65 5.21 -8.28 17.11
CA PHE A 65 4.49 -9.09 16.14
C PHE A 65 5.30 -10.35 15.81
N GLY A 66 4.61 -11.32 15.23
CA GLY A 66 5.26 -12.48 14.63
C GLY A 66 5.07 -13.72 15.49
N ARG A 67 6.15 -14.15 16.12
CA ARG A 67 6.20 -15.46 16.78
C ARG A 67 5.16 -15.50 17.91
N GLY A 68 4.61 -16.70 18.10
CA GLY A 68 3.76 -16.97 19.26
C GLY A 68 2.72 -18.03 18.92
N GLY A 69 3.19 -19.09 18.26
CA GLY A 69 2.29 -20.08 17.69
C GLY A 69 2.57 -21.45 18.29
N ALA A 70 2.44 -22.48 17.46
CA ALA A 70 2.53 -23.86 17.93
C ALA A 70 1.43 -24.16 18.93
N GLU A 71 0.83 -25.33 18.80
CA GLU A 71 -0.39 -25.66 19.53
C GLU A 71 -0.12 -25.64 21.04
N SER A 72 -0.52 -24.53 21.66
CA SER A 72 -0.38 -24.36 23.10
C SER A 72 -1.63 -23.69 23.67
N HIS A 73 -2.09 -22.67 22.96
CA HIS A 73 -3.28 -21.93 23.37
C HIS A 73 -4.50 -22.85 23.42
N THR A 74 -5.53 -22.39 24.10
CA THR A 74 -6.68 -23.22 24.42
C THR A 74 -7.98 -22.41 24.32
N PHE A 75 -8.06 -21.37 25.14
CA PHE A 75 -9.30 -20.64 25.32
C PHE A 75 -10.35 -21.52 26.00
N LYS A 76 -10.92 -22.43 25.22
CA LYS A 76 -11.76 -23.48 25.75
C LYS A 76 -11.51 -24.80 25.01
ZN ZN B . 1.72 -4.25 -10.82
ZN ZN C . -3.31 -7.19 5.77
N PRO A 1 0.61 6.68 -15.05
CA PRO A 1 -0.29 5.59 -15.48
C PRO A 1 0.30 4.19 -15.29
N LYS A 2 1.39 4.15 -14.52
CA LYS A 2 2.21 2.94 -14.40
C LYS A 2 2.24 2.46 -12.96
N CYS A 3 2.54 1.18 -12.80
CA CYS A 3 2.24 0.49 -11.54
C CYS A 3 3.38 0.73 -10.53
N PRO A 4 3.04 1.39 -9.42
CA PRO A 4 3.96 1.53 -8.25
C PRO A 4 4.38 0.19 -7.66
N LYS A 5 3.56 -0.83 -7.93
CA LYS A 5 3.78 -2.15 -7.38
C LYS A 5 4.87 -2.87 -8.17
N CYS A 6 4.52 -3.31 -9.37
CA CYS A 6 5.33 -4.28 -10.11
C CYS A 6 6.31 -3.58 -11.04
N ASP A 7 5.98 -2.33 -11.35
CA ASP A 7 6.70 -1.58 -12.37
C ASP A 7 6.36 -2.11 -13.77
N LYS A 8 5.08 -2.12 -14.08
CA LYS A 8 4.61 -2.20 -15.46
C LYS A 8 3.84 -0.93 -15.82
N GLU A 9 3.14 -0.98 -16.95
CA GLU A 9 2.10 -0.02 -17.26
C GLU A 9 0.72 -0.67 -17.11
N VAL A 10 -0.25 0.16 -16.73
CA VAL A 10 -1.52 -0.37 -16.23
C VAL A 10 -2.62 -0.09 -17.25
N TYR A 11 -3.10 -1.18 -17.86
CA TYR A 11 -4.16 -1.10 -18.86
C TYR A 11 -5.51 -0.95 -18.18
N PHE A 12 -6.51 -0.52 -18.95
CA PHE A 12 -7.71 0.09 -18.37
C PHE A 12 -8.42 -0.89 -17.44
N ALA A 13 -8.89 -1.99 -18.03
CA ALA A 13 -9.69 -2.94 -17.27
C ALA A 13 -8.86 -3.70 -16.25
N GLU A 14 -7.53 -3.55 -16.36
CA GLU A 14 -6.62 -4.04 -15.33
C GLU A 14 -6.14 -2.89 -14.46
N ARG A 15 -7.09 -2.02 -14.08
CA ARG A 15 -6.75 -0.85 -13.29
C ARG A 15 -7.38 -0.95 -11.89
N VAL A 16 -6.62 -0.50 -10.90
CA VAL A 16 -7.20 0.05 -9.66
C VAL A 16 -6.44 1.32 -9.26
N THR A 17 -7.18 2.43 -9.26
CA THR A 17 -6.60 3.73 -8.99
C THR A 17 -6.61 4.01 -7.49
N SER A 18 -5.48 4.48 -6.99
CA SER A 18 -5.16 4.39 -5.56
C SER A 18 -4.05 5.39 -5.20
N LEU A 19 -4.37 6.29 -4.27
CA LEU A 19 -3.36 7.10 -3.63
C LEU A 19 -2.60 7.95 -4.67
N GLY A 20 -3.28 8.25 -5.76
CA GLY A 20 -2.88 9.33 -6.66
C GLY A 20 -2.05 8.78 -7.81
N LYS A 21 -2.18 7.48 -8.05
CA LYS A 21 -1.73 6.87 -9.29
C LYS A 21 -2.20 5.41 -9.35
N ASP A 22 -2.33 4.91 -10.57
CA ASP A 22 -3.09 3.69 -10.83
C ASP A 22 -2.25 2.45 -10.49
N TRP A 23 -2.90 1.30 -10.64
CA TRP A 23 -2.25 0.04 -10.30
C TRP A 23 -2.84 -1.09 -11.15
N HIS A 24 -2.37 -2.31 -10.85
CA HIS A 24 -2.95 -3.51 -11.44
C HIS A 24 -3.89 -4.19 -10.44
N ARG A 25 -4.94 -4.80 -10.98
CA ARG A 25 -6.04 -5.30 -10.18
C ARG A 25 -5.53 -6.41 -9.22
N PRO A 26 -4.76 -7.35 -9.81
CA PRO A 26 -4.11 -8.43 -9.03
C PRO A 26 -3.09 -7.93 -8.00
N CYS A 27 -2.45 -6.81 -8.34
CA CYS A 27 -1.26 -6.37 -7.64
C CYS A 27 -1.62 -5.90 -6.23
N LEU A 28 -2.71 -5.13 -6.14
CA LEU A 28 -3.00 -4.34 -4.96
C LEU A 28 -3.36 -5.24 -3.79
N LYS A 29 -2.33 -5.83 -3.18
CA LYS A 29 -2.51 -6.93 -2.25
C LYS A 29 -1.60 -6.75 -1.04
N CYS A 30 -2.07 -7.27 0.10
CA CYS A 30 -1.35 -7.16 1.34
C CYS A 30 -0.08 -8.03 1.31
N GLU A 31 1.04 -7.37 1.63
CA GLU A 31 2.31 -8.06 1.78
C GLU A 31 2.64 -8.27 3.26
N LYS A 32 1.62 -8.14 4.10
CA LYS A 32 1.66 -8.66 5.46
C LYS A 32 0.91 -9.99 5.55
N CYS A 33 -0.38 -9.95 5.22
CA CYS A 33 -1.27 -11.07 5.53
C CYS A 33 -1.55 -11.87 4.26
N GLY A 34 -1.67 -11.16 3.14
CA GLY A 34 -1.93 -11.77 1.86
C GLY A 34 -3.43 -11.87 1.61
N LYS A 35 -4.12 -10.75 1.80
CA LYS A 35 -5.44 -10.54 1.22
C LYS A 35 -5.36 -9.58 0.04
N THR A 36 -6.17 -9.88 -0.99
CA THR A 36 -6.42 -8.92 -2.06
C THR A 36 -7.25 -7.76 -1.54
N LEU A 37 -7.07 -6.61 -2.19
CA LEU A 37 -7.61 -5.35 -1.67
C LEU A 37 -8.64 -4.78 -2.65
N THR A 38 -9.53 -3.95 -2.12
CA THR A 38 -10.65 -3.43 -2.88
C THR A 38 -10.40 -1.97 -3.27
N SER A 39 -11.46 -1.32 -3.75
CA SER A 39 -11.32 -0.04 -4.45
C SER A 39 -10.72 1.00 -3.52
N GLY A 40 -10.92 0.81 -2.23
CA GLY A 40 -10.53 1.79 -1.23
C GLY A 40 -10.71 1.25 0.18
N GLY A 41 -9.91 0.22 0.49
CA GLY A 41 -9.79 -0.26 1.86
C GLY A 41 -8.36 -0.68 2.16
N HIS A 42 -7.44 -0.23 1.31
CA HIS A 42 -6.03 -0.60 1.45
C HIS A 42 -5.19 0.60 1.84
N ALA A 43 -3.88 0.43 1.79
CA ALA A 43 -2.93 1.54 1.83
C ALA A 43 -1.74 1.24 0.91
N GLU A 44 -0.67 2.01 1.11
CA GLU A 44 0.65 1.63 0.61
C GLU A 44 1.72 2.51 1.25
N HIS A 45 2.95 2.00 1.26
CA HIS A 45 4.13 2.83 1.48
C HIS A 45 5.22 2.50 0.46
N GLU A 46 5.64 3.53 -0.27
CA GLU A 46 6.65 3.38 -1.30
C GLU A 46 6.20 2.38 -2.37
N GLY A 47 4.91 2.41 -2.67
CA GLY A 47 4.39 1.74 -3.85
C GLY A 47 4.28 0.24 -3.62
N LYS A 48 4.20 -0.14 -2.34
CA LYS A 48 3.86 -1.49 -1.95
C LYS A 48 2.69 -1.46 -0.94
N PRO A 49 1.48 -1.73 -1.47
CA PRO A 49 0.23 -1.59 -0.69
C PRO A 49 0.09 -2.61 0.44
N TYR A 50 -0.89 -2.36 1.31
CA TYR A 50 -1.32 -3.38 2.27
C TYR A 50 -2.79 -3.14 2.64
N CYS A 51 -3.19 -3.81 3.73
CA CYS A 51 -4.38 -3.46 4.49
C CYS A 51 -4.30 -1.98 4.96
N ASN A 52 -5.38 -1.26 4.71
CA ASN A 52 -5.67 -0.01 5.42
C ASN A 52 -5.81 -0.29 6.92
N HIS A 53 -6.34 -1.48 7.22
CA HIS A 53 -6.25 -2.06 8.54
C HIS A 53 -6.41 -3.60 8.44
N PRO A 54 -6.00 -4.27 9.53
CA PRO A 54 -5.22 -3.65 10.62
C PRO A 54 -3.75 -3.38 10.24
N CYS A 55 -3.30 -4.05 9.19
CA CYS A 55 -1.88 -4.34 9.00
C CYS A 55 -1.08 -3.04 8.93
N TYR A 56 -1.60 -2.08 8.19
CA TYR A 56 -0.98 -0.77 8.06
C TYR A 56 -0.88 -0.09 9.42
N SER A 57 -2.03 0.02 10.08
CA SER A 57 -2.15 0.85 11.27
C SER A 57 -1.44 0.18 12.46
N ALA A 58 -1.52 -1.15 12.47
CA ALA A 58 -0.94 -1.94 13.55
C ALA A 58 0.58 -1.88 13.50
N MET A 59 1.11 -2.12 12.31
CA MET A 59 2.55 -2.32 12.13
C MET A 59 3.28 -0.98 12.19
N PHE A 60 2.63 0.05 11.68
CA PHE A 60 3.26 1.35 11.48
C PHE A 60 3.63 1.96 12.83
N GLY A 61 4.77 1.53 13.37
CA GLY A 61 5.22 1.95 14.67
C GLY A 61 6.00 0.82 15.36
N PRO A 62 7.14 0.44 14.74
CA PRO A 62 8.09 -0.53 15.33
C PRO A 62 8.59 -0.13 16.71
N LYS A 63 8.83 -1.14 17.55
CA LYS A 63 9.53 -0.95 18.81
C LYS A 63 10.13 -2.26 19.28
N GLY A 64 11.28 -2.15 19.94
CA GLY A 64 11.89 -3.29 20.63
C GLY A 64 12.84 -4.04 19.69
N PHE A 65 12.28 -4.52 18.59
CA PHE A 65 12.99 -5.44 17.71
C PHE A 65 13.90 -4.65 16.76
N GLY A 66 15.20 -4.82 16.97
CA GLY A 66 16.19 -4.32 16.03
C GLY A 66 17.34 -5.31 15.89
N ARG A 67 18.54 -4.84 16.18
CA ARG A 67 19.71 -5.71 16.29
C ARG A 67 20.01 -6.38 14.95
N GLY A 68 21.09 -5.96 14.33
CA GLY A 68 21.63 -6.63 13.16
C GLY A 68 22.74 -7.59 13.56
N GLY A 69 23.91 -7.40 12.96
CA GLY A 69 25.12 -8.09 13.38
C GLY A 69 26.29 -7.69 12.50
N ALA A 70 27.07 -6.73 13.00
CA ALA A 70 28.11 -6.08 12.21
C ALA A 70 29.43 -6.80 12.38
N GLU A 71 30.15 -6.93 11.27
CA GLU A 71 31.54 -7.38 11.28
C GLU A 71 31.65 -8.76 11.91
N SER A 72 31.79 -9.76 11.06
CA SER A 72 32.13 -11.11 11.50
C SER A 72 33.64 -11.24 11.70
N HIS A 73 34.34 -11.52 10.62
CA HIS A 73 35.75 -11.91 10.67
C HIS A 73 36.58 -11.02 9.74
N THR A 74 36.04 -10.81 8.54
CA THR A 74 36.61 -9.84 7.61
C THR A 74 35.49 -9.17 6.81
N PHE A 75 35.39 -7.86 6.97
CA PHE A 75 34.36 -7.08 6.30
C PHE A 75 34.52 -7.18 4.78
N LYS A 76 33.83 -8.14 4.20
CA LYS A 76 33.99 -8.46 2.79
C LYS A 76 33.20 -7.47 1.94
ZN ZN B . 1.30 -4.18 -11.01
ZN ZN C . -3.19 -7.41 5.74
N PRO A 1 -1.71 5.58 -14.92
CA PRO A 1 -0.55 5.41 -15.84
C PRO A 1 0.25 4.15 -15.59
N LYS A 2 1.14 4.21 -14.60
CA LYS A 2 2.10 3.15 -14.35
C LYS A 2 2.02 2.68 -12.91
N CYS A 3 2.54 1.47 -12.67
CA CYS A 3 2.27 0.78 -11.41
C CYS A 3 3.31 1.23 -10.36
N PRO A 4 2.81 1.83 -9.27
CA PRO A 4 3.64 2.12 -8.06
C PRO A 4 4.25 0.87 -7.43
N LYS A 5 3.60 -0.26 -7.70
CA LYS A 5 4.04 -1.54 -7.15
C LYS A 5 5.25 -2.06 -7.92
N CYS A 6 4.99 -2.53 -9.15
CA CYS A 6 5.93 -3.40 -9.84
C CYS A 6 6.79 -2.60 -10.81
N ASP A 7 6.29 -1.43 -11.19
CA ASP A 7 6.87 -0.63 -12.26
C ASP A 7 6.57 -1.27 -13.62
N LYS A 8 5.29 -1.25 -13.99
CA LYS A 8 4.88 -1.40 -15.38
C LYS A 8 3.88 -0.31 -15.74
N GLU A 9 3.30 -0.45 -16.93
CA GLU A 9 2.11 0.32 -17.29
C GLU A 9 0.86 -0.55 -17.17
N VAL A 10 -0.27 0.11 -16.96
CA VAL A 10 -1.45 -0.58 -16.41
C VAL A 10 -2.64 -0.40 -17.35
N TYR A 11 -3.04 -1.51 -17.97
CA TYR A 11 -4.16 -1.50 -18.90
C TYR A 11 -5.48 -1.38 -18.13
N PHE A 12 -6.54 -1.05 -18.87
CA PHE A 12 -7.74 -0.49 -18.24
C PHE A 12 -8.33 -1.48 -17.23
N ALA A 13 -8.64 -2.67 -17.74
CA ALA A 13 -9.33 -3.67 -16.92
C ALA A 13 -8.37 -4.36 -15.97
N GLU A 14 -7.08 -4.14 -16.17
CA GLU A 14 -6.08 -4.46 -15.14
C GLU A 14 -5.49 -3.17 -14.57
N ARG A 15 -6.34 -2.16 -14.43
CA ARG A 15 -6.01 -1.00 -13.60
C ARG A 15 -7.00 -0.84 -12.46
N VAL A 16 -6.47 -0.67 -11.24
CA VAL A 16 -7.22 -0.03 -10.16
C VAL A 16 -6.61 1.34 -9.88
N THR A 17 -7.23 2.05 -8.93
CA THR A 17 -6.83 3.41 -8.59
C THR A 17 -6.55 3.53 -7.10
N SER A 18 -5.53 4.32 -6.76
CA SER A 18 -5.28 4.70 -5.39
C SER A 18 -4.08 5.65 -5.33
N LEU A 19 -4.23 6.69 -4.51
CA LEU A 19 -3.25 7.77 -4.43
C LEU A 19 -3.09 8.45 -5.78
N GLY A 20 -4.17 8.42 -6.56
CA GLY A 20 -4.27 9.24 -7.76
C GLY A 20 -3.31 8.72 -8.84
N LYS A 21 -2.88 7.49 -8.67
CA LYS A 21 -2.24 6.74 -9.74
C LYS A 21 -2.63 5.26 -9.67
N ASP A 22 -2.65 4.62 -10.83
CA ASP A 22 -3.33 3.34 -10.99
C ASP A 22 -2.44 2.19 -10.48
N TRP A 23 -3.00 0.99 -10.56
CA TRP A 23 -2.30 -0.20 -10.11
C TRP A 23 -2.77 -1.41 -10.91
N HIS A 24 -1.94 -2.45 -10.90
CA HIS A 24 -2.35 -3.77 -11.35
C HIS A 24 -3.19 -4.47 -10.29
N ARG A 25 -4.27 -5.10 -10.73
CA ARG A 25 -5.28 -5.64 -9.84
C ARG A 25 -4.65 -6.71 -8.92
N PRO A 26 -3.82 -7.57 -9.56
CA PRO A 26 -3.04 -8.61 -8.84
C PRO A 26 -2.02 -8.04 -7.87
N CYS A 27 -1.60 -6.81 -8.13
CA CYS A 27 -0.52 -6.18 -7.39
C CYS A 27 -1.03 -5.68 -6.03
N LEU A 28 -2.18 -5.02 -6.07
CA LEU A 28 -2.70 -4.30 -4.92
C LEU A 28 -3.22 -5.27 -3.87
N LYS A 29 -2.33 -5.64 -2.95
CA LYS A 29 -2.57 -6.76 -2.05
C LYS A 29 -1.79 -6.57 -0.74
N CYS A 30 -2.44 -6.94 0.36
CA CYS A 30 -1.80 -7.00 1.66
C CYS A 30 -0.65 -8.01 1.64
N GLU A 31 0.52 -7.52 2.04
CA GLU A 31 1.68 -8.38 2.27
C GLU A 31 1.80 -8.71 3.76
N LYS A 32 0.68 -8.56 4.46
CA LYS A 32 0.53 -9.11 5.81
C LYS A 32 -0.42 -10.31 5.77
N CYS A 33 -1.66 -10.05 5.38
CA CYS A 33 -2.72 -11.04 5.55
C CYS A 33 -3.02 -11.73 4.23
N GLY A 34 -2.62 -11.08 3.14
CA GLY A 34 -2.77 -11.65 1.81
C GLY A 34 -4.20 -11.47 1.31
N LYS A 35 -4.80 -10.34 1.68
CA LYS A 35 -6.08 -9.92 1.12
C LYS A 35 -5.83 -9.07 -0.13
N THR A 36 -6.48 -9.46 -1.23
CA THR A 36 -6.65 -8.61 -2.38
C THR A 36 -7.44 -7.35 -2.00
N LEU A 37 -6.95 -6.21 -2.47
CA LEU A 37 -7.35 -4.92 -1.95
C LEU A 37 -8.40 -4.27 -2.83
N THR A 38 -9.65 -4.31 -2.34
CA THR A 38 -10.80 -3.96 -3.15
C THR A 38 -11.42 -2.65 -2.65
N SER A 39 -12.62 -2.36 -3.16
CA SER A 39 -13.51 -1.39 -2.54
C SER A 39 -12.84 -0.03 -2.45
N GLY A 40 -12.13 0.20 -1.34
CA GLY A 40 -11.10 1.23 -1.28
C GLY A 40 -10.51 1.28 0.13
N GLY A 41 -10.17 0.10 0.66
CA GLY A 41 -9.94 -0.08 2.08
C GLY A 41 -8.50 -0.49 2.36
N HIS A 42 -7.64 -0.20 1.38
CA HIS A 42 -6.22 -0.47 1.51
C HIS A 42 -5.46 0.81 1.84
N ALA A 43 -4.13 0.72 1.77
CA ALA A 43 -3.28 1.89 1.79
C ALA A 43 -1.82 1.48 1.59
N GLU A 44 -1.00 2.44 1.17
CA GLU A 44 0.30 2.15 0.57
C GLU A 44 1.42 2.73 1.44
N HIS A 45 2.47 1.95 1.62
CA HIS A 45 3.78 2.50 2.00
C HIS A 45 4.79 2.20 0.89
N GLU A 46 5.29 3.26 0.27
CA GLU A 46 5.75 3.19 -1.13
C GLU A 46 4.59 2.80 -2.03
N GLY A 47 4.88 2.09 -3.11
CA GLY A 47 3.84 1.41 -3.88
C GLY A 47 3.74 -0.05 -3.43
N LYS A 48 3.92 -0.25 -2.12
CA LYS A 48 3.66 -1.55 -1.51
C LYS A 48 2.40 -1.47 -0.63
N PRO A 49 1.25 -1.74 -1.26
CA PRO A 49 -0.08 -1.64 -0.59
C PRO A 49 -0.27 -2.67 0.53
N TYR A 50 -1.13 -2.31 1.48
CA TYR A 50 -1.67 -3.27 2.42
C TYR A 50 -3.10 -2.86 2.82
N CYS A 51 -3.57 -3.49 3.90
CA CYS A 51 -4.71 -3.01 4.66
C CYS A 51 -4.41 -1.60 5.20
N ASN A 52 -5.41 -0.73 5.07
CA ASN A 52 -5.44 0.54 5.76
C ASN A 52 -5.41 0.32 7.28
N HIS A 53 -6.07 -0.77 7.70
CA HIS A 53 -5.88 -1.32 9.03
C HIS A 53 -6.27 -2.83 9.01
N PRO A 54 -5.99 -3.48 10.16
CA PRO A 54 -4.96 -2.97 11.11
C PRO A 54 -3.55 -2.94 10.51
N CYS A 55 -3.39 -3.70 9.42
CA CYS A 55 -2.07 -4.23 9.04
C CYS A 55 -1.05 -3.11 8.86
N TYR A 56 -1.48 -2.06 8.18
CA TYR A 56 -0.59 -0.96 7.82
C TYR A 56 -0.04 -0.30 9.08
N SER A 57 -0.93 0.01 9.99
CA SER A 57 -0.56 0.61 11.27
C SER A 57 0.19 -0.40 12.13
N ALA A 58 -0.29 -1.63 12.13
CA ALA A 58 0.18 -2.65 13.05
C ALA A 58 1.58 -3.10 12.66
N MET A 59 1.74 -3.44 11.38
CA MET A 59 3.01 -3.90 10.85
C MET A 59 4.07 -2.81 11.01
N PHE A 60 3.81 -1.66 10.39
CA PHE A 60 4.86 -0.68 10.11
C PHE A 60 5.49 -0.20 11.41
N GLY A 61 6.54 -0.90 11.82
CA GLY A 61 7.31 -0.52 12.99
C GLY A 61 8.77 -1.00 12.83
N PRO A 62 9.66 -0.04 12.49
CA PRO A 62 11.02 -0.35 11.96
C PRO A 62 11.77 -1.39 12.77
N LYS A 63 11.59 -2.66 12.40
CA LYS A 63 12.44 -3.74 12.86
C LYS A 63 12.28 -3.95 14.36
N GLY A 64 12.93 -3.09 15.13
CA GLY A 64 13.14 -3.34 16.55
C GLY A 64 11.80 -3.37 17.28
N PHE A 65 11.19 -4.54 17.30
CA PHE A 65 10.05 -4.81 18.18
C PHE A 65 8.90 -3.86 17.85
N GLY A 66 7.89 -3.87 18.71
CA GLY A 66 6.83 -2.87 18.65
C GLY A 66 7.37 -1.48 19.00
N ARG A 67 8.35 -1.06 18.21
CA ARG A 67 9.00 0.23 18.42
C ARG A 67 8.09 1.36 17.95
N GLY A 68 7.17 1.77 18.82
CA GLY A 68 6.10 2.68 18.46
C GLY A 68 6.25 4.00 19.21
N GLY A 69 6.12 5.09 18.47
CA GLY A 69 6.01 6.41 19.07
C GLY A 69 4.68 6.56 19.80
N ALA A 70 3.60 6.46 19.03
CA ALA A 70 2.26 6.35 19.60
C ALA A 70 1.93 7.59 20.44
N GLU A 71 1.55 8.66 19.74
CA GLU A 71 1.44 9.97 20.36
C GLU A 71 -0.01 10.45 20.31
N SER A 72 -0.78 9.82 19.42
CA SER A 72 -2.22 10.01 19.39
C SER A 72 -2.92 8.67 19.12
N HIS A 73 -3.29 7.99 20.19
CA HIS A 73 -4.16 6.82 20.11
C HIS A 73 -3.43 5.68 19.40
N THR A 74 -3.40 5.75 18.08
CA THR A 74 -2.94 4.64 17.25
C THR A 74 -1.81 5.09 16.34
N PHE A 75 -1.33 4.15 15.52
CA PHE A 75 -0.12 4.35 14.73
C PHE A 75 -0.45 5.06 13.43
N LYS A 76 0.60 5.50 12.74
CA LYS A 76 0.47 6.00 11.38
C LYS A 76 1.76 5.75 10.60
ZN ZN B . 1.95 -3.95 -10.79
ZN ZN C . -4.04 -7.12 5.86
N PRO A 1 0.05 6.83 -15.58
CA PRO A 1 -0.77 5.67 -15.15
C PRO A 1 0.00 4.36 -15.11
N LYS A 2 0.94 4.28 -14.17
CA LYS A 2 1.92 3.21 -14.14
C LYS A 2 1.99 2.59 -12.75
N CYS A 3 2.35 1.31 -12.71
CA CYS A 3 2.12 0.50 -11.51
C CYS A 3 3.30 0.69 -10.54
N PRO A 4 2.98 1.24 -9.35
CA PRO A 4 3.94 1.32 -8.22
C PRO A 4 4.41 -0.06 -7.74
N LYS A 5 3.62 -1.07 -8.08
CA LYS A 5 3.89 -2.43 -7.65
C LYS A 5 4.98 -3.06 -8.53
N CYS A 6 4.60 -3.39 -9.76
CA CYS A 6 5.40 -4.28 -10.59
C CYS A 6 6.33 -3.47 -11.50
N ASP A 7 5.95 -2.23 -11.72
CA ASP A 7 6.59 -1.39 -12.73
C ASP A 7 6.17 -1.84 -14.14
N LYS A 8 4.88 -1.70 -14.42
CA LYS A 8 4.38 -1.71 -15.79
C LYS A 8 3.57 -0.44 -16.05
N GLU A 9 2.86 -0.44 -17.19
CA GLU A 9 1.75 0.49 -17.39
C GLU A 9 0.42 -0.26 -17.25
N VAL A 10 -0.60 0.48 -16.82
CA VAL A 10 -1.79 -0.17 -16.27
C VAL A 10 -2.98 0.04 -17.20
N TYR A 11 -3.42 -1.07 -17.79
CA TYR A 11 -4.55 -1.05 -18.71
C TYR A 11 -5.85 -0.93 -17.94
N PHE A 12 -6.86 -0.33 -18.57
CA PHE A 12 -7.98 0.27 -17.83
C PHE A 12 -8.70 -0.80 -17.00
N ALA A 13 -9.04 -1.91 -17.67
CA ALA A 13 -9.97 -2.86 -17.06
C ALA A 13 -9.27 -3.74 -16.03
N GLU A 14 -7.97 -3.51 -15.88
CA GLU A 14 -7.20 -4.18 -14.84
C GLU A 14 -6.89 -3.22 -13.69
N ARG A 15 -7.46 -2.03 -13.78
CA ARG A 15 -6.98 -0.89 -13.01
C ARG A 15 -7.45 -0.98 -11.56
N VAL A 16 -6.67 -0.38 -10.68
CA VAL A 16 -7.15 0.03 -9.35
C VAL A 16 -6.37 1.26 -8.87
N THR A 17 -7.12 2.21 -8.31
CA THR A 17 -6.62 3.56 -8.09
C THR A 17 -6.50 3.83 -6.59
N SER A 18 -5.36 4.42 -6.21
CA SER A 18 -4.95 4.49 -4.82
C SER A 18 -3.64 5.27 -4.69
N LEU A 19 -3.60 6.14 -3.69
CA LEU A 19 -2.48 7.05 -3.49
C LEU A 19 -2.31 7.95 -4.71
N GLY A 20 -3.39 8.10 -5.47
CA GLY A 20 -3.46 9.09 -6.52
C GLY A 20 -2.62 8.67 -7.73
N LYS A 21 -2.27 7.39 -7.77
CA LYS A 21 -1.80 6.76 -9.00
C LYS A 21 -2.32 5.32 -9.08
N ASP A 22 -2.34 4.80 -10.30
CA ASP A 22 -3.09 3.58 -10.60
C ASP A 22 -2.24 2.35 -10.32
N TRP A 23 -2.89 1.19 -10.49
CA TRP A 23 -2.22 -0.09 -10.25
C TRP A 23 -2.82 -1.15 -11.19
N HIS A 24 -2.29 -2.37 -11.05
CA HIS A 24 -2.90 -3.55 -11.63
C HIS A 24 -3.76 -4.26 -10.59
N ARG A 25 -4.81 -4.94 -11.08
CA ARG A 25 -5.69 -5.70 -10.22
C ARG A 25 -4.91 -6.81 -9.50
N PRO A 26 -4.29 -7.69 -10.32
CA PRO A 26 -3.53 -8.86 -9.81
C PRO A 26 -2.46 -8.50 -8.79
N CYS A 27 -2.02 -7.24 -8.86
CA CYS A 27 -0.88 -6.79 -8.07
C CYS A 27 -1.32 -6.46 -6.63
N LEU A 28 -2.33 -5.60 -6.53
CA LEU A 28 -2.62 -4.88 -5.30
C LEU A 28 -3.02 -5.86 -4.20
N LYS A 29 -2.03 -6.27 -3.41
CA LYS A 29 -2.24 -7.25 -2.37
C LYS A 29 -1.40 -6.90 -1.13
N CYS A 30 -1.96 -7.23 0.03
CA CYS A 30 -1.25 -7.09 1.29
C CYS A 30 0.02 -7.93 1.29
N GLU A 31 1.13 -7.25 1.60
CA GLU A 31 2.41 -7.92 1.82
C GLU A 31 2.62 -8.17 3.32
N LYS A 32 1.49 -8.31 4.01
CA LYS A 32 1.50 -8.70 5.41
C LYS A 32 0.65 -9.95 5.63
N CYS A 33 -0.62 -9.85 5.20
CA CYS A 33 -1.58 -10.91 5.49
C CYS A 33 -1.89 -11.70 4.24
N GLY A 34 -1.65 -11.08 3.09
CA GLY A 34 -2.06 -11.62 1.80
C GLY A 34 -3.58 -11.55 1.66
N LYS A 35 -4.14 -10.36 1.91
CA LYS A 35 -5.50 -10.05 1.48
C LYS A 35 -5.46 -9.27 0.17
N THR A 36 -6.15 -9.80 -0.84
CA THR A 36 -6.39 -9.07 -2.07
C THR A 36 -7.20 -7.80 -1.79
N LEU A 37 -6.74 -6.69 -2.37
CA LEU A 37 -7.12 -5.36 -1.92
C LEU A 37 -8.24 -4.80 -2.79
N THR A 38 -9.21 -4.17 -2.14
CA THR A 38 -10.17 -3.32 -2.82
C THR A 38 -9.47 -2.17 -3.53
N SER A 39 -10.06 -1.71 -4.63
CA SER A 39 -9.72 -0.40 -5.17
C SER A 39 -10.13 0.69 -4.18
N GLY A 40 -9.45 0.69 -3.04
CA GLY A 40 -9.89 1.42 -1.87
C GLY A 40 -9.67 0.58 -0.61
N GLY A 41 -9.44 1.30 0.50
CA GLY A 41 -9.40 0.64 1.81
C GLY A 41 -8.07 -0.09 2.02
N HIS A 42 -7.12 0.27 1.14
CA HIS A 42 -5.76 -0.24 1.27
C HIS A 42 -4.76 0.90 1.46
N ALA A 43 -3.49 0.56 1.31
CA ALA A 43 -2.40 1.49 1.59
C ALA A 43 -1.15 1.08 0.81
N GLU A 44 -0.03 1.66 1.20
CA GLU A 44 1.29 1.16 0.82
C GLU A 44 2.38 1.90 1.59
N HIS A 45 3.61 1.42 1.43
CA HIS A 45 4.79 2.20 1.77
C HIS A 45 5.79 2.19 0.63
N GLU A 46 5.86 3.30 -0.09
CA GLU A 46 6.82 3.47 -1.19
C GLU A 46 6.63 2.38 -2.24
N GLY A 47 5.35 2.11 -2.55
CA GLY A 47 5.00 1.31 -3.73
C GLY A 47 4.44 -0.04 -3.31
N LYS A 48 4.73 -0.42 -2.06
CA LYS A 48 4.43 -1.75 -1.57
C LYS A 48 3.11 -1.73 -0.76
N PRO A 49 2.04 -2.20 -1.42
CA PRO A 49 0.66 -2.07 -0.88
C PRO A 49 0.43 -2.89 0.38
N TYR A 50 -0.59 -2.48 1.14
CA TYR A 50 -1.08 -3.28 2.26
C TYR A 50 -2.56 -2.98 2.51
N CYS A 51 -3.07 -3.61 3.57
CA CYS A 51 -4.27 -3.17 4.25
C CYS A 51 -4.09 -1.72 4.75
N ASN A 52 -5.11 -0.91 4.50
CA ASN A 52 -5.31 0.34 5.23
C ASN A 52 -5.70 0.03 6.69
N HIS A 53 -6.36 -1.11 6.86
CA HIS A 53 -6.52 -1.72 8.17
C HIS A 53 -6.70 -3.25 7.99
N PRO A 54 -6.46 -3.97 9.12
CA PRO A 54 -5.79 -3.39 10.31
C PRO A 54 -4.29 -3.16 10.13
N CYS A 55 -3.73 -3.81 9.11
CA CYS A 55 -2.30 -4.12 9.08
C CYS A 55 -1.47 -2.85 9.17
N TYR A 56 -1.76 -1.92 8.26
CA TYR A 56 -1.07 -0.63 8.23
C TYR A 56 -1.29 0.12 9.54
N SER A 57 -2.55 0.19 9.95
CA SER A 57 -2.93 0.94 11.13
C SER A 57 -2.32 0.30 12.37
N ALA A 58 -1.97 -0.98 12.25
CA ALA A 58 -1.59 -1.79 13.40
C ALA A 58 -0.12 -1.59 13.74
N MET A 59 0.72 -1.74 12.72
CA MET A 59 2.16 -1.69 12.90
C MET A 59 2.71 -0.38 12.33
N PHE A 60 2.08 0.09 11.26
CA PHE A 60 2.30 1.44 10.75
C PHE A 60 1.31 2.40 11.40
N GLY A 61 1.29 3.62 10.87
CA GLY A 61 0.52 4.71 11.44
C GLY A 61 -0.52 5.21 10.43
N PRO A 62 -1.64 5.75 10.96
CA PRO A 62 -2.76 6.26 10.13
C PRO A 62 -2.35 7.36 9.16
N LYS A 63 -2.91 7.29 7.96
CA LYS A 63 -2.80 8.37 6.99
C LYS A 63 -4.03 9.27 7.05
N GLY A 64 -5.10 8.73 7.62
CA GLY A 64 -6.42 9.37 7.55
C GLY A 64 -6.38 10.74 8.20
N PHE A 65 -7.52 11.42 8.17
CA PHE A 65 -7.59 12.82 8.55
C PHE A 65 -7.32 12.99 10.03
N GLY A 66 -7.51 14.22 10.51
CA GLY A 66 -7.49 14.51 11.94
C GLY A 66 -7.63 16.00 12.19
N ARG A 67 -8.87 16.48 12.15
CA ARG A 67 -9.18 17.84 12.57
C ARG A 67 -10.69 18.05 12.60
N GLY A 68 -11.09 19.22 13.08
CA GLY A 68 -12.50 19.50 13.36
C GLY A 68 -12.68 20.97 13.72
N GLY A 69 -13.94 21.40 13.71
CA GLY A 69 -14.31 22.70 14.23
C GLY A 69 -15.82 22.91 14.12
N ALA A 70 -16.19 24.08 13.62
CA ALA A 70 -17.59 24.53 13.65
C ALA A 70 -18.20 24.42 12.25
N GLU A 71 -19.19 23.55 12.14
CA GLU A 71 -19.73 23.16 10.84
C GLU A 71 -20.43 24.34 10.18
N SER A 72 -20.22 24.48 8.88
CA SER A 72 -20.61 25.66 8.14
C SER A 72 -21.28 25.28 6.82
N HIS A 73 -22.00 26.24 6.24
CA HIS A 73 -22.51 26.11 4.89
C HIS A 73 -21.35 26.05 3.89
N THR A 74 -20.22 26.61 4.31
CA THR A 74 -19.00 26.56 3.51
C THR A 74 -19.20 27.22 2.16
N PHE A 75 -19.93 28.33 2.17
CA PHE A 75 -20.31 29.02 0.95
C PHE A 75 -21.34 28.20 0.18
N LYS A 76 -20.86 27.14 -0.47
CA LYS A 76 -21.67 26.39 -1.42
C LYS A 76 -21.57 24.89 -1.13
ZN ZN B . 1.34 -4.22 -11.37
ZN ZN C . -3.23 -7.11 5.62
N PRO A 1 -1.03 5.90 -14.47
CA PRO A 1 -1.32 4.63 -15.19
C PRO A 1 -0.14 3.67 -15.24
N LYS A 2 0.70 3.77 -14.22
CA LYS A 2 1.94 2.99 -14.15
C LYS A 2 2.12 2.39 -12.77
N CYS A 3 2.44 1.10 -12.73
CA CYS A 3 2.28 0.32 -11.51
C CYS A 3 3.49 0.57 -10.58
N PRO A 4 3.18 1.05 -9.36
CA PRO A 4 4.20 1.24 -8.30
C PRO A 4 4.85 -0.06 -7.84
N LYS A 5 4.09 -1.14 -8.00
CA LYS A 5 4.56 -2.47 -7.59
C LYS A 5 5.59 -2.99 -8.59
N CYS A 6 5.11 -3.39 -9.77
CA CYS A 6 5.86 -4.27 -10.65
C CYS A 6 6.70 -3.45 -11.63
N ASP A 7 6.27 -2.22 -11.86
CA ASP A 7 6.80 -1.39 -12.92
C ASP A 7 6.33 -1.89 -14.28
N LYS A 8 5.03 -1.74 -14.52
CA LYS A 8 4.48 -1.80 -15.87
C LYS A 8 3.63 -0.55 -16.15
N GLU A 9 2.88 -0.60 -17.24
CA GLU A 9 1.76 0.32 -17.45
C GLU A 9 0.45 -0.43 -17.23
N VAL A 10 -0.57 0.31 -16.83
CA VAL A 10 -1.77 -0.30 -16.25
C VAL A 10 -3.01 0.10 -17.06
N TYR A 11 -3.55 -0.90 -17.77
CA TYR A 11 -4.71 -0.69 -18.62
C TYR A 11 -5.97 -0.51 -17.77
N PHE A 12 -7.01 0.03 -18.39
CA PHE A 12 -8.11 0.62 -17.62
C PHE A 12 -8.78 -0.43 -16.74
N ALA A 13 -9.22 -1.50 -17.40
CA ALA A 13 -9.99 -2.53 -16.68
C ALA A 13 -9.09 -3.47 -15.89
N GLU A 14 -7.78 -3.33 -16.11
CA GLU A 14 -6.80 -3.89 -15.18
C GLU A 14 -6.05 -2.77 -14.48
N ARG A 15 -6.76 -1.67 -14.20
CA ARG A 15 -6.26 -0.67 -13.27
C ARG A 15 -7.19 -0.51 -12.08
N VAL A 16 -6.61 -0.42 -10.89
CA VAL A 16 -7.26 0.22 -9.75
C VAL A 16 -6.37 1.33 -9.20
N THR A 17 -6.99 2.47 -8.92
CA THR A 17 -6.26 3.69 -8.59
C THR A 17 -6.31 3.94 -7.09
N SER A 18 -5.17 4.35 -6.54
CA SER A 18 -4.97 4.36 -5.10
C SER A 18 -3.68 5.10 -4.75
N LEU A 19 -3.80 6.01 -3.79
CA LEU A 19 -2.71 6.90 -3.43
C LEU A 19 -2.30 7.75 -4.62
N GLY A 20 -3.18 7.82 -5.61
CA GLY A 20 -3.07 8.83 -6.67
C GLY A 20 -2.60 8.19 -7.97
N LYS A 21 -1.90 7.07 -7.82
CA LYS A 21 -1.34 6.36 -8.97
C LYS A 21 -1.89 4.94 -9.02
N ASP A 22 -2.02 4.43 -10.24
CA ASP A 22 -2.84 3.24 -10.50
C ASP A 22 -2.05 1.98 -10.17
N TRP A 23 -2.75 0.84 -10.33
CA TRP A 23 -2.15 -0.45 -9.99
C TRP A 23 -2.77 -1.54 -10.88
N HIS A 24 -2.08 -2.68 -10.90
CA HIS A 24 -2.62 -3.88 -11.52
C HIS A 24 -3.50 -4.64 -10.53
N ARG A 25 -4.61 -5.17 -11.05
CA ARG A 25 -5.67 -5.69 -10.19
C ARG A 25 -5.13 -6.84 -9.31
N PRO A 26 -4.35 -7.74 -9.97
CA PRO A 26 -3.52 -8.73 -9.27
C PRO A 26 -2.60 -8.11 -8.20
N CYS A 27 -1.91 -7.04 -8.60
CA CYS A 27 -0.78 -6.53 -7.84
C CYS A 27 -1.25 -6.03 -6.47
N LEU A 28 -2.34 -5.28 -6.48
CA LEU A 28 -2.79 -4.56 -5.30
C LEU A 28 -3.13 -5.54 -4.17
N LYS A 29 -2.13 -5.80 -3.33
CA LYS A 29 -2.23 -6.86 -2.33
C LYS A 29 -1.54 -6.45 -1.05
N CYS A 30 -2.16 -6.81 0.08
CA CYS A 30 -1.55 -6.65 1.38
C CYS A 30 -0.26 -7.46 1.47
N GLU A 31 0.79 -6.77 1.92
CA GLU A 31 2.06 -7.40 2.22
C GLU A 31 2.19 -7.65 3.72
N LYS A 32 1.07 -8.06 4.32
CA LYS A 32 1.00 -8.24 5.76
C LYS A 32 0.13 -9.45 6.10
N CYS A 33 -1.01 -9.54 5.43
CA CYS A 33 -1.88 -10.70 5.55
C CYS A 33 -1.96 -11.45 4.23
N GLY A 34 -1.60 -10.76 3.15
CA GLY A 34 -1.62 -11.35 1.82
C GLY A 34 -3.06 -11.54 1.34
N LYS A 35 -3.88 -10.53 1.61
CA LYS A 35 -5.22 -10.46 1.03
C LYS A 35 -5.23 -9.50 -0.16
N THR A 36 -5.85 -9.96 -1.25
CA THR A 36 -6.16 -9.10 -2.38
C THR A 36 -7.09 -7.96 -1.94
N LEU A 37 -6.78 -6.76 -2.41
CA LEU A 37 -7.36 -5.55 -1.85
C LEU A 37 -8.53 -5.07 -2.70
N THR A 38 -9.62 -4.75 -2.01
CA THR A 38 -10.92 -4.57 -2.65
C THR A 38 -11.28 -3.08 -2.73
N SER A 39 -12.53 -2.82 -3.07
CA SER A 39 -12.95 -1.49 -3.49
C SER A 39 -12.73 -0.48 -2.37
N GLY A 40 -11.54 0.11 -2.36
CA GLY A 40 -11.29 1.32 -1.59
C GLY A 40 -11.40 1.04 -0.10
N GLY A 41 -10.62 0.05 0.36
CA GLY A 41 -10.36 -0.13 1.77
C GLY A 41 -8.92 -0.53 2.02
N HIS A 42 -8.07 -0.21 1.03
CA HIS A 42 -6.66 -0.59 1.10
C HIS A 42 -5.77 0.64 1.19
N ALA A 43 -4.47 0.44 0.99
CA ALA A 43 -3.48 1.46 1.26
C ALA A 43 -2.18 1.11 0.52
N GLU A 44 -1.11 1.78 0.93
CA GLU A 44 0.24 1.34 0.60
C GLU A 44 1.27 2.17 1.37
N HIS A 45 2.40 1.52 1.69
CA HIS A 45 3.64 2.26 1.97
C HIS A 45 4.44 2.42 0.68
N GLU A 46 5.42 3.31 0.72
CA GLU A 46 6.10 3.78 -0.48
C GLU A 46 6.78 2.60 -1.17
N GLY A 47 6.03 1.92 -2.04
CA GLY A 47 6.46 0.65 -2.59
C GLY A 47 5.26 -0.28 -2.79
N LYS A 48 4.61 -0.61 -1.67
CA LYS A 48 3.71 -1.75 -1.61
C LYS A 48 2.42 -1.35 -0.88
N PRO A 49 1.28 -1.91 -1.38
CA PRO A 49 -0.04 -1.75 -0.73
C PRO A 49 -0.20 -2.57 0.55
N TYR A 50 -1.14 -2.13 1.38
CA TYR A 50 -1.58 -2.91 2.52
C TYR A 50 -3.08 -2.67 2.78
N CYS A 51 -3.57 -3.39 3.80
CA CYS A 51 -4.83 -3.07 4.45
C CYS A 51 -4.82 -1.62 4.98
N ASN A 52 -5.96 -0.97 4.82
CA ASN A 52 -6.26 0.27 5.52
C ASN A 52 -6.23 0.05 7.03
N HIS A 53 -6.67 -1.15 7.41
CA HIS A 53 -6.45 -1.68 8.75
C HIS A 53 -6.68 -3.21 8.75
N PRO A 54 -6.22 -3.84 9.86
CA PRO A 54 -5.33 -3.18 10.84
C PRO A 54 -3.90 -2.97 10.32
N CYS A 55 -3.59 -3.64 9.22
CA CYS A 55 -2.21 -3.95 8.86
C CYS A 55 -1.38 -2.68 8.72
N TYR A 56 -1.99 -1.67 8.10
CA TYR A 56 -1.37 -0.37 7.94
C TYR A 56 -1.07 0.25 9.31
N SER A 57 -2.01 0.04 10.23
CA SER A 57 -1.85 0.49 11.61
C SER A 57 -0.88 -0.41 12.36
N ALA A 58 -0.66 -1.60 11.81
CA ALA A 58 0.05 -2.66 12.51
C ALA A 58 1.56 -2.40 12.48
N MET A 59 2.06 -2.23 11.26
CA MET A 59 3.48 -2.07 11.03
C MET A 59 3.83 -0.61 10.77
N PHE A 60 2.83 0.13 10.29
CA PHE A 60 2.90 1.58 10.23
C PHE A 60 1.82 2.20 11.12
N GLY A 61 1.67 3.52 10.98
CA GLY A 61 0.71 4.27 11.79
C GLY A 61 -0.03 5.29 10.90
N PRO A 62 -1.27 4.95 10.55
CA PRO A 62 -2.05 5.70 9.53
C PRO A 62 -2.17 7.20 9.83
N LYS A 63 -2.77 7.50 10.97
CA LYS A 63 -2.85 8.86 11.46
C LYS A 63 -3.56 9.77 10.47
N GLY A 64 -4.31 9.16 9.57
CA GLY A 64 -4.89 9.88 8.44
C GLY A 64 -6.41 9.99 8.60
N PHE A 65 -7.13 9.46 7.63
CA PHE A 65 -8.56 9.69 7.51
C PHE A 65 -9.33 8.85 8.54
N GLY A 66 -10.65 8.96 8.49
CA GLY A 66 -11.52 8.08 9.26
C GLY A 66 -12.78 8.82 9.69
N ARG A 67 -13.51 8.21 10.61
CA ARG A 67 -14.62 8.87 11.29
C ARG A 67 -15.73 9.21 10.30
N GLY A 68 -16.89 8.59 10.52
CA GLY A 68 -18.11 8.98 9.82
C GLY A 68 -18.09 8.43 8.39
N GLY A 69 -19.28 8.30 7.82
CA GLY A 69 -19.43 7.99 6.41
C GLY A 69 -20.38 6.82 6.21
N ALA A 70 -20.72 6.56 4.94
CA ALA A 70 -21.43 5.36 4.56
C ALA A 70 -22.79 5.30 5.26
N GLU A 71 -23.85 5.37 4.44
CA GLU A 71 -25.20 5.09 4.88
C GLU A 71 -25.60 6.00 6.03
N SER A 72 -26.53 6.90 5.73
CA SER A 72 -27.20 7.70 6.75
C SER A 72 -28.61 7.18 6.99
N HIS A 73 -29.43 8.01 7.65
CA HIS A 73 -30.85 7.75 7.76
C HIS A 73 -31.56 8.04 6.44
N THR A 74 -32.87 7.83 6.44
CA THR A 74 -33.64 7.86 5.21
C THR A 74 -35.02 8.46 5.46
N PHE A 75 -35.10 9.29 6.49
CA PHE A 75 -36.36 9.88 6.91
C PHE A 75 -36.59 11.20 6.17
N LYS A 76 -35.72 12.16 6.44
CA LYS A 76 -35.67 13.40 5.66
C LYS A 76 -34.58 14.31 6.19
ZN ZN B . 1.72 -4.44 -11.28
ZN ZN C . -3.69 -7.05 5.64
N PRO A 1 -0.13 6.14 -14.08
CA PRO A 1 -0.50 5.21 -15.17
C PRO A 1 0.48 4.05 -15.34
N LYS A 2 1.38 3.92 -14.36
CA LYS A 2 2.24 2.76 -14.26
C LYS A 2 2.26 2.22 -12.83
N CYS A 3 2.60 0.95 -12.71
CA CYS A 3 2.33 0.22 -11.46
C CYS A 3 3.50 0.44 -10.47
N PRO A 4 3.16 0.96 -9.28
CA PRO A 4 4.11 1.04 -8.14
C PRO A 4 4.57 -0.33 -7.66
N LYS A 5 3.68 -1.31 -7.82
CA LYS A 5 3.92 -2.66 -7.33
C LYS A 5 5.02 -3.34 -8.14
N CYS A 6 4.69 -3.65 -9.40
CA CYS A 6 5.49 -4.57 -10.19
C CYS A 6 6.43 -3.81 -11.11
N ASP A 7 6.07 -2.55 -11.38
CA ASP A 7 6.75 -1.73 -12.37
C ASP A 7 6.41 -2.21 -13.79
N LYS A 8 5.12 -2.17 -14.09
CA LYS A 8 4.66 -2.16 -15.48
C LYS A 8 3.75 -0.96 -15.73
N GLU A 9 3.15 -0.92 -16.90
CA GLU A 9 2.07 0.04 -17.18
C GLU A 9 0.72 -0.66 -17.05
N VAL A 10 -0.30 0.13 -16.72
CA VAL A 10 -1.56 -0.43 -16.23
C VAL A 10 -2.69 -0.06 -17.19
N TYR A 11 -3.23 -1.09 -17.84
CA TYR A 11 -4.29 -0.89 -18.82
C TYR A 11 -5.64 -0.78 -18.12
N PHE A 12 -6.64 -0.29 -18.84
CA PHE A 12 -7.77 0.40 -18.22
C PHE A 12 -8.48 -0.51 -17.21
N ALA A 13 -8.97 -1.63 -17.74
CA ALA A 13 -9.79 -2.53 -16.90
C ALA A 13 -8.91 -3.35 -15.96
N GLU A 14 -7.61 -3.32 -16.18
CA GLU A 14 -6.66 -3.77 -15.17
C GLU A 14 -5.93 -2.57 -14.58
N ARG A 15 -6.71 -1.54 -14.24
CA ARG A 15 -6.25 -0.51 -13.33
C ARG A 15 -7.13 -0.46 -12.08
N VAL A 16 -6.49 -0.23 -10.93
CA VAL A 16 -7.19 0.31 -9.76
C VAL A 16 -6.31 1.38 -9.10
N THR A 17 -6.93 2.53 -8.82
CA THR A 17 -6.18 3.74 -8.51
C THR A 17 -6.09 3.93 -7.00
N SER A 18 -4.95 4.46 -6.56
CA SER A 18 -4.65 4.53 -5.13
C SER A 18 -3.39 5.36 -4.89
N LEU A 19 -3.51 6.30 -3.96
CA LEU A 19 -2.50 7.34 -3.78
C LEU A 19 -2.34 8.16 -5.05
N GLY A 20 -3.31 8.04 -5.95
CA GLY A 20 -3.40 8.90 -7.11
C GLY A 20 -2.83 8.21 -8.34
N LYS A 21 -1.95 7.25 -8.09
CA LYS A 21 -1.30 6.51 -9.17
C LYS A 21 -1.79 5.06 -9.18
N ASP A 22 -2.00 4.54 -10.38
CA ASP A 22 -2.83 3.36 -10.58
C ASP A 22 -2.06 2.10 -10.19
N TRP A 23 -2.76 0.96 -10.31
CA TRP A 23 -2.18 -0.33 -9.99
C TRP A 23 -2.84 -1.42 -10.84
N HIS A 24 -2.25 -2.61 -10.75
CA HIS A 24 -2.83 -3.78 -11.42
C HIS A 24 -3.81 -4.49 -10.51
N ARG A 25 -4.82 -5.10 -11.11
CA ARG A 25 -5.94 -5.66 -10.38
C ARG A 25 -5.46 -6.74 -9.40
N PRO A 26 -4.58 -7.63 -9.93
CA PRO A 26 -3.90 -8.67 -9.12
C PRO A 26 -2.97 -8.09 -8.06
N CYS A 27 -2.33 -6.98 -8.40
CA CYS A 27 -1.18 -6.50 -7.64
C CYS A 27 -1.62 -5.97 -6.28
N LEU A 28 -2.68 -5.17 -6.29
CA LEU A 28 -3.08 -4.39 -5.13
C LEU A 28 -3.45 -5.32 -3.97
N LYS A 29 -2.42 -5.74 -3.24
CA LYS A 29 -2.55 -6.86 -2.31
C LYS A 29 -1.69 -6.63 -1.08
N CYS A 30 -2.13 -7.20 0.04
CA CYS A 30 -1.45 -7.04 1.31
C CYS A 30 -0.11 -7.78 1.29
N GLU A 31 0.90 -7.10 1.86
CA GLU A 31 2.21 -7.70 2.05
C GLU A 31 2.30 -8.42 3.39
N LYS A 32 1.44 -8.00 4.32
CA LYS A 32 1.30 -8.71 5.59
C LYS A 32 0.62 -10.06 5.37
N CYS A 33 -0.64 -9.99 4.94
CA CYS A 33 -1.54 -11.14 5.12
C CYS A 33 -1.83 -11.81 3.79
N GLY A 34 -1.59 -11.08 2.70
CA GLY A 34 -1.75 -11.59 1.35
C GLY A 34 -3.24 -11.76 1.04
N LYS A 35 -4.02 -10.75 1.43
CA LYS A 35 -5.39 -10.61 0.94
C LYS A 35 -5.45 -9.58 -0.18
N THR A 36 -6.21 -9.92 -1.21
CA THR A 36 -6.53 -8.97 -2.28
C THR A 36 -7.31 -7.78 -1.71
N LEU A 37 -7.08 -6.61 -2.29
CA LEU A 37 -7.44 -5.35 -1.66
C LEU A 37 -8.59 -4.69 -2.41
N THR A 38 -9.37 -3.90 -1.68
CA THR A 38 -10.69 -3.48 -2.14
C THR A 38 -10.67 -2.03 -2.60
N SER A 39 -11.77 -1.60 -3.22
CA SER A 39 -11.79 -0.32 -3.92
C SER A 39 -11.52 0.83 -2.96
N GLY A 40 -11.68 0.54 -1.67
CA GLY A 40 -11.44 1.52 -0.62
C GLY A 40 -11.56 0.88 0.75
N GLY A 41 -10.74 -0.15 0.97
CA GLY A 41 -10.51 -0.71 2.28
C GLY A 41 -9.04 -1.03 2.51
N HIS A 42 -8.20 -0.55 1.59
CA HIS A 42 -6.77 -0.83 1.65
C HIS A 42 -5.98 0.44 1.99
N ALA A 43 -4.66 0.32 1.85
CA ALA A 43 -3.79 1.49 1.88
C ALA A 43 -2.51 1.19 1.10
N GLU A 44 -1.51 2.05 1.30
CA GLU A 44 -0.17 1.81 0.79
C GLU A 44 0.80 2.85 1.36
N HIS A 45 2.09 2.50 1.34
CA HIS A 45 3.16 3.50 1.38
C HIS A 45 4.07 3.34 0.16
N GLU A 46 4.99 4.27 0.01
CA GLU A 46 5.69 4.46 -1.27
C GLU A 46 6.48 3.19 -1.61
N GLY A 47 5.83 2.31 -2.37
CA GLY A 47 6.35 0.96 -2.59
C GLY A 47 5.20 -0.01 -2.85
N LYS A 48 4.38 -0.21 -1.83
CA LYS A 48 3.46 -1.35 -1.80
C LYS A 48 2.23 -1.00 -0.94
N PRO A 49 1.05 -1.43 -1.44
CA PRO A 49 -0.22 -1.38 -0.65
C PRO A 49 -0.26 -2.36 0.51
N TYR A 50 -1.27 -2.21 1.35
CA TYR A 50 -1.66 -3.26 2.29
C TYR A 50 -3.15 -3.12 2.64
N CYS A 51 -3.53 -3.82 3.72
CA CYS A 51 -4.73 -3.53 4.46
C CYS A 51 -4.71 -2.07 4.96
N ASN A 52 -5.86 -1.42 4.82
CA ASN A 52 -6.14 -0.18 5.53
C ASN A 52 -6.12 -0.43 7.04
N HIS A 53 -6.50 -1.65 7.42
CA HIS A 53 -6.27 -2.17 8.75
C HIS A 53 -6.41 -3.72 8.72
N PRO A 54 -5.92 -4.34 9.82
CA PRO A 54 -5.04 -3.66 10.79
C PRO A 54 -3.63 -3.40 10.26
N CYS A 55 -3.29 -4.07 9.15
CA CYS A 55 -1.91 -4.33 8.80
C CYS A 55 -1.14 -3.02 8.62
N TYR A 56 -1.78 -2.06 7.98
CA TYR A 56 -1.22 -0.74 7.81
C TYR A 56 -0.97 -0.08 9.17
N SER A 57 -1.91 -0.30 10.09
CA SER A 57 -1.89 0.36 11.38
C SER A 57 -0.99 -0.41 12.35
N ALA A 58 -0.64 -1.62 11.94
CA ALA A 58 0.28 -2.46 12.70
C ALA A 58 1.72 -1.98 12.50
N MET A 59 2.07 -1.76 11.24
CA MET A 59 3.45 -1.50 10.86
C MET A 59 3.82 -0.04 11.10
N PHE A 60 2.88 0.84 10.77
CA PHE A 60 3.18 2.26 10.64
C PHE A 60 3.66 2.82 11.97
N GLY A 61 4.97 2.79 12.16
CA GLY A 61 5.61 3.47 13.26
C GLY A 61 6.47 4.64 12.73
N PRO A 62 7.51 4.98 13.52
CA PRO A 62 8.48 6.05 13.14
C PRO A 62 9.25 5.75 11.87
N LYS A 63 9.16 4.51 11.42
CA LYS A 63 10.04 4.00 10.38
C LYS A 63 9.84 4.80 9.09
N GLY A 64 10.93 4.90 8.32
CA GLY A 64 10.87 5.44 6.97
C GLY A 64 11.93 4.79 6.09
N PHE A 65 12.66 5.62 5.37
CA PHE A 65 13.85 5.20 4.66
C PHE A 65 14.46 6.36 3.88
N GLY A 66 13.87 6.62 2.72
CA GLY A 66 14.32 7.71 1.86
C GLY A 66 14.94 7.17 0.58
N ARG A 67 15.85 7.96 0.01
CA ARG A 67 16.37 7.68 -1.33
C ARG A 67 17.07 6.33 -1.37
N GLY A 68 18.29 6.31 -0.84
CA GLY A 68 19.18 5.17 -0.99
C GLY A 68 20.59 5.53 -0.55
N GLY A 69 21.55 5.26 -1.43
CA GLY A 69 22.91 5.71 -1.25
C GLY A 69 23.76 5.38 -2.47
N ALA A 70 25.07 5.33 -2.27
CA ALA A 70 26.02 5.23 -3.37
C ALA A 70 27.06 4.15 -3.07
N GLU A 71 28.13 4.17 -3.87
CA GLU A 71 29.09 3.07 -3.87
C GLU A 71 30.44 3.57 -3.37
N SER A 72 31.20 4.20 -4.26
CA SER A 72 32.39 4.93 -3.88
C SER A 72 33.02 5.61 -5.10
N HIS A 73 33.81 4.84 -5.84
CA HIS A 73 34.64 5.39 -6.91
C HIS A 73 35.33 4.27 -7.68
N THR A 74 34.66 3.11 -7.71
CA THR A 74 35.22 1.93 -8.36
C THR A 74 34.73 1.84 -9.79
N PHE A 75 35.63 1.46 -10.69
CA PHE A 75 35.38 1.52 -12.12
C PHE A 75 35.24 2.97 -12.58
N LYS A 76 34.09 3.55 -12.27
CA LYS A 76 33.71 4.85 -12.81
C LYS A 76 33.36 5.82 -11.68
ZN ZN B . 1.46 -4.47 -11.04
ZN ZN C . -3.41 -7.47 5.64
N PRO A 1 0.40 6.31 -15.72
CA PRO A 1 -0.37 5.15 -15.19
C PRO A 1 0.44 3.86 -15.12
N LYS A 2 1.29 3.77 -14.10
CA LYS A 2 2.30 2.73 -14.01
C LYS A 2 2.31 2.11 -12.62
N CYS A 3 2.50 0.80 -12.58
CA CYS A 3 2.20 0.03 -11.36
C CYS A 3 3.38 0.15 -10.38
N PRO A 4 3.12 0.75 -9.20
CA PRO A 4 4.08 0.75 -8.07
C PRO A 4 4.42 -0.65 -7.56
N LYS A 5 3.51 -1.58 -7.86
CA LYS A 5 3.63 -2.95 -7.38
C LYS A 5 4.68 -3.71 -8.17
N CYS A 6 4.34 -4.00 -9.43
CA CYS A 6 5.09 -4.99 -10.20
C CYS A 6 6.12 -4.31 -11.10
N ASP A 7 5.86 -3.04 -11.37
CA ASP A 7 6.64 -2.29 -12.35
C ASP A 7 6.31 -2.74 -13.77
N LYS A 8 5.02 -2.69 -14.10
CA LYS A 8 4.58 -2.67 -15.50
C LYS A 8 3.84 -1.37 -15.79
N GLU A 9 3.19 -1.32 -16.96
CA GLU A 9 2.23 -0.27 -17.25
C GLU A 9 0.80 -0.82 -17.09
N VAL A 10 -0.10 0.07 -16.69
CA VAL A 10 -1.41 -0.35 -16.22
C VAL A 10 -2.47 0.05 -17.24
N TYR A 11 -3.04 -0.98 -17.89
CA TYR A 11 -4.10 -0.76 -18.86
C TYR A 11 -5.41 -0.44 -18.16
N PHE A 12 -6.33 0.19 -18.89
CA PHE A 12 -7.41 0.94 -18.26
C PHE A 12 -8.27 0.01 -17.39
N ALA A 13 -8.88 -0.97 -18.07
CA ALA A 13 -9.84 -1.84 -17.39
C ALA A 13 -9.15 -2.78 -16.40
N GLU A 14 -7.83 -2.67 -16.36
CA GLU A 14 -7.02 -3.47 -15.45
C GLU A 14 -6.58 -2.64 -14.25
N ARG A 15 -7.21 -1.48 -14.09
CA ARG A 15 -6.66 -0.41 -13.26
C ARG A 15 -7.27 -0.46 -11.86
N VAL A 16 -6.50 0.01 -10.88
CA VAL A 16 -7.05 0.51 -9.62
C VAL A 16 -6.21 1.69 -9.15
N THR A 17 -6.90 2.66 -8.53
CA THR A 17 -6.32 3.97 -8.25
C THR A 17 -6.21 4.20 -6.74
N SER A 18 -5.07 4.74 -6.34
CA SER A 18 -4.70 4.82 -4.93
C SER A 18 -3.35 5.52 -4.78
N LEU A 19 -3.35 6.52 -3.90
CA LEU A 19 -2.20 7.39 -3.74
C LEU A 19 -1.88 8.11 -5.05
N GLY A 20 -2.94 8.43 -5.79
CA GLY A 20 -2.83 9.33 -6.94
C GLY A 20 -1.94 8.73 -8.01
N LYS A 21 -1.73 7.42 -7.92
CA LYS A 21 -1.17 6.65 -9.03
C LYS A 21 -1.86 5.29 -9.11
N ASP A 22 -1.83 4.72 -10.32
CA ASP A 22 -2.68 3.58 -10.64
C ASP A 22 -1.97 2.27 -10.34
N TRP A 23 -2.72 1.17 -10.54
CA TRP A 23 -2.19 -0.15 -10.23
C TRP A 23 -2.83 -1.17 -11.19
N HIS A 24 -2.45 -2.43 -10.96
CA HIS A 24 -3.11 -3.57 -11.59
C HIS A 24 -4.12 -4.19 -10.64
N ARG A 25 -5.21 -4.69 -11.21
CA ARG A 25 -6.37 -5.11 -10.44
C ARG A 25 -5.97 -6.25 -9.48
N PRO A 26 -5.27 -7.25 -10.06
CA PRO A 26 -4.75 -8.41 -9.28
C PRO A 26 -3.70 -8.03 -8.24
N CYS A 27 -2.90 -7.03 -8.60
CA CYS A 27 -1.67 -6.72 -7.88
C CYS A 27 -1.98 -6.30 -6.44
N LEU A 28 -2.97 -5.42 -6.32
CA LEU A 28 -3.17 -4.62 -5.10
C LEU A 28 -3.40 -5.54 -3.91
N LYS A 29 -2.32 -5.84 -3.20
CA LYS A 29 -2.31 -6.95 -2.25
C LYS A 29 -1.51 -6.57 -1.01
N CYS A 30 -1.86 -7.21 0.10
CA CYS A 30 -1.11 -7.08 1.34
C CYS A 30 0.21 -7.84 1.26
N GLU A 31 1.29 -7.11 1.55
CA GLU A 31 2.60 -7.72 1.75
C GLU A 31 2.85 -7.93 3.25
N LYS A 32 1.76 -8.22 3.95
CA LYS A 32 1.83 -8.56 5.37
C LYS A 32 1.09 -9.87 5.64
N CYS A 33 -0.16 -9.92 5.17
CA CYS A 33 -0.99 -11.10 5.39
C CYS A 33 -1.23 -11.85 4.10
N GLY A 34 -1.00 -11.17 2.98
CA GLY A 34 -1.10 -11.79 1.67
C GLY A 34 -2.56 -11.98 1.27
N LYS A 35 -3.38 -11.00 1.66
CA LYS A 35 -4.75 -10.93 1.19
C LYS A 35 -4.88 -9.90 0.07
N THR A 36 -5.63 -10.27 -0.97
CA THR A 36 -6.02 -9.34 -2.01
C THR A 36 -6.97 -8.28 -1.46
N LEU A 37 -6.88 -7.09 -2.02
CA LEU A 37 -7.55 -5.91 -1.48
C LEU A 37 -8.65 -5.44 -2.43
N THR A 38 -9.65 -4.77 -1.85
CA THR A 38 -10.94 -4.62 -2.51
C THR A 38 -11.65 -3.36 -2.00
N SER A 39 -12.58 -2.88 -2.83
CA SER A 39 -13.48 -1.80 -2.44
C SER A 39 -12.67 -0.54 -2.12
N GLY A 40 -11.40 -0.58 -2.48
CA GLY A 40 -10.39 0.29 -1.88
C GLY A 40 -10.32 0.07 -0.36
N GLY A 41 -10.13 -1.19 0.00
CA GLY A 41 -9.99 -1.57 1.39
C GLY A 41 -8.55 -1.50 1.87
N HIS A 42 -7.67 -0.97 1.00
CA HIS A 42 -6.22 -1.13 1.22
C HIS A 42 -5.62 0.20 1.66
N ALA A 43 -4.30 0.22 1.72
CA ALA A 43 -3.54 1.47 1.78
C ALA A 43 -2.25 1.35 0.97
N GLU A 44 -1.33 2.27 1.23
CA GLU A 44 -0.02 2.24 0.61
C GLU A 44 1.04 2.80 1.55
N HIS A 45 2.15 2.09 1.66
CA HIS A 45 3.38 2.67 2.22
C HIS A 45 4.56 2.28 1.32
N GLU A 46 5.30 3.30 0.87
CA GLU A 46 6.05 3.21 -0.40
C GLU A 46 5.08 2.97 -1.55
N GLY A 47 5.56 2.29 -2.58
CA GLY A 47 4.68 1.74 -3.61
C GLY A 47 4.36 0.28 -3.32
N LYS A 48 4.30 -0.04 -2.03
CA LYS A 48 3.81 -1.34 -1.58
C LYS A 48 2.55 -1.16 -0.72
N PRO A 49 1.39 -1.37 -1.37
CA PRO A 49 0.08 -1.37 -0.67
C PRO A 49 -0.01 -2.42 0.44
N TYR A 50 -1.02 -2.27 1.29
CA TYR A 50 -1.36 -3.28 2.28
C TYR A 50 -2.85 -3.19 2.64
N CYS A 51 -3.18 -3.87 3.75
CA CYS A 51 -4.41 -3.63 4.46
C CYS A 51 -4.50 -2.15 4.90
N ASN A 52 -5.67 -1.57 4.65
CA ASN A 52 -6.09 -0.35 5.33
C ASN A 52 -6.16 -0.58 6.84
N HIS A 53 -6.48 -1.81 7.20
CA HIS A 53 -6.27 -2.31 8.55
C HIS A 53 -6.25 -3.87 8.51
N PRO A 54 -5.70 -4.44 9.61
CA PRO A 54 -4.89 -3.67 10.59
C PRO A 54 -3.49 -3.31 10.08
N CYS A 55 -3.06 -4.00 9.03
CA CYS A 55 -1.64 -4.18 8.76
C CYS A 55 -0.95 -2.84 8.56
N TYR A 56 -1.67 -1.92 7.93
CA TYR A 56 -1.22 -0.53 7.81
C TYR A 56 -1.10 0.11 9.20
N SER A 57 -2.23 0.15 9.90
CA SER A 57 -2.37 0.98 11.09
C SER A 57 -1.57 0.38 12.24
N ALA A 58 -1.21 -0.90 12.09
CA ALA A 58 -0.30 -1.55 13.01
C ALA A 58 1.13 -1.09 12.76
N MET A 59 1.54 -1.17 11.50
CA MET A 59 2.94 -0.98 11.14
C MET A 59 3.26 0.50 11.04
N PHE A 60 2.35 1.25 10.42
CA PHE A 60 2.42 2.70 10.40
C PHE A 60 1.20 3.30 11.09
N GLY A 61 1.43 3.95 12.22
CA GLY A 61 0.36 4.36 13.12
C GLY A 61 -0.59 5.32 12.39
N PRO A 62 -1.90 5.16 12.68
CA PRO A 62 -2.97 5.90 11.97
C PRO A 62 -2.89 7.41 12.17
N LYS A 63 -2.31 8.09 11.18
CA LYS A 63 -2.35 9.54 11.10
C LYS A 63 -3.09 9.99 9.85
N GLY A 64 -3.24 9.07 8.91
CA GLY A 64 -4.10 9.28 7.76
C GLY A 64 -3.31 9.85 6.59
N PHE A 65 -4.02 10.25 5.55
CA PHE A 65 -3.43 11.02 4.46
C PHE A 65 -4.37 12.16 4.05
N GLY A 66 -3.99 12.84 2.97
CA GLY A 66 -4.65 14.07 2.58
C GLY A 66 -3.61 15.13 2.19
N ARG A 67 -4.06 16.12 1.43
CA ARG A 67 -3.17 17.07 0.80
C ARG A 67 -2.26 16.38 -0.21
N GLY A 68 -2.82 16.15 -1.40
CA GLY A 68 -2.08 15.54 -2.49
C GLY A 68 -1.32 16.60 -3.28
N GLY A 69 -0.01 16.66 -3.05
CA GLY A 69 0.82 17.74 -3.55
C GLY A 69 1.24 17.47 -5.00
N ALA A 70 2.25 18.21 -5.44
CA ALA A 70 2.91 17.92 -6.72
C ALA A 70 1.91 18.06 -7.86
N GLU A 71 1.88 19.24 -8.45
CA GLU A 71 1.17 19.46 -9.72
C GLU A 71 1.78 18.59 -10.82
N SER A 72 2.96 18.05 -10.52
CA SER A 72 3.66 17.16 -11.43
C SER A 72 4.07 17.93 -12.70
N HIS A 73 4.49 19.17 -12.48
CA HIS A 73 4.97 20.02 -13.56
C HIS A 73 6.20 19.41 -14.23
N THR A 74 5.96 18.73 -15.34
CA THR A 74 7.04 18.26 -16.20
C THR A 74 7.10 19.09 -17.48
N PHE A 75 6.59 20.31 -17.39
CA PHE A 75 6.77 21.30 -18.44
C PHE A 75 7.97 22.19 -18.15
N LYS A 76 8.62 22.66 -19.20
CA LYS A 76 9.90 23.34 -19.09
C LYS A 76 9.75 24.60 -18.24
ZN ZN B . 1.06 -4.61 -11.15
ZN ZN C . -2.94 -7.49 5.74
N PRO A 1 -0.82 5.92 -16.29
CA PRO A 1 -0.83 4.83 -15.28
C PRO A 1 0.44 3.98 -15.29
N LYS A 2 1.06 3.87 -14.12
CA LYS A 2 2.15 2.94 -13.90
C LYS A 2 2.09 2.37 -12.49
N CYS A 3 2.46 1.09 -12.37
CA CYS A 3 2.13 0.33 -11.15
C CYS A 3 3.25 0.53 -10.12
N PRO A 4 2.87 1.10 -8.96
CA PRO A 4 3.77 1.15 -7.76
C PRO A 4 4.16 -0.23 -7.25
N LYS A 5 3.29 -1.19 -7.50
CA LYS A 5 3.43 -2.54 -6.98
C LYS A 5 4.59 -3.26 -7.68
N CYS A 6 4.38 -3.58 -8.95
CA CYS A 6 5.25 -4.50 -9.66
C CYS A 6 6.30 -3.73 -10.47
N ASP A 7 5.98 -2.47 -10.76
CA ASP A 7 6.77 -1.66 -11.68
C ASP A 7 6.57 -2.13 -13.12
N LYS A 8 5.31 -2.20 -13.53
CA LYS A 8 4.95 -2.23 -14.95
C LYS A 8 4.23 -0.94 -15.33
N GLU A 9 3.63 -0.95 -16.51
CA GLU A 9 2.61 0.04 -16.87
C GLU A 9 1.23 -0.62 -16.85
N VAL A 10 0.24 0.21 -16.52
CA VAL A 10 -1.09 -0.33 -16.18
C VAL A 10 -2.08 0.02 -17.28
N TYR A 11 -2.51 -1.03 -17.99
CA TYR A 11 -3.49 -0.87 -19.06
C TYR A 11 -4.88 -0.76 -18.47
N PHE A 12 -5.81 -0.24 -19.28
CA PHE A 12 -7.03 0.37 -18.74
C PHE A 12 -7.83 -0.63 -17.91
N ALA A 13 -8.28 -1.69 -18.61
CA ALA A 13 -9.17 -2.65 -17.96
C ALA A 13 -8.44 -3.48 -16.91
N GLU A 14 -7.12 -3.37 -16.89
CA GLU A 14 -6.32 -3.96 -15.83
C GLU A 14 -5.86 -2.87 -14.86
N ARG A 15 -6.80 -1.98 -14.54
CA ARG A 15 -6.49 -0.85 -13.66
C ARG A 15 -7.21 -1.00 -12.32
N VAL A 16 -6.57 -0.51 -11.27
CA VAL A 16 -7.26 -0.07 -10.06
C VAL A 16 -6.61 1.21 -9.52
N THR A 17 -7.44 2.11 -9.01
CA THR A 17 -7.02 3.47 -8.72
C THR A 17 -7.08 3.76 -7.23
N SER A 18 -6.01 4.36 -6.73
CA SER A 18 -5.83 4.54 -5.29
C SER A 18 -4.53 5.31 -5.02
N LEU A 19 -4.62 6.25 -4.09
CA LEU A 19 -3.54 7.18 -3.80
C LEU A 19 -3.18 7.98 -5.05
N GLY A 20 -4.18 8.20 -5.90
CA GLY A 20 -4.08 9.17 -6.98
C GLY A 20 -3.09 8.69 -8.03
N LYS A 21 -2.78 7.39 -7.98
CA LYS A 21 -2.11 6.72 -9.09
C LYS A 21 -2.64 5.29 -9.23
N ASP A 22 -2.45 4.71 -10.41
CA ASP A 22 -3.14 3.49 -10.79
C ASP A 22 -2.34 2.27 -10.37
N TRP A 23 -2.95 1.10 -10.65
CA TRP A 23 -2.32 -0.17 -10.29
C TRP A 23 -2.81 -1.25 -11.26
N HIS A 24 -2.37 -2.48 -10.96
CA HIS A 24 -2.90 -3.66 -11.63
C HIS A 24 -3.92 -4.36 -10.74
N ARG A 25 -4.92 -4.97 -11.39
CA ARG A 25 -6.09 -5.48 -10.71
C ARG A 25 -5.67 -6.56 -9.69
N PRO A 26 -4.82 -7.49 -10.16
CA PRO A 26 -4.24 -8.55 -9.31
C PRO A 26 -3.35 -8.00 -8.19
N CYS A 27 -2.63 -6.93 -8.50
CA CYS A 27 -1.49 -6.50 -7.70
C CYS A 27 -1.94 -6.05 -6.31
N LEU A 28 -2.93 -5.15 -6.31
CA LEU A 28 -3.25 -4.36 -5.13
C LEU A 28 -3.63 -5.26 -3.96
N LYS A 29 -2.63 -5.66 -3.19
CA LYS A 29 -2.76 -6.75 -2.24
C LYS A 29 -1.89 -6.51 -1.01
N CYS A 30 -2.43 -6.89 0.14
CA CYS A 30 -1.62 -7.01 1.35
C CYS A 30 -0.53 -8.05 1.17
N GLU A 31 0.71 -7.60 1.30
CA GLU A 31 1.86 -8.49 1.40
C GLU A 31 2.23 -8.70 2.87
N LYS A 32 1.23 -8.56 3.73
CA LYS A 32 1.34 -8.95 5.13
C LYS A 32 0.52 -10.21 5.40
N CYS A 33 -0.77 -10.11 5.07
CA CYS A 33 -1.70 -11.20 5.39
C CYS A 33 -2.10 -11.95 4.12
N GLY A 34 -1.98 -11.27 2.99
CA GLY A 34 -2.37 -11.83 1.70
C GLY A 34 -3.87 -11.71 1.50
N LYS A 35 -4.40 -10.53 1.80
CA LYS A 35 -5.76 -10.17 1.43
C LYS A 35 -5.76 -9.28 0.19
N THR A 36 -6.49 -9.71 -0.83
CA THR A 36 -6.80 -8.87 -1.97
C THR A 36 -7.57 -7.63 -1.52
N LEU A 37 -7.23 -6.50 -2.12
CA LEU A 37 -7.64 -5.20 -1.60
C LEU A 37 -8.78 -4.63 -2.44
N THR A 38 -9.87 -4.26 -1.76
CA THR A 38 -10.94 -3.51 -2.37
C THR A 38 -10.49 -2.09 -2.69
N SER A 39 -11.46 -1.26 -3.05
CA SER A 39 -11.18 0.06 -3.63
C SER A 39 -11.45 1.16 -2.60
N GLY A 40 -11.52 0.76 -1.33
CA GLY A 40 -11.39 1.70 -0.22
C GLY A 40 -11.46 0.95 1.10
N GLY A 41 -10.53 0.01 1.26
CA GLY A 41 -10.28 -0.62 2.54
C GLY A 41 -8.81 -0.97 2.73
N HIS A 42 -7.98 -0.44 1.83
CA HIS A 42 -6.56 -0.76 1.84
C HIS A 42 -5.73 0.47 2.19
N ALA A 43 -4.41 0.34 2.01
CA ALA A 43 -3.51 1.47 2.04
C ALA A 43 -2.27 1.18 1.21
N GLU A 44 -1.24 1.99 1.42
CA GLU A 44 0.08 1.73 0.87
C GLU A 44 1.14 2.58 1.60
N HIS A 45 2.29 1.95 1.84
CA HIS A 45 3.52 2.71 2.12
C HIS A 45 4.31 2.87 0.82
N GLU A 46 5.24 3.82 0.84
CA GLU A 46 5.87 4.30 -0.38
C GLU A 46 6.63 3.15 -1.05
N GLY A 47 5.92 2.41 -1.90
CA GLY A 47 6.40 1.13 -2.40
C GLY A 47 5.22 0.22 -2.75
N LYS A 48 4.48 -0.16 -1.71
CA LYS A 48 3.56 -1.29 -1.79
C LYS A 48 2.31 -1.00 -0.94
N PRO A 49 1.14 -1.44 -1.47
CA PRO A 49 -0.13 -1.46 -0.71
C PRO A 49 -0.15 -2.48 0.42
N TYR A 50 -1.06 -2.26 1.37
CA TYR A 50 -1.45 -3.30 2.33
C TYR A 50 -2.92 -3.13 2.70
N CYS A 51 -3.30 -3.78 3.80
CA CYS A 51 -4.48 -3.42 4.57
C CYS A 51 -4.40 -1.95 5.01
N ASN A 52 -5.55 -1.29 4.91
CA ASN A 52 -5.78 -0.01 5.58
C ASN A 52 -5.64 -0.19 7.10
N HIS A 53 -6.10 -1.35 7.57
CA HIS A 53 -5.78 -1.84 8.89
C HIS A 53 -5.96 -3.38 8.93
N PRO A 54 -5.39 -3.98 10.00
CA PRO A 54 -4.41 -3.30 10.87
C PRO A 54 -3.03 -3.11 10.22
N CYS A 55 -2.81 -3.86 9.14
CA CYS A 55 -1.46 -4.20 8.70
C CYS A 55 -0.66 -2.93 8.41
N TYR A 56 -1.33 -1.96 7.81
CA TYR A 56 -0.74 -0.63 7.61
C TYR A 56 -0.42 0.00 8.96
N SER A 57 -1.44 0.11 9.80
CA SER A 57 -1.37 0.89 11.03
C SER A 57 -0.37 0.26 11.99
N ALA A 58 -0.19 -1.05 11.86
CA ALA A 58 0.56 -1.84 12.83
C ALA A 58 2.03 -1.87 12.45
N MET A 59 2.29 -2.05 11.16
CA MET A 59 3.65 -2.20 10.66
C MET A 59 4.35 -0.85 10.60
N PHE A 60 3.68 0.11 9.97
CA PHE A 60 4.31 1.37 9.59
C PHE A 60 4.08 2.42 10.66
N GLY A 61 5.01 2.49 11.62
CA GLY A 61 5.04 3.56 12.59
C GLY A 61 6.49 4.11 12.71
N PRO A 62 7.20 3.65 13.75
CA PRO A 62 8.66 3.84 13.87
C PRO A 62 9.44 3.26 12.69
N LYS A 63 10.74 3.55 12.67
CA LYS A 63 11.67 2.89 11.75
C LYS A 63 13.08 3.43 11.95
N GLY A 64 13.32 4.63 11.42
CA GLY A 64 14.67 5.17 11.31
C GLY A 64 15.11 5.17 9.84
N PHE A 65 15.46 6.37 9.37
CA PHE A 65 16.06 6.53 8.05
C PHE A 65 15.02 6.29 6.96
N GLY A 66 15.17 7.01 5.87
CA GLY A 66 14.39 6.76 4.66
C GLY A 66 14.62 7.87 3.63
N ARG A 67 14.06 9.04 3.92
CA ARG A 67 14.37 10.24 3.16
C ARG A 67 14.40 11.46 4.08
N GLY A 68 15.35 12.35 3.80
CA GLY A 68 15.53 13.55 4.61
C GLY A 68 16.25 14.63 3.80
N GLY A 69 16.00 15.88 4.19
CA GLY A 69 16.58 17.02 3.50
C GLY A 69 15.48 17.88 2.88
N ALA A 70 15.85 19.09 2.49
CA ALA A 70 14.99 19.95 1.70
C ALA A 70 15.68 20.34 0.39
N GLU A 71 16.54 19.45 -0.08
CA GLU A 71 17.10 19.55 -1.42
C GLU A 71 16.29 18.70 -2.40
N SER A 72 16.52 18.95 -3.69
CA SER A 72 15.67 18.39 -4.74
C SER A 72 16.40 17.27 -5.47
N HIS A 73 17.50 17.66 -6.12
CA HIS A 73 18.33 16.70 -6.84
C HIS A 73 19.73 17.26 -7.04
N THR A 74 19.80 18.40 -7.74
CA THR A 74 21.03 19.17 -7.84
C THR A 74 21.43 19.72 -6.46
N PHE A 75 22.71 19.99 -6.32
CA PHE A 75 23.30 20.30 -5.02
C PHE A 75 23.88 21.72 -5.03
N LYS A 76 23.41 22.52 -5.98
CA LYS A 76 23.70 23.95 -6.00
C LYS A 76 22.70 24.68 -6.89
ZN ZN B . 1.31 -4.38 -10.90
ZN ZN C . -3.32 -7.39 5.81
N PRO A 1 -0.75 6.15 -16.51
CA PRO A 1 -0.59 5.66 -15.11
C PRO A 1 0.23 4.38 -15.01
N LYS A 2 0.86 4.20 -13.85
CA LYS A 2 1.89 3.17 -13.71
C LYS A 2 1.82 2.56 -12.31
N CYS A 3 2.28 1.31 -12.21
CA CYS A 3 1.98 0.51 -11.02
C CYS A 3 3.10 0.70 -9.99
N PRO A 4 2.72 1.24 -8.82
CA PRO A 4 3.62 1.29 -7.62
C PRO A 4 4.10 -0.09 -7.18
N LYS A 5 3.29 -1.09 -7.50
CA LYS A 5 3.55 -2.46 -7.06
C LYS A 5 4.68 -3.07 -7.87
N CYS A 6 4.39 -3.39 -9.12
CA CYS A 6 5.25 -4.25 -9.91
C CYS A 6 6.21 -3.43 -10.75
N ASP A 7 5.83 -2.17 -10.97
CA ASP A 7 6.55 -1.28 -11.88
C ASP A 7 6.31 -1.69 -13.33
N LYS A 8 5.03 -1.69 -13.72
CA LYS A 8 4.65 -1.61 -15.12
C LYS A 8 3.80 -0.37 -15.37
N GLU A 9 3.21 -0.30 -16.56
CA GLU A 9 2.10 0.62 -16.80
C GLU A 9 0.78 -0.16 -16.78
N VAL A 10 -0.29 0.57 -16.46
CA VAL A 10 -1.53 -0.11 -16.04
C VAL A 10 -2.61 0.13 -17.07
N TYR A 11 -3.02 -0.95 -17.73
CA TYR A 11 -4.10 -0.90 -18.71
C TYR A 11 -5.44 -0.65 -18.01
N PHE A 12 -6.38 -0.08 -18.76
CA PHE A 12 -7.52 0.60 -18.13
C PHE A 12 -8.33 -0.38 -17.29
N ALA A 13 -8.87 -1.40 -17.97
CA ALA A 13 -9.79 -2.32 -17.30
C ALA A 13 -9.07 -3.22 -16.31
N GLU A 14 -7.75 -3.03 -16.24
CA GLU A 14 -6.92 -3.78 -15.32
C GLU A 14 -6.56 -2.92 -14.10
N ARG A 15 -7.27 -1.80 -13.95
CA ARG A 15 -6.78 -0.71 -13.13
C ARG A 15 -7.40 -0.78 -11.73
N VAL A 16 -6.68 -0.23 -10.75
CA VAL A 16 -7.28 0.25 -9.51
C VAL A 16 -6.54 1.49 -9.02
N THR A 17 -7.26 2.36 -8.32
CA THR A 17 -6.78 3.69 -8.00
C THR A 17 -6.61 3.84 -6.49
N SER A 18 -5.49 4.44 -6.11
CA SER A 18 -5.15 4.63 -4.69
C SER A 18 -3.84 5.39 -4.56
N LEU A 19 -3.85 6.36 -3.65
CA LEU A 19 -2.76 7.32 -3.54
C LEU A 19 -2.61 8.11 -4.83
N GLY A 20 -3.71 8.25 -5.54
CA GLY A 20 -3.79 9.15 -6.69
C GLY A 20 -2.87 8.67 -7.80
N LYS A 21 -2.49 7.40 -7.73
CA LYS A 21 -1.89 6.70 -8.86
C LYS A 21 -2.45 5.28 -8.95
N ASP A 22 -2.43 4.74 -10.17
CA ASP A 22 -3.19 3.54 -10.49
C ASP A 22 -2.37 2.29 -10.18
N TRP A 23 -3.02 1.14 -10.37
CA TRP A 23 -2.40 -0.14 -10.05
C TRP A 23 -2.91 -1.20 -11.04
N HIS A 24 -2.42 -2.42 -10.82
CA HIS A 24 -2.99 -3.60 -11.46
C HIS A 24 -3.91 -4.35 -10.49
N ARG A 25 -5.01 -4.87 -11.05
CA ARG A 25 -6.10 -5.37 -10.24
C ARG A 25 -5.61 -6.55 -9.37
N PRO A 26 -4.93 -7.51 -10.03
CA PRO A 26 -4.29 -8.65 -9.35
C PRO A 26 -3.25 -8.23 -8.31
N CYS A 27 -2.54 -7.15 -8.61
CA CYS A 27 -1.36 -6.76 -7.86
C CYS A 27 -1.75 -6.42 -6.41
N LEU A 28 -2.84 -5.70 -6.28
CA LEU A 28 -3.13 -4.94 -5.06
C LEU A 28 -3.30 -5.89 -3.88
N LYS A 29 -2.17 -6.22 -3.24
CA LYS A 29 -2.14 -7.31 -2.28
C LYS A 29 -1.44 -6.85 -1.00
N CYS A 30 -1.87 -7.42 0.12
CA CYS A 30 -1.22 -7.24 1.40
C CYS A 30 0.08 -8.05 1.46
N GLU A 31 1.15 -7.36 1.85
CA GLU A 31 2.39 -8.00 2.24
C GLU A 31 2.47 -8.11 3.77
N LYS A 32 1.33 -8.47 4.35
CA LYS A 32 1.23 -8.54 5.81
C LYS A 32 0.34 -9.70 6.23
N CYS A 33 -0.76 -9.87 5.49
CA CYS A 33 -1.63 -11.01 5.67
C CYS A 33 -1.74 -11.85 4.40
N GLY A 34 -1.26 -11.27 3.30
CA GLY A 34 -1.28 -11.93 2.00
C GLY A 34 -2.72 -12.22 1.59
N LYS A 35 -3.59 -11.25 1.81
CA LYS A 35 -4.91 -11.24 1.17
C LYS A 35 -5.11 -9.93 0.40
N THR A 36 -5.66 -10.06 -0.79
CA THR A 36 -5.70 -8.95 -1.74
C THR A 36 -6.51 -7.79 -1.16
N LEU A 37 -6.79 -6.81 -2.00
CA LEU A 37 -7.24 -5.51 -1.52
C LEU A 37 -8.29 -4.91 -2.46
N THR A 38 -9.17 -4.10 -1.88
CA THR A 38 -10.43 -3.73 -2.52
C THR A 38 -10.20 -2.58 -3.50
N SER A 39 -11.30 -2.05 -4.02
CA SER A 39 -11.28 -0.77 -4.71
C SER A 39 -10.91 0.35 -3.75
N GLY A 40 -9.61 0.45 -3.47
CA GLY A 40 -9.09 1.48 -2.60
C GLY A 40 -9.48 1.21 -1.15
N GLY A 41 -9.17 0.00 -0.69
CA GLY A 41 -9.19 -0.31 0.73
C GLY A 41 -7.82 -0.73 1.24
N HIS A 42 -6.81 -0.47 0.39
CA HIS A 42 -5.42 -0.73 0.76
C HIS A 42 -4.72 0.57 1.12
N ALA A 43 -3.40 0.49 1.25
CA ALA A 43 -2.54 1.67 1.21
C ALA A 43 -1.08 1.25 1.03
N GLU A 44 -0.27 2.19 0.53
CA GLU A 44 1.03 1.86 -0.03
C GLU A 44 2.14 2.44 0.86
N HIS A 45 3.06 1.58 1.25
CA HIS A 45 4.38 2.01 1.72
C HIS A 45 5.46 1.39 0.84
N GLU A 46 6.38 2.23 0.37
CA GLU A 46 7.58 1.77 -0.32
C GLU A 46 7.21 0.94 -1.56
N GLY A 47 6.11 1.33 -2.20
CA GLY A 47 5.73 0.77 -3.48
C GLY A 47 5.27 -0.68 -3.31
N LYS A 48 4.58 -0.93 -2.20
CA LYS A 48 3.77 -2.14 -2.05
C LYS A 48 2.51 -1.82 -1.24
N PRO A 49 1.34 -2.18 -1.79
CA PRO A 49 0.04 -2.05 -1.09
C PRO A 49 -0.07 -2.91 0.16
N TYR A 50 -1.00 -2.54 1.04
CA TYR A 50 -1.43 -3.42 2.12
C TYR A 50 -2.90 -3.10 2.49
N CYS A 51 -3.33 -3.77 3.56
CA CYS A 51 -4.54 -3.39 4.28
C CYS A 51 -4.42 -1.93 4.78
N ASN A 52 -5.40 -1.14 4.36
CA ASN A 52 -5.65 0.17 4.96
C ASN A 52 -5.99 -0.01 6.46
N HIS A 53 -6.55 -1.17 6.77
CA HIS A 53 -6.55 -1.70 8.13
C HIS A 53 -6.73 -3.24 8.06
N PRO A 54 -6.32 -3.89 9.18
CA PRO A 54 -5.53 -3.25 10.25
C PRO A 54 -4.07 -3.01 9.88
N CYS A 55 -3.60 -3.77 8.89
CA CYS A 55 -2.17 -4.07 8.75
C CYS A 55 -1.36 -2.79 8.62
N TYR A 56 -1.72 -1.98 7.62
CA TYR A 56 -1.03 -0.73 7.37
C TYR A 56 -1.16 0.21 8.57
N SER A 57 -2.38 0.28 9.10
CA SER A 57 -2.65 1.04 10.30
C SER A 57 -1.84 0.48 11.48
N ALA A 58 -1.33 -0.73 11.30
CA ALA A 58 -0.67 -1.45 12.37
C ALA A 58 0.81 -1.05 12.45
N MET A 59 1.48 -1.18 11.31
CA MET A 59 2.92 -1.00 11.24
C MET A 59 3.26 0.38 10.69
N PHE A 60 2.42 0.84 9.76
CA PHE A 60 2.41 2.25 9.38
C PHE A 60 1.16 2.94 9.91
N GLY A 61 0.94 4.16 9.44
CA GLY A 61 -0.14 5.00 9.93
C GLY A 61 -0.97 5.53 8.75
N PRO A 62 -1.59 6.70 8.98
CA PRO A 62 -2.59 7.27 8.03
C PRO A 62 -2.05 7.44 6.61
N LYS A 63 -1.43 8.58 6.37
CA LYS A 63 -0.80 8.86 5.08
C LYS A 63 0.72 8.90 5.22
N GLY A 64 1.21 10.03 5.72
CA GLY A 64 2.59 10.14 6.18
C GLY A 64 3.56 9.86 5.03
N PHE A 65 4.11 8.65 5.03
CA PHE A 65 5.16 8.28 4.10
C PHE A 65 6.38 9.18 4.30
N GLY A 66 7.12 8.91 5.38
CA GLY A 66 8.43 9.53 5.57
C GLY A 66 8.28 11.05 5.69
N ARG A 67 7.86 11.49 6.87
CA ARG A 67 7.86 12.90 7.22
C ARG A 67 7.45 13.09 8.67
N GLY A 68 7.83 12.12 9.50
CA GLY A 68 7.72 12.25 10.94
C GLY A 68 6.80 11.18 11.51
N GLY A 69 7.41 10.10 12.00
CA GLY A 69 6.67 8.91 12.38
C GLY A 69 7.60 7.89 13.01
N ALA A 70 7.08 7.16 14.00
CA ALA A 70 7.86 6.20 14.76
C ALA A 70 9.00 6.91 15.48
N GLU A 71 9.99 6.12 15.90
CA GLU A 71 11.02 6.57 16.82
C GLU A 71 10.41 7.08 18.12
N SER A 72 9.98 6.13 18.95
CA SER A 72 9.34 6.45 20.21
C SER A 72 10.27 6.15 21.38
N HIS A 73 11.17 5.19 21.17
CA HIS A 73 12.25 4.93 22.10
C HIS A 73 11.72 4.28 23.37
N THR A 74 10.84 5.00 24.06
CA THR A 74 10.08 4.44 25.16
C THR A 74 10.99 4.18 26.35
N PHE A 75 11.13 5.19 27.20
CA PHE A 75 11.77 5.03 28.50
C PHE A 75 10.71 4.78 29.58
N LYS A 76 10.06 5.86 29.99
CA LYS A 76 8.87 5.76 30.84
C LYS A 76 8.37 7.14 31.19
ZN ZN B . 1.25 -4.23 -10.93
ZN ZN C . -3.40 -7.33 5.64
N PRO A 1 -2.90 5.50 -16.52
CA PRO A 1 -2.47 4.33 -15.70
C PRO A 1 -0.96 4.14 -15.67
N LYS A 2 -0.46 3.82 -14.48
CA LYS A 2 0.92 3.39 -14.32
C LYS A 2 1.17 2.92 -12.88
N CYS A 3 1.82 1.76 -12.77
CA CYS A 3 1.84 1.04 -11.49
C CYS A 3 3.04 1.52 -10.66
N PRO A 4 2.77 1.81 -9.37
CA PRO A 4 3.82 2.11 -8.36
C PRO A 4 4.61 0.88 -7.92
N LYS A 5 3.97 -0.28 -8.03
CA LYS A 5 4.44 -1.48 -7.37
C LYS A 5 5.53 -2.15 -8.20
N CYS A 6 5.15 -2.61 -9.39
CA CYS A 6 5.97 -3.53 -10.16
C CYS A 6 6.88 -2.77 -11.12
N ASP A 7 6.42 -1.60 -11.54
CA ASP A 7 6.98 -0.88 -12.67
C ASP A 7 6.60 -1.56 -13.98
N LYS A 8 5.30 -1.65 -14.22
CA LYS A 8 4.75 -1.83 -15.57
C LYS A 8 3.90 -0.62 -15.94
N GLU A 9 3.17 -0.74 -17.04
CA GLU A 9 2.01 0.12 -17.29
C GLU A 9 0.73 -0.69 -17.15
N VAL A 10 -0.32 0.00 -16.74
CA VAL A 10 -1.55 -0.66 -16.29
C VAL A 10 -2.61 -0.56 -17.39
N TYR A 11 -3.03 -1.73 -17.90
CA TYR A 11 -3.61 -1.83 -19.24
C TYR A 11 -5.13 -1.68 -19.15
N PHE A 12 -5.54 -0.57 -18.54
CA PHE A 12 -6.96 -0.26 -18.39
C PHE A 12 -7.66 -1.33 -17.58
N ALA A 13 -7.96 -2.45 -18.23
CA ALA A 13 -8.94 -3.38 -17.65
C ALA A 13 -8.35 -4.22 -16.53
N GLU A 14 -7.05 -4.01 -16.30
CA GLU A 14 -6.35 -4.68 -15.22
C GLU A 14 -6.10 -3.71 -14.06
N ARG A 15 -6.81 -2.58 -14.11
CA ARG A 15 -6.48 -1.42 -13.30
C ARG A 15 -7.10 -1.57 -11.90
N VAL A 16 -6.46 -0.92 -10.93
CA VAL A 16 -7.12 -0.55 -9.68
C VAL A 16 -6.51 0.75 -9.15
N THR A 17 -7.36 1.76 -8.98
CA THR A 17 -6.92 3.14 -8.85
C THR A 17 -6.87 3.56 -7.39
N SER A 18 -5.79 4.23 -7.02
CA SER A 18 -5.45 4.48 -5.62
C SER A 18 -4.19 5.31 -5.52
N LEU A 19 -4.22 6.28 -4.60
CA LEU A 19 -3.17 7.26 -4.47
C LEU A 19 -3.01 8.07 -5.76
N GLY A 20 -4.10 8.15 -6.52
CA GLY A 20 -4.23 9.11 -7.60
C GLY A 20 -3.79 8.48 -8.92
N LYS A 21 -2.94 7.46 -8.80
CA LYS A 21 -2.37 6.78 -9.96
C LYS A 21 -2.60 5.28 -9.86
N ASP A 22 -2.93 4.68 -11.00
CA ASP A 22 -3.57 3.36 -11.04
C ASP A 22 -2.59 2.29 -10.57
N TRP A 23 -3.09 1.06 -10.60
CA TRP A 23 -2.28 -0.10 -10.21
C TRP A 23 -2.69 -1.31 -11.06
N HIS A 24 -2.05 -2.44 -10.76
CA HIS A 24 -2.45 -3.74 -11.28
C HIS A 24 -3.25 -4.50 -10.22
N ARG A 25 -4.24 -5.24 -10.70
CA ARG A 25 -5.09 -6.05 -9.83
C ARG A 25 -4.23 -7.15 -9.17
N PRO A 26 -3.52 -7.91 -10.01
CA PRO A 26 -2.52 -8.90 -9.53
C PRO A 26 -1.47 -8.32 -8.58
N CYS A 27 -1.45 -6.99 -8.54
CA CYS A 27 -0.50 -6.28 -7.69
C CYS A 27 -1.16 -5.89 -6.36
N LEU A 28 -2.17 -5.03 -6.46
CA LEU A 28 -2.72 -4.34 -5.31
C LEU A 28 -3.35 -5.34 -4.35
N LYS A 29 -2.55 -5.80 -3.39
CA LYS A 29 -3.07 -6.56 -2.26
C LYS A 29 -2.22 -6.30 -1.01
N CYS A 30 -2.71 -6.79 0.12
CA CYS A 30 -1.91 -6.84 1.34
C CYS A 30 -0.68 -7.72 1.13
N GLU A 31 0.38 -7.39 1.87
CA GLU A 31 1.47 -8.34 2.12
C GLU A 31 1.59 -8.60 3.61
N LYS A 32 0.48 -8.42 4.31
CA LYS A 32 0.36 -8.88 5.70
C LYS A 32 -0.56 -10.09 5.77
N CYS A 33 -1.81 -9.90 5.35
CA CYS A 33 -2.85 -10.89 5.61
C CYS A 33 -3.12 -11.72 4.37
N GLY A 34 -3.30 -11.04 3.24
CA GLY A 34 -3.30 -11.68 1.93
C GLY A 34 -4.70 -11.67 1.34
N LYS A 35 -5.26 -10.46 1.22
CA LYS A 35 -6.47 -10.24 0.42
C LYS A 35 -6.27 -9.05 -0.51
N THR A 36 -6.74 -9.23 -1.75
CA THR A 36 -6.75 -8.17 -2.73
C THR A 36 -7.60 -7.00 -2.24
N LEU A 37 -7.28 -5.80 -2.72
CA LEU A 37 -7.77 -4.56 -2.13
C LEU A 37 -8.70 -3.85 -3.10
N THR A 38 -9.61 -3.06 -2.53
CA THR A 38 -10.61 -2.34 -3.31
C THR A 38 -9.94 -1.25 -4.13
N SER A 39 -10.69 -0.70 -5.09
CA SER A 39 -10.29 0.49 -5.82
C SER A 39 -10.15 1.67 -4.85
N GLY A 40 -9.05 1.69 -4.11
CA GLY A 40 -8.70 2.83 -3.28
C GLY A 40 -9.49 2.79 -1.97
N GLY A 41 -9.36 1.67 -1.27
CA GLY A 41 -9.79 1.57 0.11
C GLY A 41 -8.74 0.90 0.98
N HIS A 42 -7.54 0.76 0.41
CA HIS A 42 -6.42 0.19 1.13
C HIS A 42 -5.50 1.30 1.64
N ALA A 43 -4.32 0.89 2.11
CA ALA A 43 -3.25 1.83 2.42
C ALA A 43 -1.94 1.35 1.79
N GLU A 44 -0.93 2.22 1.86
CA GLU A 44 0.32 2.00 1.14
C GLU A 44 1.49 2.58 1.93
N HIS A 45 2.59 1.83 1.96
CA HIS A 45 3.87 2.40 2.39
C HIS A 45 4.88 2.23 1.26
N GLU A 46 5.34 3.35 0.70
CA GLU A 46 5.79 3.41 -0.69
C GLU A 46 4.66 3.02 -1.63
N GLY A 47 5.00 2.40 -2.75
CA GLY A 47 4.02 1.73 -3.59
C GLY A 47 3.96 0.25 -3.25
N LYS A 48 4.14 -0.05 -1.97
CA LYS A 48 3.89 -1.39 -1.44
C LYS A 48 2.60 -1.37 -0.59
N PRO A 49 1.46 -1.58 -1.26
CA PRO A 49 0.12 -1.50 -0.63
C PRO A 49 -0.10 -2.52 0.47
N TYR A 50 -0.88 -2.13 1.48
CA TYR A 50 -1.50 -3.09 2.39
C TYR A 50 -2.89 -2.60 2.80
N CYS A 51 -3.41 -3.25 3.85
CA CYS A 51 -4.64 -2.81 4.50
C CYS A 51 -4.49 -1.37 5.01
N ASN A 52 -5.54 -0.89 5.66
CA ASN A 52 -5.46 0.30 6.50
C ASN A 52 -5.32 -0.09 7.97
N HIS A 53 -5.95 -1.21 8.31
CA HIS A 53 -5.78 -1.83 9.61
C HIS A 53 -6.32 -3.28 9.57
N PRO A 54 -5.95 -4.04 10.63
CA PRO A 54 -4.91 -3.62 11.60
C PRO A 54 -3.50 -3.60 11.01
N CYS A 55 -3.38 -4.09 9.78
CA CYS A 55 -2.10 -4.50 9.22
C CYS A 55 -1.13 -3.33 9.18
N TYR A 56 -1.60 -2.22 8.62
CA TYR A 56 -0.74 -1.09 8.27
C TYR A 56 -0.07 -0.54 9.52
N SER A 57 -0.83 -0.53 10.61
CA SER A 57 -0.39 0.10 11.86
C SER A 57 0.42 -0.89 12.70
N ALA A 58 0.21 -2.18 12.41
CA ALA A 58 0.72 -3.24 13.24
C ALA A 58 2.25 -3.19 13.28
N MET A 59 2.84 -3.03 12.10
CA MET A 59 4.28 -3.14 11.94
C MET A 59 4.90 -1.75 11.78
N PHE A 60 4.17 -0.88 11.11
CA PHE A 60 4.69 0.40 10.67
C PHE A 60 4.34 1.50 11.67
N GLY A 61 4.23 1.09 12.93
CA GLY A 61 3.98 2.01 14.03
C GLY A 61 5.30 2.32 14.76
N PRO A 62 5.19 3.18 15.79
CA PRO A 62 6.37 3.69 16.53
C PRO A 62 7.24 2.61 17.15
N LYS A 63 6.80 2.11 18.30
CA LYS A 63 7.62 1.23 19.12
C LYS A 63 7.96 -0.04 18.35
N GLY A 64 8.84 -0.85 18.95
CA GLY A 64 9.11 -2.18 18.45
C GLY A 64 9.04 -3.20 19.59
N PHE A 65 10.01 -4.11 19.61
CA PHE A 65 10.21 -5.01 20.74
C PHE A 65 11.70 -5.25 20.97
N GLY A 66 12.00 -5.97 22.04
CA GLY A 66 13.37 -6.33 22.38
C GLY A 66 13.83 -7.54 21.57
N ARG A 67 14.71 -7.28 20.61
CA ARG A 67 15.27 -8.33 19.78
C ARG A 67 14.17 -8.97 18.93
N GLY A 68 14.54 -10.06 18.25
CA GLY A 68 13.57 -10.90 17.56
C GLY A 68 14.29 -11.87 16.63
N GLY A 69 13.53 -12.86 16.16
CA GLY A 69 14.00 -13.76 15.11
C GLY A 69 12.92 -14.78 14.76
N ALA A 70 12.37 -14.64 13.57
CA ALA A 70 11.19 -15.40 13.17
C ALA A 70 11.30 -15.85 11.72
N GLU A 71 11.71 -14.90 10.87
CA GLU A 71 11.65 -15.10 9.43
C GLU A 71 12.53 -16.28 9.01
N SER A 72 12.70 -16.42 7.70
CA SER A 72 13.69 -17.34 7.14
C SER A 72 13.32 -18.77 7.48
N HIS A 73 12.99 -19.53 6.44
CA HIS A 73 12.82 -20.97 6.56
C HIS A 73 13.21 -21.67 5.25
N THR A 74 13.53 -22.95 5.37
CA THR A 74 13.96 -23.74 4.23
C THR A 74 15.34 -23.28 3.75
N PHE A 75 15.35 -22.20 2.98
CA PHE A 75 16.58 -21.51 2.63
C PHE A 75 17.46 -22.42 1.77
N LYS A 76 18.37 -21.79 1.04
CA LYS A 76 19.31 -22.50 0.19
C LYS A 76 18.57 -23.29 -0.88
ZN ZN B . 1.85 -3.71 -10.91
ZN ZN C . -4.00 -6.95 5.60
N PRO A 1 2.08 7.38 -15.17
CA PRO A 1 1.36 6.67 -14.07
C PRO A 1 2.06 5.39 -13.62
N LYS A 2 1.71 4.29 -14.28
CA LYS A 2 2.49 3.06 -14.20
C LYS A 2 2.46 2.52 -12.77
N CYS A 3 2.82 1.24 -12.64
CA CYS A 3 2.50 0.49 -11.42
C CYS A 3 3.52 0.82 -10.33
N PRO A 4 3.01 1.14 -9.13
CA PRO A 4 3.83 1.29 -7.90
C PRO A 4 4.39 -0.03 -7.38
N LYS A 5 3.91 -1.12 -7.97
CA LYS A 5 4.22 -2.46 -7.47
C LYS A 5 5.30 -3.11 -8.34
N CYS A 6 4.90 -3.50 -9.55
CA CYS A 6 5.64 -4.50 -10.31
C CYS A 6 6.66 -3.82 -11.23
N ASP A 7 6.40 -2.54 -11.51
CA ASP A 7 7.10 -1.83 -12.57
C ASP A 7 6.61 -2.29 -13.95
N LYS A 8 5.32 -2.09 -14.19
CA LYS A 8 4.78 -2.05 -15.54
C LYS A 8 3.77 -0.91 -15.67
N GLU A 9 3.41 -0.60 -16.91
CA GLU A 9 2.34 0.34 -17.19
C GLU A 9 0.99 -0.38 -17.18
N VAL A 10 -0.05 0.35 -16.78
CA VAL A 10 -1.29 -0.29 -16.32
C VAL A 10 -2.40 -0.06 -17.33
N TYR A 11 -2.88 -1.16 -17.91
CA TYR A 11 -3.95 -1.11 -18.90
C TYR A 11 -5.29 -0.90 -18.22
N PHE A 12 -6.36 -1.08 -18.99
CA PHE A 12 -7.68 -0.63 -18.57
C PHE A 12 -8.25 -1.56 -17.50
N ALA A 13 -8.86 -2.66 -17.94
CA ALA A 13 -9.81 -3.37 -17.07
C ALA A 13 -9.11 -4.05 -15.90
N GLU A 14 -7.79 -4.10 -15.96
CA GLU A 14 -6.98 -4.51 -14.83
C GLU A 14 -6.32 -3.30 -14.18
N ARG A 15 -7.11 -2.23 -14.06
CA ARG A 15 -6.66 -1.02 -13.39
C ARG A 15 -7.29 -0.92 -12.00
N VAL A 16 -6.55 -0.30 -11.09
CA VAL A 16 -7.11 0.23 -9.85
C VAL A 16 -6.34 1.47 -9.40
N THR A 17 -7.07 2.41 -8.82
CA THR A 17 -6.55 3.74 -8.55
C THR A 17 -6.48 4.00 -7.06
N SER A 18 -5.35 4.57 -6.63
CA SER A 18 -5.03 4.66 -5.21
C SER A 18 -3.71 5.41 -5.02
N LEU A 19 -3.74 6.41 -4.15
CA LEU A 19 -2.64 7.34 -3.99
C LEU A 19 -2.37 8.08 -5.31
N GLY A 20 -3.39 8.11 -6.16
CA GLY A 20 -3.42 9.02 -7.30
C GLY A 20 -2.89 8.34 -8.56
N LYS A 21 -2.05 7.33 -8.33
CA LYS A 21 -1.41 6.62 -9.42
C LYS A 21 -1.90 5.18 -9.47
N ASP A 22 -2.15 4.71 -10.69
CA ASP A 22 -2.96 3.50 -10.90
C ASP A 22 -2.14 2.26 -10.56
N TRP A 23 -2.82 1.12 -10.70
CA TRP A 23 -2.20 -0.16 -10.34
C TRP A 23 -2.71 -1.25 -11.29
N HIS A 24 -2.16 -2.45 -11.08
CA HIS A 24 -2.68 -3.66 -11.72
C HIS A 24 -3.59 -4.42 -10.76
N ARG A 25 -4.71 -4.90 -11.30
CA ARG A 25 -5.77 -5.47 -10.50
C ARG A 25 -5.24 -6.69 -9.72
N PRO A 26 -4.53 -7.57 -10.45
CA PRO A 26 -3.78 -8.70 -9.85
C PRO A 26 -2.79 -8.25 -8.76
N CYS A 27 -2.19 -7.09 -8.98
CA CYS A 27 -1.13 -6.59 -8.12
C CYS A 27 -1.68 -6.21 -6.75
N LEU A 28 -2.68 -5.33 -6.78
CA LEU A 28 -3.13 -4.64 -5.59
C LEU A 28 -3.65 -5.63 -4.55
N LYS A 29 -2.78 -6.00 -3.61
CA LYS A 29 -3.18 -6.70 -2.40
C LYS A 29 -2.42 -6.17 -1.20
N CYS A 30 -2.73 -6.71 -0.03
CA CYS A 30 -1.88 -6.57 1.14
C CYS A 30 -0.52 -7.19 0.89
N GLU A 31 0.41 -6.94 1.81
CA GLU A 31 1.61 -7.78 1.95
C GLU A 31 1.92 -7.98 3.42
N LYS A 32 0.91 -7.78 4.25
CA LYS A 32 0.97 -8.18 5.65
C LYS A 32 0.23 -9.49 5.86
N CYS A 33 -1.05 -9.49 5.49
CA CYS A 33 -1.93 -10.62 5.81
C CYS A 33 -2.01 -11.57 4.63
N GLY A 34 -2.30 -11.01 3.45
CA GLY A 34 -2.21 -11.75 2.21
C GLY A 34 -3.61 -12.08 1.69
N LYS A 35 -4.38 -11.03 1.44
CA LYS A 35 -5.62 -11.14 0.68
C LYS A 35 -5.84 -9.90 -0.18
N THR A 36 -6.31 -10.12 -1.40
CA THR A 36 -6.44 -9.05 -2.38
C THR A 36 -7.41 -7.99 -1.87
N LEU A 37 -7.47 -6.89 -2.61
CA LEU A 37 -8.21 -5.71 -2.16
C LEU A 37 -9.16 -5.23 -3.26
N THR A 38 -9.84 -4.13 -2.96
CA THR A 38 -10.94 -3.65 -3.80
C THR A 38 -10.53 -2.38 -4.55
N SER A 39 -11.53 -1.75 -5.15
CA SER A 39 -11.29 -0.65 -6.08
C SER A 39 -10.59 0.51 -5.37
N GLY A 40 -10.80 0.57 -4.06
CA GLY A 40 -10.04 1.46 -3.19
C GLY A 40 -10.60 1.44 -1.77
N GLY A 41 -10.38 0.32 -1.09
CA GLY A 41 -10.56 0.24 0.34
C GLY A 41 -9.30 -0.22 1.05
N HIS A 42 -8.21 -0.24 0.30
CA HIS A 42 -6.89 -0.51 0.85
C HIS A 42 -6.21 0.79 1.27
N ALA A 43 -4.93 0.68 1.60
CA ALA A 43 -4.07 1.85 1.76
C ALA A 43 -2.71 1.62 1.11
N GLU A 44 -1.91 2.67 1.07
CA GLU A 44 -0.49 2.54 0.75
C GLU A 44 0.36 3.24 1.80
N HIS A 45 1.54 2.70 2.04
CA HIS A 45 2.54 3.38 2.86
C HIS A 45 3.32 4.37 2.02
N GLU A 46 4.28 3.84 1.26
CA GLU A 46 4.95 4.60 0.21
C GLU A 46 5.84 3.68 -0.62
N GLY A 47 5.19 2.86 -1.45
CA GLY A 47 5.87 1.84 -2.22
C GLY A 47 4.91 0.72 -2.59
N LYS A 48 4.13 0.28 -1.59
CA LYS A 48 3.31 -0.90 -1.71
C LYS A 48 1.99 -0.70 -0.93
N PRO A 49 0.88 -1.15 -1.56
CA PRO A 49 -0.45 -1.22 -0.90
C PRO A 49 -0.49 -2.19 0.29
N TYR A 50 -1.30 -1.83 1.29
CA TYR A 50 -1.71 -2.79 2.31
C TYR A 50 -3.20 -2.57 2.64
N CYS A 51 -3.60 -3.23 3.74
CA CYS A 51 -4.87 -2.94 4.38
C CYS A 51 -4.95 -1.47 4.81
N ASN A 52 -5.99 -1.16 5.58
CA ASN A 52 -6.02 0.06 6.37
C ASN A 52 -5.73 -0.27 7.85
N HIS A 53 -6.12 -1.47 8.24
CA HIS A 53 -5.78 -2.02 9.54
C HIS A 53 -6.12 -3.52 9.58
N PRO A 54 -5.57 -4.20 10.61
CA PRO A 54 -4.52 -3.62 11.48
C PRO A 54 -3.17 -3.43 10.78
N CYS A 55 -3.09 -3.93 9.55
CA CYS A 55 -1.81 -4.21 8.91
C CYS A 55 -0.99 -2.92 8.79
N TYR A 56 -1.67 -1.84 8.43
CA TYR A 56 -1.01 -0.60 8.05
C TYR A 56 -0.24 -0.03 9.24
N SER A 57 -0.85 -0.13 10.42
CA SER A 57 -0.38 0.59 11.59
C SER A 57 0.47 -0.34 12.48
N ALA A 58 0.29 -1.63 12.26
CA ALA A 58 0.81 -2.64 13.18
C ALA A 58 2.33 -2.77 13.02
N MET A 59 2.75 -2.99 11.78
CA MET A 59 4.12 -3.37 11.50
C MET A 59 5.01 -2.14 11.36
N PHE A 60 4.48 -1.13 10.68
CA PHE A 60 5.28 0.01 10.24
C PHE A 60 5.85 0.76 11.43
N GLY A 61 7.02 0.32 11.86
CA GLY A 61 7.62 0.79 13.10
C GLY A 61 8.53 -0.30 13.70
N PRO A 62 9.57 -0.68 12.92
CA PRO A 62 10.40 -1.87 13.23
C PRO A 62 11.08 -1.80 14.59
N LYS A 63 12.27 -1.21 14.60
CA LYS A 63 13.16 -1.29 15.76
C LYS A 63 13.98 -0.01 15.88
N GLY A 64 14.89 -0.01 16.85
CA GLY A 64 15.90 1.03 16.96
C GLY A 64 17.23 0.44 17.43
N PHE A 65 17.59 0.77 18.66
CA PHE A 65 18.71 0.11 19.33
C PHE A 65 20.02 0.46 18.63
N GLY A 66 20.29 -0.23 17.53
CA GLY A 66 21.59 -0.18 16.88
C GLY A 66 21.86 1.23 16.36
N ARG A 67 23.00 1.78 16.77
CA ARG A 67 23.50 3.02 16.20
C ARG A 67 24.86 2.79 15.53
N GLY A 68 25.50 3.88 15.15
CA GLY A 68 26.88 3.85 14.69
C GLY A 68 27.80 3.31 15.80
N GLY A 69 27.95 4.11 16.84
CA GLY A 69 28.94 3.85 17.88
C GLY A 69 30.34 4.19 17.37
N ALA A 70 30.99 3.18 16.80
CA ALA A 70 32.35 3.32 16.32
C ALA A 70 33.29 3.67 17.47
N GLU A 71 33.25 4.93 17.89
CA GLU A 71 34.24 5.49 18.79
C GLU A 71 35.64 5.40 18.17
N SER A 72 36.26 4.24 18.34
CA SER A 72 37.67 4.07 18.04
C SER A 72 38.53 5.00 18.89
N HIS A 73 39.02 4.45 20.00
CA HIS A 73 39.90 5.20 20.89
C HIS A 73 40.70 4.25 21.77
N THR A 74 41.39 4.82 22.74
CA THR A 74 42.37 4.07 23.53
C THR A 74 42.14 4.32 25.02
N PHE A 75 43.16 4.02 25.81
CA PHE A 75 43.04 3.99 27.26
C PHE A 75 42.66 5.36 27.80
N LYS A 76 41.58 5.39 28.57
CA LYS A 76 41.21 6.59 29.32
C LYS A 76 40.88 7.73 28.38
ZN ZN B . 1.59 -4.20 -11.19
ZN ZN C . -3.72 -6.93 5.51
N PRO A 1 -2.56 5.64 -14.59
CA PRO A 1 -2.40 4.63 -15.68
C PRO A 1 -1.10 3.85 -15.59
N LYS A 2 -0.39 4.06 -14.48
CA LYS A 2 0.97 3.55 -14.34
C LYS A 2 1.18 3.00 -12.93
N CYS A 3 1.89 1.88 -12.86
CA CYS A 3 1.91 1.07 -11.63
C CYS A 3 3.16 1.42 -10.81
N PRO A 4 2.94 1.85 -9.56
CA PRO A 4 4.03 2.07 -8.57
C PRO A 4 4.80 0.78 -8.25
N LYS A 5 4.11 -0.35 -8.37
CA LYS A 5 4.48 -1.56 -7.64
C LYS A 5 5.44 -2.42 -8.45
N CYS A 6 5.03 -2.76 -9.67
CA CYS A 6 5.83 -3.60 -10.54
C CYS A 6 6.72 -2.75 -11.44
N ASP A 7 6.25 -1.54 -11.71
CA ASP A 7 6.80 -0.71 -12.78
C ASP A 7 6.35 -1.23 -14.14
N LYS A 8 5.05 -1.09 -14.39
CA LYS A 8 4.52 -1.13 -15.75
C LYS A 8 3.60 0.06 -16.00
N GLU A 9 2.86 0.00 -17.09
CA GLU A 9 1.69 0.84 -17.28
C GLU A 9 0.41 0.00 -17.22
N VAL A 10 -0.66 0.62 -16.75
CA VAL A 10 -1.82 -0.14 -16.28
C VAL A 10 -2.98 -0.01 -17.25
N TYR A 11 -3.54 -1.15 -17.62
CA TYR A 11 -4.65 -1.21 -18.57
C TYR A 11 -5.98 -1.12 -17.83
N PHE A 12 -7.06 -1.12 -18.61
CA PHE A 12 -8.38 -0.77 -18.07
C PHE A 12 -8.80 -1.78 -17.02
N ALA A 13 -9.39 -2.89 -17.48
CA ALA A 13 -10.18 -3.73 -16.57
C ALA A 13 -9.31 -4.44 -15.55
N GLU A 14 -8.00 -4.22 -15.67
CA GLU A 14 -7.04 -4.80 -14.75
C GLU A 14 -6.57 -3.76 -13.75
N ARG A 15 -7.34 -2.68 -13.63
CA ARG A 15 -6.89 -1.47 -12.96
C ARG A 15 -7.39 -1.44 -11.51
N VAL A 16 -6.58 -0.87 -10.63
CA VAL A 16 -7.07 -0.31 -9.37
C VAL A 16 -6.30 0.96 -9.03
N THR A 17 -7.04 2.06 -8.91
CA THR A 17 -6.45 3.36 -8.62
C THR A 17 -6.38 3.58 -7.11
N SER A 18 -5.20 4.02 -6.66
CA SER A 18 -4.83 3.93 -5.25
C SER A 18 -3.58 4.76 -4.99
N LEU A 19 -3.69 5.68 -4.04
CA LEU A 19 -2.65 6.64 -3.76
C LEU A 19 -2.38 7.52 -4.98
N GLY A 20 -3.38 7.62 -5.85
CA GLY A 20 -3.44 8.69 -6.83
C GLY A 20 -2.96 8.19 -8.20
N LYS A 21 -2.12 7.15 -8.15
CA LYS A 21 -1.59 6.55 -9.36
C LYS A 21 -1.96 5.06 -9.41
N ASP A 22 -2.35 4.61 -10.59
CA ASP A 22 -3.12 3.38 -10.74
C ASP A 22 -2.23 2.17 -10.48
N TRP A 23 -2.86 0.99 -10.57
CA TRP A 23 -2.15 -0.25 -10.27
C TRP A 23 -2.64 -1.36 -11.21
N HIS A 24 -2.01 -2.53 -11.05
CA HIS A 24 -2.50 -3.76 -11.66
C HIS A 24 -3.21 -4.62 -10.62
N ARG A 25 -4.32 -5.22 -11.05
CA ARG A 25 -5.25 -5.87 -10.15
C ARG A 25 -4.54 -7.02 -9.39
N PRO A 26 -3.88 -7.89 -10.18
CA PRO A 26 -3.02 -8.96 -9.62
C PRO A 26 -1.90 -8.44 -8.71
N CYS A 27 -1.48 -7.22 -9.00
CA CYS A 27 -0.46 -6.56 -8.19
C CYS A 27 -1.01 -6.24 -6.80
N LEU A 28 -2.01 -5.37 -6.76
CA LEU A 28 -2.42 -4.70 -5.53
C LEU A 28 -2.94 -5.72 -4.52
N LYS A 29 -2.05 -6.16 -3.64
CA LYS A 29 -2.43 -6.92 -2.45
C LYS A 29 -1.84 -6.27 -1.20
N CYS A 30 -2.24 -6.80 -0.05
CA CYS A 30 -1.58 -6.51 1.21
C CYS A 30 -0.12 -6.97 1.15
N GLU A 31 0.58 -6.79 2.26
CA GLU A 31 1.82 -7.53 2.53
C GLU A 31 1.81 -8.05 3.97
N LYS A 32 0.62 -8.09 4.56
CA LYS A 32 0.46 -8.31 5.99
C LYS A 32 -0.51 -9.46 6.26
N CYS A 33 -1.63 -9.44 5.53
CA CYS A 33 -2.60 -10.52 5.61
C CYS A 33 -2.56 -11.38 4.35
N GLY A 34 -2.25 -10.73 3.23
CA GLY A 34 -2.13 -11.42 1.96
C GLY A 34 -3.49 -11.54 1.28
N LYS A 35 -4.05 -10.38 0.94
CA LYS A 35 -5.36 -10.33 0.30
C LYS A 35 -5.46 -9.12 -0.62
N THR A 36 -6.20 -9.31 -1.71
CA THR A 36 -6.30 -8.30 -2.75
C THR A 36 -7.10 -7.09 -2.24
N LEU A 37 -6.81 -5.93 -2.83
CA LEU A 37 -7.28 -4.66 -2.29
C LEU A 37 -8.11 -3.92 -3.34
N THR A 38 -9.19 -3.29 -2.88
CA THR A 38 -10.19 -2.73 -3.76
C THR A 38 -9.58 -1.67 -4.68
N SER A 39 -10.45 -1.03 -5.46
CA SER A 39 -10.06 0.15 -6.22
C SER A 39 -9.77 1.31 -5.29
N GLY A 40 -8.63 1.21 -4.60
CA GLY A 40 -8.13 2.32 -3.79
C GLY A 40 -8.99 2.50 -2.54
N GLY A 41 -9.07 1.43 -1.74
CA GLY A 41 -9.55 1.52 -0.38
C GLY A 41 -8.55 0.94 0.61
N HIS A 42 -7.34 0.69 0.10
CA HIS A 42 -6.25 0.21 0.93
C HIS A 42 -5.28 1.34 1.25
N ALA A 43 -4.14 0.98 1.83
CA ALA A 43 -3.05 1.92 2.01
C ALA A 43 -1.76 1.34 1.44
N GLU A 44 -0.66 2.06 1.65
CA GLU A 44 0.59 1.77 0.96
C GLU A 44 1.75 2.48 1.67
N HIS A 45 2.91 1.84 1.65
CA HIS A 45 4.03 2.27 2.48
C HIS A 45 5.17 2.77 1.60
N GLU A 46 5.55 1.95 0.63
CA GLU A 46 6.39 2.39 -0.48
C GLU A 46 6.48 1.31 -1.55
N GLY A 47 5.68 1.48 -2.60
CA GLY A 47 5.62 0.53 -3.70
C GLY A 47 5.18 -0.84 -3.20
N LYS A 48 4.67 -0.85 -1.97
CA LYS A 48 4.29 -2.09 -1.30
C LYS A 48 2.99 -1.85 -0.48
N PRO A 49 1.85 -2.02 -1.18
CA PRO A 49 0.52 -1.76 -0.58
C PRO A 49 0.20 -2.63 0.63
N TYR A 50 -0.55 -2.08 1.57
CA TYR A 50 -1.21 -2.87 2.60
C TYR A 50 -2.65 -2.39 2.79
N CYS A 51 -3.32 -3.05 3.74
CA CYS A 51 -4.65 -2.63 4.17
C CYS A 51 -4.62 -1.20 4.70
N ASN A 52 -5.78 -0.73 5.16
CA ASN A 52 -5.86 0.47 5.98
C ASN A 52 -5.93 0.07 7.46
N HIS A 53 -6.62 -1.04 7.71
CA HIS A 53 -6.55 -1.72 9.00
C HIS A 53 -6.88 -3.21 8.81
N PRO A 54 -6.71 -3.97 9.91
CA PRO A 54 -5.85 -3.51 11.05
C PRO A 54 -4.38 -3.36 10.64
N CYS A 55 -4.05 -3.88 9.45
CA CYS A 55 -2.68 -4.23 9.11
C CYS A 55 -1.77 -3.00 9.21
N TYR A 56 -2.23 -1.91 8.60
CA TYR A 56 -1.39 -0.73 8.40
C TYR A 56 -0.92 -0.18 9.74
N SER A 57 -1.84 -0.16 10.71
CA SER A 57 -1.57 0.40 12.02
C SER A 57 -0.75 -0.56 12.85
N ALA A 58 -0.75 -1.83 12.44
CA ALA A 58 -0.24 -2.91 13.26
C ALA A 58 1.29 -2.83 13.34
N MET A 59 1.91 -2.69 12.18
CA MET A 59 3.35 -2.82 12.06
C MET A 59 3.97 -1.50 11.61
N PHE A 60 3.20 -0.74 10.85
CA PHE A 60 3.71 0.45 10.17
C PHE A 60 3.07 1.70 10.74
N GLY A 61 3.75 2.31 11.69
CA GLY A 61 3.34 3.59 12.26
C GLY A 61 3.63 4.72 11.25
N PRO A 62 4.69 5.50 11.54
CA PRO A 62 5.05 6.71 10.77
C PRO A 62 5.37 6.42 9.31
N LYS A 63 6.65 6.11 9.06
CA LYS A 63 7.16 5.99 7.72
C LYS A 63 8.66 5.67 7.75
N GLY A 64 9.22 5.47 6.57
CA GLY A 64 10.67 5.40 6.40
C GLY A 64 11.21 4.13 7.05
N PHE A 65 12.48 3.85 6.78
CA PHE A 65 13.21 2.82 7.49
C PHE A 65 12.72 1.44 7.05
N GLY A 66 13.59 0.72 6.35
CA GLY A 66 13.37 -0.68 6.05
C GLY A 66 14.19 -1.57 6.99
N ARG A 67 15.22 -0.97 7.57
CA ARG A 67 15.99 -1.60 8.64
C ARG A 67 17.02 -0.64 9.20
N GLY A 68 16.77 -0.18 10.42
CA GLY A 68 17.65 0.77 11.08
C GLY A 68 17.48 0.71 12.59
N GLY A 69 18.60 0.73 13.30
CA GLY A 69 18.62 0.87 14.74
C GLY A 69 20.04 0.89 15.27
N ALA A 70 20.65 2.08 15.23
CA ALA A 70 21.93 2.31 15.87
C ALA A 70 21.93 3.66 16.59
N GLU A 71 20.73 4.21 16.75
CA GLU A 71 20.54 5.59 17.18
C GLU A 71 21.23 6.55 16.20
N SER A 72 21.11 7.84 16.50
CA SER A 72 21.50 8.89 15.57
C SER A 72 22.97 9.24 15.75
N HIS A 73 23.63 9.48 14.61
CA HIS A 73 24.98 10.04 14.63
C HIS A 73 25.20 10.89 13.38
N THR A 74 26.18 11.78 13.47
CA THR A 74 26.39 12.81 12.47
C THR A 74 26.75 12.19 11.13
N PHE A 75 27.38 11.01 11.20
CA PHE A 75 27.97 10.39 10.02
C PHE A 75 27.21 9.11 9.65
N LYS A 76 25.94 9.08 10.06
CA LYS A 76 25.02 8.04 9.61
C LYS A 76 23.66 8.64 9.27
ZN ZN B . 1.73 -3.70 -11.31
ZN ZN C . -3.96 -6.70 5.27
N PRO A 1 0.91 7.19 -14.97
CA PRO A 1 -0.03 6.22 -15.59
C PRO A 1 0.49 4.78 -15.56
N LYS A 2 1.25 4.48 -14.51
CA LYS A 2 2.03 3.24 -14.44
C LYS A 2 2.13 2.76 -13.00
N CYS A 3 2.55 1.50 -12.84
CA CYS A 3 2.34 0.80 -11.58
C CYS A 3 3.42 1.24 -10.57
N PRO A 4 2.95 1.49 -9.32
CA PRO A 4 3.83 1.65 -8.13
C PRO A 4 4.51 0.36 -7.70
N LYS A 5 3.87 -0.76 -8.03
CA LYS A 5 4.23 -2.06 -7.46
C LYS A 5 5.34 -2.70 -8.28
N CYS A 6 5.01 -3.05 -9.52
CA CYS A 6 5.82 -3.96 -10.30
C CYS A 6 6.75 -3.19 -11.24
N ASP A 7 6.34 -1.97 -11.58
CA ASP A 7 6.92 -1.24 -12.70
C ASP A 7 6.47 -1.84 -14.02
N LYS A 8 5.19 -1.67 -14.32
CA LYS A 8 4.67 -1.85 -15.68
C LYS A 8 3.84 -0.64 -16.08
N GLU A 9 3.12 -0.79 -17.19
CA GLU A 9 1.98 0.08 -17.49
C GLU A 9 0.67 -0.69 -17.28
N VAL A 10 -0.35 0.06 -16.87
CA VAL A 10 -1.56 -0.58 -16.34
C VAL A 10 -2.69 -0.45 -17.34
N TYR A 11 -3.10 -1.60 -17.89
CA TYR A 11 -4.22 -1.65 -18.81
C TYR A 11 -5.52 -1.32 -18.08
N PHE A 12 -6.54 -0.95 -18.85
CA PHE A 12 -7.74 -0.35 -18.28
C PHE A 12 -8.43 -1.34 -17.34
N ALA A 13 -9.11 -2.33 -17.93
CA ALA A 13 -10.11 -3.10 -17.16
C ALA A 13 -9.44 -3.98 -16.12
N GLU A 14 -8.11 -3.92 -16.08
CA GLU A 14 -7.33 -4.66 -15.11
C GLU A 14 -6.79 -3.71 -14.03
N ARG A 15 -7.38 -2.52 -13.98
CA ARG A 15 -6.81 -1.40 -13.23
C ARG A 15 -7.37 -1.38 -11.81
N VAL A 16 -6.61 -0.74 -10.91
CA VAL A 16 -7.16 -0.26 -9.64
C VAL A 16 -6.43 1.01 -9.23
N THR A 17 -7.21 2.07 -9.03
CA THR A 17 -6.67 3.42 -8.89
C THR A 17 -6.62 3.83 -7.42
N SER A 18 -5.50 4.41 -7.04
CA SER A 18 -5.16 4.60 -5.62
C SER A 18 -3.84 5.35 -5.49
N LEU A 19 -3.86 6.39 -4.66
CA LEU A 19 -2.72 7.27 -4.49
C LEU A 19 -2.35 7.93 -5.81
N GLY A 20 -3.38 8.27 -6.58
CA GLY A 20 -3.24 9.17 -7.72
C GLY A 20 -2.26 8.60 -8.74
N LYS A 21 -2.01 7.29 -8.62
CA LYS A 21 -1.32 6.55 -9.66
C LYS A 21 -1.76 5.08 -9.66
N ASP A 22 -2.26 4.64 -10.80
CA ASP A 22 -3.06 3.43 -10.88
C ASP A 22 -2.23 2.21 -10.47
N TRP A 23 -2.90 1.06 -10.53
CA TRP A 23 -2.26 -0.20 -10.13
C TRP A 23 -2.77 -1.35 -11.01
N HIS A 24 -2.09 -2.49 -10.87
CA HIS A 24 -2.55 -3.73 -11.45
C HIS A 24 -3.39 -4.52 -10.44
N ARG A 25 -4.42 -5.19 -10.97
CA ARG A 25 -5.43 -5.80 -10.14
C ARG A 25 -4.80 -6.87 -9.22
N PRO A 26 -3.98 -7.74 -9.84
CA PRO A 26 -3.16 -8.74 -9.10
C PRO A 26 -2.20 -8.10 -8.10
N CYS A 27 -1.71 -6.92 -8.46
CA CYS A 27 -0.64 -6.26 -7.72
C CYS A 27 -1.16 -5.79 -6.36
N LEU A 28 -2.21 -4.99 -6.41
CA LEU A 28 -2.66 -4.21 -5.25
C LEU A 28 -3.05 -5.16 -4.11
N LYS A 29 -2.05 -5.52 -3.31
CA LYS A 29 -2.20 -6.54 -2.30
C LYS A 29 -1.72 -6.04 -0.94
N CYS A 30 -2.28 -6.61 0.12
CA CYS A 30 -1.70 -6.48 1.45
C CYS A 30 -0.34 -7.16 1.52
N GLU A 31 0.34 -6.95 2.64
CA GLU A 31 1.59 -7.64 2.92
C GLU A 31 1.48 -8.42 4.23
N LYS A 32 0.53 -7.99 5.06
CA LYS A 32 0.45 -8.43 6.44
C LYS A 32 -0.49 -9.62 6.58
N CYS A 33 -1.59 -9.54 5.82
CA CYS A 33 -2.54 -10.65 5.75
C CYS A 33 -2.43 -11.38 4.42
N GLY A 34 -2.30 -10.59 3.35
CA GLY A 34 -2.09 -11.15 2.02
C GLY A 34 -3.42 -11.48 1.36
N LYS A 35 -4.26 -10.47 1.24
CA LYS A 35 -5.45 -10.56 0.41
C LYS A 35 -5.55 -9.34 -0.51
N THR A 36 -5.95 -9.60 -1.75
CA THR A 36 -6.02 -8.55 -2.77
C THR A 36 -7.04 -7.49 -2.36
N LEU A 37 -6.88 -6.30 -2.92
CA LEU A 37 -7.56 -5.11 -2.44
C LEU A 37 -8.46 -4.52 -3.53
N THR A 38 -9.66 -4.13 -3.11
CA THR A 38 -10.65 -3.58 -4.03
C THR A 38 -10.18 -2.22 -4.55
N SER A 39 -10.90 -1.72 -5.56
CA SER A 39 -10.53 -0.50 -6.23
C SER A 39 -10.73 0.70 -5.31
N GLY A 40 -9.80 0.86 -4.37
CA GLY A 40 -9.73 2.07 -3.56
C GLY A 40 -10.52 1.88 -2.27
N GLY A 41 -10.13 0.85 -1.51
CA GLY A 41 -10.56 0.68 -0.14
C GLY A 41 -9.42 0.22 0.76
N HIS A 42 -8.21 0.27 0.20
CA HIS A 42 -7.03 -0.20 0.93
C HIS A 42 -6.23 0.99 1.45
N ALA A 43 -5.03 0.70 1.95
CA ALA A 43 -4.03 1.73 2.20
C ALA A 43 -2.67 1.29 1.63
N GLU A 44 -1.64 2.07 1.95
CA GLU A 44 -0.32 1.86 1.36
C GLU A 44 0.70 2.75 2.07
N HIS A 45 1.95 2.33 2.02
CA HIS A 45 3.08 3.22 2.25
C HIS A 45 3.79 3.52 0.93
N GLU A 46 4.96 4.14 1.04
CA GLU A 46 5.73 4.54 -0.14
C GLU A 46 6.13 3.32 -0.96
N GLY A 47 5.19 2.85 -1.77
CA GLY A 47 5.51 1.84 -2.79
C GLY A 47 4.61 0.63 -2.62
N LYS A 48 4.27 0.33 -1.38
CA LYS A 48 3.69 -0.96 -1.02
C LYS A 48 2.35 -0.75 -0.28
N PRO A 49 1.26 -1.10 -0.99
CA PRO A 49 -0.11 -1.10 -0.42
C PRO A 49 -0.28 -2.10 0.72
N TYR A 50 -1.15 -1.75 1.66
CA TYR A 50 -1.66 -2.70 2.64
C TYR A 50 -3.18 -2.52 2.81
N CYS A 51 -3.70 -3.17 3.85
CA CYS A 51 -5.01 -2.88 4.38
C CYS A 51 -5.11 -1.41 4.81
N ASN A 52 -6.19 -1.09 5.50
CA ASN A 52 -6.28 0.13 6.29
C ASN A 52 -6.04 -0.17 7.76
N HIS A 53 -6.55 -1.31 8.21
CA HIS A 53 -6.19 -1.88 9.50
C HIS A 53 -6.48 -3.39 9.50
N PRO A 54 -6.03 -4.05 10.59
CA PRO A 54 -4.99 -3.47 11.48
C PRO A 54 -3.65 -3.28 10.77
N CYS A 55 -3.54 -3.87 9.59
CA CYS A 55 -2.24 -4.19 8.98
C CYS A 55 -1.40 -2.92 8.84
N TYR A 56 -2.06 -1.85 8.43
CA TYR A 56 -1.37 -0.61 8.08
C TYR A 56 -0.63 -0.06 9.30
N SER A 57 -1.19 -0.35 10.46
CA SER A 57 -0.56 0.03 11.73
C SER A 57 -0.02 -1.20 12.44
N ALA A 58 0.26 -2.24 11.65
CA ALA A 58 0.69 -3.51 12.21
C ALA A 58 2.20 -3.68 12.03
N MET A 59 2.63 -3.75 10.78
CA MET A 59 3.97 -4.20 10.44
C MET A 59 4.95 -3.04 10.51
N PHE A 60 4.41 -1.83 10.46
CA PHE A 60 5.22 -0.63 10.24
C PHE A 60 6.23 -0.47 11.37
N GLY A 61 7.44 -0.97 11.13
CA GLY A 61 8.56 -0.76 12.03
C GLY A 61 9.86 -1.23 11.36
N PRO A 62 10.06 -0.79 10.10
CA PRO A 62 11.16 -1.28 9.24
C PRO A 62 12.56 -1.00 9.81
N LYS A 63 13.07 0.19 9.48
CA LYS A 63 14.47 0.51 9.72
C LYS A 63 15.37 -0.39 8.87
N GLY A 64 15.62 0.06 7.65
CA GLY A 64 16.29 -0.77 6.65
C GLY A 64 16.32 -0.05 5.30
N PHE A 65 17.53 0.29 4.87
CA PHE A 65 17.75 0.77 3.52
C PHE A 65 19.21 1.19 3.34
N GLY A 66 19.64 1.23 2.07
CA GLY A 66 20.93 1.80 1.71
C GLY A 66 20.99 3.27 2.11
N ARG A 67 22.21 3.74 2.36
CA ARG A 67 22.42 5.05 2.96
C ARG A 67 23.03 6.00 1.93
N GLY A 68 22.64 5.80 0.67
CA GLY A 68 23.14 6.61 -0.43
C GLY A 68 22.57 8.02 -0.34
N GLY A 69 21.39 8.13 0.27
CA GLY A 69 20.82 9.42 0.61
C GLY A 69 19.40 9.55 0.04
N ALA A 70 18.93 10.78 -0.03
CA ALA A 70 17.70 11.09 -0.74
C ALA A 70 17.54 12.60 -0.90
N GLU A 71 18.00 13.10 -2.04
CA GLU A 71 17.71 14.47 -2.44
C GLU A 71 17.70 14.59 -3.97
N SER A 72 16.52 14.34 -4.54
CA SER A 72 16.35 14.36 -5.98
C SER A 72 17.22 13.29 -6.63
N HIS A 73 17.00 13.09 -7.93
CA HIS A 73 17.77 12.13 -8.70
C HIS A 73 17.27 12.08 -10.14
N THR A 74 18.05 11.42 -10.99
CA THR A 74 17.63 11.10 -12.34
C THR A 74 18.73 10.38 -13.10
N PHE A 75 18.71 9.05 -13.02
CA PHE A 75 19.56 8.21 -13.85
C PHE A 75 19.34 6.74 -13.51
N LYS A 76 18.34 6.16 -14.16
CA LYS A 76 17.86 4.82 -13.80
C LYS A 76 17.47 4.05 -15.06
ZN ZN B . 1.77 -3.93 -11.09
ZN ZN C . -4.09 -6.91 5.55
N PRO A 1 -0.21 5.92 -14.48
CA PRO A 1 0.99 5.72 -15.33
C PRO A 1 1.40 4.26 -15.47
N LYS A 2 2.19 3.79 -14.52
CA LYS A 2 2.64 2.41 -14.49
C LYS A 2 2.60 1.86 -13.06
N CYS A 3 2.74 0.55 -12.94
CA CYS A 3 2.37 -0.15 -11.71
C CYS A 3 3.46 0.06 -10.65
N PRO A 4 3.02 0.46 -9.43
CA PRO A 4 3.88 0.48 -8.23
C PRO A 4 4.27 -0.91 -7.73
N LYS A 5 3.57 -1.92 -8.24
CA LYS A 5 3.66 -3.27 -7.71
C LYS A 5 4.67 -4.09 -8.54
N CYS A 6 4.26 -4.44 -9.75
CA CYS A 6 4.91 -5.49 -10.51
C CYS A 6 6.01 -4.91 -11.40
N ASP A 7 5.87 -3.62 -11.70
CA ASP A 7 6.66 -2.97 -12.73
C ASP A 7 6.17 -3.39 -14.13
N LYS A 8 4.89 -3.19 -14.37
CA LYS A 8 4.38 -3.03 -15.73
C LYS A 8 3.61 -1.72 -15.84
N GLU A 9 3.14 -1.43 -17.07
CA GLU A 9 2.25 -0.30 -17.27
C GLU A 9 0.80 -0.79 -17.27
N VAL A 10 -0.10 0.11 -16.86
CA VAL A 10 -1.45 -0.30 -16.46
C VAL A 10 -2.47 0.25 -17.45
N TYR A 11 -3.06 -0.67 -18.21
CA TYR A 11 -3.96 -0.32 -19.30
C TYR A 11 -5.32 0.09 -18.74
N PHE A 12 -6.30 0.19 -19.64
CA PHE A 12 -7.55 0.86 -19.33
C PHE A 12 -8.27 0.14 -18.20
N ALA A 13 -9.01 -0.91 -18.57
CA ALA A 13 -10.03 -1.46 -17.64
C ALA A 13 -9.40 -2.29 -16.55
N GLU A 14 -8.14 -2.66 -16.76
CA GLU A 14 -7.37 -3.37 -15.74
C GLU A 14 -6.52 -2.38 -14.95
N ARG A 15 -7.13 -1.24 -14.64
CA ARG A 15 -6.54 -0.27 -13.73
C ARG A 15 -7.37 -0.17 -12.45
N VAL A 16 -6.65 -0.03 -11.32
CA VAL A 16 -7.25 0.51 -10.11
C VAL A 16 -6.34 1.58 -9.52
N THR A 17 -6.95 2.70 -9.14
CA THR A 17 -6.21 3.90 -8.78
C THR A 17 -6.15 4.07 -7.27
N SER A 18 -4.98 4.48 -6.79
CA SER A 18 -4.67 4.41 -5.36
C SER A 18 -3.29 5.00 -5.10
N LEU A 19 -3.26 6.00 -4.23
CA LEU A 19 -2.07 6.79 -3.99
C LEU A 19 -1.63 7.49 -5.28
N GLY A 20 -2.62 7.83 -6.11
CA GLY A 20 -2.42 8.78 -7.19
C GLY A 20 -1.43 8.23 -8.22
N LYS A 21 -1.22 6.93 -8.17
CA LYS A 21 -0.58 6.21 -9.26
C LYS A 21 -1.19 4.81 -9.40
N ASP A 22 -1.65 4.51 -10.60
CA ASP A 22 -2.61 3.42 -10.81
C ASP A 22 -1.96 2.07 -10.52
N TRP A 23 -2.77 1.02 -10.69
CA TRP A 23 -2.32 -0.33 -10.38
C TRP A 23 -3.00 -1.34 -11.32
N HIS A 24 -2.58 -2.59 -11.17
CA HIS A 24 -3.23 -3.70 -11.86
C HIS A 24 -4.26 -4.36 -10.95
N ARG A 25 -5.31 -4.92 -11.57
CA ARG A 25 -6.49 -5.34 -10.86
C ARG A 25 -6.13 -6.43 -9.83
N PRO A 26 -5.38 -7.45 -10.31
CA PRO A 26 -4.86 -8.54 -9.45
C PRO A 26 -3.84 -8.08 -8.43
N CYS A 27 -3.01 -7.11 -8.83
CA CYS A 27 -1.80 -6.77 -8.12
C CYS A 27 -2.14 -6.30 -6.69
N LEU A 28 -3.12 -5.41 -6.61
CA LEU A 28 -3.29 -4.54 -5.45
C LEU A 28 -3.50 -5.39 -4.19
N LYS A 29 -2.40 -5.68 -3.51
CA LYS A 29 -2.40 -6.62 -2.39
C LYS A 29 -1.66 -6.03 -1.19
N CYS A 30 -1.87 -6.65 -0.04
CA CYS A 30 -1.12 -6.33 1.16
C CYS A 30 0.37 -6.59 0.95
N GLU A 31 1.15 -6.31 1.99
CA GLU A 31 2.52 -6.82 2.10
C GLU A 31 2.83 -7.15 3.55
N LYS A 32 1.77 -7.37 4.33
CA LYS A 32 1.89 -7.50 5.77
C LYS A 32 1.19 -8.77 6.25
N CYS A 33 0.07 -9.09 5.62
CA CYS A 33 -0.54 -10.41 5.75
C CYS A 33 -0.34 -11.22 4.46
N GLY A 34 -0.65 -10.59 3.34
CA GLY A 34 -0.73 -11.28 2.06
C GLY A 34 -2.17 -11.59 1.71
N LYS A 35 -2.97 -10.52 1.63
CA LYS A 35 -4.38 -10.65 1.30
C LYS A 35 -4.78 -9.59 0.26
N THR A 36 -5.64 -10.02 -0.66
CA THR A 36 -5.96 -9.22 -1.83
C THR A 36 -6.88 -8.05 -1.45
N LEU A 37 -6.79 -6.98 -2.23
CA LEU A 37 -7.40 -5.71 -1.86
C LEU A 37 -8.46 -5.32 -2.89
N THR A 38 -9.34 -4.42 -2.48
CA THR A 38 -10.56 -4.13 -3.22
C THR A 38 -10.42 -2.81 -3.98
N SER A 39 -11.52 -2.41 -4.61
CA SER A 39 -11.49 -1.32 -5.58
C SER A 39 -11.02 -0.03 -4.92
N GLY A 40 -11.10 -0.01 -3.59
CA GLY A 40 -10.49 1.05 -2.81
C GLY A 40 -11.01 1.02 -1.37
N GLY A 41 -10.63 -0.04 -0.65
CA GLY A 41 -10.81 -0.10 0.79
C GLY A 41 -9.51 -0.51 1.49
N HIS A 42 -8.43 -0.52 0.73
CA HIS A 42 -7.11 -0.82 1.26
C HIS A 42 -6.40 0.47 1.67
N ALA A 43 -5.11 0.33 1.98
CA ALA A 43 -4.23 1.48 2.14
C ALA A 43 -2.95 1.27 1.35
N GLU A 44 -1.97 2.15 1.60
CA GLU A 44 -0.60 1.94 1.14
C GLU A 44 0.35 2.91 1.84
N HIS A 45 1.63 2.55 1.81
CA HIS A 45 2.65 3.34 2.49
C HIS A 45 3.83 3.58 1.55
N GLU A 46 3.60 4.44 0.56
CA GLU A 46 4.60 4.79 -0.43
C GLU A 46 5.09 3.54 -1.17
N GLY A 47 4.37 3.20 -2.24
CA GLY A 47 4.86 2.25 -3.22
C GLY A 47 4.30 0.86 -2.96
N LYS A 48 3.86 0.65 -1.71
CA LYS A 48 3.54 -0.68 -1.22
C LYS A 48 2.17 -0.65 -0.50
N PRO A 49 1.12 -1.02 -1.27
CA PRO A 49 -0.26 -1.14 -0.71
C PRO A 49 -0.37 -2.14 0.43
N TYR A 50 -1.20 -1.79 1.41
CA TYR A 50 -1.47 -2.68 2.54
C TYR A 50 -2.97 -2.70 2.83
N CYS A 51 -3.31 -3.45 3.89
CA CYS A 51 -4.64 -3.39 4.49
C CYS A 51 -4.96 -1.98 4.95
N ASN A 52 -6.14 -1.84 5.55
CA ASN A 52 -6.45 -0.69 6.41
C ASN A 52 -6.22 -1.06 7.87
N HIS A 53 -6.38 -2.35 8.16
CA HIS A 53 -6.05 -2.91 9.45
C HIS A 53 -6.11 -4.46 9.38
N PRO A 54 -5.55 -5.09 10.44
CA PRO A 54 -4.71 -4.38 11.43
C PRO A 54 -3.36 -3.91 10.89
N CYS A 55 -3.07 -4.32 9.66
CA CYS A 55 -1.72 -4.29 9.13
C CYS A 55 -1.19 -2.85 9.12
N TYR A 56 -1.99 -1.95 8.57
CA TYR A 56 -1.57 -0.58 8.32
C TYR A 56 -1.19 0.11 9.62
N SER A 57 -1.95 -0.19 10.67
CA SER A 57 -1.60 0.21 12.03
C SER A 57 -1.10 -0.99 12.83
N ALA A 58 -0.44 -1.91 12.12
CA ALA A 58 0.27 -3.00 12.77
C ALA A 58 1.61 -2.50 13.30
N MET A 59 2.49 -2.13 12.38
CA MET A 59 3.89 -1.85 12.70
C MET A 59 4.16 -0.36 12.60
N PHE A 60 3.40 0.31 11.73
CA PHE A 60 3.67 1.68 11.35
C PHE A 60 3.20 2.63 12.45
N GLY A 61 4.07 2.85 13.43
CA GLY A 61 3.72 3.57 14.64
C GLY A 61 4.51 3.01 15.84
N PRO A 62 5.85 3.21 15.78
CA PRO A 62 6.79 2.61 16.75
C PRO A 62 6.44 2.91 18.20
N LYS A 63 5.83 1.92 18.85
CA LYS A 63 5.25 2.11 20.17
C LYS A 63 4.59 0.83 20.66
N GLY A 64 4.00 0.11 19.72
CA GLY A 64 3.14 -1.04 20.04
C GLY A 64 3.96 -2.13 20.72
N PHE A 65 4.47 -3.04 19.91
CA PHE A 65 5.44 -4.03 20.38
C PHE A 65 6.76 -3.35 20.74
N GLY A 66 7.20 -3.57 21.98
CA GLY A 66 8.52 -3.17 22.42
C GLY A 66 9.32 -4.39 22.87
N ARG A 67 10.15 -4.90 21.97
CA ARG A 67 11.14 -5.92 22.31
C ARG A 67 12.52 -5.30 22.43
N GLY A 68 12.99 -4.72 21.33
CA GLY A 68 14.28 -4.06 21.29
C GLY A 68 14.59 -3.57 19.87
N GLY A 69 14.93 -2.29 19.78
CA GLY A 69 15.22 -1.67 18.50
C GLY A 69 16.14 -0.46 18.69
N ALA A 70 16.59 0.09 17.56
CA ALA A 70 17.29 1.37 17.56
C ALA A 70 16.48 2.42 16.81
N GLU A 71 16.24 2.13 15.53
CA GLU A 71 15.69 3.12 14.62
C GLU A 71 14.40 2.60 13.99
N SER A 72 14.58 1.68 13.05
CA SER A 72 13.45 0.91 12.51
C SER A 72 13.74 -0.59 12.61
N HIS A 73 14.61 -1.06 11.72
CA HIS A 73 15.15 -2.41 11.83
C HIS A 73 16.51 -2.49 11.12
N THR A 74 16.44 -2.62 9.80
CA THR A 74 17.63 -2.51 8.96
C THR A 74 17.23 -2.31 7.50
N PHE A 75 17.01 -3.43 6.81
CA PHE A 75 16.43 -3.42 5.48
C PHE A 75 15.10 -4.17 5.48
N LYS A 76 15.12 -5.32 6.15
CA LYS A 76 13.94 -6.18 6.20
C LYS A 76 13.67 -6.62 7.64
ZN ZN B . 0.96 -4.71 -11.41
ZN ZN C . -2.83 -7.14 5.51
N PRO A 1 0.29 7.09 -15.58
CA PRO A 1 0.21 6.73 -14.14
C PRO A 1 1.19 5.61 -13.73
N LYS A 2 0.99 4.45 -14.35
CA LYS A 2 1.95 3.36 -14.24
C LYS A 2 2.03 2.88 -12.79
N CYS A 3 2.47 1.64 -12.62
CA CYS A 3 2.24 0.91 -11.36
C CYS A 3 3.29 1.35 -10.32
N PRO A 4 2.80 1.66 -9.11
CA PRO A 4 3.64 1.83 -7.91
C PRO A 4 4.28 0.53 -7.42
N LYS A 5 3.69 -0.59 -7.84
CA LYS A 5 3.96 -1.88 -7.24
C LYS A 5 5.07 -2.59 -8.01
N CYS A 6 4.75 -3.02 -9.22
CA CYS A 6 5.58 -3.97 -9.95
C CYS A 6 6.60 -3.24 -10.82
N ASP A 7 6.26 -2.00 -11.16
CA ASP A 7 6.97 -1.25 -12.19
C ASP A 7 6.62 -1.79 -13.58
N LYS A 8 5.33 -1.77 -13.89
CA LYS A 8 4.86 -1.80 -15.28
C LYS A 8 4.10 -0.51 -15.60
N GLU A 9 3.43 -0.51 -16.75
CA GLU A 9 2.34 0.43 -17.01
C GLU A 9 1.01 -0.32 -17.02
N VAL A 10 -0.05 0.41 -16.66
CA VAL A 10 -1.31 -0.24 -16.28
C VAL A 10 -2.35 -0.03 -17.38
N TYR A 11 -2.65 -1.13 -18.05
CA TYR A 11 -3.62 -1.10 -19.15
C TYR A 11 -5.04 -0.98 -18.60
N PHE A 12 -6.01 -0.90 -19.50
CA PHE A 12 -7.36 -0.47 -19.14
C PHE A 12 -7.96 -1.41 -18.11
N ALA A 13 -8.57 -2.50 -18.59
CA ALA A 13 -9.56 -3.21 -17.78
C ALA A 13 -8.93 -3.92 -16.60
N GLU A 14 -7.60 -3.90 -16.56
CA GLU A 14 -6.85 -4.59 -15.53
C GLU A 14 -6.53 -3.64 -14.37
N ARG A 15 -7.26 -2.54 -14.33
CA ARG A 15 -6.86 -1.39 -13.51
C ARG A 15 -7.34 -1.56 -12.08
N VAL A 16 -6.63 -0.92 -11.16
CA VAL A 16 -7.16 -0.63 -9.82
C VAL A 16 -6.58 0.67 -9.29
N THR A 17 -7.47 1.61 -8.98
CA THR A 17 -7.11 3.00 -8.79
C THR A 17 -7.04 3.34 -7.30
N SER A 18 -5.98 4.06 -6.93
CA SER A 18 -5.61 4.22 -5.53
C SER A 18 -4.39 5.12 -5.41
N LEU A 19 -4.49 6.08 -4.50
CA LEU A 19 -3.44 7.07 -4.30
C LEU A 19 -3.20 7.87 -5.57
N GLY A 20 -4.28 8.11 -6.31
CA GLY A 20 -4.28 9.07 -7.40
C GLY A 20 -3.25 8.67 -8.46
N LYS A 21 -2.85 7.41 -8.43
CA LYS A 21 -2.11 6.80 -9.52
C LYS A 21 -2.40 5.31 -9.58
N ASP A 22 -2.85 4.85 -10.76
CA ASP A 22 -3.52 3.58 -10.90
C ASP A 22 -2.56 2.44 -10.52
N TRP A 23 -3.11 1.21 -10.63
CA TRP A 23 -2.33 0.02 -10.32
C TRP A 23 -2.76 -1.13 -11.25
N HIS A 24 -2.23 -2.31 -10.93
CA HIS A 24 -2.69 -3.54 -11.54
C HIS A 24 -3.59 -4.32 -10.59
N ARG A 25 -4.54 -5.05 -11.17
CA ARG A 25 -5.56 -5.75 -10.40
C ARG A 25 -4.90 -6.85 -9.55
N PRO A 26 -4.07 -7.67 -10.22
CA PRO A 26 -3.26 -8.72 -9.55
C PRO A 26 -2.33 -8.16 -8.48
N CYS A 27 -2.01 -6.88 -8.59
CA CYS A 27 -1.00 -6.25 -7.77
C CYS A 27 -1.58 -5.82 -6.43
N LEU A 28 -2.61 -4.98 -6.52
CA LEU A 28 -3.10 -4.24 -5.35
C LEU A 28 -3.58 -5.21 -4.28
N LYS A 29 -2.67 -5.52 -3.35
CA LYS A 29 -2.94 -6.51 -2.32
C LYS A 29 -2.19 -6.16 -1.04
N CYS A 30 -2.75 -6.57 0.09
CA CYS A 30 -2.01 -6.66 1.34
C CYS A 30 -0.95 -7.76 1.24
N GLU A 31 0.25 -7.44 1.73
CA GLU A 31 1.27 -8.45 1.95
C GLU A 31 1.58 -8.56 3.44
N LYS A 32 0.54 -8.36 4.25
CA LYS A 32 0.59 -8.68 5.67
C LYS A 32 -0.36 -9.83 5.99
N CYS A 33 -1.59 -9.71 5.47
CA CYS A 33 -2.61 -10.72 5.69
C CYS A 33 -2.87 -11.51 4.42
N GLY A 34 -2.47 -10.94 3.29
CA GLY A 34 -2.44 -11.66 2.02
C GLY A 34 -3.81 -11.61 1.36
N LYS A 35 -4.35 -10.39 1.23
CA LYS A 35 -5.68 -10.21 0.69
C LYS A 35 -5.66 -9.18 -0.43
N THR A 36 -6.23 -9.57 -1.57
CA THR A 36 -6.51 -8.63 -2.65
C THR A 36 -7.47 -7.54 -2.18
N LEU A 37 -7.19 -6.31 -2.60
CA LEU A 37 -7.83 -5.13 -2.02
C LEU A 37 -8.89 -4.58 -2.96
N THR A 38 -9.71 -3.68 -2.42
CA THR A 38 -10.93 -3.26 -3.10
C THR A 38 -10.67 -1.98 -3.90
N SER A 39 -11.75 -1.40 -4.43
CA SER A 39 -11.65 -0.35 -5.42
C SER A 39 -10.91 0.86 -4.84
N GLY A 40 -10.83 0.90 -3.51
CA GLY A 40 -9.97 1.85 -2.82
C GLY A 40 -10.41 2.01 -1.37
N GLY A 41 -10.30 0.92 -0.61
CA GLY A 41 -10.39 0.99 0.84
C GLY A 41 -9.12 0.47 1.51
N HIS A 42 -8.09 0.26 0.69
CA HIS A 42 -6.80 -0.19 1.18
C HIS A 42 -5.88 1.01 1.43
N ALA A 43 -4.61 0.70 1.67
CA ALA A 43 -3.56 1.71 1.69
C ALA A 43 -2.31 1.19 0.98
N GLU A 44 -1.21 1.89 1.21
CA GLU A 44 0.09 1.47 0.71
C GLU A 44 1.21 2.14 1.50
N HIS A 45 2.33 1.43 1.64
CA HIS A 45 3.36 1.79 2.60
C HIS A 45 4.72 1.86 1.89
N GLU A 46 4.86 2.89 1.04
CA GLU A 46 6.07 3.08 0.27
C GLU A 46 6.35 1.87 -0.62
N GLY A 47 5.81 1.90 -1.82
CA GLY A 47 6.24 0.99 -2.88
C GLY A 47 5.19 -0.10 -3.11
N LYS A 48 4.48 -0.42 -2.03
CA LYS A 48 3.55 -1.53 -2.04
C LYS A 48 2.29 -1.15 -1.22
N PRO A 49 1.11 -1.53 -1.77
CA PRO A 49 -0.17 -1.47 -1.03
C PRO A 49 -0.22 -2.40 0.18
N TYR A 50 -0.99 -2.00 1.19
CA TYR A 50 -1.44 -2.92 2.24
C TYR A 50 -2.88 -2.61 2.62
N CYS A 51 -3.28 -3.17 3.76
CA CYS A 51 -4.52 -2.80 4.43
C CYS A 51 -4.53 -1.30 4.74
N ASN A 52 -5.60 -0.87 5.40
CA ASN A 52 -5.59 0.37 6.17
C ASN A 52 -5.41 0.06 7.65
N HIS A 53 -5.83 -1.14 8.02
CA HIS A 53 -5.60 -1.68 9.36
C HIS A 53 -6.01 -3.17 9.39
N PRO A 54 -5.56 -3.85 10.48
CA PRO A 54 -4.55 -3.29 11.40
C PRO A 54 -3.14 -3.24 10.80
N CYS A 55 -3.00 -3.82 9.61
CA CYS A 55 -1.69 -4.23 9.09
C CYS A 55 -0.79 -3.01 8.95
N TYR A 56 -1.39 -1.87 8.65
CA TYR A 56 -0.65 -0.66 8.33
C TYR A 56 -0.11 -0.02 9.60
N SER A 57 -0.90 -0.11 10.66
CA SER A 57 -0.44 0.25 12.00
C SER A 57 0.08 -0.97 12.73
N ALA A 58 0.50 -1.96 11.95
CA ALA A 58 1.04 -3.19 12.50
C ALA A 58 2.51 -3.01 12.88
N MET A 59 3.28 -2.55 11.90
CA MET A 59 4.73 -2.44 12.03
C MET A 59 5.14 -0.97 12.15
N PHE A 60 4.25 -0.09 11.74
CA PHE A 60 4.60 1.30 11.46
C PHE A 60 3.60 2.24 12.13
N GLY A 61 3.69 3.51 11.77
CA GLY A 61 2.89 4.55 12.38
C GLY A 61 3.39 4.82 13.81
N PRO A 62 4.71 5.06 13.92
CA PRO A 62 5.33 5.61 15.16
C PRO A 62 4.80 6.98 15.55
N LYS A 63 3.55 7.00 16.03
CA LYS A 63 2.80 8.24 16.19
C LYS A 63 3.07 8.82 17.58
N GLY A 64 3.55 7.97 18.48
CA GLY A 64 3.64 8.32 19.89
C GLY A 64 4.87 9.17 20.15
N PHE A 65 4.88 10.36 19.55
CA PHE A 65 5.87 11.38 19.88
C PHE A 65 5.74 12.56 18.92
N GLY A 66 6.41 13.65 19.28
CA GLY A 66 6.24 14.93 18.59
C GLY A 66 7.53 15.74 18.66
N ARG A 67 7.99 15.99 19.88
CA ARG A 67 9.07 16.92 20.13
C ARG A 67 10.30 16.18 20.64
N GLY A 68 11.11 15.71 19.69
CA GLY A 68 12.34 14.99 20.00
C GLY A 68 13.23 14.86 18.77
N GLY A 69 14.46 15.33 18.90
CA GLY A 69 15.48 15.09 17.90
C GLY A 69 16.14 16.40 17.49
N ALA A 70 17.01 16.90 18.37
CA ALA A 70 17.66 18.18 18.16
C ALA A 70 19.04 17.98 17.53
N GLU A 71 19.74 16.94 18.00
CA GLU A 71 21.15 16.76 17.68
C GLU A 71 21.33 16.55 16.18
N SER A 72 22.17 17.38 15.58
CA SER A 72 22.63 17.18 14.22
C SER A 72 24.07 17.63 14.06
N HIS A 73 24.88 16.78 13.45
CA HIS A 73 26.32 16.96 13.41
C HIS A 73 26.72 17.85 12.23
N THR A 74 27.68 18.72 12.48
CA THR A 74 28.32 19.48 11.41
C THR A 74 29.21 18.58 10.57
N PHE A 75 30.13 17.90 11.24
CA PHE A 75 30.90 16.83 10.61
C PHE A 75 31.61 15.99 11.67
N LYS A 76 32.08 16.67 12.71
CA LYS A 76 32.58 15.99 13.91
C LYS A 76 33.77 15.11 13.56
ZN ZN B . 1.59 -3.80 -10.94
ZN ZN C . -3.79 -6.83 5.77
N PRO A 1 -0.92 6.20 -16.84
CA PRO A 1 -0.62 5.53 -15.55
C PRO A 1 0.39 4.39 -15.67
N LYS A 2 0.78 3.85 -14.53
CA LYS A 2 1.91 2.92 -14.45
C LYS A 2 2.04 2.38 -13.03
N CYS A 3 2.43 1.11 -12.95
CA CYS A 3 2.23 0.34 -11.71
C CYS A 3 3.35 0.67 -10.72
N PRO A 4 2.95 0.97 -9.47
CA PRO A 4 3.88 1.08 -8.32
C PRO A 4 4.49 -0.25 -7.89
N LYS A 5 3.88 -1.33 -8.38
CA LYS A 5 4.16 -2.67 -7.87
C LYS A 5 5.18 -3.37 -8.76
N CYS A 6 4.74 -3.75 -9.96
CA CYS A 6 5.44 -4.74 -10.77
C CYS A 6 6.44 -4.05 -11.70
N ASP A 7 6.18 -2.78 -11.98
CA ASP A 7 6.83 -2.06 -13.05
C ASP A 7 6.30 -2.51 -14.41
N LYS A 8 4.99 -2.38 -14.58
CA LYS A 8 4.38 -2.32 -15.90
C LYS A 8 3.51 -1.07 -16.02
N GLU A 9 2.98 -0.84 -17.22
CA GLU A 9 1.95 0.16 -17.43
C GLU A 9 0.57 -0.50 -17.32
N VAL A 10 -0.41 0.30 -16.88
CA VAL A 10 -1.67 -0.28 -16.41
C VAL A 10 -2.79 0.09 -17.38
N TYR A 11 -3.32 -0.94 -18.04
CA TYR A 11 -4.44 -0.77 -18.95
C TYR A 11 -5.69 -0.34 -18.19
N PHE A 12 -6.70 0.05 -18.95
CA PHE A 12 -7.88 0.70 -18.37
C PHE A 12 -8.56 -0.23 -17.38
N ALA A 13 -9.40 -1.13 -17.90
CA ALA A 13 -10.40 -1.80 -17.06
C ALA A 13 -9.73 -2.77 -16.09
N GLU A 14 -8.45 -3.03 -16.30
CA GLU A 14 -7.64 -3.73 -15.32
C GLU A 14 -6.73 -2.75 -14.58
N ARG A 15 -7.34 -1.63 -14.18
CA ARG A 15 -6.68 -0.68 -13.31
C ARG A 15 -7.34 -0.68 -11.92
N VAL A 16 -6.54 -0.35 -10.91
CA VAL A 16 -7.07 0.10 -9.62
C VAL A 16 -6.27 1.30 -9.12
N THR A 17 -6.96 2.18 -8.42
CA THR A 17 -6.44 3.51 -8.10
C THR A 17 -6.25 3.68 -6.60
N SER A 18 -5.10 4.23 -6.22
CA SER A 18 -4.70 4.28 -4.83
C SER A 18 -3.36 5.01 -4.70
N LEU A 19 -3.36 6.06 -3.88
CA LEU A 19 -2.24 6.97 -3.79
C LEU A 19 -1.98 7.64 -5.15
N GLY A 20 -3.05 7.84 -5.91
CA GLY A 20 -3.04 8.76 -7.03
C GLY A 20 -2.09 8.27 -8.12
N LYS A 21 -1.77 6.98 -8.05
CA LYS A 21 -1.13 6.29 -9.16
C LYS A 21 -1.66 4.86 -9.27
N ASP A 22 -2.09 4.51 -10.48
CA ASP A 22 -2.92 3.34 -10.70
C ASP A 22 -2.12 2.06 -10.47
N TRP A 23 -2.83 0.94 -10.61
CA TRP A 23 -2.23 -0.36 -10.34
C TRP A 23 -2.83 -1.41 -11.27
N HIS A 24 -2.30 -2.63 -11.12
CA HIS A 24 -2.89 -3.81 -11.76
C HIS A 24 -3.76 -4.57 -10.77
N ARG A 25 -4.89 -5.05 -11.25
CA ARG A 25 -5.91 -5.65 -10.41
C ARG A 25 -5.33 -6.90 -9.69
N PRO A 26 -4.65 -7.73 -10.49
CA PRO A 26 -3.80 -8.83 -9.94
C PRO A 26 -2.85 -8.37 -8.83
N CYS A 27 -2.32 -7.17 -9.00
CA CYS A 27 -1.18 -6.71 -8.22
C CYS A 27 -1.63 -6.31 -6.81
N LEU A 28 -2.53 -5.35 -6.76
CA LEU A 28 -2.82 -4.62 -5.53
C LEU A 28 -3.31 -5.58 -4.45
N LYS A 29 -2.37 -6.11 -3.70
CA LYS A 29 -2.67 -6.85 -2.48
C LYS A 29 -1.82 -6.32 -1.32
N CYS A 30 -2.08 -6.89 -0.14
CA CYS A 30 -1.24 -6.70 1.02
C CYS A 30 0.20 -7.17 0.74
N GLU A 31 1.11 -6.78 1.60
CA GLU A 31 2.41 -7.45 1.70
C GLU A 31 2.71 -7.78 3.17
N LYS A 32 1.65 -7.93 3.94
CA LYS A 32 1.76 -8.46 5.29
C LYS A 32 1.03 -9.80 5.39
N CYS A 33 -0.28 -9.76 5.18
CA CYS A 33 -1.14 -10.89 5.54
C CYS A 33 -1.31 -11.83 4.36
N GLY A 34 -1.49 -11.24 3.19
CA GLY A 34 -1.85 -11.99 1.99
C GLY A 34 -3.35 -11.87 1.73
N LYS A 35 -3.78 -10.64 1.47
CA LYS A 35 -5.15 -10.36 1.07
C LYS A 35 -5.17 -9.42 -0.12
N THR A 36 -6.14 -9.64 -1.00
CA THR A 36 -6.44 -8.70 -2.08
C THR A 36 -7.07 -7.42 -1.52
N LEU A 37 -6.71 -6.29 -2.14
CA LEU A 37 -7.04 -4.99 -1.59
C LEU A 37 -8.12 -4.31 -2.43
N THR A 38 -8.33 -3.02 -2.18
CA THR A 38 -9.49 -2.31 -2.71
C THR A 38 -10.76 -2.87 -2.10
N SER A 39 -11.87 -2.17 -2.35
CA SER A 39 -13.15 -2.52 -1.76
C SER A 39 -13.11 -2.36 -0.24
N GLY A 40 -12.12 -1.60 0.22
CA GLY A 40 -12.14 -1.06 1.58
C GLY A 40 -10.83 -0.32 1.88
N GLY A 41 -10.45 0.58 0.98
CA GLY A 41 -9.56 1.68 1.31
C GLY A 41 -8.25 1.18 1.88
N HIS A 42 -7.61 0.29 1.10
CA HIS A 42 -6.32 -0.26 1.48
C HIS A 42 -5.27 0.84 1.62
N ALA A 43 -4.03 0.43 1.78
CA ALA A 43 -2.93 1.35 1.97
C ALA A 43 -1.73 0.96 1.10
N GLU A 44 -0.69 1.79 1.14
CA GLU A 44 0.61 1.41 0.62
C GLU A 44 1.69 2.32 1.20
N HIS A 45 2.84 1.71 1.49
CA HIS A 45 3.85 2.37 2.32
C HIS A 45 4.80 3.18 1.45
N GLU A 46 5.18 2.60 0.31
CA GLU A 46 6.22 3.18 -0.54
C GLU A 46 6.28 2.43 -1.87
N GLY A 47 5.10 2.23 -2.46
CA GLY A 47 5.01 1.49 -3.71
C GLY A 47 4.91 -0.01 -3.43
N LYS A 48 4.49 -0.34 -2.21
CA LYS A 48 4.17 -1.71 -1.84
C LYS A 48 2.93 -1.72 -0.92
N PRO A 49 1.75 -1.93 -1.54
CA PRO A 49 0.45 -1.77 -0.85
C PRO A 49 0.25 -2.73 0.32
N TYR A 50 -0.44 -2.23 1.34
CA TYR A 50 -0.90 -3.08 2.44
C TYR A 50 -2.40 -2.89 2.65
N CYS A 51 -2.89 -3.53 3.71
CA CYS A 51 -4.23 -3.30 4.21
C CYS A 51 -4.40 -1.82 4.62
N ASN A 52 -5.52 -1.54 5.26
CA ASN A 52 -5.66 -0.35 6.10
C ASN A 52 -5.75 -0.77 7.57
N HIS A 53 -6.35 -1.93 7.80
CA HIS A 53 -6.22 -2.66 9.05
C HIS A 53 -6.22 -4.17 8.77
N PRO A 54 -5.99 -4.93 9.86
CA PRO A 54 -5.22 -4.39 11.03
C PRO A 54 -3.81 -3.96 10.64
N CYS A 55 -3.37 -4.41 9.47
CA CYS A 55 -1.94 -4.47 9.13
C CYS A 55 -1.33 -3.08 9.19
N TYR A 56 -1.97 -2.13 8.52
CA TYR A 56 -1.42 -0.80 8.35
C TYR A 56 -1.40 -0.05 9.68
N SER A 57 -2.49 -0.21 10.43
CA SER A 57 -2.62 0.43 11.73
C SER A 57 -1.64 -0.18 12.73
N ALA A 58 -1.21 -1.39 12.42
CA ALA A 58 -0.41 -2.19 13.35
C ALA A 58 0.89 -1.47 13.68
N MET A 59 1.51 -0.92 12.65
CA MET A 59 2.64 -0.01 12.81
C MET A 59 2.14 1.42 13.00
N PHE A 60 1.15 1.80 12.20
CA PHE A 60 0.73 3.18 12.09
C PHE A 60 -0.44 3.47 13.03
N GLY A 61 -0.13 4.10 14.15
CA GLY A 61 -1.15 4.62 15.05
C GLY A 61 -0.50 5.63 16.02
N PRO A 62 -0.31 5.18 17.28
CA PRO A 62 0.46 5.95 18.30
C PRO A 62 1.88 6.29 17.85
N LYS A 63 2.75 6.49 18.84
CA LYS A 63 4.18 6.59 18.59
C LYS A 63 4.95 6.26 19.86
N GLY A 64 5.22 4.98 20.05
CA GLY A 64 5.77 4.47 21.30
C GLY A 64 6.60 3.22 21.06
N PHE A 65 6.50 2.28 22.00
CA PHE A 65 7.39 1.12 22.03
C PHE A 65 8.82 1.57 22.31
N GLY A 66 9.46 2.09 21.27
CA GLY A 66 10.75 2.77 21.42
C GLY A 66 10.56 4.29 21.37
N ARG A 67 11.55 4.96 20.79
CA ARG A 67 11.42 6.38 20.47
C ARG A 67 12.69 6.87 19.76
N GLY A 68 12.47 7.71 18.75
CA GLY A 68 13.57 8.25 17.96
C GLY A 68 13.62 7.57 16.60
N GLY A 69 12.44 7.33 16.04
CA GLY A 69 12.31 6.51 14.84
C GLY A 69 11.45 7.21 13.80
N ALA A 70 12.01 8.27 13.21
CA ALA A 70 11.25 9.17 12.36
C ALA A 70 11.07 8.54 10.97
N GLU A 71 9.80 8.33 10.62
CA GLU A 71 9.44 7.84 9.30
C GLU A 71 10.11 6.48 9.04
N SER A 72 11.38 6.54 8.66
CA SER A 72 12.14 5.35 8.34
C SER A 72 13.53 5.41 8.98
N HIS A 73 14.45 6.08 8.29
CA HIS A 73 15.75 6.41 8.85
C HIS A 73 16.51 5.14 9.22
N THR A 74 17.75 5.32 9.65
CA THR A 74 18.68 4.22 9.84
C THR A 74 18.39 3.50 11.16
N PHE A 75 17.74 4.22 12.07
CA PHE A 75 17.58 3.75 13.44
C PHE A 75 16.65 2.55 13.48
N LYS A 76 16.94 1.63 14.40
CA LYS A 76 16.29 0.33 14.42
C LYS A 76 16.62 -0.46 13.16
ZN ZN B . 1.37 -4.36 -11.47
ZN ZN C . -2.94 -7.17 5.40
N PRO A 1 -1.46 6.55 -14.59
CA PRO A 1 -1.96 5.37 -13.85
C PRO A 1 -0.86 4.37 -13.48
N LYS A 2 0.38 4.80 -13.66
CA LYS A 2 1.53 3.90 -13.62
C LYS A 2 1.64 3.24 -12.25
N CYS A 3 2.11 1.99 -12.24
CA CYS A 3 1.94 1.12 -11.08
C CYS A 3 2.99 1.48 -10.02
N PRO A 4 2.52 1.68 -8.78
CA PRO A 4 3.39 1.80 -7.59
C PRO A 4 4.10 0.51 -7.21
N LYS A 5 3.57 -0.60 -7.72
CA LYS A 5 3.94 -1.92 -7.25
C LYS A 5 5.12 -2.47 -8.06
N CYS A 6 4.85 -2.76 -9.33
CA CYS A 6 5.73 -3.62 -10.12
C CYS A 6 6.71 -2.76 -10.92
N ASP A 7 6.30 -1.52 -11.17
CA ASP A 7 6.95 -0.67 -12.17
C ASP A 7 6.59 -1.14 -13.58
N LYS A 8 5.30 -1.01 -13.91
CA LYS A 8 4.87 -0.98 -15.31
C LYS A 8 3.97 0.24 -15.55
N GLU A 9 3.32 0.25 -16.71
CA GLU A 9 2.18 1.12 -16.94
C GLU A 9 0.88 0.31 -16.96
N VAL A 10 -0.19 0.95 -16.49
CA VAL A 10 -1.39 0.20 -16.12
C VAL A 10 -2.47 0.42 -17.17
N TYR A 11 -2.83 -0.69 -17.82
CA TYR A 11 -3.85 -0.67 -18.88
C TYR A 11 -5.24 -0.54 -18.28
N PHE A 12 -6.24 -0.78 -19.11
CA PHE A 12 -7.62 -0.44 -18.76
C PHE A 12 -8.19 -1.47 -17.79
N ALA A 13 -8.69 -2.58 -18.34
CA ALA A 13 -9.64 -3.41 -17.59
C ALA A 13 -8.99 -4.11 -16.41
N GLU A 14 -7.66 -4.09 -16.41
CA GLU A 14 -6.89 -4.73 -15.35
C GLU A 14 -6.54 -3.71 -14.27
N ARG A 15 -7.26 -2.59 -14.29
CA ARG A 15 -6.89 -1.43 -13.50
C ARG A 15 -7.52 -1.51 -12.10
N VAL A 16 -6.82 -0.93 -11.13
CA VAL A 16 -7.42 -0.58 -9.85
C VAL A 16 -6.74 0.67 -9.28
N THR A 17 -7.56 1.71 -9.09
CA THR A 17 -7.06 3.01 -8.66
C THR A 17 -7.13 3.12 -7.14
N SER A 18 -6.06 3.67 -6.57
CA SER A 18 -5.86 3.65 -5.13
C SER A 18 -4.63 4.47 -4.75
N LEU A 19 -4.82 5.35 -3.78
CA LEU A 19 -3.83 6.34 -3.41
C LEU A 19 -3.49 7.23 -4.61
N GLY A 20 -4.50 7.46 -5.45
CA GLY A 20 -4.45 8.51 -6.46
C GLY A 20 -3.34 8.23 -7.47
N LYS A 21 -2.90 6.97 -7.50
CA LYS A 21 -2.10 6.46 -8.61
C LYS A 21 -2.40 4.98 -8.84
N ASP A 22 -2.83 4.68 -10.06
CA ASP A 22 -3.52 3.43 -10.36
C ASP A 22 -2.61 2.24 -10.09
N TRP A 23 -3.16 1.05 -10.34
CA TRP A 23 -2.43 -0.19 -10.10
C TRP A 23 -2.83 -1.24 -11.15
N HIS A 24 -2.18 -2.39 -11.04
CA HIS A 24 -2.55 -3.57 -11.82
C HIS A 24 -3.43 -4.49 -10.98
N ARG A 25 -4.35 -5.17 -11.68
CA ARG A 25 -5.38 -5.95 -11.02
C ARG A 25 -4.73 -7.10 -10.22
N PRO A 26 -3.78 -7.79 -10.90
CA PRO A 26 -3.00 -8.88 -10.27
C PRO A 26 -2.13 -8.42 -9.10
N CYS A 27 -1.72 -7.15 -9.17
CA CYS A 27 -0.65 -6.64 -8.31
C CYS A 27 -1.17 -6.44 -6.88
N LEU A 28 -2.31 -5.77 -6.78
CA LEU A 28 -2.72 -5.13 -5.54
C LEU A 28 -3.17 -6.18 -4.53
N LYS A 29 -2.23 -6.58 -3.67
CA LYS A 29 -2.57 -7.30 -2.45
C LYS A 29 -1.85 -6.67 -1.26
N CYS A 30 -2.24 -7.11 -0.07
CA CYS A 30 -1.54 -6.75 1.17
C CYS A 30 -0.09 -7.22 1.11
N GLU A 31 0.61 -7.03 2.23
CA GLU A 31 1.81 -7.81 2.54
C GLU A 31 1.88 -8.06 4.05
N LYS A 32 0.72 -7.97 4.68
CA LYS A 32 0.64 -7.87 6.14
C LYS A 32 -0.39 -8.83 6.70
N CYS A 33 -1.45 -9.05 5.93
CA CYS A 33 -2.34 -10.19 6.16
C CYS A 33 -2.20 -11.22 5.05
N GLY A 34 -2.34 -10.75 3.81
CA GLY A 34 -2.47 -11.62 2.67
C GLY A 34 -3.90 -11.58 2.12
N LYS A 35 -4.25 -10.44 1.56
CA LYS A 35 -5.59 -10.24 1.02
C LYS A 35 -5.53 -9.35 -0.23
N THR A 36 -6.61 -9.40 -1.01
CA THR A 36 -6.81 -8.46 -2.10
C THR A 36 -7.57 -7.23 -1.63
N LEU A 37 -7.40 -6.14 -2.37
CA LEU A 37 -7.82 -4.83 -1.88
C LEU A 37 -8.67 -4.12 -2.94
N THR A 38 -9.22 -2.97 -2.57
CA THR A 38 -10.36 -2.39 -3.26
C THR A 38 -9.96 -1.07 -3.92
N SER A 39 -10.99 -0.29 -4.26
CA SER A 39 -10.79 0.99 -4.93
C SER A 39 -9.96 1.92 -4.05
N GLY A 40 -10.64 2.63 -3.15
CA GLY A 40 -10.00 3.22 -1.98
C GLY A 40 -10.33 2.36 -0.75
N GLY A 41 -10.16 1.06 -0.90
CA GLY A 41 -9.86 0.16 0.22
C GLY A 41 -8.47 0.52 0.80
N HIS A 42 -7.51 -0.34 0.49
CA HIS A 42 -6.25 -0.38 1.21
C HIS A 42 -5.53 0.98 1.12
N ALA A 43 -4.29 1.00 1.58
CA ALA A 43 -3.34 2.05 1.22
C ALA A 43 -2.07 1.42 0.65
N GLU A 44 -1.03 2.27 0.53
CA GLU A 44 0.21 1.83 -0.07
C GLU A 44 1.39 2.32 0.78
N HIS A 45 2.45 1.50 0.79
CA HIS A 45 3.67 1.83 1.52
C HIS A 45 4.87 1.24 0.79
N GLU A 46 5.70 2.12 0.24
CA GLU A 46 7.02 1.78 -0.25
C GLU A 46 6.91 0.70 -1.33
N GLY A 47 5.94 0.88 -2.22
CA GLY A 47 5.89 0.14 -3.47
C GLY A 47 5.45 -1.29 -3.23
N LYS A 48 4.39 -1.43 -2.43
CA LYS A 48 3.86 -2.74 -2.07
C LYS A 48 2.71 -2.57 -1.06
N PRO A 49 1.47 -2.59 -1.61
CA PRO A 49 0.25 -2.19 -0.86
C PRO A 49 -0.03 -3.04 0.38
N TYR A 50 -0.54 -2.39 1.43
CA TYR A 50 -1.20 -3.10 2.51
C TYR A 50 -2.55 -2.42 2.82
N CYS A 51 -3.31 -3.10 3.68
CA CYS A 51 -4.56 -2.55 4.18
C CYS A 51 -4.33 -1.23 4.90
N ASN A 52 -5.32 -0.34 4.75
CA ASN A 52 -5.31 0.94 5.45
C ASN A 52 -5.32 0.71 6.96
N HIS A 53 -6.02 -0.34 7.37
CA HIS A 53 -5.92 -0.86 8.72
C HIS A 53 -6.50 -2.30 8.77
N PRO A 54 -6.18 -3.00 9.88
CA PRO A 54 -5.14 -2.54 10.83
C PRO A 54 -3.71 -2.61 10.28
N CYS A 55 -3.60 -3.19 9.09
CA CYS A 55 -2.32 -3.69 8.61
C CYS A 55 -1.30 -2.56 8.52
N TYR A 56 -1.70 -1.48 7.87
CA TYR A 56 -0.80 -0.37 7.56
C TYR A 56 -0.25 0.24 8.85
N SER A 57 -1.11 0.32 9.85
CA SER A 57 -0.72 0.79 11.16
C SER A 57 -0.66 -0.37 12.16
N ALA A 58 -0.36 -1.55 11.63
CA ALA A 58 -0.08 -2.72 12.45
C ALA A 58 1.39 -2.72 12.89
N MET A 59 2.26 -2.93 11.92
CA MET A 59 3.67 -3.21 12.20
C MET A 59 4.45 -1.90 12.33
N PHE A 60 4.09 -0.93 11.49
CA PHE A 60 4.86 0.28 11.33
C PHE A 60 4.83 1.11 12.61
N GLY A 61 5.71 0.76 13.54
CA GLY A 61 5.71 1.36 14.87
C GLY A 61 7.17 1.59 15.33
N PRO A 62 7.32 1.86 16.63
CA PRO A 62 8.62 2.23 17.24
C PRO A 62 9.73 1.20 16.99
N LYS A 63 9.45 -0.03 17.43
CA LYS A 63 10.47 -1.07 17.47
C LYS A 63 10.90 -1.45 16.07
N GLY A 64 12.21 -1.55 15.88
CA GLY A 64 12.77 -2.10 14.65
C GLY A 64 12.77 -3.63 14.70
N PHE A 65 13.72 -4.23 13.99
CA PHE A 65 13.99 -5.65 14.10
C PHE A 65 15.13 -5.91 15.08
N GLY A 66 16.23 -5.20 14.87
CA GLY A 66 17.33 -5.17 15.82
C GLY A 66 18.02 -3.81 15.80
N ARG A 67 18.98 -3.67 14.90
CA ARG A 67 19.58 -2.37 14.62
C ARG A 67 20.35 -1.87 15.84
N GLY A 68 21.15 -0.82 15.61
CA GLY A 68 21.79 -0.10 16.70
C GLY A 68 22.86 -0.96 17.36
N GLY A 69 24.03 -0.37 17.57
CA GLY A 69 25.08 -0.99 18.37
C GLY A 69 25.74 0.06 19.27
N ALA A 70 24.97 1.11 19.57
CA ALA A 70 25.38 2.10 20.55
C ALA A 70 26.66 2.80 20.10
N GLU A 71 27.79 2.15 20.37
CA GLU A 71 29.10 2.79 20.22
C GLU A 71 30.21 1.74 20.34
N SER A 72 31.44 2.21 20.27
CA SER A 72 32.60 1.40 20.60
C SER A 72 33.21 1.85 21.93
N HIS A 73 33.98 2.92 21.88
CA HIS A 73 34.46 3.60 23.07
C HIS A 73 35.42 4.72 22.70
N THR A 74 36.47 4.36 21.97
CA THR A 74 37.36 5.33 21.36
C THR A 74 38.00 4.75 20.11
N PHE A 75 38.96 3.85 20.32
CA PHE A 75 39.72 3.25 19.23
C PHE A 75 39.78 1.74 19.40
N LYS A 76 40.03 1.06 18.29
CA LYS A 76 39.91 -0.40 18.23
C LYS A 76 41.28 -1.03 17.97
ZN ZN B . 1.71 -3.66 -11.16
ZN ZN C . -3.95 -6.61 5.20
N PRO A 1 2.05 7.14 -15.18
CA PRO A 1 1.40 6.46 -14.02
C PRO A 1 2.11 5.18 -13.59
N LYS A 2 1.76 4.08 -14.27
CA LYS A 2 2.53 2.86 -14.21
C LYS A 2 2.50 2.26 -12.81
N CYS A 3 2.66 0.95 -12.73
CA CYS A 3 2.38 0.21 -11.50
C CYS A 3 3.44 0.52 -10.45
N PRO A 4 2.99 0.91 -9.24
CA PRO A 4 3.85 1.02 -8.04
C PRO A 4 4.31 -0.33 -7.50
N LYS A 5 3.75 -1.39 -8.07
CA LYS A 5 3.99 -2.75 -7.57
C LYS A 5 5.06 -3.44 -8.41
N CYS A 6 4.68 -3.77 -9.66
CA CYS A 6 5.42 -4.77 -10.42
C CYS A 6 6.40 -4.11 -11.38
N ASP A 7 6.14 -2.83 -11.67
CA ASP A 7 6.82 -2.12 -12.74
C ASP A 7 6.30 -2.60 -14.11
N LYS A 8 5.02 -2.37 -14.35
CA LYS A 8 4.47 -2.33 -15.70
C LYS A 8 3.45 -1.20 -15.82
N GLU A 9 3.09 -0.90 -17.06
CA GLU A 9 2.12 0.15 -17.33
C GLU A 9 0.70 -0.42 -17.25
N VAL A 10 -0.25 0.45 -16.90
CA VAL A 10 -1.56 -0.01 -16.45
C VAL A 10 -2.66 0.61 -17.30
N TYR A 11 -3.51 -0.25 -17.87
CA TYR A 11 -4.31 0.16 -19.03
C TYR A 11 -5.32 -0.93 -19.35
N PHE A 12 -6.55 -0.51 -19.65
CA PHE A 12 -7.68 -1.45 -19.60
C PHE A 12 -7.97 -1.81 -18.15
N ALA A 13 -9.01 -2.61 -17.94
CA ALA A 13 -9.71 -2.62 -16.65
C ALA A 13 -8.87 -3.23 -15.54
N GLU A 14 -7.68 -3.67 -15.92
CA GLU A 14 -6.68 -4.11 -14.96
C GLU A 14 -6.31 -2.97 -14.01
N ARG A 15 -6.63 -1.75 -14.42
CA ARG A 15 -6.14 -0.56 -13.76
C ARG A 15 -7.07 -0.17 -12.61
N VAL A 16 -6.48 0.02 -11.44
CA VAL A 16 -7.17 0.68 -10.32
C VAL A 16 -6.31 1.81 -9.78
N THR A 17 -6.90 2.59 -8.88
CA THR A 17 -6.31 3.86 -8.47
C THR A 17 -6.22 3.93 -6.95
N SER A 18 -5.07 4.43 -6.48
CA SER A 18 -4.79 4.48 -5.06
C SER A 18 -3.46 5.20 -4.81
N LEU A 19 -3.51 6.20 -3.95
CA LEU A 19 -2.39 7.10 -3.73
C LEU A 19 -2.03 7.83 -5.02
N GLY A 20 -3.02 7.92 -5.92
CA GLY A 20 -2.97 8.88 -7.03
C GLY A 20 -2.42 8.20 -8.28
N LYS A 21 -1.63 7.15 -8.05
CA LYS A 21 -1.00 6.42 -9.14
C LYS A 21 -1.57 5.01 -9.24
N ASP A 22 -1.93 4.62 -10.47
CA ASP A 22 -2.80 3.49 -10.69
C ASP A 22 -2.08 2.18 -10.35
N TRP A 23 -2.82 1.08 -10.52
CA TRP A 23 -2.29 -0.24 -10.18
C TRP A 23 -2.92 -1.30 -11.08
N HIS A 24 -2.28 -2.47 -11.08
CA HIS A 24 -2.87 -3.69 -11.60
C HIS A 24 -3.73 -4.36 -10.53
N ARG A 25 -4.90 -4.83 -10.95
CA ARG A 25 -5.90 -5.35 -10.04
C ARG A 25 -5.34 -6.58 -9.29
N PRO A 26 -4.76 -7.51 -10.08
CA PRO A 26 -4.04 -8.69 -9.52
C PRO A 26 -2.88 -8.32 -8.60
N CYS A 27 -2.46 -7.07 -8.70
CA CYS A 27 -1.32 -6.59 -7.93
C CYS A 27 -1.78 -6.11 -6.55
N LEU A 28 -2.81 -5.27 -6.56
CA LEU A 28 -3.20 -4.51 -5.39
C LEU A 28 -3.62 -5.45 -4.25
N LYS A 29 -2.63 -5.89 -3.50
CA LYS A 29 -2.85 -6.82 -2.40
C LYS A 29 -2.10 -6.37 -1.15
N CYS A 30 -2.50 -6.94 -0.01
CA CYS A 30 -1.73 -6.81 1.21
C CYS A 30 -0.36 -7.48 1.06
N GLU A 31 0.57 -7.05 1.90
CA GLU A 31 1.81 -7.80 2.11
C GLU A 31 2.01 -8.05 3.61
N LYS A 32 0.90 -8.06 4.34
CA LYS A 32 0.87 -8.63 5.68
C LYS A 32 0.06 -9.92 5.69
N CYS A 33 -1.23 -9.79 5.39
CA CYS A 33 -2.18 -10.87 5.67
C CYS A 33 -2.33 -11.77 4.45
N GLY A 34 -1.95 -11.24 3.29
CA GLY A 34 -1.79 -12.04 2.08
C GLY A 34 -3.13 -12.24 1.39
N LYS A 35 -3.81 -11.13 1.13
CA LYS A 35 -5.11 -11.15 0.48
C LYS A 35 -5.26 -9.96 -0.45
N THR A 36 -5.98 -10.18 -1.54
CA THR A 36 -6.27 -9.12 -2.49
C THR A 36 -7.07 -8.00 -1.82
N LEU A 37 -7.25 -6.90 -2.55
CA LEU A 37 -7.93 -5.73 -2.02
C LEU A 37 -8.96 -5.22 -3.04
N THR A 38 -9.70 -4.20 -2.64
CA THR A 38 -10.90 -3.79 -3.34
C THR A 38 -10.69 -2.44 -4.02
N SER A 39 -11.76 -1.92 -4.60
CA SER A 39 -11.67 -0.75 -5.47
C SER A 39 -11.14 0.44 -4.69
N GLY A 40 -11.16 0.32 -3.37
CA GLY A 40 -10.45 1.24 -2.49
C GLY A 40 -10.88 1.04 -1.04
N GLY A 41 -10.53 -0.12 -0.50
CA GLY A 41 -10.59 -0.36 0.93
C GLY A 41 -9.22 -0.77 1.49
N HIS A 42 -8.21 -0.61 0.64
CA HIS A 42 -6.82 -0.84 1.06
C HIS A 42 -6.16 0.48 1.44
N ALA A 43 -4.85 0.41 1.62
CA ALA A 43 -4.02 1.61 1.71
C ALA A 43 -2.59 1.30 1.27
N GLU A 44 -1.69 2.23 1.58
CA GLU A 44 -0.30 2.13 1.13
C GLU A 44 0.60 2.96 2.03
N HIS A 45 1.85 2.52 2.14
CA HIS A 45 2.90 3.29 2.80
C HIS A 45 3.65 4.13 1.78
N GLU A 46 3.06 4.30 0.61
CA GLU A 46 3.74 4.88 -0.54
C GLU A 46 4.98 4.07 -0.90
N GLY A 47 4.74 2.90 -1.47
CA GLY A 47 5.81 2.01 -1.88
C GLY A 47 5.26 0.63 -2.22
N LYS A 48 4.33 0.17 -1.40
CA LYS A 48 3.53 -1.02 -1.69
C LYS A 48 2.27 -1.04 -0.82
N PRO A 49 1.13 -1.33 -1.48
CA PRO A 49 -0.20 -1.37 -0.80
C PRO A 49 -0.28 -2.39 0.33
N TYR A 50 -1.03 -2.04 1.36
CA TYR A 50 -1.52 -3.01 2.33
C TYR A 50 -3.02 -2.78 2.59
N CYS A 51 -3.48 -3.40 3.67
CA CYS A 51 -4.79 -3.10 4.24
C CYS A 51 -4.87 -1.62 4.64
N ASN A 52 -5.96 -1.28 5.32
CA ASN A 52 -6.04 -0.04 6.07
C ASN A 52 -5.79 -0.31 7.55
N HIS A 53 -6.20 -1.50 7.99
CA HIS A 53 -5.89 -1.99 9.32
C HIS A 53 -6.24 -3.49 9.41
N PRO A 54 -5.72 -4.13 10.48
CA PRO A 54 -4.68 -3.50 11.35
C PRO A 54 -3.31 -3.37 10.68
N CYS A 55 -3.21 -3.92 9.47
CA CYS A 55 -1.92 -4.23 8.87
C CYS A 55 -1.09 -2.96 8.72
N TYR A 56 -1.75 -1.87 8.34
CA TYR A 56 -1.08 -0.64 7.96
C TYR A 56 -0.40 -0.01 9.18
N SER A 57 -1.08 -0.13 10.32
CA SER A 57 -0.53 0.32 11.59
C SER A 57 0.02 -0.87 12.37
N ALA A 58 0.31 -1.94 11.65
CA ALA A 58 1.00 -3.09 12.21
C ALA A 58 2.38 -2.69 12.73
N MET A 59 3.11 -1.97 11.89
CA MET A 59 4.52 -1.71 12.13
C MET A 59 4.82 -0.22 11.98
N PHE A 60 3.98 0.46 11.21
CA PHE A 60 4.26 1.81 10.76
C PHE A 60 4.04 2.80 11.90
N GLY A 61 5.15 3.24 12.50
CA GLY A 61 5.11 4.04 13.70
C GLY A 61 6.51 4.06 14.36
N PRO A 62 6.64 4.91 15.40
CA PRO A 62 7.95 5.16 16.06
C PRO A 62 8.60 3.91 16.63
N LYS A 63 9.87 3.71 16.27
CA LYS A 63 10.70 2.69 16.90
C LYS A 63 12.08 2.67 16.28
N GLY A 64 12.15 2.17 15.05
CA GLY A 64 13.35 2.27 14.23
C GLY A 64 13.29 1.27 13.09
N PHE A 65 14.42 1.16 12.37
CA PHE A 65 14.60 0.11 11.39
C PHE A 65 16.08 -0.25 11.25
N GLY A 66 16.39 -1.52 11.49
CA GLY A 66 17.71 -2.06 11.19
C GLY A 66 17.62 -3.56 10.91
N ARG A 67 18.21 -4.34 11.82
CA ARG A 67 18.04 -5.78 11.80
C ARG A 67 18.70 -6.41 13.03
N GLY A 68 17.92 -7.18 13.77
CA GLY A 68 18.34 -7.68 15.08
C GLY A 68 17.39 -7.18 16.16
N GLY A 69 17.97 -6.80 17.30
CA GLY A 69 17.24 -6.12 18.35
C GLY A 69 17.91 -4.79 18.70
N ALA A 70 18.14 -4.60 20.00
CA ALA A 70 18.59 -3.31 20.51
C ALA A 70 18.93 -3.42 21.99
N GLU A 71 18.99 -2.26 22.64
CA GLU A 71 19.53 -2.14 23.98
C GLU A 71 20.98 -2.65 24.03
N SER A 72 21.66 -2.49 22.90
CA SER A 72 23.10 -2.71 22.83
C SER A 72 23.65 -2.22 21.50
N HIS A 73 24.26 -1.04 21.54
CA HIS A 73 25.02 -0.54 20.41
C HIS A 73 26.52 -0.75 20.63
N THR A 74 27.07 0.00 21.57
CA THR A 74 28.49 -0.05 21.88
C THR A 74 28.72 0.20 23.36
N PHE A 75 28.33 1.39 23.81
CA PHE A 75 28.69 1.86 25.15
C PHE A 75 30.19 2.07 25.25
N LYS A 76 30.56 3.08 26.03
CA LYS A 76 31.94 3.54 26.08
C LYS A 76 32.38 4.05 24.70
ZN ZN B . 1.36 -4.45 -11.22
ZN ZN C . -3.73 -7.07 5.52
N PRO A 1 2.06 7.64 -13.27
CA PRO A 1 1.56 6.56 -14.16
C PRO A 1 2.16 5.19 -13.85
N LYS A 2 1.58 4.16 -14.48
CA LYS A 2 2.18 2.83 -14.49
C LYS A 2 2.27 2.28 -13.06
N CYS A 3 2.54 0.99 -12.97
CA CYS A 3 2.34 0.26 -11.72
C CYS A 3 3.50 0.53 -10.75
N PRO A 4 3.15 0.96 -9.52
CA PRO A 4 4.10 1.01 -8.38
C PRO A 4 4.57 -0.36 -7.91
N LYS A 5 3.86 -1.38 -8.37
CA LYS A 5 4.07 -2.75 -7.89
C LYS A 5 5.05 -3.49 -8.79
N CYS A 6 4.56 -3.86 -9.98
CA CYS A 6 5.24 -4.78 -10.86
C CYS A 6 6.16 -4.04 -11.83
N ASP A 7 5.98 -2.73 -11.92
CA ASP A 7 6.57 -1.91 -12.96
C ASP A 7 6.13 -2.40 -14.34
N LYS A 8 4.80 -2.43 -14.54
CA LYS A 8 4.22 -2.42 -15.87
C LYS A 8 3.52 -1.08 -16.13
N GLU A 9 2.74 -1.04 -17.20
CA GLU A 9 1.74 0.01 -17.38
C GLU A 9 0.33 -0.56 -17.18
N VAL A 10 -0.56 0.30 -16.69
CA VAL A 10 -1.84 -0.16 -16.19
C VAL A 10 -2.96 0.31 -17.12
N TYR A 11 -3.60 -0.67 -17.77
CA TYR A 11 -4.75 -0.40 -18.61
C TYR A 11 -6.00 -0.18 -17.77
N PHE A 12 -7.15 -0.16 -18.43
CA PHE A 12 -8.38 0.35 -17.83
C PHE A 12 -8.90 -0.63 -16.79
N ALA A 13 -9.62 -1.65 -17.26
CA ALA A 13 -10.50 -2.41 -16.37
C ALA A 13 -9.72 -3.24 -15.36
N GLU A 14 -8.39 -3.16 -15.49
CA GLU A 14 -7.50 -3.87 -14.58
C GLU A 14 -6.89 -2.90 -13.56
N ARG A 15 -7.53 -1.74 -13.43
CA ARG A 15 -6.91 -0.60 -12.77
C ARG A 15 -7.38 -0.53 -11.31
N VAL A 16 -6.52 0.03 -10.46
CA VAL A 16 -6.94 0.57 -9.17
C VAL A 16 -6.07 1.76 -8.79
N THR A 17 -6.69 2.73 -8.12
CA THR A 17 -6.10 4.04 -7.92
C THR A 17 -5.92 4.32 -6.43
N SER A 18 -4.74 4.83 -6.08
CA SER A 18 -4.33 4.94 -4.69
C SER A 18 -2.96 5.60 -4.60
N LEU A 19 -2.85 6.60 -3.72
CA LEU A 19 -1.69 7.47 -3.67
C LEU A 19 -1.51 8.20 -5.00
N GLY A 20 -2.60 8.27 -5.77
CA GLY A 20 -2.69 9.18 -6.89
C GLY A 20 -2.30 8.47 -8.19
N LYS A 21 -1.49 7.42 -8.02
CA LYS A 21 -0.98 6.67 -9.17
C LYS A 21 -1.58 5.26 -9.18
N ASP A 22 -1.88 4.78 -10.38
CA ASP A 22 -2.76 3.63 -10.56
C ASP A 22 -1.98 2.34 -10.33
N TRP A 23 -2.71 1.23 -10.41
CA TRP A 23 -2.12 -0.08 -10.14
C TRP A 23 -2.80 -1.15 -11.02
N HIS A 24 -2.32 -2.38 -10.84
CA HIS A 24 -3.02 -3.55 -11.35
C HIS A 24 -3.80 -4.23 -10.23
N ARG A 25 -5.03 -4.63 -10.55
CA ARG A 25 -5.97 -5.13 -9.56
C ARG A 25 -5.47 -6.50 -9.02
N PRO A 26 -5.07 -7.38 -9.97
CA PRO A 26 -4.30 -8.60 -9.64
C PRO A 26 -3.12 -8.34 -8.70
N CYS A 27 -2.45 -7.21 -8.94
CA CYS A 27 -1.28 -6.85 -8.16
C CYS A 27 -1.68 -6.53 -6.72
N LEU A 28 -2.60 -5.58 -6.58
CA LEU A 28 -2.85 -4.91 -5.31
C LEU A 28 -3.28 -5.93 -4.26
N LYS A 29 -2.29 -6.48 -3.55
CA LYS A 29 -2.55 -7.32 -2.41
C LYS A 29 -1.66 -6.91 -1.24
N CYS A 30 -2.07 -7.30 -0.04
CA CYS A 30 -1.22 -7.23 1.14
C CYS A 30 0.03 -8.09 0.94
N GLU A 31 1.07 -7.78 1.72
CA GLU A 31 2.15 -8.74 1.98
C GLU A 31 2.47 -8.73 3.47
N LYS A 32 1.49 -8.31 4.26
CA LYS A 32 1.65 -8.24 5.70
C LYS A 32 0.78 -9.30 6.39
N CYS A 33 -0.40 -9.52 5.82
CA CYS A 33 -1.19 -10.70 6.15
C CYS A 33 -1.20 -11.68 4.99
N GLY A 34 -1.56 -11.17 3.81
CA GLY A 34 -1.45 -11.94 2.58
C GLY A 34 -2.83 -12.21 2.00
N LYS A 35 -3.56 -11.13 1.74
CA LYS A 35 -4.79 -11.20 0.97
C LYS A 35 -4.86 -10.04 -0.03
N THR A 36 -5.41 -10.35 -1.21
CA THR A 36 -5.64 -9.35 -2.24
C THR A 36 -6.61 -8.27 -1.73
N LEU A 37 -6.55 -7.11 -2.36
CA LEU A 37 -7.25 -5.93 -1.87
C LEU A 37 -8.30 -5.50 -2.90
N THR A 38 -8.92 -4.34 -2.63
CA THR A 38 -10.11 -3.91 -3.34
C THR A 38 -9.82 -2.66 -4.15
N SER A 39 -10.88 -2.14 -4.78
CA SER A 39 -10.73 -1.08 -5.78
C SER A 39 -10.13 0.16 -5.16
N GLY A 40 -10.26 0.25 -3.84
CA GLY A 40 -9.56 1.28 -3.06
C GLY A 40 -9.96 1.19 -1.58
N GLY A 41 -9.81 0.00 -1.03
CA GLY A 41 -9.86 -0.20 0.42
C GLY A 41 -8.55 -0.71 0.97
N HIS A 42 -7.53 -0.68 0.11
CA HIS A 42 -6.17 -1.03 0.52
C HIS A 42 -5.46 0.19 1.09
N ALA A 43 -4.15 0.04 1.30
CA ALA A 43 -3.27 1.18 1.57
C ALA A 43 -1.84 0.85 1.15
N GLU A 44 -0.92 1.71 1.55
CA GLU A 44 0.44 1.67 1.03
C GLU A 44 1.33 2.62 1.83
N HIS A 45 2.62 2.27 1.86
CA HIS A 45 3.61 3.08 2.57
C HIS A 45 4.81 3.36 1.68
N GLU A 46 4.59 4.25 0.70
CA GLU A 46 5.59 4.58 -0.28
C GLU A 46 6.02 3.33 -1.06
N GLY A 47 5.24 2.99 -2.08
CA GLY A 47 5.65 2.02 -3.08
C GLY A 47 5.71 0.62 -2.45
N LYS A 48 4.67 0.29 -1.69
CA LYS A 48 4.47 -1.06 -1.20
C LYS A 48 3.07 -1.17 -0.57
N PRO A 49 2.09 -1.55 -1.42
CA PRO A 49 0.67 -1.67 -0.98
C PRO A 49 0.44 -2.71 0.11
N TYR A 50 -0.49 -2.42 1.00
CA TYR A 50 -0.99 -3.41 1.93
C TYR A 50 -2.49 -3.20 2.17
N CYS A 51 -2.97 -3.75 3.29
CA CYS A 51 -4.31 -3.49 3.78
C CYS A 51 -4.56 -1.98 3.95
N ASN A 52 -5.77 -1.66 4.38
CA ASN A 52 -6.04 -0.38 5.05
C ASN A 52 -6.20 -0.61 6.56
N HIS A 53 -6.69 -1.80 6.90
CA HIS A 53 -6.61 -2.32 8.25
C HIS A 53 -6.66 -3.87 8.21
N PRO A 54 -6.31 -4.47 9.36
CA PRO A 54 -5.64 -3.75 10.47
C PRO A 54 -4.19 -3.34 10.15
N CYS A 55 -3.66 -3.95 9.09
CA CYS A 55 -2.21 -4.01 8.90
C CYS A 55 -1.61 -2.62 8.81
N TYR A 56 -2.22 -1.79 7.97
CA TYR A 56 -1.66 -0.49 7.62
C TYR A 56 -1.62 0.41 8.86
N SER A 57 -2.76 0.46 9.54
CA SER A 57 -2.93 1.37 10.68
C SER A 57 -2.12 0.87 11.88
N ALA A 58 -1.77 -0.41 11.83
CA ALA A 58 -1.19 -1.09 12.98
C ALA A 58 0.33 -1.12 12.86
N MET A 59 0.81 -1.75 11.79
CA MET A 59 2.22 -2.06 11.63
C MET A 59 3.03 -0.78 11.51
N PHE A 60 2.45 0.20 10.82
CA PHE A 60 3.08 1.51 10.69
C PHE A 60 2.57 2.45 11.79
N GLY A 61 3.23 2.37 12.93
CA GLY A 61 2.79 3.09 14.13
C GLY A 61 3.73 4.28 14.39
N PRO A 62 3.52 4.93 15.56
CA PRO A 62 4.23 6.19 15.91
C PRO A 62 5.75 6.05 15.92
N LYS A 63 6.27 5.48 17.01
CA LYS A 63 7.69 5.48 17.27
C LYS A 63 8.13 4.12 17.81
N GLY A 64 7.83 3.90 19.10
CA GLY A 64 8.36 2.76 19.82
C GLY A 64 8.95 3.20 21.16
N PHE A 65 9.53 4.39 21.16
CA PHE A 65 9.94 5.05 22.39
C PHE A 65 10.31 6.49 22.13
N GLY A 66 11.37 6.68 21.33
CA GLY A 66 11.72 7.98 20.81
C GLY A 66 13.24 8.12 20.70
N ARG A 67 13.79 7.64 19.60
CA ARG A 67 15.18 7.88 19.26
C ARG A 67 16.10 7.29 20.32
N GLY A 68 15.59 6.30 21.03
CA GLY A 68 16.33 5.65 22.10
C GLY A 68 15.94 6.25 23.45
N GLY A 69 15.75 7.57 23.46
CA GLY A 69 15.59 8.33 24.69
C GLY A 69 16.13 9.74 24.53
N ALA A 70 17.45 9.85 24.59
CA ALA A 70 18.13 11.12 24.36
C ALA A 70 19.21 10.97 23.29
N GLU A 71 20.00 12.01 23.13
CA GLU A 71 20.91 12.12 21.99
C GLU A 71 21.99 11.03 22.09
N SER A 72 22.60 10.94 23.27
CA SER A 72 23.47 9.84 23.60
C SER A 72 23.42 9.55 25.10
N HIS A 73 22.85 8.40 25.44
CA HIS A 73 22.54 8.08 26.83
C HIS A 73 23.82 7.90 27.64
N THR A 74 24.04 8.84 28.56
CA THR A 74 25.09 8.71 29.55
C THR A 74 24.93 9.77 30.64
N PHE A 75 25.00 11.03 30.22
CA PHE A 75 24.81 12.15 31.13
C PHE A 75 24.26 13.35 30.37
N LYS A 76 25.01 13.77 29.35
CA LYS A 76 24.53 14.77 28.41
C LYS A 76 25.32 14.68 27.10
ZN ZN B . 1.21 -4.37 -11.35
ZN ZN C . -3.04 -7.17 5.55
N PRO A 1 -2.96 5.98 -14.58
CA PRO A 1 -2.40 4.66 -14.93
C PRO A 1 -1.10 4.34 -14.19
N LYS A 2 -0.35 3.39 -14.75
CA LYS A 2 1.04 3.18 -14.37
C LYS A 2 1.13 2.68 -12.93
N CYS A 3 1.82 1.54 -12.77
CA CYS A 3 1.76 0.83 -11.50
C CYS A 3 2.95 1.25 -10.61
N PRO A 4 2.60 1.79 -9.42
CA PRO A 4 3.59 2.14 -8.37
C PRO A 4 4.13 0.94 -7.61
N LYS A 5 3.55 -0.22 -7.91
CA LYS A 5 3.95 -1.46 -7.26
C LYS A 5 5.06 -2.15 -8.06
N CYS A 6 4.66 -2.81 -9.14
CA CYS A 6 5.55 -3.65 -9.92
C CYS A 6 6.45 -2.78 -10.80
N ASP A 7 5.96 -1.57 -11.08
CA ASP A 7 6.61 -0.67 -12.01
C ASP A 7 6.45 -1.18 -13.45
N LYS A 8 5.21 -1.54 -13.79
CA LYS A 8 4.79 -1.60 -15.19
C LYS A 8 3.97 -0.37 -15.55
N GLU A 9 3.33 -0.42 -16.71
CA GLU A 9 2.20 0.47 -17.01
C GLU A 9 0.90 -0.33 -17.02
N VAL A 10 -0.19 0.36 -16.76
CA VAL A 10 -1.44 -0.31 -16.37
C VAL A 10 -2.50 -0.08 -17.44
N TYR A 11 -2.90 -1.17 -18.09
CA TYR A 11 -3.51 -1.10 -19.42
C TYR A 11 -5.02 -1.00 -19.31
N PHE A 12 -5.43 0.03 -18.54
CA PHE A 12 -6.84 0.37 -18.43
C PHE A 12 -7.60 -0.72 -17.69
N ALA A 13 -7.93 -1.79 -18.42
CA ALA A 13 -8.98 -2.72 -17.93
C ALA A 13 -8.43 -3.64 -16.84
N GLU A 14 -7.15 -3.47 -16.54
CA GLU A 14 -6.51 -4.21 -15.47
C GLU A 14 -6.27 -3.30 -14.26
N ARG A 15 -6.89 -2.12 -14.29
CA ARG A 15 -6.50 -1.02 -13.44
C ARG A 15 -7.13 -1.18 -12.04
N VAL A 16 -6.44 -0.61 -11.05
CA VAL A 16 -7.07 -0.24 -9.78
C VAL A 16 -6.39 1.00 -9.20
N THR A 17 -7.20 2.04 -8.99
CA THR A 17 -6.70 3.40 -8.82
C THR A 17 -6.59 3.74 -7.34
N SER A 18 -5.47 4.38 -6.98
CA SER A 18 -5.08 4.55 -5.59
C SER A 18 -3.79 5.35 -5.51
N LEU A 19 -3.76 6.29 -4.56
CA LEU A 19 -2.69 7.26 -4.46
C LEU A 19 -2.61 8.10 -5.73
N GLY A 20 -3.71 8.14 -6.46
CA GLY A 20 -3.88 9.09 -7.56
C GLY A 20 -3.39 8.47 -8.87
N LYS A 21 -2.50 7.49 -8.73
CA LYS A 21 -1.89 6.84 -9.88
C LYS A 21 -2.16 5.34 -9.85
N ASP A 22 -2.70 4.84 -10.98
CA ASP A 22 -3.39 3.57 -11.00
C ASP A 22 -2.45 2.44 -10.58
N TRP A 23 -3.02 1.22 -10.68
CA TRP A 23 -2.25 0.02 -10.33
C TRP A 23 -2.68 -1.14 -11.24
N HIS A 24 -2.15 -2.31 -10.90
CA HIS A 24 -2.67 -3.58 -11.42
C HIS A 24 -3.55 -4.25 -10.39
N ARG A 25 -4.49 -5.07 -10.89
CA ARG A 25 -5.41 -5.79 -10.03
C ARG A 25 -4.66 -6.89 -9.26
N PRO A 26 -4.11 -7.85 -10.02
CA PRO A 26 -3.29 -8.96 -9.44
C PRO A 26 -2.19 -8.47 -8.51
N CYS A 27 -1.87 -7.18 -8.64
CA CYS A 27 -0.85 -6.56 -7.81
C CYS A 27 -1.44 -6.19 -6.44
N LEU A 28 -2.55 -5.46 -6.47
CA LEU A 28 -3.04 -4.75 -5.30
C LEU A 28 -3.62 -5.73 -4.29
N LYS A 29 -2.74 -6.31 -3.49
CA LYS A 29 -3.14 -7.06 -2.31
C LYS A 29 -2.21 -6.77 -1.14
N CYS A 30 -2.59 -7.27 0.03
CA CYS A 30 -1.75 -7.18 1.22
C CYS A 30 -0.50 -8.04 1.06
N GLU A 31 0.52 -7.70 1.83
CA GLU A 31 1.63 -8.61 2.10
C GLU A 31 1.86 -8.71 3.61
N LYS A 32 0.81 -8.40 4.36
CA LYS A 32 0.90 -8.26 5.80
C LYS A 32 0.05 -9.31 6.50
N CYS A 33 -1.15 -9.52 5.94
CA CYS A 33 -2.03 -10.58 6.38
C CYS A 33 -2.15 -11.67 5.33
N GLY A 34 -2.48 -11.25 4.11
CA GLY A 34 -2.48 -12.15 2.96
C GLY A 34 -3.88 -12.22 2.34
N LYS A 35 -4.36 -11.05 1.93
CA LYS A 35 -5.70 -10.95 1.36
C LYS A 35 -5.76 -9.83 0.33
N THR A 36 -6.86 -9.81 -0.42
CA THR A 36 -7.05 -8.83 -1.48
C THR A 36 -7.80 -7.61 -0.93
N LEU A 37 -7.81 -6.55 -1.73
CA LEU A 37 -8.25 -5.24 -1.27
C LEU A 37 -9.24 -4.63 -2.25
N THR A 38 -10.36 -4.14 -1.70
CA THR A 38 -11.33 -3.39 -2.50
C THR A 38 -12.15 -2.48 -1.59
N SER A 39 -13.20 -1.90 -2.17
CA SER A 39 -13.86 -0.75 -1.58
C SER A 39 -12.90 0.44 -1.52
N GLY A 40 -11.80 0.32 -2.26
CA GLY A 40 -10.63 1.15 -2.05
C GLY A 40 -10.09 0.95 -0.64
N GLY A 41 -9.98 -0.32 -0.25
CA GLY A 41 -9.83 -0.69 1.15
C GLY A 41 -8.37 -0.87 1.53
N HIS A 42 -7.48 -0.47 0.62
CA HIS A 42 -6.06 -0.71 0.80
C HIS A 42 -5.34 0.58 1.16
N ALA A 43 -4.01 0.50 1.18
CA ALA A 43 -3.17 1.67 1.41
C ALA A 43 -1.70 1.29 1.28
N GLU A 44 -0.87 2.31 1.06
CA GLU A 44 0.50 2.09 0.60
C GLU A 44 1.49 2.43 1.72
N HIS A 45 2.52 1.61 1.82
CA HIS A 45 3.74 2.01 2.56
C HIS A 45 4.75 2.59 1.59
N GLU A 46 4.24 3.41 0.66
CA GLU A 46 5.02 3.93 -0.45
C GLU A 46 5.60 2.77 -1.28
N GLY A 47 4.92 2.49 -2.38
CA GLY A 47 5.45 1.60 -3.41
C GLY A 47 5.38 0.15 -2.94
N LYS A 48 4.30 -0.17 -2.24
CA LYS A 48 4.00 -1.54 -1.85
C LYS A 48 2.68 -1.58 -1.05
N PRO A 49 1.58 -1.87 -1.77
CA PRO A 49 0.21 -1.82 -1.20
C PRO A 49 -0.02 -2.81 -0.06
N TYR A 50 -0.85 -2.41 0.89
CA TYR A 50 -1.38 -3.34 1.88
C TYR A 50 -2.81 -2.93 2.25
N CYS A 51 -3.28 -3.46 3.38
CA CYS A 51 -4.50 -3.00 4.02
C CYS A 51 -4.41 -1.50 4.34
N ASN A 52 -5.48 -0.99 4.93
CA ASN A 52 -5.44 0.29 5.64
C ASN A 52 -5.40 0.03 7.15
N HIS A 53 -5.98 -1.10 7.54
CA HIS A 53 -5.88 -1.60 8.89
C HIS A 53 -6.31 -3.09 8.94
N PRO A 54 -6.00 -3.73 10.07
CA PRO A 54 -5.06 -3.17 11.08
C PRO A 54 -3.61 -3.11 10.59
N CYS A 55 -3.37 -3.71 9.42
CA CYS A 55 -2.02 -4.08 9.01
C CYS A 55 -1.14 -2.82 8.91
N TYR A 56 -1.64 -1.85 8.16
CA TYR A 56 -0.84 -0.69 7.76
C TYR A 56 -0.34 0.06 8.99
N SER A 57 -1.18 0.06 10.02
CA SER A 57 -0.86 0.75 11.27
C SER A 57 -0.64 -0.27 12.38
N ALA A 58 -0.23 -1.46 11.98
CA ALA A 58 0.04 -2.54 12.93
C ALA A 58 1.53 -2.57 13.28
N MET A 59 2.35 -2.91 12.28
CA MET A 59 3.74 -3.24 12.50
C MET A 59 4.64 -2.13 11.99
N PHE A 60 4.14 -1.41 10.98
CA PHE A 60 4.95 -0.45 10.24
C PHE A 60 5.18 0.81 11.07
N GLY A 61 6.26 0.79 11.84
CA GLY A 61 6.54 1.84 12.80
C GLY A 61 7.83 1.51 13.57
N PRO A 62 8.97 1.66 12.87
CA PRO A 62 10.30 1.23 13.39
C PRO A 62 10.67 1.87 14.72
N LYS A 63 10.62 3.20 14.75
CA LYS A 63 11.16 3.96 15.85
C LYS A 63 12.68 3.78 15.94
N GLY A 64 13.08 2.63 16.48
CA GLY A 64 14.47 2.21 16.44
C GLY A 64 14.56 0.68 16.48
N PHE A 65 15.68 0.18 15.97
CA PHE A 65 16.01 -1.24 16.12
C PHE A 65 17.41 -1.38 16.73
N GLY A 66 17.84 -2.64 16.85
CA GLY A 66 19.05 -2.96 17.60
C GLY A 66 19.83 -4.08 16.89
N ARG A 67 20.99 -3.71 16.37
CA ARG A 67 21.94 -4.68 15.85
C ARG A 67 23.34 -4.06 15.76
N GLY A 68 23.61 -3.15 16.69
CA GLY A 68 24.88 -2.45 16.72
C GLY A 68 24.72 -1.07 17.34
N GLY A 69 23.98 -1.02 18.44
CA GLY A 69 23.89 0.18 19.26
C GLY A 69 24.40 -0.11 20.67
N ALA A 70 25.72 -0.03 20.82
CA ALA A 70 26.34 -0.06 22.14
C ALA A 70 27.61 0.79 22.14
N GLU A 71 27.68 1.71 21.19
CA GLU A 71 28.92 2.43 20.90
C GLU A 71 29.34 3.24 22.14
N SER A 72 28.41 4.04 22.63
CA SER A 72 28.60 4.79 23.86
C SER A 72 27.26 5.12 24.50
N HIS A 73 26.31 5.51 23.66
CA HIS A 73 25.04 6.06 24.12
C HIS A 73 25.28 7.41 24.81
N THR A 74 26.36 8.06 24.42
CA THR A 74 26.62 9.43 24.82
C THR A 74 25.51 10.35 24.30
N PHE A 75 25.68 10.81 23.08
CA PHE A 75 24.84 11.86 22.52
C PHE A 75 23.86 11.28 21.50
N LYS A 76 24.39 10.98 20.32
CA LYS A 76 23.60 10.38 19.26
C LYS A 76 24.26 9.10 18.75
ZN ZN B . 1.57 -3.92 -10.94
ZN ZN C . -3.62 -6.92 5.59
N PRO A 1 -0.32 6.58 -15.12
CA PRO A 1 -0.95 5.73 -14.07
C PRO A 1 -0.22 4.42 -13.83
N LYS A 2 1.10 4.46 -13.95
CA LYS A 2 1.91 3.26 -13.99
C LYS A 2 2.02 2.64 -12.61
N CYS A 3 2.39 1.36 -12.56
CA CYS A 3 2.16 0.53 -11.37
C CYS A 3 3.29 0.80 -10.35
N PRO A 4 2.87 1.06 -9.10
CA PRO A 4 3.78 1.06 -7.93
C PRO A 4 4.31 -0.31 -7.57
N LYS A 5 3.63 -1.34 -8.06
CA LYS A 5 3.83 -2.70 -7.60
C LYS A 5 4.88 -3.41 -8.47
N CYS A 6 4.49 -3.70 -9.70
CA CYS A 6 5.25 -4.61 -10.55
C CYS A 6 6.27 -3.84 -11.38
N ASP A 7 5.97 -2.56 -11.60
CA ASP A 7 6.68 -1.74 -12.57
C ASP A 7 6.27 -2.14 -13.99
N LYS A 8 4.97 -2.10 -14.24
CA LYS A 8 4.44 -1.99 -15.59
C LYS A 8 3.74 -0.65 -15.77
N GLU A 9 3.03 -0.50 -16.88
CA GLU A 9 2.01 0.54 -17.01
C GLU A 9 0.62 -0.10 -17.00
N VAL A 10 -0.35 0.66 -16.52
CA VAL A 10 -1.65 0.09 -16.15
C VAL A 10 -2.70 0.53 -17.18
N TYR A 11 -3.22 -0.46 -17.91
CA TYR A 11 -3.87 -0.22 -19.20
C TYR A 11 -5.38 -0.23 -19.02
N PHE A 12 -5.85 0.64 -18.13
CA PHE A 12 -7.27 0.91 -17.97
C PHE A 12 -7.97 -0.29 -17.33
N ALA A 13 -8.27 -1.30 -18.15
CA ALA A 13 -9.34 -2.26 -17.80
C ALA A 13 -8.86 -3.29 -16.79
N GLU A 14 -7.57 -3.25 -16.50
CA GLU A 14 -7.02 -3.92 -15.32
C GLU A 14 -6.48 -2.88 -14.34
N ARG A 15 -7.24 -1.80 -14.19
CA ARG A 15 -6.87 -0.75 -13.25
C ARG A 15 -7.41 -1.07 -11.85
N VAL A 16 -6.68 -0.61 -10.85
CA VAL A 16 -7.23 -0.40 -9.52
C VAL A 16 -6.55 0.79 -8.85
N THR A 17 -7.36 1.77 -8.46
CA THR A 17 -6.88 3.11 -8.17
C THR A 17 -6.74 3.31 -6.66
N SER A 18 -5.64 3.94 -6.26
CA SER A 18 -5.21 3.94 -4.87
C SER A 18 -3.94 4.78 -4.71
N LEU A 19 -4.01 5.73 -3.78
CA LEU A 19 -2.97 6.72 -3.61
C LEU A 19 -2.79 7.54 -4.89
N GLY A 20 -3.90 7.69 -5.62
CA GLY A 20 -3.98 8.65 -6.71
C GLY A 20 -2.94 8.34 -7.78
N LYS A 21 -2.42 7.13 -7.73
CA LYS A 21 -1.67 6.58 -8.85
C LYS A 21 -2.01 5.09 -9.03
N ASP A 22 -2.56 4.77 -10.20
CA ASP A 22 -3.34 3.55 -10.39
C ASP A 22 -2.47 2.32 -10.12
N TRP A 23 -3.12 1.16 -10.32
CA TRP A 23 -2.44 -0.11 -10.13
C TRP A 23 -2.98 -1.14 -11.12
N HIS A 24 -2.51 -2.38 -10.95
CA HIS A 24 -3.04 -3.52 -11.68
C HIS A 24 -4.02 -4.31 -10.82
N ARG A 25 -4.94 -5.00 -11.49
CA ARG A 25 -6.01 -5.70 -10.80
C ARG A 25 -5.43 -6.78 -9.87
N PRO A 26 -4.63 -7.69 -10.47
CA PRO A 26 -3.99 -8.81 -9.74
C PRO A 26 -2.98 -8.35 -8.69
N CYS A 27 -2.39 -7.19 -8.93
CA CYS A 27 -1.22 -6.75 -8.21
C CYS A 27 -1.60 -6.41 -6.75
N LEU A 28 -2.59 -5.54 -6.62
CA LEU A 28 -2.80 -4.77 -5.40
C LEU A 28 -3.02 -5.70 -4.21
N LYS A 29 -1.96 -5.89 -3.43
CA LYS A 29 -1.95 -6.91 -2.39
C LYS A 29 -1.42 -6.33 -1.09
N CYS A 30 -1.95 -6.85 0.02
CA CYS A 30 -1.41 -6.59 1.34
C CYS A 30 0.04 -7.09 1.42
N GLU A 31 0.60 -6.99 2.62
CA GLU A 31 1.75 -7.82 3.01
C GLU A 31 1.66 -8.13 4.50
N LYS A 32 0.45 -8.10 5.03
CA LYS A 32 0.21 -8.14 6.46
C LYS A 32 -0.83 -9.20 6.80
N CYS A 33 -1.85 -9.30 5.95
CA CYS A 33 -2.75 -10.45 5.97
C CYS A 33 -2.43 -11.38 4.79
N GLY A 34 -1.98 -10.78 3.69
CA GLY A 34 -1.27 -11.51 2.65
C GLY A 34 -2.25 -12.06 1.61
N LYS A 35 -3.04 -11.16 1.03
CA LYS A 35 -3.72 -11.42 -0.22
C LYS A 35 -4.41 -10.15 -0.73
N THR A 36 -4.99 -10.25 -1.92
CA THR A 36 -5.34 -9.08 -2.71
C THR A 36 -6.33 -8.20 -1.95
N LEU A 37 -6.71 -7.10 -2.59
CA LEU A 37 -7.54 -6.09 -1.95
C LEU A 37 -8.70 -5.70 -2.86
N THR A 38 -9.44 -4.68 -2.45
CA THR A 38 -10.62 -4.24 -3.17
C THR A 38 -10.51 -2.76 -3.53
N SER A 39 -10.91 -2.45 -4.77
CA SER A 39 -11.17 -1.08 -5.18
C SER A 39 -9.90 -0.23 -5.02
N GLY A 40 -9.73 0.33 -3.83
CA GLY A 40 -8.41 0.80 -3.38
C GLY A 40 -8.48 1.20 -1.91
N GLY A 41 -9.14 0.35 -1.13
CA GLY A 41 -9.37 0.63 0.28
C GLY A 41 -8.17 0.25 1.13
N HIS A 42 -7.07 -0.04 0.45
CA HIS A 42 -5.78 -0.26 1.10
C HIS A 42 -5.02 1.05 1.22
N ALA A 43 -3.74 0.93 1.61
CA ALA A 43 -2.80 2.04 1.49
C ALA A 43 -1.38 1.51 1.38
N GLU A 44 -0.53 2.31 0.77
CA GLU A 44 0.87 1.94 0.55
C GLU A 44 1.76 2.60 1.60
N HIS A 45 2.82 1.90 1.98
CA HIS A 45 3.92 2.51 2.73
C HIS A 45 4.94 3.11 1.77
N GLU A 46 5.28 2.34 0.75
CA GLU A 46 6.01 2.86 -0.41
C GLU A 46 6.06 1.82 -1.51
N GLY A 47 4.96 1.71 -2.24
CA GLY A 47 4.90 0.82 -3.40
C GLY A 47 4.32 -0.53 -3.02
N LYS A 48 4.43 -0.84 -1.73
CA LYS A 48 4.04 -2.14 -1.21
C LYS A 48 2.76 -2.02 -0.37
N PRO A 49 1.62 -2.32 -1.02
CA PRO A 49 0.28 -2.06 -0.45
C PRO A 49 -0.04 -2.88 0.80
N TYR A 50 -0.73 -2.24 1.74
CA TYR A 50 -1.40 -2.97 2.81
C TYR A 50 -2.80 -2.40 3.02
N CYS A 51 -3.60 -3.16 3.78
CA CYS A 51 -4.91 -2.71 4.22
C CYS A 51 -4.78 -1.42 5.03
N ASN A 52 -5.87 -0.64 5.01
CA ASN A 52 -5.92 0.61 5.75
C ASN A 52 -5.78 0.35 7.26
N HIS A 53 -6.52 -0.66 7.72
CA HIS A 53 -6.35 -1.20 9.06
C HIS A 53 -6.93 -2.64 9.10
N PRO A 54 -6.53 -3.37 10.17
CA PRO A 54 -5.45 -2.92 11.09
C PRO A 54 -4.05 -2.96 10.47
N CYS A 55 -3.98 -3.47 9.24
CA CYS A 55 -2.72 -3.96 8.67
C CYS A 55 -1.69 -2.84 8.62
N TYR A 56 -2.05 -1.78 7.91
CA TYR A 56 -1.10 -0.72 7.57
C TYR A 56 -0.54 -0.07 8.83
N SER A 57 -1.43 0.13 9.80
CA SER A 57 -1.05 0.67 11.10
C SER A 57 -0.12 -0.29 11.82
N ALA A 58 -0.18 -1.56 11.42
CA ALA A 58 0.46 -2.64 12.16
C ALA A 58 1.98 -2.48 12.11
N MET A 59 2.49 -2.17 10.92
CA MET A 59 3.87 -1.74 10.76
C MET A 59 3.97 -0.23 10.85
N PHE A 60 3.10 0.44 10.10
CA PHE A 60 3.19 1.89 9.93
C PHE A 60 1.91 2.56 10.43
N GLY A 61 1.85 2.75 11.74
CA GLY A 61 0.63 3.18 12.41
C GLY A 61 0.86 4.54 13.10
N PRO A 62 -0.17 5.40 13.02
CA PRO A 62 -0.20 6.69 13.76
C PRO A 62 -0.05 6.53 15.27
N LYS A 63 -0.59 5.44 15.78
CA LYS A 63 -0.74 5.24 17.22
C LYS A 63 0.57 4.75 17.83
N GLY A 64 1.04 3.62 17.32
CA GLY A 64 2.16 2.91 17.92
C GLY A 64 3.40 3.80 17.92
N PHE A 65 3.63 4.47 19.04
CA PHE A 65 4.80 5.32 19.23
C PHE A 65 4.90 6.39 18.14
N GLY A 66 4.18 7.49 18.37
CA GLY A 66 4.25 8.64 17.48
C GLY A 66 4.15 9.94 18.26
N ARG A 67 5.23 10.25 18.98
CA ARG A 67 5.37 11.56 19.62
C ARG A 67 6.82 12.02 19.58
N GLY A 68 7.64 11.39 20.40
CA GLY A 68 9.01 11.84 20.63
C GLY A 68 9.89 10.67 21.07
N GLY A 69 11.13 10.99 21.41
CA GLY A 69 12.14 9.98 21.66
C GLY A 69 13.36 10.62 22.35
N ALA A 70 13.94 11.59 21.67
CA ALA A 70 15.23 12.15 22.08
C ALA A 70 15.12 12.79 23.46
N GLU A 71 16.21 12.73 24.21
CA GLU A 71 16.35 13.48 25.45
C GLU A 71 17.81 13.54 25.88
N SER A 72 18.32 14.75 26.02
CA SER A 72 19.75 14.97 26.21
C SER A 72 20.15 14.68 27.66
N HIS A 73 19.96 15.68 28.51
CA HIS A 73 20.48 15.64 29.86
C HIS A 73 19.86 14.48 30.65
N THR A 74 20.66 13.90 31.53
CA THR A 74 20.17 12.92 32.50
C THR A 74 20.88 13.08 33.83
N PHE A 75 22.21 13.02 33.78
CA PHE A 75 23.04 13.37 34.93
C PHE A 75 24.26 14.16 34.48
N LYS A 76 25.24 13.44 33.96
CA LYS A 76 26.47 14.05 33.45
C LYS A 76 27.12 13.14 32.41
ZN ZN B . 1.25 -4.16 -11.35
ZN ZN C . -4.21 -6.80 5.12
#